data_9ML8
#
_entry.id   9ML8
#
_cell.length_a   175.074
_cell.length_b   173.441
_cell.length_c   129.928
_cell.angle_alpha   90.000
_cell.angle_beta   116.552
_cell.angle_gamma   90.000
#
_symmetry.space_group_name_H-M   'C 1 2 1'
#
loop_
_entity.id
_entity.type
_entity.pdbx_description
1 polymer 'Spike protein S1'
2 polymer 'M8b-B1 heavy chain'
3 polymer 'M8b-B1 light chain'
4 branched 2-acetamido-2-deoxy-beta-D-glucopyranose-(1-4)-2-acetamido-2-deoxy-beta-D-glucopyranose
5 non-polymer 'SULFATE ION'
6 water water
#
loop_
_entity_poly.entity_id
_entity_poly.type
_entity_poly.pdbx_seq_one_letter_code
_entity_poly.pdbx_strand_id
1 'polypeptide(L)'
;RFPNITNLCPFGEVFNATRFASVYAWNRKRISNCVADYSVLYNSASFSTFKCYGVSPTKLNDLCFTNVYADSFVIRGDEV
RQIAPGQTGKIADYNYKLPDDFTGCVIAWNSNNLDSKVGGNYNYLYRLFRKSNLKPFERDISTEIYQAGSTPCNGVEGFN
CYFPLQSYGFQPTNGVGYQPYRVVVLSFELLHAPATVCGPKKSTNLHHHHHH
;
A,B,C,D
2 'polypeptide(L)'
;QSLEESGGDLVKPGASLTLTCTASGFSFSGSYYMCWVRQAPGKGLEWIACIYDGSYDGSSDNAYYASWAKGRFTISKTSS
TTVTLQMTSLTAADTATYFCARGVYFYAGHFVIMRYFVLWGPGTLVTVSSGQPKAPSVFPLAPSSKSTSGGTAALGCLVK
DYFPEPVTVSWNSGALTSGVHTFPAVLQSSGLYSLSSVVTVPSSSLGTQTYICNVNHKPSNTKVDKRVEPKSCDK
;
E,H,M,P
3 'polypeptide(L)'
;AQVLTQTPSSVSAAVGGTVSISCQSSQSVYSNYLSWYQQKPGQPPKLLIYDASTLASGVPSRFKGSGSGTQFTLTISGVQ
CDDAATYYCQGSYYSSDWYPFGGGTEVVVKRTVAAPSVFIFPPSDEQLKSGTASVVCLLNNFYPREAKVQWKVDNALQSG
NSQESVTEQDSKDSTYSLSSTLTLSKADYEKHKVYACEVTHQGLSSPVTKSFNRGEC
;
F,L,N,Q
#
loop_
_chem_comp.id
_chem_comp.type
_chem_comp.name
_chem_comp.formula
NAG D-saccharide, beta linking 2-acetamido-2-deoxy-beta-D-glucopyranose 'C8 H15 N O6'
SO4 non-polymer 'SULFATE ION' 'O4 S -2'
#
# COMPACT_ATOMS: atom_id res chain seq x y z
N THR A 6 2.04 -36.35 15.92
CA THR A 6 1.14 -37.04 16.82
C THR A 6 0.88 -36.21 18.08
N ASN A 7 0.31 -35.02 17.89
CA ASN A 7 0.01 -34.15 19.02
C ASN A 7 -1.13 -34.73 19.85
N LEU A 8 -0.96 -34.71 21.17
CA LEU A 8 -1.91 -35.35 22.06
C LEU A 8 -3.21 -34.55 22.15
N CYS A 9 -4.33 -35.27 22.24
CA CYS A 9 -5.60 -34.62 22.46
C CYS A 9 -5.63 -33.97 23.84
N PRO A 10 -6.13 -32.74 23.95
CA PRO A 10 -6.09 -32.02 25.24
C PRO A 10 -7.21 -32.44 26.19
N PHE A 11 -7.22 -33.72 26.56
CA PHE A 11 -8.17 -34.17 27.57
C PHE A 11 -7.84 -33.63 28.95
N GLY A 12 -6.58 -33.25 29.19
CA GLY A 12 -6.23 -32.63 30.45
C GLY A 12 -6.91 -31.30 30.66
N GLU A 13 -7.10 -30.52 29.58
CA GLU A 13 -7.79 -29.25 29.69
C GLU A 13 -9.22 -29.42 30.20
N VAL A 14 -9.83 -30.57 29.92
CA VAL A 14 -11.20 -30.85 30.35
C VAL A 14 -11.19 -31.45 31.74
N PHE A 15 -10.49 -32.58 31.90
CA PHE A 15 -10.56 -33.34 33.15
C PHE A 15 -9.86 -32.61 34.30
N ASN A 16 -8.84 -31.80 33.99
CA ASN A 16 -8.01 -31.19 35.01
C ASN A 16 -8.20 -29.67 35.10
N ALA A 17 -9.32 -29.15 34.60
CA ALA A 17 -9.57 -27.73 34.68
C ALA A 17 -9.73 -27.29 36.13
N THR A 18 -9.30 -26.06 36.43
CA THR A 18 -9.38 -25.55 37.79
C THR A 18 -10.83 -25.49 38.27
N ARG A 19 -11.73 -25.03 37.42
CA ARG A 19 -13.14 -24.95 37.75
C ARG A 19 -13.97 -25.61 36.66
N PHE A 20 -15.06 -26.26 37.06
CA PHE A 20 -16.04 -26.80 36.14
C PHE A 20 -17.24 -25.86 36.04
N ALA A 21 -18.07 -26.10 35.05
CA ALA A 21 -19.27 -25.29 34.85
C ALA A 21 -20.44 -25.85 35.64
N SER A 22 -21.43 -24.99 35.89
CA SER A 22 -22.68 -25.46 36.46
C SER A 22 -23.38 -26.38 35.45
N VAL A 23 -24.17 -27.31 35.97
CA VAL A 23 -24.81 -28.30 35.12
C VAL A 23 -25.79 -27.64 34.16
N TYR A 24 -26.49 -26.59 34.61
CA TYR A 24 -27.42 -25.89 33.73
C TYR A 24 -26.67 -25.17 32.61
N ALA A 25 -25.46 -24.69 32.88
CA ALA A 25 -24.62 -24.02 31.91
C ALA A 25 -23.41 -24.89 31.55
N TRP A 26 -23.64 -26.19 31.36
CA TRP A 26 -22.56 -27.14 31.15
C TRP A 26 -21.70 -26.75 29.95
N ASN A 27 -20.43 -27.14 30.01
CA ASN A 27 -19.46 -26.72 29.00
C ASN A 27 -19.23 -27.85 28.00
N ARG A 28 -18.96 -27.48 26.75
CA ARG A 28 -18.62 -28.43 25.71
C ARG A 28 -17.31 -28.02 25.05
N LYS A 29 -16.43 -29.01 24.84
CA LYS A 29 -15.19 -28.81 24.10
C LYS A 29 -15.12 -29.84 22.98
N ARG A 30 -14.79 -29.40 21.77
CA ARG A 30 -14.63 -30.29 20.63
CA ARG A 30 -14.64 -30.29 20.64
C ARG A 30 -13.18 -30.72 20.52
N ILE A 31 -12.97 -32.04 20.47
CA ILE A 31 -11.65 -32.65 20.32
C ILE A 31 -11.57 -33.19 18.90
N SER A 32 -10.56 -32.73 18.16
CA SER A 32 -10.37 -33.15 16.78
C SER A 32 -8.91 -32.99 16.41
N ASN A 33 -8.50 -33.74 15.38
CA ASN A 33 -7.17 -33.64 14.77
C ASN A 33 -6.07 -33.94 15.79
N CYS A 34 -6.18 -35.10 16.43
CA CYS A 34 -5.18 -35.46 17.44
C CYS A 34 -5.24 -36.95 17.73
N VAL A 35 -4.24 -37.40 18.49
CA VAL A 35 -4.17 -38.76 19.01
C VAL A 35 -4.54 -38.72 20.48
N ALA A 36 -5.54 -39.51 20.86
CA ALA A 36 -6.08 -39.54 22.20
C ALA A 36 -5.58 -40.78 22.93
N ASP A 37 -4.96 -40.59 24.09
CA ASP A 37 -4.51 -41.69 24.93
C ASP A 37 -5.63 -41.99 25.91
N TYR A 38 -6.55 -42.87 25.52
CA TYR A 38 -7.67 -43.21 26.39
C TYR A 38 -7.26 -44.02 27.60
N SER A 39 -6.07 -44.64 27.58
CA SER A 39 -5.65 -45.49 28.69
C SER A 39 -5.57 -44.70 29.98
N VAL A 40 -4.97 -43.50 29.93
CA VAL A 40 -4.86 -42.65 31.10
C VAL A 40 -6.23 -42.34 31.69
N LEU A 41 -7.29 -42.53 30.92
CA LEU A 41 -8.64 -42.43 31.48
C LEU A 41 -9.07 -43.75 32.10
N TYR A 42 -9.03 -44.83 31.33
CA TYR A 42 -9.67 -46.06 31.84
C TYR A 42 -8.78 -46.84 32.78
N ASN A 43 -7.48 -46.54 32.84
CA ASN A 43 -6.60 -47.14 33.84
C ASN A 43 -6.46 -46.28 35.09
N SER A 44 -7.14 -45.14 35.15
CA SER A 44 -7.10 -44.30 36.35
C SER A 44 -8.00 -44.89 37.43
N ALA A 45 -7.52 -44.83 38.67
CA ALA A 45 -8.27 -45.34 39.80
C ALA A 45 -9.23 -44.32 40.41
N SER A 46 -9.15 -43.05 40.00
CA SER A 46 -9.86 -41.97 40.66
C SER A 46 -11.30 -41.81 40.18
N PHE A 47 -11.70 -42.50 39.12
CA PHE A 47 -13.05 -42.35 38.56
C PHE A 47 -13.97 -43.36 39.22
N SER A 48 -14.94 -42.86 40.00
CA SER A 48 -15.95 -43.72 40.61
C SER A 48 -17.10 -44.04 39.66
N THR A 49 -17.22 -43.33 38.54
CA THR A 49 -18.18 -43.67 37.51
C THR A 49 -17.46 -43.67 36.17
N PHE A 50 -17.56 -44.80 35.45
CA PHE A 50 -16.99 -44.92 34.11
C PHE A 50 -17.90 -45.90 33.35
N LYS A 51 -18.90 -45.35 32.66
CA LYS A 51 -19.94 -46.16 32.03
C LYS A 51 -20.06 -45.78 30.56
N CYS A 52 -19.91 -46.76 29.68
CA CYS A 52 -19.89 -46.51 28.25
C CYS A 52 -21.07 -47.21 27.57
N TYR A 53 -21.51 -46.61 26.46
CA TYR A 53 -22.66 -47.07 25.69
C TYR A 53 -22.27 -47.10 24.22
N GLY A 54 -22.36 -48.28 23.60
CA GLY A 54 -21.92 -48.45 22.24
C GLY A 54 -20.43 -48.47 22.05
N VAL A 55 -19.66 -48.56 23.13
CA VAL A 55 -18.21 -48.43 23.09
C VAL A 55 -17.62 -49.25 24.23
N SER A 56 -16.54 -49.98 23.92
CA SER A 56 -15.77 -50.68 24.95
C SER A 56 -14.63 -49.78 25.41
N PRO A 57 -14.50 -49.49 26.71
CA PRO A 57 -13.47 -48.53 27.15
C PRO A 57 -12.06 -48.97 26.81
N THR A 58 -11.71 -50.22 27.09
CA THR A 58 -10.35 -50.70 26.83
C THR A 58 -10.01 -50.73 25.36
N LYS A 59 -11.01 -50.85 24.49
CA LYS A 59 -10.74 -50.90 23.06
C LYS A 59 -10.50 -49.53 22.44
N LEU A 60 -10.81 -48.44 23.16
CA LEU A 60 -10.85 -47.11 22.56
C LEU A 60 -9.54 -46.70 21.90
N ASN A 61 -8.41 -47.24 22.39
CA ASN A 61 -7.12 -46.89 21.80
C ASN A 61 -6.91 -47.45 20.40
N ASP A 62 -7.79 -48.34 19.95
CA ASP A 62 -7.73 -48.94 18.62
C ASP A 62 -8.76 -48.37 17.65
N LEU A 63 -9.51 -47.35 18.06
CA LEU A 63 -10.57 -46.79 17.21
C LEU A 63 -10.23 -45.37 16.80
N CYS A 64 -10.73 -44.99 15.62
CA CYS A 64 -10.66 -43.63 15.13
C CYS A 64 -12.07 -43.07 14.98
N PHE A 65 -12.22 -41.77 15.21
CA PHE A 65 -13.51 -41.12 15.12
C PHE A 65 -13.37 -39.80 14.38
N THR A 66 -14.48 -39.33 13.82
CA THR A 66 -14.48 -38.02 13.17
C THR A 66 -14.28 -36.91 14.19
N ASN A 67 -15.00 -36.98 15.32
CA ASN A 67 -14.83 -35.98 16.36
C ASN A 67 -15.11 -36.62 17.72
N VAL A 68 -14.62 -35.97 18.77
CA VAL A 68 -15.00 -36.30 20.14
C VAL A 68 -15.53 -35.03 20.78
N TYR A 69 -16.58 -35.17 21.58
CA TYR A 69 -17.16 -34.03 22.27
C TYR A 69 -17.12 -34.30 23.78
N ALA A 70 -16.54 -33.37 24.53
CA ALA A 70 -16.38 -33.51 25.97
C ALA A 70 -17.26 -32.47 26.65
N ASP A 71 -18.32 -32.92 27.29
CA ASP A 71 -19.21 -32.06 28.07
C ASP A 71 -18.86 -32.20 29.54
N SER A 72 -18.61 -31.08 30.20
CA SER A 72 -18.15 -31.09 31.59
C SER A 72 -19.06 -30.24 32.45
N PHE A 73 -19.33 -30.72 33.66
CA PHE A 73 -20.11 -29.98 34.64
C PHE A 73 -19.91 -30.60 36.02
N VAL A 74 -20.55 -30.00 37.02
CA VAL A 74 -20.53 -30.47 38.41
C VAL A 74 -21.96 -30.66 38.86
N ILE A 75 -22.24 -31.79 39.50
CA ILE A 75 -23.56 -32.08 40.05
C ILE A 75 -23.42 -32.64 41.46
N ARG A 76 -24.57 -32.96 42.04
CA ARG A 76 -24.65 -33.63 43.33
C ARG A 76 -24.37 -35.12 43.17
N GLY A 77 -23.83 -35.73 44.22
CA GLY A 77 -23.45 -37.14 44.12
C GLY A 77 -24.62 -38.04 43.80
N ASP A 78 -25.72 -37.90 44.54
CA ASP A 78 -26.90 -38.72 44.30
C ASP A 78 -27.61 -38.36 42.99
N GLU A 79 -27.10 -37.39 42.24
CA GLU A 79 -27.60 -37.08 40.91
C GLU A 79 -26.74 -37.68 39.80
N VAL A 80 -25.61 -38.32 40.14
CA VAL A 80 -24.75 -38.89 39.11
C VAL A 80 -25.50 -39.95 38.32
N ARG A 81 -26.43 -40.67 38.97
CA ARG A 81 -27.22 -41.68 38.27
C ARG A 81 -28.07 -41.09 37.14
N GLN A 82 -28.34 -39.79 37.18
CA GLN A 82 -29.19 -39.19 36.15
C GLN A 82 -28.46 -38.93 34.85
N ILE A 83 -27.13 -39.01 34.84
CA ILE A 83 -26.36 -38.79 33.60
C ILE A 83 -26.27 -40.15 32.92
N ALA A 84 -27.33 -40.50 32.21
CA ALA A 84 -27.47 -41.78 31.54
C ALA A 84 -28.70 -41.75 30.65
N PRO A 85 -28.74 -42.49 29.54
CA PRO A 85 -29.93 -42.49 28.69
C PRO A 85 -31.14 -43.02 29.42
N GLY A 86 -32.29 -42.40 29.16
CA GLY A 86 -33.55 -42.88 29.71
C GLY A 86 -33.80 -42.55 31.16
N GLN A 87 -33.04 -41.63 31.75
CA GLN A 87 -33.20 -41.29 33.16
C GLN A 87 -34.06 -40.03 33.31
N THR A 88 -34.71 -39.93 34.45
CA THR A 88 -35.52 -38.77 34.81
C THR A 88 -34.98 -38.14 36.08
N GLY A 89 -35.62 -37.06 36.51
CA GLY A 89 -35.14 -36.23 37.60
C GLY A 89 -34.77 -34.84 37.12
N LYS A 90 -34.51 -33.98 38.10
CA LYS A 90 -34.30 -32.56 37.80
C LYS A 90 -33.12 -32.36 36.87
N ILE A 91 -32.02 -33.08 37.09
CA ILE A 91 -30.85 -32.92 36.24
C ILE A 91 -31.15 -33.37 34.82
N ALA A 92 -31.72 -34.57 34.66
CA ALA A 92 -31.98 -35.09 33.32
C ALA A 92 -33.08 -34.30 32.62
N ASP A 93 -34.13 -33.94 33.36
CA ASP A 93 -35.26 -33.24 32.73
C ASP A 93 -34.91 -31.81 32.38
N TYR A 94 -34.22 -31.09 33.26
CA TYR A 94 -34.09 -29.65 33.14
C TYR A 94 -32.66 -29.15 32.96
N ASN A 95 -31.65 -29.99 33.16
CA ASN A 95 -30.26 -29.51 33.12
C ASN A 95 -29.43 -30.14 32.01
N TYR A 96 -29.37 -31.48 31.94
CA TYR A 96 -28.54 -32.15 30.95
C TYR A 96 -29.19 -33.45 30.57
N LYS A 97 -29.49 -33.63 29.29
CA LYS A 97 -30.23 -34.78 28.79
C LYS A 97 -29.40 -35.52 27.75
N LEU A 98 -29.19 -36.82 27.97
CA LEU A 98 -28.53 -37.64 26.97
C LEU A 98 -29.57 -38.36 26.11
N PRO A 99 -29.30 -38.54 24.82
CA PRO A 99 -30.25 -39.25 23.96
C PRO A 99 -30.32 -40.73 24.30
N ASP A 100 -31.40 -41.36 23.86
CA ASP A 100 -31.57 -42.79 24.07
C ASP A 100 -30.49 -43.59 23.33
N ASP A 101 -30.09 -43.14 22.14
CA ASP A 101 -29.09 -43.81 21.34
C ASP A 101 -27.67 -43.33 21.64
N PHE A 102 -27.42 -42.87 22.87
CA PHE A 102 -26.15 -42.25 23.21
C PHE A 102 -24.99 -43.19 22.93
N THR A 103 -23.97 -42.67 22.24
CA THR A 103 -22.76 -43.42 21.90
C THR A 103 -21.58 -42.70 22.55
N GLY A 104 -21.12 -43.22 23.67
CA GLY A 104 -20.01 -42.59 24.37
C GLY A 104 -19.98 -43.02 25.83
N CYS A 105 -19.13 -42.33 26.58
CA CYS A 105 -18.88 -42.69 27.97
C CYS A 105 -19.24 -41.54 28.90
N VAL A 106 -19.61 -41.90 30.12
CA VAL A 106 -19.86 -40.95 31.20
C VAL A 106 -18.86 -41.27 32.30
N ILE A 107 -18.09 -40.26 32.70
CA ILE A 107 -17.03 -40.39 33.70
C ILE A 107 -17.32 -39.38 34.80
N ALA A 108 -17.22 -39.83 36.05
CA ALA A 108 -17.54 -38.96 37.17
C ALA A 108 -16.67 -39.32 38.37
N TRP A 109 -16.29 -38.30 39.13
CA TRP A 109 -15.50 -38.51 40.34
C TRP A 109 -15.82 -37.46 41.38
N ASN A 110 -15.60 -37.83 42.64
CA ASN A 110 -15.87 -36.94 43.77
C ASN A 110 -14.90 -35.77 43.77
N SER A 111 -15.46 -34.56 43.90
CA SER A 111 -14.66 -33.33 43.89
C SER A 111 -14.89 -32.50 45.14
N ASN A 112 -15.10 -33.17 46.28
CA ASN A 112 -15.36 -32.46 47.53
C ASN A 112 -14.18 -31.58 47.92
N ASN A 113 -12.96 -32.07 47.73
CA ASN A 113 -11.78 -31.29 48.09
C ASN A 113 -11.57 -30.08 47.18
N LEU A 114 -12.21 -30.06 46.02
CA LEU A 114 -12.03 -28.98 45.05
C LEU A 114 -13.20 -28.01 45.00
N ASP A 115 -14.43 -28.50 45.09
CA ASP A 115 -15.61 -27.69 44.85
C ASP A 115 -16.41 -27.36 46.10
N SER A 116 -15.98 -27.84 47.27
CA SER A 116 -16.64 -27.51 48.52
C SER A 116 -15.87 -26.41 49.24
N LYS A 117 -16.61 -25.52 49.91
CA LYS A 117 -16.04 -24.45 50.70
C LYS A 117 -16.71 -24.45 52.06
N VAL A 118 -15.93 -24.25 53.13
CA VAL A 118 -16.52 -24.12 54.46
C VAL A 118 -17.38 -22.87 54.49
N GLY A 119 -18.63 -23.03 54.92
CA GLY A 119 -19.63 -22.00 54.77
C GLY A 119 -20.44 -22.09 53.50
N GLY A 120 -20.02 -22.91 52.53
CA GLY A 120 -20.78 -23.13 51.32
C GLY A 120 -20.19 -22.49 50.08
N ASN A 121 -20.04 -23.28 49.02
CA ASN A 121 -19.65 -22.78 47.71
C ASN A 121 -20.93 -22.62 46.89
N TYR A 122 -21.31 -21.38 46.61
CA TYR A 122 -22.55 -21.08 45.93
C TYR A 122 -22.36 -20.81 44.44
N ASN A 123 -21.17 -21.06 43.90
CA ASN A 123 -20.93 -20.80 42.48
C ASN A 123 -21.57 -21.85 41.58
N TYR A 124 -21.87 -23.04 42.10
CA TYR A 124 -22.47 -24.10 41.31
C TYR A 124 -23.99 -24.08 41.48
N LEU A 125 -24.71 -24.07 40.37
CA LEU A 125 -26.16 -23.96 40.35
C LEU A 125 -26.76 -25.08 39.52
N TYR A 126 -28.06 -25.31 39.73
CA TYR A 126 -28.82 -26.20 38.87
C TYR A 126 -30.24 -25.66 38.72
N ARG A 127 -30.85 -25.95 37.58
CA ARG A 127 -32.20 -25.47 37.28
C ARG A 127 -33.24 -26.35 37.96
N LEU A 128 -34.21 -25.71 38.61
CA LEU A 128 -35.20 -26.44 39.39
C LEU A 128 -36.40 -26.90 38.56
N PHE A 129 -36.84 -26.10 37.59
CA PHE A 129 -38.07 -26.41 36.88
C PHE A 129 -38.04 -25.81 35.48
N ARG A 130 -38.79 -26.44 34.58
CA ARG A 130 -38.99 -25.97 33.21
C ARG A 130 -40.39 -26.35 32.78
N LYS A 131 -40.95 -25.59 31.84
CA LYS A 131 -42.27 -25.92 31.32
C LYS A 131 -42.28 -27.27 30.62
N SER A 132 -41.14 -27.69 30.05
CA SER A 132 -41.02 -28.97 29.39
C SER A 132 -39.62 -29.50 29.60
N ASN A 133 -39.47 -30.82 29.44
CA ASN A 133 -38.17 -31.45 29.60
C ASN A 133 -37.24 -31.06 28.46
N LEU A 134 -35.94 -31.04 28.77
CA LEU A 134 -34.94 -30.78 27.75
C LEU A 134 -34.91 -31.92 26.74
N LYS A 135 -34.70 -31.56 25.47
CA LYS A 135 -34.39 -32.55 24.45
C LYS A 135 -32.91 -32.89 24.53
N PRO A 136 -32.50 -34.01 23.91
CA PRO A 136 -31.10 -34.44 24.06
C PRO A 136 -30.11 -33.36 23.67
N PHE A 137 -29.14 -33.14 24.55
CA PHE A 137 -28.06 -32.17 24.42
C PHE A 137 -28.55 -30.72 24.40
N GLU A 138 -29.80 -30.47 24.79
CA GLU A 138 -30.28 -29.09 24.87
C GLU A 138 -29.64 -28.38 26.06
N ARG A 139 -29.50 -27.06 25.93
CA ARG A 139 -28.87 -26.24 26.96
C ARG A 139 -29.74 -25.01 27.21
N ASP A 140 -30.19 -24.86 28.45
CA ASP A 140 -31.05 -23.74 28.84
C ASP A 140 -30.31 -22.94 29.91
N ILE A 141 -29.76 -21.80 29.51
CA ILE A 141 -29.09 -20.90 30.46
C ILE A 141 -29.94 -19.68 30.77
N SER A 142 -31.21 -19.67 30.37
CA SER A 142 -32.10 -18.56 30.66
C SER A 142 -32.27 -18.39 32.17
N THR A 143 -32.25 -17.13 32.60
CA THR A 143 -32.44 -16.78 34.01
C THR A 143 -33.81 -16.16 34.26
N GLU A 144 -34.74 -16.32 33.33
CA GLU A 144 -36.06 -15.73 33.46
C GLU A 144 -36.82 -16.33 34.63
N ILE A 145 -37.63 -15.51 35.29
CA ILE A 145 -38.44 -15.97 36.41
C ILE A 145 -39.49 -16.95 35.90
N TYR A 146 -39.60 -18.08 36.58
CA TYR A 146 -40.53 -19.13 36.18
C TYR A 146 -41.94 -18.76 36.62
N GLN A 147 -42.86 -18.73 35.67
CA GLN A 147 -44.26 -18.38 35.92
C GLN A 147 -45.03 -19.67 36.12
N ALA A 148 -45.27 -20.03 37.38
CA ALA A 148 -45.98 -21.28 37.68
C ALA A 148 -47.48 -21.18 37.52
N GLY A 149 -48.04 -19.97 37.54
CA GLY A 149 -49.47 -19.80 37.35
C GLY A 149 -49.79 -18.93 36.16
N SER A 150 -51.06 -18.59 35.97
CA SER A 150 -51.45 -17.70 34.89
C SER A 150 -51.25 -16.23 35.26
N THR A 151 -51.01 -15.91 36.52
CA THR A 151 -50.72 -14.54 36.89
C THR A 151 -49.28 -14.23 36.47
N PRO A 152 -49.06 -13.24 35.61
CA PRO A 152 -47.72 -13.00 35.08
C PRO A 152 -46.77 -12.48 36.14
N CYS A 153 -45.49 -12.75 35.92
CA CYS A 153 -44.41 -12.16 36.70
C CYS A 153 -43.76 -11.06 35.87
N ASN A 154 -43.34 -9.98 36.53
CA ASN A 154 -42.79 -8.82 35.84
C ASN A 154 -41.41 -8.48 36.37
N GLY A 155 -40.55 -9.49 36.47
CA GLY A 155 -39.26 -9.31 37.11
C GLY A 155 -39.30 -9.37 38.62
N VAL A 156 -40.42 -9.77 39.18
CA VAL A 156 -40.62 -9.82 40.63
C VAL A 156 -40.88 -11.28 41.02
N GLU A 157 -40.04 -11.81 41.89
CA GLU A 157 -40.30 -13.12 42.48
C GLU A 157 -41.40 -13.02 43.53
N GLY A 158 -42.18 -14.09 43.64
CA GLY A 158 -43.29 -14.12 44.57
C GLY A 158 -44.11 -15.39 44.49
N PHE A 159 -45.38 -15.30 44.87
CA PHE A 159 -46.25 -16.47 44.81
C PHE A 159 -46.40 -16.94 43.38
N ASN A 160 -46.05 -18.22 43.15
CA ASN A 160 -46.06 -18.83 41.82
C ASN A 160 -45.15 -18.11 40.83
N CYS A 161 -44.16 -17.38 41.32
CA CYS A 161 -43.15 -16.71 40.50
C CYS A 161 -41.80 -17.00 41.14
N TYR A 162 -41.16 -18.09 40.71
CA TYR A 162 -39.94 -18.58 41.34
C TYR A 162 -38.73 -18.35 40.44
N PHE A 163 -37.63 -17.93 41.06
CA PHE A 163 -36.35 -17.89 40.35
C PHE A 163 -35.93 -19.31 40.02
N PRO A 164 -35.52 -19.60 38.78
CA PRO A 164 -35.41 -21.00 38.34
C PRO A 164 -34.12 -21.70 38.72
N LEU A 165 -33.09 -20.99 39.15
CA LEU A 165 -31.79 -21.59 39.46
C LEU A 165 -31.59 -21.63 40.96
N GLN A 166 -31.13 -22.77 41.47
CA GLN A 166 -30.82 -22.92 42.88
C GLN A 166 -29.36 -23.36 43.04
N SER A 167 -28.69 -22.77 44.03
CA SER A 167 -27.30 -23.08 44.30
C SER A 167 -27.17 -24.33 45.15
N TYR A 168 -26.20 -25.19 44.80
CA TYR A 168 -25.94 -26.38 45.59
C TYR A 168 -25.44 -26.03 46.98
N GLY A 169 -24.57 -25.02 47.09
CA GLY A 169 -24.02 -24.63 48.37
C GLY A 169 -23.18 -25.71 49.00
N PHE A 170 -22.28 -26.31 48.22
CA PHE A 170 -21.48 -27.44 48.70
C PHE A 170 -20.66 -27.06 49.92
N GLN A 171 -20.70 -27.92 50.93
CA GLN A 171 -19.89 -27.79 52.13
C GLN A 171 -19.09 -29.07 52.35
N PRO A 172 -17.88 -28.96 52.91
CA PRO A 172 -17.05 -30.16 53.08
C PRO A 172 -17.67 -31.21 54.00
N THR A 173 -18.59 -30.82 54.87
CA THR A 173 -19.18 -31.73 55.85
C THR A 173 -20.45 -32.41 55.36
N ASN A 174 -20.87 -32.15 54.11
CA ASN A 174 -22.06 -32.78 53.59
C ASN A 174 -21.86 -34.29 53.44
N GLY A 175 -22.97 -35.01 53.44
CA GLY A 175 -22.93 -36.42 53.12
C GLY A 175 -22.46 -36.65 51.68
N VAL A 176 -21.98 -37.88 51.44
CA VAL A 176 -21.35 -38.17 50.14
C VAL A 176 -22.34 -37.99 49.01
N GLY A 177 -23.61 -38.34 49.24
CA GLY A 177 -24.64 -38.13 48.24
C GLY A 177 -24.91 -36.67 47.93
N TYR A 178 -24.49 -35.76 48.81
CA TYR A 178 -24.67 -34.33 48.61
C TYR A 178 -23.37 -33.60 48.30
N GLN A 179 -22.24 -34.31 48.23
CA GLN A 179 -20.98 -33.70 47.89
C GLN A 179 -20.87 -33.47 46.39
N PRO A 180 -20.03 -32.52 45.97
CA PRO A 180 -19.90 -32.26 44.52
C PRO A 180 -19.19 -33.39 43.80
N TYR A 181 -19.63 -33.63 42.57
CA TYR A 181 -19.00 -34.59 41.68
C TYR A 181 -18.79 -33.94 40.32
N ARG A 182 -17.57 -34.08 39.81
CA ARG A 182 -17.24 -33.59 38.47
C ARG A 182 -17.55 -34.69 37.46
N VAL A 183 -18.22 -34.30 36.37
CA VAL A 183 -18.72 -35.22 35.35
C VAL A 183 -18.24 -34.75 33.98
N VAL A 184 -17.70 -35.69 33.21
CA VAL A 184 -17.33 -35.49 31.82
C VAL A 184 -18.03 -36.56 30.98
N VAL A 185 -18.75 -36.11 29.96
CA VAL A 185 -19.45 -36.97 29.01
C VAL A 185 -18.70 -36.88 27.69
N LEU A 186 -18.19 -38.03 27.23
CA LEU A 186 -17.50 -38.11 25.95
C LEU A 186 -18.44 -38.72 24.93
N SER A 187 -18.74 -37.97 23.87
CA SER A 187 -19.51 -38.44 22.73
C SER A 187 -18.57 -38.65 21.55
N PHE A 188 -18.72 -39.76 20.86
CA PHE A 188 -17.84 -40.14 19.76
C PHE A 188 -18.63 -40.04 18.46
N GLU A 189 -18.27 -39.06 17.63
CA GLU A 189 -18.91 -38.84 16.34
C GLU A 189 -18.09 -39.53 15.25
N LEU A 190 -18.74 -40.43 14.51
CA LEU A 190 -18.15 -41.16 13.40
C LEU A 190 -18.99 -40.91 12.16
N LEU A 191 -18.48 -40.08 11.26
CA LEU A 191 -19.11 -39.83 9.97
C LEU A 191 -18.35 -40.55 8.88
N HIS A 192 -18.92 -40.56 7.67
CA HIS A 192 -18.20 -41.07 6.51
C HIS A 192 -17.31 -39.93 6.00
N ALA A 193 -16.18 -39.77 6.69
CA ALA A 193 -15.26 -38.67 6.44
C ALA A 193 -13.92 -39.07 7.04
N PRO A 194 -12.82 -38.41 6.64
CA PRO A 194 -11.53 -38.71 7.26
C PRO A 194 -11.59 -38.52 8.77
N ALA A 195 -11.11 -39.52 9.49
CA ALA A 195 -11.12 -39.47 10.95
C ALA A 195 -9.97 -38.61 11.46
N THR A 196 -10.27 -37.77 12.44
CA THR A 196 -9.28 -36.84 12.98
C THR A 196 -8.82 -37.17 14.39
N VAL A 197 -9.62 -37.92 15.16
CA VAL A 197 -9.24 -38.33 16.50
C VAL A 197 -8.96 -39.82 16.47
N CYS A 198 -7.71 -40.20 16.76
CA CYS A 198 -7.34 -41.60 16.71
C CYS A 198 -6.59 -42.01 17.98
N GLY A 199 -6.70 -43.28 18.35
CA GLY A 199 -5.95 -43.80 19.46
C GLY A 199 -4.49 -43.97 19.08
N PRO A 200 -3.66 -44.35 20.06
CA PRO A 200 -2.23 -44.54 19.76
C PRO A 200 -1.99 -45.55 18.65
N LYS A 201 -2.85 -46.54 18.49
CA LYS A 201 -2.85 -47.39 17.31
C LYS A 201 -4.07 -47.09 16.45
N THR B 6 6.10 -64.66 -24.97
CA THR B 6 6.65 -64.57 -23.63
C THR B 6 8.18 -64.63 -23.64
N ASN B 7 8.80 -63.51 -23.98
CA ASN B 7 10.26 -63.42 -23.98
C ASN B 7 10.79 -63.23 -22.56
N LEU B 8 11.96 -63.80 -22.30
CA LEU B 8 12.51 -63.85 -20.95
C LEU B 8 12.94 -62.47 -20.46
N CYS B 9 12.77 -62.24 -19.18
CA CYS B 9 13.25 -61.00 -18.56
C CYS B 9 14.78 -61.01 -18.53
N PRO B 10 15.44 -59.91 -18.91
CA PRO B 10 16.91 -59.89 -19.00
C PRO B 10 17.58 -59.78 -17.63
N PHE B 11 17.37 -60.79 -16.79
CA PHE B 11 18.06 -60.84 -15.50
C PHE B 11 19.56 -61.07 -15.66
N GLY B 12 19.99 -61.68 -16.77
CA GLY B 12 21.41 -61.87 -16.99
C GLY B 12 22.17 -60.57 -17.17
N GLU B 13 21.53 -59.57 -17.77
CA GLU B 13 22.18 -58.27 -17.92
C GLU B 13 22.52 -57.65 -16.58
N VAL B 14 21.76 -57.97 -15.54
CA VAL B 14 22.01 -57.43 -14.21
C VAL B 14 22.92 -58.33 -13.40
N PHE B 15 22.56 -59.61 -13.28
CA PHE B 15 23.32 -60.53 -12.42
C PHE B 15 24.69 -60.87 -13.01
N ASN B 16 24.81 -60.90 -14.33
CA ASN B 16 26.03 -61.35 -14.99
C ASN B 16 26.76 -60.22 -15.70
N ALA B 17 26.59 -58.99 -15.24
CA ALA B 17 27.31 -57.86 -15.83
C ALA B 17 28.80 -57.95 -15.53
N THR B 18 29.61 -57.51 -16.49
CA THR B 18 31.06 -57.59 -16.35
C THR B 18 31.55 -56.75 -15.18
N ARG B 19 31.05 -55.52 -15.07
CA ARG B 19 31.41 -54.63 -13.98
C ARG B 19 30.15 -54.13 -13.31
N PHE B 20 30.13 -54.18 -11.97
CA PHE B 20 29.06 -53.57 -11.20
C PHE B 20 29.40 -52.13 -10.85
N ALA B 21 28.40 -51.39 -10.42
CA ALA B 21 28.58 -50.00 -10.02
C ALA B 21 29.00 -49.91 -8.56
N SER B 22 29.61 -48.78 -8.22
CA SER B 22 29.87 -48.48 -6.81
C SER B 22 28.55 -48.26 -6.08
N VAL B 23 28.56 -48.50 -4.76
CA VAL B 23 27.32 -48.43 -4.00
C VAL B 23 26.77 -47.01 -4.00
N TYR B 24 27.64 -46.00 -3.93
CA TYR B 24 27.18 -44.62 -3.92
C TYR B 24 26.56 -44.22 -5.26
N ALA B 25 26.95 -44.88 -6.34
CA ALA B 25 26.43 -44.63 -7.68
C ALA B 25 25.69 -45.86 -8.20
N TRP B 26 24.89 -46.48 -7.33
CA TRP B 26 24.25 -47.76 -7.65
C TRP B 26 23.44 -47.66 -8.94
N ASN B 27 23.35 -48.77 -9.66
CA ASN B 27 22.64 -48.77 -10.93
C ASN B 27 21.24 -49.35 -10.76
N ARG B 28 20.31 -48.82 -11.55
CA ARG B 28 18.94 -49.33 -11.59
C ARG B 28 18.58 -49.69 -13.02
N LYS B 29 17.99 -50.86 -13.20
CA LYS B 29 17.41 -51.27 -14.46
C LYS B 29 15.94 -51.61 -14.26
N ARG B 30 15.10 -51.15 -15.19
CA ARG B 30 13.67 -51.43 -15.16
CA ARG B 30 13.68 -51.43 -15.14
C ARG B 30 13.37 -52.69 -15.95
N ILE B 31 12.65 -53.62 -15.34
CA ILE B 31 12.26 -54.88 -15.95
C ILE B 31 10.76 -54.84 -16.16
N SER B 32 10.33 -54.97 -17.42
CA SER B 32 8.93 -54.92 -17.77
C SER B 32 8.71 -55.69 -19.06
N ASN B 33 7.44 -56.06 -19.28
CA ASN B 33 7.00 -56.69 -20.53
C ASN B 33 7.80 -57.94 -20.85
N CYS B 34 7.85 -58.86 -19.88
CA CYS B 34 8.61 -60.10 -20.04
C CYS B 34 8.14 -61.10 -19.01
N VAL B 35 8.52 -62.36 -19.23
CA VAL B 35 8.26 -63.43 -18.28
C VAL B 35 9.52 -63.65 -17.46
N ALA B 36 9.39 -63.59 -16.14
CA ALA B 36 10.52 -63.69 -15.23
C ALA B 36 10.53 -65.08 -14.61
N ASP B 37 11.57 -65.85 -14.91
CA ASP B 37 11.77 -67.16 -14.30
C ASP B 37 12.59 -66.95 -13.04
N TYR B 38 11.90 -66.78 -11.91
CA TYR B 38 12.59 -66.53 -10.65
C TYR B 38 13.29 -67.78 -10.11
N SER B 39 12.87 -68.97 -10.56
CA SER B 39 13.44 -70.20 -10.01
C SER B 39 14.95 -70.25 -10.22
N VAL B 40 15.40 -69.92 -11.44
CA VAL B 40 16.82 -69.95 -11.81
C VAL B 40 17.63 -69.11 -10.84
N LEU B 41 16.97 -68.18 -10.16
CA LEU B 41 17.62 -67.38 -9.12
C LEU B 41 17.61 -68.11 -7.77
N TYR B 42 16.43 -68.47 -7.28
CA TYR B 42 16.37 -68.91 -5.89
C TYR B 42 16.80 -70.37 -5.70
N ASN B 43 16.91 -71.14 -6.77
CA ASN B 43 17.47 -72.48 -6.69
C ASN B 43 18.95 -72.52 -7.03
N SER B 44 19.53 -71.39 -7.44
CA SER B 44 20.97 -71.31 -7.62
C SER B 44 21.66 -71.30 -6.25
N ALA B 45 22.69 -72.12 -6.11
CA ALA B 45 23.41 -72.25 -4.86
C ALA B 45 24.53 -71.24 -4.69
N SER B 46 24.69 -70.33 -5.65
CA SER B 46 25.80 -69.38 -5.65
C SER B 46 25.50 -68.10 -4.87
N PHE B 47 24.34 -68.01 -4.22
CA PHE B 47 23.95 -66.81 -3.49
C PHE B 47 24.14 -67.03 -1.99
N SER B 48 25.01 -66.22 -1.39
CA SER B 48 25.19 -66.26 0.06
C SER B 48 24.11 -65.51 0.82
N THR B 49 23.40 -64.59 0.15
CA THR B 49 22.26 -63.92 0.76
C THR B 49 21.10 -63.92 -0.23
N PHE B 50 19.93 -64.36 0.23
CA PHE B 50 18.70 -64.29 -0.55
C PHE B 50 17.54 -64.10 0.45
N LYS B 51 17.20 -62.84 0.70
CA LYS B 51 16.18 -62.50 1.70
C LYS B 51 15.08 -61.68 1.06
N CYS B 52 13.84 -62.13 1.19
CA CYS B 52 12.70 -61.44 0.61
C CYS B 52 11.79 -60.89 1.69
N TYR B 53 11.26 -59.69 1.46
CA TYR B 53 10.43 -58.95 2.41
C TYR B 53 9.11 -58.61 1.73
N GLY B 54 8.01 -59.01 2.35
CA GLY B 54 6.69 -58.82 1.79
C GLY B 54 6.34 -59.75 0.66
N VAL B 55 7.27 -60.63 0.26
CA VAL B 55 7.06 -61.57 -0.83
C VAL B 55 7.68 -62.91 -0.42
N SER B 56 7.03 -64.01 -0.81
CA SER B 56 7.61 -65.32 -0.60
C SER B 56 8.40 -65.74 -1.84
N PRO B 57 9.66 -66.16 -1.69
CA PRO B 57 10.47 -66.50 -2.87
C PRO B 57 9.86 -67.60 -3.72
N THR B 58 9.23 -68.60 -3.10
CA THR B 58 8.64 -69.69 -3.87
C THR B 58 7.37 -69.26 -4.59
N LYS B 59 6.67 -68.26 -4.07
CA LYS B 59 5.44 -67.79 -4.69
C LYS B 59 5.68 -66.81 -5.83
N LEU B 60 6.94 -66.42 -6.07
CA LEU B 60 7.22 -65.40 -7.08
C LEU B 60 6.78 -65.82 -8.46
N ASN B 61 6.99 -67.09 -8.82
CA ASN B 61 6.57 -67.58 -10.12
C ASN B 61 5.06 -67.64 -10.28
N ASP B 62 4.30 -67.48 -9.19
CA ASP B 62 2.84 -67.46 -9.24
C ASP B 62 2.26 -66.06 -9.18
N LEU B 63 3.08 -65.03 -9.31
CA LEU B 63 2.62 -63.65 -9.15
C LEU B 63 2.97 -62.82 -10.37
N CYS B 64 2.15 -61.79 -10.61
CA CYS B 64 2.36 -60.81 -11.65
C CYS B 64 2.53 -59.43 -11.03
N PHE B 65 3.40 -58.62 -11.61
CA PHE B 65 3.65 -57.27 -11.12
C PHE B 65 3.66 -56.29 -12.27
N THR B 66 3.37 -55.02 -11.94
CA THR B 66 3.41 -53.97 -12.95
C THR B 66 4.84 -53.75 -13.44
N ASN B 67 5.81 -53.69 -12.52
CA ASN B 67 7.20 -53.51 -12.91
C ASN B 67 8.09 -54.22 -11.90
N VAL B 68 9.32 -54.48 -12.31
CA VAL B 68 10.38 -54.92 -11.41
C VAL B 68 11.54 -53.96 -11.56
N TYR B 69 12.22 -53.66 -10.46
CA TYR B 69 13.36 -52.75 -10.49
C TYR B 69 14.55 -53.47 -9.88
N ALA B 70 15.65 -53.54 -10.65
CA ALA B 70 16.86 -54.23 -10.22
C ALA B 70 17.94 -53.19 -9.95
N ASP B 71 18.28 -53.01 -8.67
CA ASP B 71 19.35 -52.12 -8.26
C ASP B 71 20.58 -52.96 -7.96
N SER B 72 21.70 -52.65 -8.60
CA SER B 72 22.91 -53.45 -8.44
C SER B 72 24.07 -52.56 -8.01
N PHE B 73 24.93 -53.14 -7.17
CA PHE B 73 26.13 -52.46 -6.68
C PHE B 73 27.05 -53.49 -6.02
N VAL B 74 28.18 -52.99 -5.50
CA VAL B 74 29.19 -53.82 -4.83
C VAL B 74 29.51 -53.20 -3.48
N ILE B 75 29.52 -54.02 -2.43
CA ILE B 75 29.89 -53.56 -1.10
C ILE B 75 30.81 -54.57 -0.43
N ARG B 76 31.13 -54.34 0.84
CA ARG B 76 31.81 -55.34 1.64
C ARG B 76 30.84 -56.42 2.10
N GLY B 77 31.38 -57.60 2.37
CA GLY B 77 30.54 -58.69 2.85
C GLY B 77 29.85 -58.35 4.16
N ASP B 78 30.61 -57.84 5.12
CA ASP B 78 30.06 -57.46 6.41
C ASP B 78 29.12 -56.26 6.33
N GLU B 79 28.93 -55.69 5.13
CA GLU B 79 27.97 -54.62 4.92
C GLU B 79 26.70 -55.10 4.22
N VAL B 80 26.65 -56.36 3.77
CA VAL B 80 25.44 -56.87 3.14
C VAL B 80 24.26 -56.80 4.11
N ARG B 81 24.53 -56.95 5.40
CA ARG B 81 23.49 -56.85 6.42
C ARG B 81 22.84 -55.48 6.45
N GLN B 82 23.49 -54.44 5.94
CA GLN B 82 22.88 -53.11 5.90
C GLN B 82 21.86 -52.96 4.78
N ILE B 83 21.84 -53.88 3.82
CA ILE B 83 20.87 -53.80 2.71
C ILE B 83 19.63 -54.55 3.19
N ALA B 84 18.82 -53.85 3.97
CA ALA B 84 17.60 -54.39 4.58
C ALA B 84 16.83 -53.25 5.21
N PRO B 85 15.51 -53.35 5.33
CA PRO B 85 14.74 -52.27 5.96
C PRO B 85 15.15 -52.07 7.41
N GLY B 86 15.18 -50.80 7.83
CA GLY B 86 15.44 -50.47 9.22
C GLY B 86 16.87 -50.55 9.67
N GLN B 87 17.83 -50.66 8.74
CA GLN B 87 19.23 -50.78 9.11
C GLN B 87 19.91 -49.41 9.14
N THR B 88 20.95 -49.31 9.94
CA THR B 88 21.80 -48.14 10.00
C THR B 88 23.24 -48.54 9.67
N GLY B 89 24.09 -47.53 9.56
CA GLY B 89 25.46 -47.70 9.10
C GLY B 89 25.74 -46.86 7.87
N LYS B 90 27.02 -46.82 7.51
CA LYS B 90 27.46 -45.94 6.44
C LYS B 90 26.76 -46.25 5.12
N ILE B 91 26.62 -47.53 4.78
CA ILE B 91 25.97 -47.91 3.53
C ILE B 91 24.51 -47.49 3.55
N ALA B 92 23.80 -47.79 4.64
CA ALA B 92 22.39 -47.47 4.72
C ALA B 92 22.16 -45.97 4.85
N ASP B 93 23.01 -45.28 5.62
CA ASP B 93 22.80 -43.86 5.85
C ASP B 93 23.16 -43.02 4.63
N TYR B 94 24.28 -43.33 3.98
CA TYR B 94 24.86 -42.42 3.00
C TYR B 94 24.96 -42.99 1.59
N ASN B 95 24.74 -44.28 1.39
CA ASN B 95 24.94 -44.88 0.07
C ASN B 95 23.69 -45.50 -0.54
N TYR B 96 23.01 -46.40 0.17
CA TYR B 96 21.84 -47.06 -0.37
C TYR B 96 20.87 -47.37 0.77
N LYS B 97 19.67 -46.82 0.70
CA LYS B 97 18.69 -46.91 1.78
C LYS B 97 17.42 -47.58 1.27
N LEU B 98 16.98 -48.62 1.98
CA LEU B 98 15.72 -49.27 1.67
C LEU B 98 14.60 -48.75 2.58
N PRO B 99 13.39 -48.63 2.06
CA PRO B 99 12.27 -48.19 2.90
C PRO B 99 11.88 -49.25 3.92
N ASP B 100 11.20 -48.79 4.97
CA ASP B 100 10.73 -49.71 5.99
C ASP B 100 9.68 -50.68 5.44
N ASP B 101 8.87 -50.23 4.48
CA ASP B 101 7.83 -51.07 3.87
C ASP B 101 8.34 -51.82 2.64
N PHE B 102 9.63 -52.12 2.58
CA PHE B 102 10.23 -52.68 1.37
C PHE B 102 9.53 -53.96 0.95
N THR B 103 9.15 -54.03 -0.32
CA THR B 103 8.52 -55.21 -0.92
C THR B 103 9.43 -55.70 -2.03
N GLY B 104 10.23 -56.71 -1.74
CA GLY B 104 11.16 -57.23 -2.72
C GLY B 104 12.21 -58.08 -2.06
N CYS B 105 13.20 -58.47 -2.87
CA CYS B 105 14.24 -59.38 -2.41
C CYS B 105 15.62 -58.73 -2.51
N VAL B 106 16.51 -59.15 -1.62
CA VAL B 106 17.90 -58.74 -1.61
C VAL B 106 18.75 -59.98 -1.82
N ILE B 107 19.62 -59.93 -2.83
CA ILE B 107 20.43 -61.06 -3.25
C ILE B 107 21.89 -60.61 -3.26
N ALA B 108 22.78 -61.42 -2.69
CA ALA B 108 24.17 -61.03 -2.59
C ALA B 108 25.07 -62.25 -2.69
N TRP B 109 26.19 -62.08 -3.39
CA TRP B 109 27.15 -63.18 -3.53
C TRP B 109 28.57 -62.64 -3.55
N ASN B 110 29.50 -63.50 -3.13
CA ASN B 110 30.92 -63.13 -3.08
C ASN B 110 31.48 -62.99 -4.49
N SER B 111 32.15 -61.86 -4.75
CA SER B 111 32.73 -61.57 -6.06
C SER B 111 34.22 -61.28 -5.95
N ASN B 112 34.90 -61.95 -5.00
CA ASN B 112 36.33 -61.69 -4.78
C ASN B 112 37.14 -62.05 -6.02
N ASN B 113 36.76 -63.12 -6.71
CA ASN B 113 37.47 -63.52 -7.92
C ASN B 113 37.35 -62.52 -9.05
N LEU B 114 36.34 -61.64 -9.00
CA LEU B 114 36.07 -60.70 -10.07
C LEU B 114 36.39 -59.25 -9.73
N ASP B 115 36.11 -58.82 -8.50
CA ASP B 115 36.19 -57.41 -8.14
C ASP B 115 37.41 -57.06 -7.31
N SER B 116 38.23 -58.05 -6.93
CA SER B 116 39.47 -57.80 -6.21
C SER B 116 40.65 -57.82 -7.17
N LYS B 117 41.69 -57.08 -6.81
CA LYS B 117 42.91 -57.02 -7.60
C LYS B 117 44.10 -57.02 -6.65
N VAL B 118 45.16 -57.72 -7.04
CA VAL B 118 46.39 -57.70 -6.25
C VAL B 118 46.95 -56.29 -6.27
N GLY B 119 47.26 -55.76 -5.08
CA GLY B 119 47.58 -54.36 -4.92
C GLY B 119 46.39 -53.45 -4.75
N GLY B 120 45.17 -53.98 -4.88
CA GLY B 120 43.98 -53.20 -4.65
C GLY B 120 43.21 -52.82 -5.89
N ASN B 121 41.89 -53.01 -5.87
CA ASN B 121 41.00 -52.50 -6.89
C ASN B 121 40.33 -51.24 -6.33
N TYR B 122 40.69 -50.09 -6.89
CA TYR B 122 40.24 -48.81 -6.37
C TYR B 122 39.07 -48.23 -7.14
N ASN B 123 38.47 -48.99 -8.07
CA ASN B 123 37.35 -48.48 -8.83
C ASN B 123 36.06 -48.42 -7.99
N TYR B 124 35.93 -49.29 -7.00
CA TYR B 124 34.73 -49.33 -6.17
C TYR B 124 34.89 -48.38 -4.99
N LEU B 125 33.89 -47.52 -4.79
CA LEU B 125 33.94 -46.47 -3.77
C LEU B 125 32.68 -46.52 -2.92
N TYR B 126 32.73 -45.85 -1.77
CA TYR B 126 31.56 -45.62 -0.95
C TYR B 126 31.67 -44.26 -0.28
N ARG B 127 30.51 -43.70 0.08
CA ARG B 127 30.46 -42.37 0.68
C ARG B 127 30.66 -42.48 2.19
N LEU B 128 31.61 -41.69 2.71
CA LEU B 128 31.97 -41.77 4.12
C LEU B 128 31.02 -40.98 5.01
N PHE B 129 30.60 -39.80 4.57
CA PHE B 129 29.79 -38.94 5.41
C PHE B 129 28.85 -38.10 4.57
N ARG B 130 27.73 -37.72 5.19
CA ARG B 130 26.76 -36.82 4.60
C ARG B 130 26.13 -36.01 5.72
N LYS B 131 25.61 -34.83 5.38
CA LYS B 131 24.96 -34.00 6.37
C LYS B 131 23.69 -34.65 6.92
N SER B 132 22.98 -35.41 6.09
CA SER B 132 21.76 -36.08 6.50
C SER B 132 21.70 -37.47 5.88
N ASN B 133 20.95 -38.36 6.52
CA ASN B 133 20.77 -39.70 6.00
C ASN B 133 19.97 -39.68 4.70
N LEU B 134 20.24 -40.64 3.84
CA LEU B 134 19.50 -40.77 2.59
C LEU B 134 18.05 -41.14 2.86
N LYS B 135 17.14 -40.52 2.12
CA LYS B 135 15.77 -40.99 2.06
C LYS B 135 15.75 -42.32 1.30
N PRO B 136 14.72 -43.14 1.49
CA PRO B 136 14.66 -44.42 0.78
C PRO B 136 14.80 -44.23 -0.72
N PHE B 137 15.67 -45.04 -1.32
CA PHE B 137 15.98 -45.05 -2.75
C PHE B 137 16.63 -43.76 -3.24
N GLU B 138 17.12 -42.91 -2.34
CA GLU B 138 17.83 -41.71 -2.78
C GLU B 138 19.23 -42.07 -3.24
N ARG B 139 19.75 -41.29 -4.18
CA ARG B 139 21.05 -41.55 -4.79
C ARG B 139 21.86 -40.25 -4.79
N ASP B 140 23.04 -40.29 -4.19
CA ASP B 140 23.92 -39.13 -4.05
C ASP B 140 25.24 -39.45 -4.72
N ILE B 141 25.49 -38.87 -5.90
CA ILE B 141 26.73 -39.06 -6.62
C ILE B 141 27.57 -37.78 -6.62
N SER B 142 27.25 -36.82 -5.76
CA SER B 142 28.03 -35.59 -5.68
C SER B 142 29.42 -35.88 -5.13
N THR B 143 30.42 -35.22 -5.71
CA THR B 143 31.80 -35.32 -5.26
C THR B 143 32.26 -34.03 -4.55
N GLU B 144 31.32 -33.30 -3.96
CA GLU B 144 31.65 -32.06 -3.28
C GLU B 144 32.43 -32.33 -2.01
N ILE B 145 33.36 -31.44 -1.69
CA ILE B 145 34.12 -31.56 -0.44
C ILE B 145 33.18 -31.44 0.74
N TYR B 146 33.26 -32.39 1.66
CA TYR B 146 32.45 -32.33 2.87
C TYR B 146 33.00 -31.28 3.81
N GLN B 147 32.12 -30.43 4.32
CA GLN B 147 32.50 -29.31 5.19
C GLN B 147 32.00 -29.61 6.60
N ALA B 148 32.88 -30.15 7.44
CA ALA B 148 32.51 -30.48 8.82
C ALA B 148 32.60 -29.28 9.76
N GLY B 149 33.26 -28.19 9.35
CA GLY B 149 33.40 -27.02 10.17
C GLY B 149 32.71 -25.81 9.55
N SER B 150 32.79 -24.69 10.27
CA SER B 150 32.21 -23.45 9.79
C SER B 150 33.03 -22.80 8.69
N THR B 151 34.30 -23.16 8.55
CA THR B 151 35.15 -22.57 7.52
C THR B 151 34.87 -23.23 6.17
N PRO B 152 34.70 -22.45 5.11
CA PRO B 152 34.50 -23.05 3.77
C PRO B 152 35.76 -23.78 3.30
N CYS B 153 35.57 -24.62 2.28
CA CYS B 153 36.65 -25.42 1.74
C CYS B 153 37.16 -24.93 0.39
N ASN B 154 36.29 -24.36 -0.45
CA ASN B 154 36.68 -23.77 -1.73
C ASN B 154 37.42 -24.77 -2.62
N GLY B 155 36.95 -26.02 -2.60
CA GLY B 155 37.57 -27.04 -3.42
C GLY B 155 38.97 -27.44 -2.98
N VAL B 156 39.31 -27.23 -1.71
CA VAL B 156 40.62 -27.58 -1.18
C VAL B 156 40.40 -28.55 -0.02
N GLU B 157 41.03 -29.72 -0.10
CA GLU B 157 41.02 -30.65 1.01
C GLU B 157 41.91 -30.15 2.13
N GLY B 158 41.47 -30.35 3.37
CA GLY B 158 42.24 -29.88 4.50
C GLY B 158 41.54 -30.20 5.81
N PHE B 159 41.92 -29.45 6.84
CA PHE B 159 41.33 -29.64 8.16
C PHE B 159 39.82 -29.38 8.10
N ASN B 160 39.04 -30.37 8.55
CA ASN B 160 37.58 -30.34 8.51
C ASN B 160 37.05 -30.14 7.09
N CYS B 161 37.83 -30.51 6.08
CA CYS B 161 37.42 -30.44 4.67
C CYS B 161 37.85 -31.76 4.03
N TYR B 162 36.97 -32.75 4.06
CA TYR B 162 37.30 -34.10 3.64
C TYR B 162 36.60 -34.45 2.34
N PHE B 163 37.33 -35.13 1.45
CA PHE B 163 36.71 -35.71 0.26
C PHE B 163 35.72 -36.79 0.69
N PRO B 164 34.48 -36.77 0.18
CA PRO B 164 33.43 -37.62 0.77
C PRO B 164 33.48 -39.09 0.38
N LEU B 165 34.22 -39.46 -0.65
CA LEU B 165 34.25 -40.83 -1.15
C LEU B 165 35.57 -41.49 -0.77
N GLN B 166 35.49 -42.75 -0.35
CA GLN B 166 36.66 -43.55 -0.07
C GLN B 166 36.57 -44.87 -0.83
N SER B 167 37.70 -45.28 -1.40
CA SER B 167 37.78 -46.51 -2.15
C SER B 167 37.92 -47.72 -1.23
N TYR B 168 37.22 -48.80 -1.57
CA TYR B 168 37.37 -50.04 -0.82
C TYR B 168 38.77 -50.62 -0.96
N GLY B 169 39.34 -50.54 -2.17
CA GLY B 169 40.67 -51.08 -2.42
C GLY B 169 40.75 -52.58 -2.23
N PHE B 170 39.80 -53.31 -2.81
CA PHE B 170 39.69 -54.76 -2.58
C PHE B 170 40.95 -55.48 -3.05
N GLN B 171 41.42 -56.40 -2.21
CA GLN B 171 42.53 -57.29 -2.51
C GLN B 171 42.09 -58.73 -2.29
N PRO B 172 42.64 -59.67 -3.07
CA PRO B 172 42.22 -61.07 -2.91
C PRO B 172 42.56 -61.66 -1.54
N THR B 173 43.51 -61.07 -0.82
CA THR B 173 43.94 -61.59 0.47
C THR B 173 43.15 -61.03 1.64
N ASN B 174 42.16 -60.16 1.39
CA ASN B 174 41.36 -59.62 2.48
C ASN B 174 40.57 -60.73 3.17
N GLY B 175 40.18 -60.47 4.41
CA GLY B 175 39.27 -61.35 5.10
C GLY B 175 37.93 -61.43 4.37
N VAL B 176 37.21 -62.52 4.62
CA VAL B 176 35.98 -62.81 3.87
C VAL B 176 34.98 -61.67 4.06
N GLY B 177 34.83 -61.19 5.29
CA GLY B 177 33.90 -60.10 5.55
C GLY B 177 34.28 -58.80 4.87
N TYR B 178 35.56 -58.62 4.52
CA TYR B 178 36.04 -57.42 3.86
C TYR B 178 36.17 -57.59 2.35
N GLN B 179 35.83 -58.75 1.81
CA GLN B 179 35.92 -59.01 0.38
C GLN B 179 34.72 -58.41 -0.35
N PRO B 180 34.84 -58.14 -1.64
CA PRO B 180 33.72 -57.55 -2.38
C PRO B 180 32.58 -58.53 -2.54
N TYR B 181 31.36 -58.01 -2.45
CA TYR B 181 30.14 -58.77 -2.67
C TYR B 181 29.26 -57.98 -3.63
N ARG B 182 28.74 -58.68 -4.64
CA ARG B 182 27.80 -58.10 -5.58
C ARG B 182 26.38 -58.27 -5.05
N VAL B 183 25.61 -57.19 -5.10
CA VAL B 183 24.28 -57.12 -4.51
C VAL B 183 23.30 -56.65 -5.57
N VAL B 184 22.19 -57.39 -5.69
CA VAL B 184 21.04 -57.01 -6.51
C VAL B 184 19.81 -56.96 -5.63
N VAL B 185 19.13 -55.82 -5.64
CA VAL B 185 17.89 -55.59 -4.92
C VAL B 185 16.78 -55.54 -5.95
N LEU B 186 15.84 -56.47 -5.86
CA LEU B 186 14.67 -56.52 -6.73
C LEU B 186 13.48 -55.94 -5.97
N SER B 187 12.89 -54.89 -6.53
CA SER B 187 11.66 -54.32 -6.01
C SER B 187 10.52 -54.65 -6.96
N PHE B 188 9.39 -55.03 -6.41
CA PHE B 188 8.22 -55.43 -7.19
C PHE B 188 7.15 -54.37 -7.05
N GLU B 189 6.85 -53.66 -8.14
CA GLU B 189 5.85 -52.61 -8.15
C GLU B 189 4.54 -53.17 -8.71
N LEU B 190 3.48 -53.07 -7.92
CA LEU B 190 2.15 -53.57 -8.27
C LEU B 190 1.17 -52.40 -8.20
N LEU B 191 0.78 -51.88 -9.36
CA LEU B 191 -0.24 -50.84 -9.46
C LEU B 191 -1.55 -51.47 -9.94
N HIS B 192 -2.61 -50.67 -9.88
CA HIS B 192 -3.90 -51.08 -10.46
C HIS B 192 -3.83 -50.78 -11.96
N ALA B 193 -3.10 -51.65 -12.65
CA ALA B 193 -2.81 -51.49 -14.07
C ALA B 193 -2.44 -52.86 -14.62
N PRO B 194 -2.53 -53.05 -15.94
CA PRO B 194 -2.13 -54.35 -16.51
C PRO B 194 -0.71 -54.70 -16.14
N ALA B 195 -0.51 -55.98 -15.76
CA ALA B 195 0.79 -56.45 -15.34
C ALA B 195 1.66 -56.78 -16.54
N THR B 196 2.94 -56.40 -16.46
CA THR B 196 3.87 -56.66 -17.54
C THR B 196 4.94 -57.69 -17.19
N VAL B 197 5.15 -57.99 -15.91
CA VAL B 197 6.14 -58.97 -15.47
C VAL B 197 5.39 -60.08 -14.74
N CYS B 198 5.43 -61.28 -15.30
CA CYS B 198 4.77 -62.45 -14.71
C CYS B 198 5.74 -63.63 -14.69
N GLY B 199 5.57 -64.47 -13.69
CA GLY B 199 6.31 -65.71 -13.63
C GLY B 199 5.75 -66.73 -14.60
N PRO B 200 6.49 -67.81 -14.80
CA PRO B 200 6.00 -68.86 -15.70
C PRO B 200 4.82 -69.60 -15.07
N LYS B 201 3.62 -69.29 -15.56
CA LYS B 201 2.35 -69.72 -14.97
C LYS B 201 1.20 -69.04 -15.69
N THR C 6 47.47 47.87 -10.10
CA THR C 6 48.91 48.01 -10.33
C THR C 6 49.32 47.40 -11.67
N ASN C 7 49.17 46.08 -11.79
CA ASN C 7 49.52 45.39 -13.02
C ASN C 7 48.41 45.54 -14.05
N LEU C 8 48.82 45.69 -15.31
CA LEU C 8 47.86 45.87 -16.39
C LEU C 8 47.06 44.59 -16.64
N CYS C 9 45.81 44.76 -17.04
CA CYS C 9 45.00 43.61 -17.43
C CYS C 9 45.54 43.03 -18.73
N PRO C 10 45.64 41.71 -18.84
CA PRO C 10 46.26 41.08 -20.03
C PRO C 10 45.31 41.07 -21.23
N PHE C 11 44.92 42.27 -21.67
CA PHE C 11 44.12 42.38 -22.89
C PHE C 11 44.91 41.95 -24.11
N GLY C 12 46.23 42.09 -24.07
CA GLY C 12 47.06 41.65 -25.19
C GLY C 12 46.97 40.16 -25.44
N GLU C 13 46.84 39.36 -24.38
CA GLU C 13 46.70 37.92 -24.54
C GLU C 13 45.43 37.57 -25.32
N VAL C 14 44.41 38.41 -25.25
CA VAL C 14 43.15 38.15 -25.94
C VAL C 14 43.15 38.78 -27.33
N PHE C 15 43.40 40.08 -27.41
CA PHE C 15 43.32 40.79 -28.69
C PHE C 15 44.45 40.41 -29.63
N ASN C 16 45.63 40.08 -29.10
CA ASN C 16 46.80 39.83 -29.93
C ASN C 16 47.21 38.36 -29.93
N ALA C 17 46.28 37.44 -29.64
CA ALA C 17 46.59 36.02 -29.68
C ALA C 17 46.89 35.59 -31.11
N THR C 18 47.81 34.63 -31.24
CA THR C 18 48.25 34.19 -32.56
C THR C 18 47.11 33.58 -33.36
N ARG C 19 46.32 32.71 -32.73
CA ARG C 19 45.17 32.09 -33.37
C ARG C 19 43.94 32.24 -32.48
N PHE C 20 42.82 32.56 -33.09
CA PHE C 20 41.55 32.63 -32.40
C PHE C 20 40.81 31.31 -32.48
N ALA C 21 39.76 31.19 -31.69
CA ALA C 21 38.93 29.99 -31.69
C ALA C 21 37.80 30.12 -32.71
N SER C 22 37.29 28.97 -33.14
CA SER C 22 36.10 28.97 -33.98
C SER C 22 34.89 29.46 -33.20
N VAL C 23 33.93 30.02 -33.92
CA VAL C 23 32.80 30.67 -33.25
C VAL C 23 31.97 29.67 -32.46
N TYR C 24 31.80 28.46 -32.99
CA TYR C 24 31.04 27.45 -32.24
C TYR C 24 31.77 27.03 -30.97
N ALA C 25 33.11 27.15 -30.96
CA ALA C 25 33.91 26.80 -29.80
C ALA C 25 34.62 28.03 -29.27
N TRP C 26 33.89 29.13 -29.14
CA TRP C 26 34.48 30.41 -28.75
C TRP C 26 35.17 30.30 -27.40
N ASN C 27 36.24 31.08 -27.24
CA ASN C 27 37.05 31.05 -26.03
CA ASN C 27 37.04 31.04 -26.02
C ASN C 27 36.63 32.16 -25.07
N ARG C 28 36.80 31.91 -23.78
CA ARG C 28 36.50 32.90 -22.74
C ARG C 28 37.69 33.00 -21.79
N LYS C 29 38.06 34.24 -21.47
CA LYS C 29 39.07 34.52 -20.45
C LYS C 29 38.48 35.48 -19.42
N ARG C 30 38.76 35.20 -18.14
N ARG C 30 38.78 35.21 -18.14
CA ARG C 30 38.33 36.06 -17.06
CA ARG C 30 38.32 36.07 -17.06
C ARG C 30 39.43 37.08 -16.74
C ARG C 30 39.42 37.07 -16.71
N ILE C 31 39.05 38.34 -16.63
CA ILE C 31 39.96 39.43 -16.32
C ILE C 31 39.58 39.95 -14.94
N SER C 32 40.53 39.91 -14.02
CA SER C 32 40.29 40.33 -12.64
C SER C 32 41.62 40.71 -12.00
N ASN C 33 41.52 41.49 -10.92
CA ASN C 33 42.68 41.89 -10.11
C ASN C 33 43.74 42.60 -10.95
N CYS C 34 43.30 43.61 -11.69
CA CYS C 34 44.21 44.36 -12.55
C CYS C 34 43.58 45.69 -12.90
N VAL C 35 44.42 46.61 -13.40
CA VAL C 35 43.98 47.89 -13.92
C VAL C 35 43.90 47.79 -15.44
N ALA C 36 42.75 48.15 -15.99
CA ALA C 36 42.49 48.02 -17.43
C ALA C 36 42.50 49.40 -18.06
N ASP C 37 43.41 49.61 -19.01
CA ASP C 37 43.48 50.86 -19.77
C ASP C 37 42.62 50.70 -21.01
N TYR C 38 41.35 51.08 -20.89
CA TYR C 38 40.42 50.95 -22.01
C TYR C 38 40.76 51.91 -23.15
N SER C 39 41.39 53.04 -22.83
CA SER C 39 41.64 54.07 -23.84
C SER C 39 42.51 53.56 -24.97
N VAL C 40 43.42 52.62 -24.68
CA VAL C 40 44.22 52.01 -25.73
C VAL C 40 43.33 51.31 -26.74
N LEU C 41 42.18 50.81 -26.32
CA LEU C 41 41.32 50.05 -27.21
C LEU C 41 40.43 50.96 -28.05
N TYR C 42 39.57 51.74 -27.42
CA TYR C 42 38.58 52.51 -28.17
C TYR C 42 39.17 53.74 -28.85
N ASN C 43 40.41 54.11 -28.56
CA ASN C 43 41.09 55.13 -29.33
C ASN C 43 42.02 54.55 -30.39
N SER C 44 42.18 53.23 -30.43
CA SER C 44 42.92 52.60 -31.51
C SER C 44 42.08 52.60 -32.78
N ALA C 45 42.73 52.84 -33.92
CA ALA C 45 42.05 52.96 -35.20
C ALA C 45 41.93 51.64 -35.94
N SER C 46 42.36 50.52 -35.34
CA SER C 46 42.37 49.24 -36.01
C SER C 46 41.13 48.40 -35.69
N PHE C 47 40.02 49.04 -35.33
CA PHE C 47 38.77 48.34 -35.02
C PHE C 47 37.68 48.84 -35.96
N SER C 48 37.15 47.94 -36.79
CA SER C 48 36.03 48.30 -37.65
C SER C 48 34.70 48.31 -36.90
N THR C 49 34.61 47.61 -35.79
CA THR C 49 33.40 47.63 -34.96
C THR C 49 33.79 47.79 -33.49
N PHE C 50 33.20 48.79 -32.83
CA PHE C 50 33.37 49.00 -31.39
C PHE C 50 32.03 49.53 -30.87
N LYS C 51 31.20 48.60 -30.40
CA LYS C 51 29.82 48.93 -30.01
C LYS C 51 29.59 48.51 -28.56
N CYS C 52 29.19 49.46 -27.73
CA CYS C 52 28.96 49.20 -26.31
C CYS C 52 27.49 49.37 -25.97
N TYR C 53 26.97 48.46 -25.14
CA TYR C 53 25.59 48.44 -24.71
C TYR C 53 25.55 48.49 -23.18
N GLY C 54 24.77 49.42 -22.64
CA GLY C 54 24.73 49.62 -21.20
C GLY C 54 25.96 50.30 -20.64
N VAL C 55 26.84 50.80 -21.51
CA VAL C 55 28.13 51.34 -21.11
C VAL C 55 28.56 52.37 -22.14
N SER C 56 29.07 53.51 -21.66
CA SER C 56 29.65 54.49 -22.58
C SER C 56 31.16 54.27 -22.68
N PRO C 57 31.71 54.11 -23.90
CA PRO C 57 33.13 53.75 -24.01
C PRO C 57 34.08 54.76 -23.37
N THR C 58 33.78 56.06 -23.46
CA THR C 58 34.70 57.07 -22.95
C THR C 58 34.78 57.05 -21.42
N LYS C 59 33.70 56.65 -20.76
CA LYS C 59 33.67 56.62 -19.30
C LYS C 59 34.19 55.31 -18.73
N LEU C 60 34.64 54.38 -19.57
CA LEU C 60 35.11 53.08 -19.10
C LEU C 60 36.29 53.22 -18.15
N ASN C 61 37.21 54.15 -18.45
CA ASN C 61 38.36 54.37 -17.59
C ASN C 61 37.97 54.91 -16.21
N ASP C 62 36.72 55.37 -16.05
CA ASP C 62 36.24 55.90 -14.79
C ASP C 62 35.31 54.93 -14.07
N LEU C 63 35.39 53.63 -14.39
CA LEU C 63 34.50 52.63 -13.84
C LEU C 63 35.30 51.49 -13.22
N CYS C 64 34.74 50.91 -12.17
CA CYS C 64 35.28 49.71 -11.53
C CYS C 64 34.24 48.59 -11.63
N PHE C 65 34.71 47.37 -11.87
CA PHE C 65 33.84 46.22 -12.01
C PHE C 65 34.38 45.05 -11.22
N THR C 66 33.48 44.15 -10.82
CA THR C 66 33.89 42.94 -10.13
C THR C 66 34.71 42.03 -11.03
N ASN C 67 34.26 41.84 -12.28
CA ASN C 67 35.00 41.00 -13.21
C ASN C 67 34.78 41.51 -14.63
N VAL C 68 35.68 41.12 -15.53
CA VAL C 68 35.51 41.31 -16.96
C VAL C 68 35.63 39.95 -17.62
N TYR C 69 34.83 39.71 -18.66
CA TYR C 69 34.87 38.45 -19.38
C TYR C 69 35.08 38.75 -20.86
N ALA C 70 36.15 38.17 -21.43
CA ALA C 70 36.53 38.39 -22.82
C ALA C 70 36.29 37.11 -23.60
N ASP C 71 35.28 37.12 -24.46
CA ASP C 71 34.98 35.98 -25.32
C ASP C 71 35.47 36.29 -26.73
N SER C 72 36.34 35.45 -27.26
CA SER C 72 36.97 35.68 -28.55
C SER C 72 36.64 34.57 -29.53
N PHE C 73 36.44 34.96 -30.79
CA PHE C 73 36.18 34.01 -31.87
C PHE C 73 36.39 34.71 -33.22
N VAL C 74 36.14 33.98 -34.30
CA VAL C 74 36.31 34.45 -35.67
C VAL C 74 35.06 34.12 -36.46
N ILE C 75 34.54 35.11 -37.21
CA ILE C 75 33.36 34.92 -38.05
C ILE C 75 33.59 35.59 -39.40
N ARG C 76 32.56 35.58 -40.23
CA ARG C 76 32.59 36.36 -41.46
C ARG C 76 32.20 37.81 -41.20
N GLY C 77 32.61 38.68 -42.12
CA GLY C 77 32.31 40.10 -41.96
C GLY C 77 30.83 40.38 -41.88
N ASP C 78 30.06 39.80 -42.80
CA ASP C 78 28.61 40.03 -42.82
C ASP C 78 27.90 39.40 -41.64
N GLU C 79 28.60 38.58 -40.84
CA GLU C 79 28.05 38.03 -39.61
C GLU C 79 28.42 38.84 -38.37
N VAL C 80 29.27 39.87 -38.52
CA VAL C 80 29.61 40.70 -37.37
C VAL C 80 28.37 41.37 -36.80
N ARG C 81 27.41 41.72 -37.66
CA ARG C 81 26.17 42.34 -37.19
C ARG C 81 25.35 41.41 -36.32
N GLN C 82 25.64 40.10 -36.32
CA GLN C 82 24.90 39.18 -35.47
C GLN C 82 25.38 39.17 -34.03
N ILE C 83 26.55 39.72 -33.74
CA ILE C 83 27.08 39.73 -32.37
C ILE C 83 26.54 40.99 -31.72
N ALA C 84 25.30 40.90 -31.25
CA ALA C 84 24.56 42.01 -30.66
C ALA C 84 23.27 41.47 -30.08
N PRO C 85 22.72 42.09 -29.02
CA PRO C 85 21.46 41.60 -28.46
C PRO C 85 20.31 41.70 -29.47
N GLY C 86 19.49 40.66 -29.48
CA GLY C 86 18.27 40.66 -30.28
C GLY C 86 18.43 40.28 -31.74
N GLN C 87 19.60 39.81 -32.14
CA GLN C 87 19.83 39.47 -33.55
C GLN C 87 19.54 37.99 -33.80
N THR C 88 19.16 37.69 -35.03
CA THR C 88 18.92 36.32 -35.49
C THR C 88 19.97 35.95 -36.54
N GLY C 89 19.91 34.70 -36.99
CA GLY C 89 20.88 34.15 -37.91
C GLY C 89 21.60 32.96 -37.31
N LYS C 90 22.37 32.29 -38.19
CA LYS C 90 23.04 31.06 -37.78
C LYS C 90 24.01 31.29 -36.63
N ILE C 91 24.76 32.39 -36.68
CA ILE C 91 25.74 32.67 -35.62
C ILE C 91 25.04 32.91 -34.30
N ALA C 92 24.03 33.79 -34.29
CA ALA C 92 23.33 34.12 -33.05
C ALA C 92 22.54 32.92 -32.53
N ASP C 93 21.87 32.18 -33.41
CA ASP C 93 21.01 31.09 -32.97
C ASP C 93 21.82 29.89 -32.50
N TYR C 94 22.89 29.55 -33.21
CA TYR C 94 23.55 28.26 -33.02
C TYR C 94 25.00 28.34 -32.57
N ASN C 95 25.64 29.51 -32.59
CA ASN C 95 27.06 29.60 -32.27
C ASN C 95 27.35 30.47 -31.06
N TYR C 96 26.89 31.72 -31.04
CA TYR C 96 27.18 32.63 -29.94
C TYR C 96 26.01 33.58 -29.78
N LYS C 97 25.40 33.58 -28.59
CA LYS C 97 24.20 34.34 -28.31
C LYS C 97 24.44 35.32 -27.18
N LEU C 98 24.11 36.58 -27.41
CA LEU C 98 24.16 37.58 -26.34
C LEU C 98 22.76 37.80 -25.78
N PRO C 99 22.65 38.04 -24.47
CA PRO C 99 21.33 38.32 -23.89
C PRO C 99 20.82 39.68 -24.31
N ASP C 100 19.50 39.85 -24.19
CA ASP C 100 18.88 41.13 -24.52
C ASP C 100 19.36 42.24 -23.59
N ASP C 101 19.65 41.91 -22.34
CA ASP C 101 20.11 42.87 -21.34
C ASP C 101 21.63 42.98 -21.31
N PHE C 102 22.30 42.74 -22.43
CA PHE C 102 23.75 42.68 -22.46
C PHE C 102 24.38 43.98 -21.98
N THR C 103 25.33 43.87 -21.06
CA THR C 103 26.07 44.99 -20.51
C THR C 103 27.55 44.79 -20.84
N GLY C 104 28.02 45.46 -21.88
CA GLY C 104 29.39 45.30 -22.31
C GLY C 104 29.58 45.77 -23.74
N CYS C 105 30.76 45.50 -24.26
CA CYS C 105 31.15 45.97 -25.58
C CYS C 105 31.48 44.80 -26.49
N VAL C 106 31.32 45.04 -27.80
CA VAL C 106 31.68 44.10 -28.85
C VAL C 106 32.66 44.80 -29.77
N ILE C 107 33.80 44.15 -30.01
CA ILE C 107 34.89 44.71 -30.81
C ILE C 107 35.21 43.72 -31.92
N ALA C 108 35.33 44.23 -33.15
CA ALA C 108 35.57 43.35 -34.28
C ALA C 108 36.47 44.04 -35.28
N TRP C 109 37.39 43.27 -35.86
CA TRP C 109 38.30 43.82 -36.86
C TRP C 109 38.65 42.76 -37.92
N ASN C 110 38.92 43.25 -39.12
CA ASN C 110 39.25 42.38 -40.25
C ASN C 110 40.58 41.67 -40.00
N SER C 111 40.59 40.35 -40.18
CA SER C 111 41.78 39.53 -39.97
C SER C 111 42.09 38.69 -41.20
N ASN C 112 41.89 39.29 -42.38
CA ASN C 112 42.14 38.56 -43.62
C ASN C 112 43.63 38.21 -43.77
N ASN C 113 44.51 39.12 -43.37
CA ASN C 113 45.94 38.89 -43.47
C ASN C 113 46.41 37.76 -42.55
N LEU C 114 45.66 37.46 -41.50
CA LEU C 114 46.05 36.45 -40.51
C LEU C 114 45.31 35.12 -40.65
N ASP C 115 44.03 35.16 -41.00
CA ASP C 115 43.19 33.96 -40.95
C ASP C 115 42.82 33.42 -42.32
N SER C 116 43.20 34.09 -43.41
CA SER C 116 42.97 33.59 -44.75
C SER C 116 44.25 33.00 -45.33
N LYS C 117 44.09 32.06 -46.25
CA LYS C 117 45.22 31.56 -47.02
C LYS C 117 44.73 31.11 -48.39
N VAL C 118 45.57 31.31 -49.41
CA VAL C 118 45.21 30.88 -50.75
C VAL C 118 45.07 29.37 -50.77
N GLY C 119 43.99 28.88 -51.36
CA GLY C 119 43.58 27.50 -51.24
C GLY C 119 42.60 27.25 -50.11
N GLY C 120 42.51 28.15 -49.15
CA GLY C 120 41.52 28.04 -48.09
C GLY C 120 42.08 27.67 -46.74
N ASN C 121 41.67 28.39 -45.70
CA ASN C 121 41.95 28.04 -44.32
C ASN C 121 40.70 27.38 -43.75
N TYR C 122 40.78 26.07 -43.50
CA TYR C 122 39.63 25.30 -43.07
C TYR C 122 39.60 25.05 -41.56
N ASN C 123 40.47 25.71 -40.81
CA ASN C 123 40.52 25.51 -39.36
C ASN C 123 39.36 26.18 -38.64
N TYR C 124 38.81 27.25 -39.20
CA TYR C 124 37.69 27.96 -38.58
C TYR C 124 36.37 27.37 -39.05
N LEU C 125 35.47 27.08 -38.11
CA LEU C 125 34.20 26.43 -38.40
C LEU C 125 33.07 27.21 -37.77
N TYR C 126 31.85 26.91 -38.21
CA TYR C 126 30.64 27.40 -37.56
C TYR C 126 29.57 26.32 -37.65
N ARG C 127 28.65 26.36 -36.69
CA ARG C 127 27.60 25.35 -36.60
C ARG C 127 26.43 25.73 -37.49
N LEU C 128 25.94 24.77 -38.27
CA LEU C 128 24.89 25.03 -39.25
C LEU C 128 23.48 24.98 -38.66
N PHE C 129 23.22 24.07 -37.71
CA PHE C 129 21.86 23.91 -37.21
C PHE C 129 21.87 23.25 -35.84
N ARG C 130 20.88 23.60 -35.04
CA ARG C 130 20.58 22.93 -33.78
C ARG C 130 19.07 22.75 -33.69
N LYS C 131 18.64 21.81 -32.85
CA LYS C 131 17.19 21.62 -32.67
C LYS C 131 16.55 22.83 -32.01
N SER C 132 17.32 23.61 -31.26
CA SER C 132 16.80 24.83 -30.64
C SER C 132 17.90 25.87 -30.62
N ASN C 133 17.50 27.13 -30.48
CA ASN C 133 18.46 28.23 -30.41
C ASN C 133 19.26 28.17 -29.12
N LEU C 134 20.48 28.68 -29.18
CA LEU C 134 21.31 28.79 -27.99
C LEU C 134 20.72 29.80 -27.02
N LYS C 135 20.73 29.47 -25.73
CA LYS C 135 20.44 30.44 -24.70
C LYS C 135 21.64 31.37 -24.55
N PRO C 136 21.45 32.55 -23.95
CA PRO C 136 22.57 33.49 -23.83
C PRO C 136 23.80 32.87 -23.20
N PHE C 137 24.95 33.08 -23.85
CA PHE C 137 26.26 32.59 -23.45
C PHE C 137 26.39 31.08 -23.47
N GLU C 138 25.43 30.36 -24.06
CA GLU C 138 25.56 28.92 -24.18
C GLU C 138 26.62 28.56 -25.21
N ARG C 139 27.28 27.43 -24.99
CA ARG C 139 28.36 26.97 -25.85
C ARG C 139 28.11 25.50 -26.20
N ASP C 140 28.08 25.21 -27.50
CA ASP C 140 27.78 23.87 -28.00
C ASP C 140 28.94 23.43 -28.90
N ILE C 141 29.80 22.57 -28.38
CA ILE C 141 30.90 22.00 -29.15
C ILE C 141 30.64 20.56 -29.53
N SER C 142 29.40 20.09 -29.36
CA SER C 142 29.05 18.72 -29.76
C SER C 142 29.21 18.55 -31.26
N THR C 143 29.81 17.42 -31.65
CA THR C 143 30.03 17.10 -33.06
C THR C 143 29.06 16.03 -33.57
N GLU C 144 28.02 15.72 -32.79
CA GLU C 144 27.09 14.66 -33.16
C GLU C 144 26.38 14.98 -34.48
N ILE C 145 26.11 13.93 -35.24
CA ILE C 145 25.42 14.08 -36.52
C ILE C 145 23.99 14.54 -36.27
N TYR C 146 23.58 15.58 -36.99
CA TYR C 146 22.27 16.19 -36.80
C TYR C 146 21.21 15.34 -37.48
N GLN C 147 20.26 14.84 -36.69
CA GLN C 147 19.18 14.02 -37.19
C GLN C 147 18.02 14.93 -37.56
N ALA C 148 17.81 15.12 -38.87
CA ALA C 148 16.76 16.00 -39.36
C ALA C 148 15.42 15.29 -39.51
N GLY C 149 15.41 13.96 -39.57
CA GLY C 149 14.18 13.23 -39.74
C GLY C 149 13.90 12.29 -38.59
N SER C 150 12.89 11.42 -38.74
CA SER C 150 12.59 10.44 -37.71
C SER C 150 13.54 9.25 -37.75
N THR C 151 14.23 9.04 -38.87
CA THR C 151 15.16 7.92 -38.99
C THR C 151 16.47 8.25 -38.28
N PRO C 152 16.97 7.38 -37.40
CA PRO C 152 18.25 7.66 -36.74
C PRO C 152 19.40 7.57 -37.71
N CYS C 153 20.53 8.15 -37.31
CA CYS C 153 21.70 8.24 -38.16
C CYS C 153 22.76 7.18 -37.86
N ASN C 154 22.86 6.74 -36.61
CA ASN C 154 23.79 5.68 -36.20
C ASN C 154 25.23 6.02 -36.57
N GLY C 155 25.58 7.30 -36.45
CA GLY C 155 26.93 7.72 -36.77
C GLY C 155 27.27 7.70 -38.25
N VAL C 156 26.27 7.76 -39.12
CA VAL C 156 26.46 7.73 -40.57
C VAL C 156 25.80 8.98 -41.15
N GLU C 157 26.59 9.77 -41.89
CA GLU C 157 26.03 10.90 -42.61
C GLU C 157 25.27 10.42 -43.84
N GLY C 158 24.18 11.12 -44.17
CA GLY C 158 23.36 10.74 -45.30
C GLY C 158 22.13 11.59 -45.43
N PHE C 159 21.06 11.02 -45.99
CA PHE C 159 19.81 11.75 -46.16
C PHE C 159 19.22 12.09 -44.79
N ASN C 160 18.98 13.39 -44.57
CA ASN C 160 18.47 13.91 -43.30
C ASN C 160 19.39 13.54 -42.13
N CYS C 161 20.67 13.34 -42.43
CA CYS C 161 21.70 13.07 -41.41
C CYS C 161 22.93 13.89 -41.81
N TYR C 162 23.00 15.12 -41.30
CA TYR C 162 24.01 16.07 -41.71
C TYR C 162 25.04 16.29 -40.60
N PHE C 163 26.29 16.39 -40.99
CA PHE C 163 27.33 16.83 -40.06
C PHE C 163 27.08 18.29 -39.72
N PRO C 164 27.07 18.67 -38.44
CA PRO C 164 26.54 19.99 -38.06
C PRO C 164 27.50 21.15 -38.26
N LEU C 165 28.80 20.91 -38.39
CA LEU C 165 29.78 21.98 -38.51
C LEU C 165 30.22 22.13 -39.96
N GLN C 166 30.36 23.38 -40.39
CA GLN C 166 30.86 23.69 -41.72
C GLN C 166 32.02 24.66 -41.61
N SER C 167 33.06 24.42 -42.40
CA SER C 167 34.26 25.24 -42.39
C SER C 167 34.07 26.49 -43.24
N TYR C 168 34.57 27.62 -42.73
CA TYR C 168 34.52 28.86 -43.50
C TYR C 168 35.38 28.78 -44.75
N GLY C 169 36.56 28.17 -44.64
CA GLY C 169 37.46 28.05 -45.78
C GLY C 169 37.92 29.40 -46.31
N PHE C 170 38.35 30.28 -45.41
CA PHE C 170 38.71 31.65 -45.80
C PHE C 170 39.83 31.65 -46.84
N GLN C 171 39.67 32.51 -47.83
CA GLN C 171 40.67 32.74 -48.87
C GLN C 171 40.92 34.24 -48.98
N PRO C 172 42.14 34.63 -49.36
CA PRO C 172 42.44 36.07 -49.44
C PRO C 172 41.63 36.81 -50.49
N THR C 173 41.10 36.10 -51.48
CA THR C 173 40.38 36.72 -52.59
C THR C 173 38.89 36.86 -52.33
N ASN C 174 38.39 36.45 -51.17
CA ASN C 174 36.98 36.57 -50.88
C ASN C 174 36.56 38.03 -50.82
N GLY C 175 35.27 38.27 -51.04
CA GLY C 175 34.72 39.60 -50.82
C GLY C 175 34.78 39.98 -49.35
N VAL C 176 34.79 41.29 -49.10
CA VAL C 176 35.03 41.81 -47.76
C VAL C 176 34.02 41.24 -46.77
N GLY C 177 32.75 41.13 -47.16
CA GLY C 177 31.75 40.56 -46.29
C GLY C 177 32.02 39.10 -45.93
N TYR C 178 32.76 38.38 -46.76
CA TYR C 178 33.07 36.98 -46.53
C TYR C 178 34.48 36.76 -45.99
N GLN C 179 35.24 37.82 -45.74
CA GLN C 179 36.56 37.71 -45.19
C GLN C 179 36.51 37.51 -43.67
N PRO C 180 37.54 36.90 -43.09
CA PRO C 180 37.50 36.63 -41.64
C PRO C 180 37.61 37.89 -40.81
N TYR C 181 36.87 37.91 -39.70
CA TYR C 181 36.90 38.99 -38.74
C TYR C 181 37.07 38.39 -37.35
N ARG C 182 37.98 38.96 -36.57
CA ARG C 182 38.18 38.57 -35.19
C ARG C 182 37.30 39.43 -34.29
N VAL C 183 36.64 38.77 -33.33
CA VAL C 183 35.64 39.40 -32.47
C VAL C 183 36.00 39.10 -31.02
N VAL C 184 36.00 40.15 -30.21
CA VAL C 184 36.17 40.08 -28.76
C VAL C 184 34.96 40.75 -28.12
N VAL C 185 34.26 40.00 -27.27
CA VAL C 185 33.11 40.50 -26.52
C VAL C 185 33.54 40.65 -25.07
N LEU C 186 33.47 41.88 -24.56
CA LEU C 186 33.79 42.18 -23.17
C LEU C 186 32.48 42.35 -22.41
N SER C 187 32.28 41.54 -21.38
CA SER C 187 31.16 41.66 -20.47
C SER C 187 31.68 42.16 -19.12
N PHE C 188 30.98 43.11 -18.53
CA PHE C 188 31.38 43.73 -17.27
C PHE C 188 30.43 43.25 -16.17
N GLU C 189 30.96 42.49 -15.22
CA GLU C 189 30.20 41.98 -14.09
C GLU C 189 30.43 42.88 -12.89
N LEU C 190 29.34 43.43 -12.35
CA LEU C 190 29.35 44.29 -11.17
C LEU C 190 28.47 43.66 -10.10
N LEU C 191 29.09 43.07 -9.08
CA LEU C 191 28.39 42.56 -7.91
C LEU C 191 28.60 43.51 -6.74
N HIS C 192 27.86 43.27 -5.66
CA HIS C 192 28.11 43.98 -4.40
C HIS C 192 29.25 43.25 -3.70
N ALA C 193 30.46 43.56 -4.15
CA ALA C 193 31.68 42.92 -3.68
C ALA C 193 32.84 43.85 -4.03
N PRO C 194 34.00 43.68 -3.39
CA PRO C 194 35.15 44.52 -3.75
C PRO C 194 35.48 44.38 -5.23
N ALA C 195 35.51 45.51 -5.92
CA ALA C 195 35.81 45.51 -7.35
C ALA C 195 37.28 45.19 -7.58
N THR C 196 37.54 44.40 -8.62
CA THR C 196 38.90 43.97 -8.93
C THR C 196 39.42 44.51 -10.25
N VAL C 197 38.55 45.04 -11.11
CA VAL C 197 38.95 45.60 -12.41
C VAL C 197 38.52 47.06 -12.44
N CYS C 198 39.50 47.96 -12.53
CA CYS C 198 39.24 49.38 -12.61
C CYS C 198 40.08 49.99 -13.74
N GLY C 199 39.57 51.06 -14.32
CA GLY C 199 40.38 51.92 -15.13
C GLY C 199 41.25 52.80 -14.26
N PRO C 200 42.16 53.54 -14.91
CA PRO C 200 43.01 54.44 -14.12
C PRO C 200 42.23 55.63 -13.60
N LYS C 201 41.88 55.55 -12.31
CA LYS C 201 41.06 56.49 -11.55
C LYS C 201 40.47 55.70 -10.39
N THR D 6 1.99 35.08 -17.77
CA THR D 6 1.10 36.18 -17.48
C THR D 6 -0.34 35.87 -17.89
N ASN D 7 -0.98 34.98 -17.14
CA ASN D 7 -2.37 34.63 -17.41
C ASN D 7 -3.30 35.78 -17.03
N LEU D 8 -4.34 35.98 -17.83
CA LEU D 8 -5.23 37.12 -17.66
C LEU D 8 -6.08 36.96 -16.40
N CYS D 9 -6.38 38.10 -15.78
CA CYS D 9 -7.27 38.10 -14.63
C CYS D 9 -8.70 37.84 -15.09
N PRO D 10 -9.45 36.96 -14.43
CA PRO D 10 -10.80 36.60 -14.87
C PRO D 10 -11.85 37.65 -14.50
N PHE D 11 -11.71 38.84 -15.08
CA PHE D 11 -12.75 39.86 -14.90
C PHE D 11 -14.03 39.50 -15.64
N GLY D 12 -13.95 38.62 -16.63
CA GLY D 12 -15.16 38.21 -17.34
C GLY D 12 -16.10 37.41 -16.47
N GLU D 13 -15.56 36.57 -15.59
CA GLU D 13 -16.42 35.79 -14.70
C GLU D 13 -17.24 36.69 -13.79
N VAL D 14 -16.75 37.88 -13.47
CA VAL D 14 -17.47 38.80 -12.61
C VAL D 14 -18.39 39.72 -13.42
N PHE D 15 -17.84 40.41 -14.42
CA PHE D 15 -18.61 41.39 -15.16
C PHE D 15 -19.62 40.74 -16.11
N ASN D 16 -19.33 39.53 -16.59
CA ASN D 16 -20.14 38.87 -17.60
C ASN D 16 -20.88 37.65 -17.07
N ALA D 17 -21.09 37.57 -15.76
CA ALA D 17 -21.83 36.46 -15.19
C ALA D 17 -23.29 36.49 -15.62
N THR D 18 -23.87 35.31 -15.81
CA THR D 18 -25.26 35.23 -16.26
C THR D 18 -26.22 35.84 -15.24
N ARG D 19 -26.02 35.54 -13.96
CA ARG D 19 -26.89 36.03 -12.90
C ARG D 19 -26.03 36.68 -11.82
N PHE D 20 -26.45 37.87 -11.39
CA PHE D 20 -25.80 38.57 -10.30
C PHE D 20 -26.53 38.28 -8.99
N ALA D 21 -25.86 38.61 -7.88
CA ALA D 21 -26.43 38.40 -6.56
C ALA D 21 -27.27 39.59 -6.14
N SER D 22 -28.16 39.34 -5.18
CA SER D 22 -28.89 40.42 -4.54
C SER D 22 -27.92 41.26 -3.71
N VAL D 23 -28.28 42.53 -3.50
CA VAL D 23 -27.37 43.45 -2.83
C VAL D 23 -27.15 43.04 -1.37
N TYR D 24 -28.19 42.51 -0.72
CA TYR D 24 -28.02 42.08 0.67
C TYR D 24 -27.11 40.87 0.77
N ALA D 25 -27.05 40.04 -0.27
CA ALA D 25 -26.20 38.87 -0.33
C ALA D 25 -25.16 39.01 -1.43
N TRP D 26 -24.54 40.18 -1.50
CA TRP D 26 -23.60 40.50 -2.58
C TRP D 26 -22.44 39.51 -2.60
N ASN D 27 -21.90 39.29 -3.80
CA ASN D 27 -20.83 38.32 -3.97
C ASN D 27 -19.47 39.02 -3.96
N ARG D 28 -18.45 38.29 -3.52
CA ARG D 28 -17.07 38.76 -3.57
C ARG D 28 -16.19 37.69 -4.18
N LYS D 29 -15.34 38.10 -5.12
CA LYS D 29 -14.31 37.23 -5.69
C LYS D 29 -12.95 37.91 -5.53
N ARG D 30 -11.95 37.11 -5.16
CA ARG D 30 -10.58 37.61 -5.02
C ARG D 30 -9.80 37.36 -6.30
N ILE D 31 -9.23 38.43 -6.84
CA ILE D 31 -8.41 38.40 -8.05
C ILE D 31 -6.95 38.49 -7.60
N SER D 32 -6.17 37.47 -7.97
CA SER D 32 -4.77 37.41 -7.59
C SER D 32 -4.02 36.52 -8.57
N ASN D 33 -2.70 36.74 -8.63
CA ASN D 33 -1.78 35.92 -9.44
C ASN D 33 -2.19 35.92 -10.91
N CYS D 34 -2.32 37.13 -11.46
CA CYS D 34 -2.71 37.30 -12.85
C CYS D 34 -2.37 38.72 -13.29
N VAL D 35 -2.43 38.95 -14.59
CA VAL D 35 -2.23 40.26 -15.18
C VAL D 35 -3.60 40.85 -15.51
N ALA D 36 -3.86 42.06 -15.02
CA ALA D 36 -5.15 42.70 -15.14
C ALA D 36 -5.10 43.73 -16.27
N ASP D 37 -5.86 43.48 -17.33
CA ASP D 37 -6.00 44.44 -18.43
C ASP D 37 -7.11 45.39 -18.05
N TYR D 38 -6.74 46.48 -17.37
CA TYR D 38 -7.73 47.46 -16.95
C TYR D 38 -8.27 48.30 -18.11
N SER D 39 -7.62 48.26 -19.27
CA SER D 39 -8.04 49.13 -20.36
C SER D 39 -9.44 48.79 -20.85
N VAL D 40 -9.71 47.49 -21.05
CA VAL D 40 -10.99 47.07 -21.56
C VAL D 40 -12.11 47.51 -20.64
N LEU D 41 -11.91 47.38 -19.33
CA LEU D 41 -12.95 47.80 -18.39
C LEU D 41 -13.07 49.31 -18.35
N TYR D 42 -11.95 50.02 -18.21
CA TYR D 42 -12.04 51.44 -17.89
C TYR D 42 -12.46 52.29 -19.09
N ASN D 43 -12.30 51.81 -20.32
CA ASN D 43 -12.84 52.59 -21.43
C ASN D 43 -13.62 51.80 -22.48
N SER D 44 -13.46 50.48 -22.60
CA SER D 44 -14.05 49.75 -23.71
C SER D 44 -15.57 49.61 -23.56
N ALA D 45 -16.01 48.98 -22.48
CA ALA D 45 -17.43 48.67 -22.33
C ALA D 45 -18.25 49.94 -22.05
N SER D 46 -19.57 49.77 -22.05
CA SER D 46 -20.50 50.87 -21.82
C SER D 46 -20.96 50.81 -20.37
N PHE D 47 -20.43 51.72 -19.55
CA PHE D 47 -20.77 51.81 -18.14
C PHE D 47 -21.39 53.17 -17.85
N SER D 48 -22.52 53.18 -17.13
CA SER D 48 -23.11 54.45 -16.73
C SER D 48 -22.38 55.08 -15.57
N THR D 49 -21.59 54.30 -14.82
CA THR D 49 -20.83 54.83 -13.69
C THR D 49 -19.48 54.13 -13.63
N PHE D 50 -18.40 54.91 -13.56
CA PHE D 50 -17.05 54.38 -13.40
C PHE D 50 -16.29 55.43 -12.58
N LYS D 51 -16.29 55.25 -11.26
CA LYS D 51 -15.77 56.27 -10.33
C LYS D 51 -14.75 55.65 -9.41
N CYS D 52 -13.53 56.19 -9.39
CA CYS D 52 -12.45 55.63 -8.60
C CYS D 52 -12.05 56.60 -7.49
N TYR D 53 -11.76 56.03 -6.32
CA TYR D 53 -11.40 56.78 -5.13
C TYR D 53 -10.05 56.29 -4.63
N GLY D 54 -9.13 57.23 -4.39
CA GLY D 54 -7.78 56.91 -4.02
C GLY D 54 -6.92 56.39 -5.14
N VAL D 55 -7.46 56.28 -6.36
CA VAL D 55 -6.76 55.70 -7.50
C VAL D 55 -7.26 56.40 -8.75
N SER D 56 -6.34 56.70 -9.68
CA SER D 56 -6.73 57.27 -10.97
C SER D 56 -6.98 56.16 -11.98
N PRO D 57 -8.11 56.17 -12.69
CA PRO D 57 -8.38 55.11 -13.67
C PRO D 57 -7.34 55.02 -14.77
N THR D 58 -6.76 56.15 -15.19
CA THR D 58 -5.75 56.12 -16.26
C THR D 58 -4.49 55.40 -15.82
N LYS D 59 -4.11 55.52 -14.55
CA LYS D 59 -2.92 54.86 -14.04
C LYS D 59 -3.13 53.37 -13.78
N LEU D 60 -4.29 52.82 -14.12
CA LEU D 60 -4.62 51.47 -13.69
C LEU D 60 -3.65 50.43 -14.26
N ASN D 61 -3.26 50.58 -15.53
CA ASN D 61 -2.32 49.64 -16.11
C ASN D 61 -0.90 49.80 -15.59
N ASP D 62 -0.62 50.86 -14.82
CA ASP D 62 0.70 51.13 -14.29
C ASP D 62 0.81 50.83 -12.80
N LEU D 63 -0.08 50.00 -12.26
CA LEU D 63 -0.08 49.67 -10.85
C LEU D 63 0.10 48.18 -10.64
N CYS D 64 0.71 47.83 -9.51
CA CYS D 64 0.77 46.47 -9.00
C CYS D 64 0.14 46.44 -7.61
N PHE D 65 -0.64 45.39 -7.35
CA PHE D 65 -1.32 45.26 -6.07
C PHE D 65 -1.16 43.85 -5.53
N THR D 66 -1.24 43.75 -4.20
CA THR D 66 -1.23 42.43 -3.57
C THR D 66 -2.48 41.64 -3.95
N ASN D 67 -3.65 42.27 -3.91
CA ASN D 67 -4.88 41.58 -4.27
C ASN D 67 -5.88 42.59 -4.85
N VAL D 68 -6.84 42.06 -5.58
CA VAL D 68 -8.00 42.83 -6.02
C VAL D 68 -9.24 42.11 -5.51
N TYR D 69 -10.25 42.86 -5.10
CA TYR D 69 -11.49 42.29 -4.58
C TYR D 69 -12.65 42.84 -5.38
N ALA D 70 -13.41 41.96 -6.03
CA ALA D 70 -14.53 42.35 -6.86
C ALA D 70 -15.83 41.95 -6.16
N ASP D 71 -16.59 42.94 -5.74
CA ASP D 71 -17.90 42.73 -5.12
C ASP D 71 -18.98 43.06 -6.14
N SER D 72 -19.88 42.12 -6.37
CA SER D 72 -20.88 42.24 -7.41
C SER D 72 -22.29 42.11 -6.83
N PHE D 73 -23.20 42.95 -7.32
CA PHE D 73 -24.60 42.91 -6.91
C PHE D 73 -25.44 43.70 -7.90
N VAL D 74 -26.75 43.76 -7.63
CA VAL D 74 -27.71 44.48 -8.46
C VAL D 74 -28.57 45.36 -7.56
N ILE D 75 -28.74 46.63 -7.97
CA ILE D 75 -29.60 47.55 -7.24
C ILE D 75 -30.48 48.34 -8.20
N ARG D 76 -31.23 49.30 -7.69
CA ARG D 76 -31.94 50.23 -8.56
C ARG D 76 -31.00 51.35 -9.01
N GLY D 77 -31.39 52.00 -10.11
CA GLY D 77 -30.56 53.07 -10.65
C GLY D 77 -30.38 54.21 -9.68
N ASP D 78 -31.48 54.68 -9.07
CA ASP D 78 -31.41 55.79 -8.13
C ASP D 78 -30.69 55.41 -6.83
N GLU D 79 -30.27 54.16 -6.68
CA GLU D 79 -29.47 53.74 -5.54
C GLU D 79 -27.99 53.59 -5.89
N VAL D 80 -27.61 53.73 -7.17
CA VAL D 80 -26.21 53.63 -7.56
C VAL D 80 -25.40 54.71 -6.84
N ARG D 81 -25.99 55.88 -6.64
CA ARG D 81 -25.34 56.97 -5.92
C ARG D 81 -24.96 56.58 -4.49
N GLN D 82 -25.62 55.59 -3.90
CA GLN D 82 -25.31 55.19 -2.55
C GLN D 82 -24.03 54.37 -2.45
N ILE D 83 -23.53 53.85 -3.56
CA ILE D 83 -22.32 53.00 -3.53
C ILE D 83 -21.15 53.97 -3.71
N ALA D 84 -20.75 54.58 -2.60
CA ALA D 84 -19.69 55.58 -2.55
C ALA D 84 -19.41 55.88 -1.07
N PRO D 85 -18.19 56.29 -0.73
CA PRO D 85 -17.90 56.60 0.68
C PRO D 85 -18.76 57.74 1.20
N GLY D 86 -19.19 57.61 2.45
CA GLY D 86 -19.88 58.70 3.13
C GLY D 86 -21.30 58.96 2.68
N GLN D 87 -22.00 57.94 2.16
CA GLN D 87 -23.37 58.11 1.71
C GLN D 87 -24.33 57.36 2.63
N THR D 88 -25.58 57.84 2.67
CA THR D 88 -26.64 57.24 3.45
C THR D 88 -27.72 56.69 2.53
N GLY D 89 -28.74 56.08 3.13
CA GLY D 89 -29.78 55.39 2.41
C GLY D 89 -29.83 53.92 2.79
N LYS D 90 -30.92 53.28 2.34
CA LYS D 90 -31.17 51.90 2.74
C LYS D 90 -30.05 50.97 2.27
N ILE D 91 -29.56 51.16 1.04
CA ILE D 91 -28.52 50.28 0.53
C ILE D 91 -27.22 50.46 1.32
N ALA D 92 -26.80 51.71 1.52
CA ALA D 92 -25.56 51.95 2.24
C ALA D 92 -25.68 51.55 3.70
N ASP D 93 -26.81 51.84 4.34
CA ASP D 93 -26.95 51.58 5.76
C ASP D 93 -27.12 50.09 6.05
N TYR D 94 -27.90 49.39 5.23
CA TYR D 94 -28.36 48.05 5.57
C TYR D 94 -27.92 46.95 4.61
N ASN D 95 -27.38 47.30 3.44
CA ASN D 95 -27.05 46.29 2.43
C ASN D 95 -25.57 46.24 2.10
N TYR D 96 -24.96 47.37 1.72
CA TYR D 96 -23.56 47.38 1.31
C TYR D 96 -22.95 48.73 1.68
N LYS D 97 -21.90 48.71 2.49
CA LYS D 97 -21.27 49.91 2.98
C LYS D 97 -19.78 49.91 2.63
N LEU D 98 -19.33 50.99 2.00
CA LEU D 98 -17.94 51.27 1.67
C LEU D 98 -17.29 52.15 2.74
N PRO D 99 -16.06 51.85 3.13
CA PRO D 99 -15.39 52.67 4.14
C PRO D 99 -15.13 54.08 3.62
N ASP D 100 -14.89 54.99 4.56
CA ASP D 100 -14.59 56.37 4.19
C ASP D 100 -13.29 56.47 3.39
N ASP D 101 -12.32 55.60 3.67
CA ASP D 101 -11.02 55.64 3.03
C ASP D 101 -10.96 54.81 1.75
N PHE D 102 -12.09 54.58 1.09
CA PHE D 102 -12.17 53.54 0.07
C PHE D 102 -11.13 53.73 -1.01
N THR D 103 -10.35 52.69 -1.26
CA THR D 103 -9.35 52.64 -2.33
C THR D 103 -9.86 51.66 -3.38
N GLY D 104 -10.30 52.18 -4.51
CA GLY D 104 -10.79 51.33 -5.57
C GLY D 104 -11.85 52.05 -6.39
N CYS D 105 -12.47 51.29 -7.29
CA CYS D 105 -13.42 51.85 -8.24
C CYS D 105 -14.80 51.22 -8.06
N VAL D 106 -15.82 51.98 -8.45
CA VAL D 106 -17.20 51.52 -8.49
C VAL D 106 -17.66 51.61 -9.94
N ILE D 107 -18.20 50.52 -10.45
CA ILE D 107 -18.62 50.39 -11.84
C ILE D 107 -20.08 49.96 -11.84
N ALA D 108 -20.90 50.65 -12.62
CA ALA D 108 -22.33 50.35 -12.64
C ALA D 108 -22.87 50.55 -14.05
N TRP D 109 -23.73 49.64 -14.48
CA TRP D 109 -24.35 49.74 -15.80
C TRP D 109 -25.78 49.22 -15.76
N ASN D 110 -26.60 49.75 -16.67
CA ASN D 110 -28.00 49.36 -16.75
C ASN D 110 -28.12 47.94 -17.27
N SER D 111 -28.90 47.12 -16.56
CA SER D 111 -29.10 45.72 -16.91
C SER D 111 -30.59 45.41 -17.06
N ASN D 112 -31.35 46.37 -17.59
CA ASN D 112 -32.79 46.18 -17.73
C ASN D 112 -33.11 45.04 -18.69
N ASN D 113 -32.32 44.89 -19.75
CA ASN D 113 -32.56 43.83 -20.72
C ASN D 113 -32.25 42.44 -20.15
N LEU D 114 -31.49 42.36 -19.06
CA LEU D 114 -31.09 41.08 -18.49
C LEU D 114 -31.78 40.73 -17.19
N ASP D 115 -32.09 41.71 -16.35
CA ASP D 115 -32.59 41.46 -15.01
C ASP D 115 -34.07 41.82 -14.83
N SER D 116 -34.76 42.24 -15.89
CA SER D 116 -36.17 42.57 -15.81
C SER D 116 -36.99 41.51 -16.53
N LYS D 117 -38.19 41.28 -16.01
CA LYS D 117 -39.15 40.36 -16.60
C LYS D 117 -40.52 41.01 -16.58
N VAL D 118 -41.25 40.93 -17.69
CA VAL D 118 -42.61 41.45 -17.71
C VAL D 118 -43.46 40.66 -16.73
N GLY D 119 -44.13 41.36 -15.83
CA GLY D 119 -44.73 40.75 -14.66
C GLY D 119 -43.86 40.80 -13.42
N GLY D 120 -42.58 41.09 -13.56
CA GLY D 120 -41.71 41.28 -12.41
C GLY D 120 -40.69 40.17 -12.18
N ASN D 121 -39.43 40.56 -12.04
CA ASN D 121 -38.37 39.65 -11.60
C ASN D 121 -38.19 39.83 -10.11
N TYR D 122 -38.57 38.82 -9.32
CA TYR D 122 -38.56 38.91 -7.87
C TYR D 122 -37.33 38.26 -7.25
N ASN D 123 -36.38 37.83 -8.06
CA ASN D 123 -35.19 37.16 -7.52
C ASN D 123 -34.26 38.13 -6.80
N TYR D 124 -34.23 39.39 -7.22
CA TYR D 124 -33.38 40.39 -6.58
C TYR D 124 -34.10 41.03 -5.41
N LEU D 125 -33.43 41.07 -4.26
CA LEU D 125 -33.99 41.58 -3.02
C LEU D 125 -33.07 42.64 -2.44
N TYR D 126 -33.60 43.39 -1.46
CA TYR D 126 -32.79 44.29 -0.67
C TYR D 126 -33.35 44.35 0.74
N ARG D 127 -32.47 44.64 1.70
CA ARG D 127 -32.87 44.69 3.11
C ARG D 127 -33.45 46.05 3.44
N LEU D 128 -34.61 46.05 4.12
CA LEU D 128 -35.33 47.28 4.42
C LEU D 128 -34.87 47.95 5.70
N PHE D 129 -34.51 47.18 6.73
CA PHE D 129 -34.15 47.77 8.01
C PHE D 129 -33.21 46.86 8.78
N ARG D 130 -32.47 47.46 9.69
CA ARG D 130 -31.61 46.77 10.65
C ARG D 130 -31.59 47.58 11.94
N LYS D 131 -31.21 46.92 13.03
CA LYS D 131 -31.09 47.62 14.30
C LYS D 131 -30.01 48.70 14.25
N SER D 132 -28.99 48.49 13.43
CA SER D 132 -27.89 49.45 13.29
C SER D 132 -27.38 49.39 11.86
N ASN D 133 -26.64 50.43 11.48
CA ASN D 133 -26.06 50.48 10.15
C ASN D 133 -24.92 49.47 10.03
N LEU D 134 -24.71 49.00 8.81
CA LEU D 134 -23.64 48.05 8.54
C LEU D 134 -22.28 48.70 8.74
N LYS D 135 -21.33 47.93 9.26
CA LYS D 135 -19.94 48.34 9.24
C LYS D 135 -19.42 48.26 7.81
N PRO D 136 -18.32 48.93 7.50
CA PRO D 136 -17.75 48.82 6.15
C PRO D 136 -17.49 47.37 5.77
N PHE D 137 -17.95 46.99 4.58
CA PHE D 137 -17.83 45.66 4.00
C PHE D 137 -18.58 44.59 4.79
N GLU D 138 -19.47 44.98 5.70
CA GLU D 138 -20.25 43.99 6.43
C GLU D 138 -21.33 43.40 5.53
N ARG D 139 -21.73 42.16 5.82
CA ARG D 139 -22.67 41.42 5.00
C ARG D 139 -23.67 40.72 5.90
N ASP D 140 -24.95 41.06 5.75
CA ASP D 140 -26.03 40.48 6.55
C ASP D 140 -26.99 39.76 5.61
N ILE D 141 -27.06 38.45 5.72
CA ILE D 141 -27.95 37.63 4.89
C ILE D 141 -29.02 36.96 5.73
N SER D 142 -29.16 37.31 7.01
CA SER D 142 -30.16 36.71 7.86
C SER D 142 -31.56 37.16 7.43
N THR D 143 -32.50 36.21 7.45
CA THR D 143 -33.90 36.47 7.13
C THR D 143 -34.78 36.53 8.37
N GLU D 144 -34.21 36.95 9.50
CA GLU D 144 -34.96 37.01 10.74
C GLU D 144 -35.97 38.15 10.72
N ILE D 145 -37.14 37.90 11.31
CA ILE D 145 -38.19 38.91 11.35
C ILE D 145 -37.75 40.07 12.22
N TYR D 146 -37.93 41.29 11.71
CA TYR D 146 -37.49 42.49 12.41
C TYR D 146 -38.48 42.84 13.52
N GLN D 147 -37.97 43.00 14.74
CA GLN D 147 -38.79 43.39 15.90
CA GLN D 147 -38.79 43.39 15.90
C GLN D 147 -38.66 44.90 16.08
N ALA D 148 -39.71 45.63 15.71
CA ALA D 148 -39.71 47.08 15.83
C ALA D 148 -40.35 47.56 17.13
N GLY D 149 -40.84 46.65 17.97
CA GLY D 149 -41.54 47.03 19.18
C GLY D 149 -41.10 46.19 20.37
N SER D 150 -41.71 46.49 21.51
CA SER D 150 -41.37 45.76 22.75
C SER D 150 -41.82 44.32 22.68
N THR D 151 -42.95 44.05 22.04
CA THR D 151 -43.45 42.69 21.94
C THR D 151 -42.61 41.89 20.95
N PRO D 152 -42.26 40.66 21.28
CA PRO D 152 -41.43 39.84 20.38
C PRO D 152 -42.25 39.24 19.25
N CYS D 153 -41.53 38.70 18.27
CA CYS D 153 -42.10 37.89 17.20
C CYS D 153 -41.65 36.44 17.39
N ASN D 154 -42.47 35.51 16.90
CA ASN D 154 -42.23 34.08 17.07
C ASN D 154 -42.28 33.37 15.73
N GLY D 155 -41.56 33.90 14.73
CA GLY D 155 -41.66 33.37 13.40
C GLY D 155 -42.94 33.74 12.69
N VAL D 156 -43.68 34.71 13.21
CA VAL D 156 -44.94 35.15 12.66
C VAL D 156 -44.79 36.61 12.26
N GLU D 157 -45.03 36.92 10.99
CA GLU D 157 -45.11 38.31 10.56
C GLU D 157 -46.42 38.92 11.02
N GLY D 158 -46.37 40.18 11.41
CA GLY D 158 -47.55 40.88 11.90
C GLY D 158 -47.28 42.32 12.28
N PHE D 159 -48.07 42.86 13.20
CA PHE D 159 -47.86 44.22 13.66
C PHE D 159 -46.49 44.36 14.32
N ASN D 160 -45.70 45.31 13.84
CA ASN D 160 -44.34 45.54 14.33
C ASN D 160 -43.46 44.30 14.23
N CYS D 161 -43.78 43.40 13.29
CA CYS D 161 -42.98 42.21 13.01
C CYS D 161 -42.88 42.11 11.48
N TYR D 162 -41.86 42.74 10.93
CA TYR D 162 -41.73 42.89 9.49
C TYR D 162 -40.66 41.94 8.96
N PHE D 163 -40.98 41.25 7.88
CA PHE D 163 -39.97 40.51 7.15
C PHE D 163 -38.96 41.49 6.56
N PRO D 164 -37.66 41.31 6.78
CA PRO D 164 -36.71 42.39 6.50
C PRO D 164 -36.34 42.58 5.04
N LEU D 165 -36.58 41.60 4.18
CA LEU D 165 -36.18 41.67 2.79
C LEU D 165 -37.39 41.99 1.91
N GLN D 166 -37.18 42.90 0.96
CA GLN D 166 -38.21 43.24 -0.03
C GLN D 166 -37.65 43.06 -1.42
N SER D 167 -38.47 42.50 -2.31
CA SER D 167 -38.07 42.26 -3.69
C SER D 167 -38.20 43.53 -4.52
N TYR D 168 -37.23 43.76 -5.41
CA TYR D 168 -37.30 44.89 -6.32
C TYR D 168 -38.45 44.73 -7.31
N GLY D 169 -38.67 43.51 -7.82
CA GLY D 169 -39.71 43.27 -8.79
C GLY D 169 -39.50 44.00 -10.09
N PHE D 170 -38.28 43.93 -10.63
CA PHE D 170 -37.93 44.70 -11.82
C PHE D 170 -38.81 44.30 -13.01
N GLN D 171 -39.32 45.31 -13.70
CA GLN D 171 -40.10 45.15 -14.93
C GLN D 171 -39.50 46.03 -16.00
N PRO D 172 -39.56 45.60 -17.27
CA PRO D 172 -38.92 46.37 -18.35
C PRO D 172 -39.49 47.77 -18.51
N THR D 173 -40.73 48.00 -18.09
CA THR D 173 -41.41 49.27 -18.32
C THR D 173 -41.18 50.28 -17.20
N ASN D 174 -40.40 49.95 -16.19
CA ASN D 174 -40.16 50.86 -15.08
C ASN D 174 -39.39 52.09 -15.54
N GLY D 175 -39.45 53.15 -14.73
CA GLY D 175 -38.61 54.29 -14.95
C GLY D 175 -37.14 53.95 -14.76
N VAL D 176 -36.28 54.76 -15.40
CA VAL D 176 -34.86 54.43 -15.44
C VAL D 176 -34.25 54.41 -14.05
N GLY D 177 -34.81 55.20 -13.12
CA GLY D 177 -34.34 55.16 -11.75
C GLY D 177 -34.75 53.91 -11.00
N TYR D 178 -35.76 53.20 -11.48
CA TYR D 178 -36.21 51.95 -10.88
C TYR D 178 -35.81 50.72 -11.68
N GLN D 179 -35.07 50.88 -12.77
CA GLN D 179 -34.58 49.76 -13.56
C GLN D 179 -33.37 49.12 -12.89
N PRO D 180 -33.13 47.83 -13.14
CA PRO D 180 -32.00 47.16 -12.49
C PRO D 180 -30.66 47.64 -13.04
N TYR D 181 -29.70 47.78 -12.14
CA TYR D 181 -28.33 48.14 -12.49
C TYR D 181 -27.37 47.16 -11.82
N ARG D 182 -26.40 46.69 -12.59
CA ARG D 182 -25.36 45.81 -12.08
C ARG D 182 -24.17 46.64 -11.64
N VAL D 183 -23.66 46.33 -10.44
CA VAL D 183 -22.61 47.10 -9.79
C VAL D 183 -21.48 46.16 -9.40
N VAL D 184 -20.25 46.53 -9.75
CA VAL D 184 -19.03 45.84 -9.36
C VAL D 184 -18.12 46.85 -8.68
N VAL D 185 -17.69 46.54 -7.46
CA VAL D 185 -16.79 47.36 -6.67
C VAL D 185 -15.44 46.66 -6.62
N LEU D 186 -14.42 47.30 -7.17
CA LEU D 186 -13.06 46.79 -7.14
C LEU D 186 -12.30 47.50 -6.03
N SER D 187 -11.81 46.72 -5.07
CA SER D 187 -10.94 47.21 -4.02
C SER D 187 -9.52 46.72 -4.28
N PHE D 188 -8.54 47.58 -4.07
CA PHE D 188 -7.14 47.27 -4.33
C PHE D 188 -6.40 47.16 -3.01
N GLU D 189 -5.91 45.97 -2.70
CA GLU D 189 -5.12 45.72 -1.50
C GLU D 189 -3.64 45.74 -1.87
N LEU D 190 -2.90 46.64 -1.23
CA LEU D 190 -1.47 46.81 -1.44
C LEU D 190 -0.79 46.64 -0.08
N LEU D 191 -0.26 45.46 0.18
CA LEU D 191 0.53 45.18 1.37
C LEU D 191 2.02 45.28 1.04
N HIS D 192 2.84 45.21 2.07
CA HIS D 192 4.29 45.12 1.89
C HIS D 192 4.62 43.64 1.64
N ALA D 193 4.36 43.21 0.42
CA ALA D 193 4.48 41.82 0.02
C ALA D 193 4.60 41.76 -1.49
N PRO D 194 5.07 40.64 -2.05
CA PRO D 194 5.12 40.53 -3.51
C PRO D 194 3.75 40.69 -4.13
N ALA D 195 3.64 41.62 -5.08
CA ALA D 195 2.37 41.90 -5.73
C ALA D 195 2.03 40.78 -6.72
N THR D 196 0.75 40.40 -6.74
CA THR D 196 0.28 39.33 -7.60
C THR D 196 -0.62 39.81 -8.73
N VAL D 197 -1.11 41.04 -8.68
CA VAL D 197 -1.96 41.60 -9.72
C VAL D 197 -1.26 42.85 -10.26
N CYS D 198 -0.84 42.78 -11.51
CA CYS D 198 -0.20 43.90 -12.20
C CYS D 198 -0.82 44.06 -13.58
N GLY D 199 -0.99 45.30 -14.00
CA GLY D 199 -1.32 45.58 -15.38
C GLY D 199 -0.07 45.53 -16.22
N PRO D 200 -0.21 45.29 -17.53
CA PRO D 200 0.96 45.39 -18.41
C PRO D 200 1.48 46.82 -18.42
N LYS D 201 2.75 46.98 -18.06
CA LYS D 201 3.43 48.25 -17.79
C LYS D 201 2.77 49.51 -18.37
N GLN E 1 6.93 -38.67 -31.97
CA GLN E 1 7.02 -38.45 -30.53
C GLN E 1 6.66 -37.02 -30.20
N SER E 2 5.37 -36.69 -30.36
CA SER E 2 4.88 -35.34 -30.17
C SER E 2 3.64 -35.37 -29.30
N LEU E 3 3.37 -34.25 -28.64
CA LEU E 3 2.18 -34.08 -27.82
C LEU E 3 1.42 -32.86 -28.29
N GLU E 4 0.10 -32.97 -28.35
CA GLU E 4 -0.77 -31.88 -28.75
C GLU E 4 -1.92 -31.77 -27.75
N GLU E 5 -2.04 -30.61 -27.10
CA GLU E 5 -3.16 -30.33 -26.22
C GLU E 5 -4.33 -29.77 -27.03
N SER E 6 -5.54 -30.04 -26.55
CA SER E 6 -6.74 -29.52 -27.18
C SER E 6 -7.83 -29.38 -26.13
N GLY E 7 -8.88 -28.65 -26.49
CA GLY E 7 -10.01 -28.43 -25.61
C GLY E 7 -10.01 -27.09 -24.90
N GLY E 8 -8.89 -26.36 -24.92
CA GLY E 8 -8.85 -25.03 -24.34
C GLY E 8 -9.86 -24.11 -24.99
N ASP E 9 -10.67 -23.45 -24.17
CA ASP E 9 -11.82 -22.72 -24.69
C ASP E 9 -12.14 -21.57 -23.73
N LEU E 10 -12.98 -20.65 -24.21
CA LEU E 10 -13.56 -19.63 -23.36
C LEU E 10 -14.75 -20.22 -22.63
N VAL E 11 -14.74 -20.17 -21.30
CA VAL E 11 -15.80 -20.70 -20.48
C VAL E 11 -16.19 -19.66 -19.43
N LYS E 12 -17.43 -19.75 -18.98
CA LYS E 12 -17.94 -18.86 -17.96
C LYS E 12 -17.50 -19.33 -16.57
N PRO E 13 -17.41 -18.42 -15.60
CA PRO E 13 -17.04 -18.83 -14.24
C PRO E 13 -18.01 -19.86 -13.69
N GLY E 14 -17.46 -20.84 -12.97
CA GLY E 14 -18.25 -21.92 -12.41
C GLY E 14 -18.47 -23.10 -13.33
N ALA E 15 -18.04 -23.01 -14.59
CA ALA E 15 -18.28 -24.08 -15.54
C ALA E 15 -17.20 -25.15 -15.41
N SER E 16 -17.37 -26.25 -16.14
CA SER E 16 -16.38 -27.30 -16.23
C SER E 16 -15.79 -27.32 -17.63
N LEU E 17 -14.63 -27.97 -17.74
CA LEU E 17 -13.94 -28.09 -19.02
C LEU E 17 -13.02 -29.30 -18.94
N THR E 18 -12.97 -30.07 -20.02
CA THR E 18 -12.06 -31.20 -20.12
C THR E 18 -11.04 -30.93 -21.22
N LEU E 19 -9.77 -31.01 -20.88
CA LEU E 19 -8.68 -30.85 -21.83
C LEU E 19 -8.16 -32.22 -22.25
N THR E 20 -7.66 -32.30 -23.47
CA THR E 20 -7.17 -33.55 -24.04
C THR E 20 -5.70 -33.39 -24.41
N CYS E 21 -4.91 -34.42 -24.11
CA CYS E 21 -3.52 -34.51 -24.55
C CYS E 21 -3.41 -35.72 -25.48
N THR E 22 -3.15 -35.46 -26.77
CA THR E 22 -3.12 -36.50 -27.78
C THR E 22 -1.67 -36.80 -28.15
N ALA E 23 -1.29 -38.07 -28.05
CA ALA E 23 0.05 -38.50 -28.40
C ALA E 23 0.14 -38.81 -29.89
N SER E 24 1.21 -38.33 -30.52
CA SER E 24 1.46 -38.58 -31.93
C SER E 24 2.85 -39.19 -32.09
N GLY E 25 2.93 -40.22 -32.94
CA GLY E 25 4.19 -40.90 -33.18
C GLY E 25 4.53 -41.99 -32.19
N PHE E 26 3.68 -42.24 -31.19
CA PHE E 26 3.91 -43.30 -30.23
C PHE E 26 2.58 -43.58 -29.53
N SER E 27 2.60 -44.61 -28.68
CA SER E 27 1.46 -44.97 -27.86
C SER E 27 1.93 -45.24 -26.44
N PHE E 28 1.03 -45.06 -25.48
CA PHE E 28 1.36 -45.29 -24.08
C PHE E 28 1.59 -46.76 -23.81
N SER E 29 2.68 -47.09 -23.11
CA SER E 29 2.99 -48.48 -22.82
C SER E 29 3.56 -48.68 -21.42
N GLY E 30 3.44 -47.68 -20.54
CA GLY E 30 3.93 -47.80 -19.18
C GLY E 30 5.31 -47.27 -18.92
N SER E 31 5.92 -46.57 -19.89
CA SER E 31 7.28 -46.07 -19.74
C SER E 31 7.35 -44.66 -19.14
N TYR E 32 6.22 -43.97 -19.01
CA TYR E 32 6.24 -42.59 -18.53
C TYR E 32 4.98 -42.30 -17.73
N TYR E 33 4.96 -41.13 -17.11
CA TYR E 33 3.75 -40.52 -16.58
C TYR E 33 3.41 -39.31 -17.43
N MET E 34 2.12 -39.10 -17.68
CA MET E 34 1.66 -37.93 -18.40
C MET E 34 1.20 -36.88 -17.39
N CYS E 35 1.74 -35.67 -17.51
CA CYS E 35 1.54 -34.65 -16.50
C CYS E 35 1.01 -33.38 -17.16
N TRP E 36 0.31 -32.58 -16.36
CA TRP E 36 -0.25 -31.30 -16.81
C TRP E 36 0.39 -30.17 -16.02
N VAL E 37 0.84 -29.14 -16.73
CA VAL E 37 1.44 -27.95 -16.15
C VAL E 37 0.78 -26.74 -16.77
N ARG E 38 0.43 -25.75 -15.95
CA ARG E 38 -0.26 -24.56 -16.43
C ARG E 38 0.59 -23.32 -16.19
N GLN E 39 0.24 -22.25 -16.92
CA GLN E 39 0.99 -21.01 -16.87
C GLN E 39 0.02 -19.87 -17.16
N ALA E 40 -0.32 -19.10 -16.12
CA ALA E 40 -1.17 -17.94 -16.32
C ALA E 40 -0.44 -16.91 -17.17
N PRO E 41 -1.19 -16.09 -17.93
CA PRO E 41 -0.54 -15.11 -18.82
C PRO E 41 0.46 -14.22 -18.09
N GLY E 42 1.71 -14.22 -18.56
CA GLY E 42 2.75 -13.42 -17.96
C GLY E 42 3.27 -13.93 -16.63
N LYS E 43 2.96 -15.16 -16.25
CA LYS E 43 3.31 -15.71 -14.95
C LYS E 43 4.23 -16.92 -15.13
N GLY E 44 4.49 -17.61 -14.03
CA GLY E 44 5.35 -18.78 -14.03
C GLY E 44 4.59 -20.07 -14.28
N LEU E 45 5.26 -21.17 -14.02
CA LEU E 45 4.75 -22.51 -14.27
C LEU E 45 4.26 -23.15 -12.97
N GLU E 46 3.13 -23.84 -13.05
CA GLU E 46 2.52 -24.48 -11.89
C GLU E 46 2.13 -25.91 -12.27
N TRP E 47 2.72 -26.88 -11.58
CA TRP E 47 2.38 -28.28 -11.81
C TRP E 47 1.00 -28.60 -11.25
N ILE E 48 0.26 -29.45 -11.96
CA ILE E 48 -1.12 -29.80 -11.60
C ILE E 48 -1.22 -31.27 -11.20
N ALA E 49 -0.94 -32.19 -12.12
CA ALA E 49 -1.21 -33.60 -11.88
C ALA E 49 -0.37 -34.47 -12.81
N CYS E 50 -0.22 -35.73 -12.43
CA CYS E 50 0.42 -36.75 -13.25
C CYS E 50 -0.38 -38.03 -13.16
N ILE E 51 -0.31 -38.86 -14.20
CA ILE E 51 -0.92 -40.18 -14.19
C ILE E 51 -0.03 -41.17 -14.95
N TYR E 52 0.07 -42.39 -14.42
CA TYR E 52 0.80 -43.45 -15.09
C TYR E 52 0.17 -43.76 -16.44
N ASP E 53 0.95 -43.69 -17.52
CA ASP E 53 0.38 -43.89 -18.84
C ASP E 53 0.15 -45.35 -19.18
N GLY E 54 0.55 -46.27 -18.31
CA GLY E 54 0.20 -47.66 -18.45
C GLY E 54 -1.10 -48.05 -17.77
N SER E 55 -1.87 -47.08 -17.30
CA SER E 55 -3.13 -47.34 -16.63
C SER E 55 -4.15 -47.96 -17.60
N TYR E 56 -5.22 -48.49 -17.02
CA TYR E 56 -6.33 -48.99 -17.83
C TYR E 56 -7.04 -47.83 -18.53
N ASP E 57 -7.61 -48.13 -19.69
CA ASP E 57 -8.41 -47.15 -20.41
C ASP E 57 -9.59 -46.72 -19.55
N GLY E 58 -9.80 -45.40 -19.45
CA GLY E 58 -10.88 -44.87 -18.66
C GLY E 58 -10.64 -44.82 -17.16
N SER E 59 -9.40 -45.01 -16.72
CA SER E 59 -9.08 -45.06 -15.31
C SER E 59 -8.44 -43.75 -14.85
N SER E 60 -8.74 -43.38 -13.61
CA SER E 60 -8.11 -42.25 -12.94
C SER E 60 -7.14 -42.69 -11.84
N ASP E 61 -6.84 -43.99 -11.76
CA ASP E 61 -5.92 -44.49 -10.76
C ASP E 61 -4.48 -44.11 -11.11
N ASN E 62 -3.58 -44.40 -10.17
CA ASN E 62 -2.15 -44.16 -10.36
C ASN E 62 -1.87 -42.70 -10.69
N ALA E 63 -2.56 -41.80 -10.01
CA ALA E 63 -2.52 -40.37 -10.30
C ALA E 63 -2.12 -39.60 -9.05
N TYR E 64 -1.46 -38.47 -9.26
CA TYR E 64 -1.06 -37.57 -8.20
C TYR E 64 -1.52 -36.16 -8.54
N TYR E 65 -1.83 -35.38 -7.50
CA TYR E 65 -2.36 -34.04 -7.68
C TYR E 65 -1.66 -33.06 -6.75
N ALA E 66 -1.45 -31.85 -7.24
CA ALA E 66 -1.10 -30.75 -6.34
C ALA E 66 -2.22 -30.56 -5.32
N SER E 67 -1.84 -30.15 -4.10
CA SER E 67 -2.81 -30.06 -3.02
C SER E 67 -3.95 -29.10 -3.36
N TRP E 68 -3.64 -28.00 -4.05
CA TRP E 68 -4.69 -27.06 -4.43
C TRP E 68 -5.60 -27.62 -5.51
N ALA E 69 -5.09 -28.54 -6.34
CA ALA E 69 -5.85 -29.06 -7.47
C ALA E 69 -6.65 -30.31 -7.15
N LYS E 70 -6.35 -30.99 -6.03
CA LYS E 70 -6.98 -32.26 -5.73
C LYS E 70 -8.49 -32.12 -5.61
N GLY E 71 -9.21 -33.06 -6.20
CA GLY E 71 -10.67 -33.05 -6.16
C GLY E 71 -11.34 -32.16 -7.19
N ARG E 72 -10.86 -30.93 -7.35
CA ARG E 72 -11.38 -30.04 -8.38
C ARG E 72 -10.84 -30.39 -9.76
N PHE E 73 -9.73 -31.13 -9.82
CA PHE E 73 -9.13 -31.59 -11.06
C PHE E 73 -9.10 -33.12 -11.08
N THR E 74 -9.39 -33.69 -12.23
CA THR E 74 -9.33 -35.14 -12.43
C THR E 74 -8.55 -35.43 -13.70
N ILE E 75 -7.51 -36.26 -13.58
CA ILE E 75 -6.70 -36.66 -14.72
C ILE E 75 -7.00 -38.14 -15.00
N SER E 76 -7.13 -38.48 -16.27
CA SER E 76 -7.49 -39.83 -16.67
C SER E 76 -6.79 -40.20 -17.96
N LYS E 77 -6.51 -41.49 -18.11
CA LYS E 77 -6.09 -42.06 -19.39
C LYS E 77 -7.31 -42.69 -20.05
N THR E 78 -7.64 -42.20 -21.25
CA THR E 78 -8.82 -42.67 -21.96
C THR E 78 -8.50 -43.59 -23.13
N SER E 79 -7.27 -43.61 -23.62
CA SER E 79 -6.88 -44.52 -24.68
C SER E 79 -5.35 -44.62 -24.67
N SER E 80 -4.83 -45.42 -25.61
CA SER E 80 -3.38 -45.58 -25.73
C SER E 80 -2.69 -44.33 -26.23
N THR E 81 -3.45 -43.31 -26.65
CA THR E 81 -2.87 -42.06 -27.14
C THR E 81 -3.50 -40.81 -26.54
N THR E 82 -4.44 -40.92 -25.60
CA THR E 82 -5.12 -39.75 -25.07
C THR E 82 -5.18 -39.79 -23.55
N VAL E 83 -4.83 -38.66 -22.92
CA VAL E 83 -4.99 -38.43 -21.49
C VAL E 83 -5.75 -37.12 -21.33
N THR E 84 -6.74 -37.10 -20.43
CA THR E 84 -7.59 -35.94 -20.24
C THR E 84 -7.37 -35.31 -18.87
N LEU E 85 -7.72 -34.03 -18.78
CA LEU E 85 -7.73 -33.28 -17.52
C LEU E 85 -9.08 -32.58 -17.42
N GLN E 86 -9.92 -33.01 -16.49
CA GLN E 86 -11.21 -32.37 -16.24
C GLN E 86 -11.08 -31.38 -15.10
N MET E 87 -11.50 -30.14 -15.33
CA MET E 87 -11.43 -29.09 -14.34
C MET E 87 -12.82 -28.51 -14.12
N THR E 88 -13.22 -28.39 -12.86
CA THR E 88 -14.53 -27.90 -12.47
C THR E 88 -14.38 -26.63 -11.63
N SER E 89 -15.51 -25.97 -11.40
CA SER E 89 -15.59 -24.79 -10.55
C SER E 89 -14.56 -23.73 -10.96
N LEU E 90 -14.49 -23.49 -12.26
CA LEU E 90 -13.47 -22.60 -12.80
C LEU E 90 -13.74 -21.15 -12.41
N THR E 91 -12.66 -20.44 -12.09
CA THR E 91 -12.69 -19.00 -11.84
C THR E 91 -11.61 -18.35 -12.70
N ALA E 92 -11.56 -17.01 -12.65
CA ALA E 92 -10.56 -16.27 -13.42
C ALA E 92 -9.14 -16.66 -13.03
N ALA E 93 -8.92 -17.18 -11.83
CA ALA E 93 -7.60 -17.63 -11.43
C ALA E 93 -7.16 -18.89 -12.18
N ASP E 94 -8.10 -19.58 -12.84
CA ASP E 94 -7.77 -20.77 -13.62
C ASP E 94 -7.43 -20.44 -15.07
N THR E 95 -7.54 -19.17 -15.47
CA THR E 95 -7.15 -18.75 -16.81
C THR E 95 -5.65 -18.93 -17.00
N ALA E 96 -5.28 -19.76 -17.97
CA ALA E 96 -3.88 -20.08 -18.20
C ALA E 96 -3.76 -20.89 -19.48
N THR E 97 -2.54 -20.96 -20.00
CA THR E 97 -2.18 -21.97 -20.98
C THR E 97 -1.84 -23.26 -20.26
N TYR E 98 -2.44 -24.37 -20.68
CA TYR E 98 -2.25 -25.65 -20.02
C TYR E 98 -1.39 -26.54 -20.91
N PHE E 99 -0.24 -26.97 -20.38
CA PHE E 99 0.71 -27.78 -21.12
C PHE E 99 0.60 -29.24 -20.70
N CYS E 100 0.69 -30.14 -21.67
CA CYS E 100 0.82 -31.56 -21.42
C CYS E 100 2.30 -31.94 -21.51
N ALA E 101 2.77 -32.73 -20.55
CA ALA E 101 4.19 -33.05 -20.49
C ALA E 101 4.40 -34.53 -20.20
N ARG E 102 5.43 -35.10 -20.81
CA ARG E 102 5.88 -36.44 -20.50
C ARG E 102 6.72 -36.42 -19.24
N GLY E 103 6.37 -37.24 -18.26
CA GLY E 103 7.13 -37.28 -17.04
C GLY E 103 7.99 -38.51 -16.87
N VAL E 104 9.30 -38.33 -16.75
CA VAL E 104 10.22 -39.42 -16.48
C VAL E 104 10.18 -39.71 -14.98
N TYR E 105 9.79 -40.93 -14.61
CA TYR E 105 9.48 -41.23 -13.22
C TYR E 105 10.57 -42.10 -12.58
N PHE E 106 10.67 -41.99 -11.26
CA PHE E 106 11.58 -42.79 -10.46
C PHE E 106 10.75 -43.50 -9.39
N TYR E 107 10.84 -44.82 -9.35
CA TYR E 107 10.12 -45.61 -8.36
C TYR E 107 10.79 -45.48 -7.00
N ALA E 108 10.01 -45.10 -5.99
CA ALA E 108 10.54 -44.82 -4.65
C ALA E 108 9.85 -45.63 -3.57
N GLY E 109 9.20 -46.74 -3.94
CA GLY E 109 8.51 -47.56 -2.95
C GLY E 109 7.01 -47.59 -3.14
N HIS E 110 6.26 -47.04 -2.19
CA HIS E 110 4.81 -47.00 -2.29
C HIS E 110 4.33 -45.86 -3.18
N PHE E 111 5.24 -45.13 -3.81
CA PHE E 111 4.89 -44.04 -4.71
C PHE E 111 6.06 -43.80 -5.65
N VAL E 112 5.81 -43.04 -6.71
CA VAL E 112 6.84 -42.67 -7.67
C VAL E 112 7.06 -41.17 -7.61
N ILE E 113 8.28 -40.75 -7.91
CA ILE E 113 8.67 -39.35 -7.89
C ILE E 113 9.00 -38.94 -9.32
N MET E 114 8.43 -37.82 -9.76
CA MET E 114 8.74 -37.33 -11.09
C MET E 114 10.16 -36.77 -11.12
N ARG E 115 10.98 -37.27 -12.04
CA ARG E 115 12.37 -36.85 -12.16
C ARG E 115 12.54 -35.56 -12.93
N TYR E 116 11.85 -35.42 -14.06
CA TYR E 116 11.84 -34.21 -14.88
C TYR E 116 10.77 -34.39 -15.94
N PHE E 117 10.58 -33.33 -16.74
CA PHE E 117 9.58 -33.32 -17.82
C PHE E 117 10.32 -33.14 -19.14
N VAL E 118 10.32 -34.17 -19.97
CA VAL E 118 11.11 -34.20 -21.20
C VAL E 118 10.38 -33.53 -22.36
N LEU E 119 9.14 -33.91 -22.60
CA LEU E 119 8.43 -33.59 -23.83
C LEU E 119 7.23 -32.72 -23.48
N TRP E 120 7.18 -31.53 -24.05
CA TRP E 120 6.11 -30.56 -23.79
C TRP E 120 5.33 -30.29 -25.07
N GLY E 121 4.01 -30.37 -24.98
CA GLY E 121 3.16 -29.96 -26.07
C GLY E 121 3.06 -28.46 -26.15
N PRO E 122 2.56 -27.96 -27.28
CA PRO E 122 2.46 -26.51 -27.48
C PRO E 122 1.57 -25.82 -26.47
N GLY E 123 0.58 -26.51 -25.91
CA GLY E 123 -0.29 -25.92 -24.92
C GLY E 123 -1.61 -25.48 -25.52
N THR E 124 -2.64 -25.42 -24.67
CA THR E 124 -3.96 -24.96 -25.06
C THR E 124 -4.44 -23.91 -24.07
N LEU E 125 -5.10 -22.87 -24.58
CA LEU E 125 -5.45 -21.72 -23.77
C LEU E 125 -6.85 -21.85 -23.19
N VAL E 126 -6.96 -21.72 -21.87
CA VAL E 126 -8.24 -21.73 -21.17
C VAL E 126 -8.51 -20.32 -20.67
N THR E 127 -9.64 -19.75 -21.07
CA THR E 127 -10.05 -18.42 -20.65
C THR E 127 -11.35 -18.53 -19.86
N VAL E 128 -11.30 -18.20 -18.57
CA VAL E 128 -12.48 -18.20 -17.72
C VAL E 128 -12.97 -16.76 -17.61
N SER E 129 -14.05 -16.46 -18.30
CA SER E 129 -14.58 -15.10 -18.33
C SER E 129 -16.05 -15.16 -18.70
N SER E 130 -16.78 -14.11 -18.33
CA SER E 130 -18.19 -13.96 -18.68
C SER E 130 -18.39 -13.26 -20.01
N GLY E 131 -17.30 -12.80 -20.65
CA GLY E 131 -17.41 -12.17 -21.95
C GLY E 131 -17.67 -13.15 -23.06
N GLN E 132 -18.06 -12.62 -24.21
CA GLN E 132 -18.43 -13.44 -25.35
C GLN E 132 -17.36 -13.39 -26.43
N PRO E 133 -17.24 -14.43 -27.25
CA PRO E 133 -16.32 -14.37 -28.39
C PRO E 133 -16.75 -13.28 -29.37
N LYS E 134 -15.77 -12.48 -29.79
CA LYS E 134 -16.02 -11.33 -30.66
C LYS E 134 -15.03 -11.35 -31.82
N ALA E 135 -15.54 -11.14 -33.02
CA ALA E 135 -14.67 -11.09 -34.19
C ALA E 135 -13.92 -9.76 -34.22
N PRO E 136 -12.66 -9.76 -34.66
CA PRO E 136 -11.91 -8.51 -34.76
C PRO E 136 -12.21 -7.76 -36.04
N SER E 137 -11.68 -6.53 -36.11
CA SER E 137 -11.68 -5.72 -37.32
C SER E 137 -10.24 -5.42 -37.69
N VAL E 138 -9.89 -5.72 -38.94
CA VAL E 138 -8.51 -5.58 -39.41
C VAL E 138 -8.43 -4.30 -40.22
N PHE E 139 -8.03 -3.21 -39.57
CA PHE E 139 -7.82 -1.93 -40.22
C PHE E 139 -6.37 -1.78 -40.67
N PRO E 140 -6.15 -1.29 -41.89
CA PRO E 140 -4.78 -1.12 -42.37
C PRO E 140 -4.10 0.08 -41.74
N LEU E 141 -2.77 0.04 -41.74
CA LEU E 141 -1.93 1.14 -41.31
C LEU E 141 -1.15 1.63 -42.52
N ALA E 142 -1.55 2.79 -43.03
CA ALA E 142 -1.08 3.25 -44.34
C ALA E 142 0.41 3.60 -44.29
N PRO E 143 1.21 3.07 -45.20
CA PRO E 143 2.65 3.36 -45.17
C PRO E 143 2.94 4.81 -45.52
N SER E 144 4.12 5.26 -45.11
CA SER E 144 4.57 6.61 -45.40
C SER E 144 5.32 6.66 -46.73
N THR E 152 13.56 2.92 -46.93
CA THR E 152 12.91 2.00 -46.00
C THR E 152 11.59 2.58 -45.51
N ALA E 153 10.52 1.80 -45.71
CA ALA E 153 9.18 2.19 -45.29
C ALA E 153 8.59 1.11 -44.40
N ALA E 154 7.62 1.51 -43.58
CA ALA E 154 6.95 0.62 -42.65
C ALA E 154 5.45 0.62 -42.91
N LEU E 155 4.85 -0.57 -42.86
CA LEU E 155 3.42 -0.74 -43.08
C LEU E 155 2.91 -1.80 -42.12
N GLY E 156 1.61 -1.80 -41.86
CA GLY E 156 1.07 -2.74 -40.90
C GLY E 156 -0.43 -2.83 -40.94
N CYS E 157 -0.95 -3.70 -40.06
CA CYS E 157 -2.37 -3.93 -39.88
C CYS E 157 -2.73 -3.80 -38.41
N LEU E 158 -3.90 -3.24 -38.14
CA LEU E 158 -4.41 -3.06 -36.78
C LEU E 158 -5.58 -4.02 -36.58
N VAL E 159 -5.40 -4.98 -35.67
CA VAL E 159 -6.43 -5.94 -35.32
C VAL E 159 -7.04 -5.47 -34.01
N LYS E 160 -8.31 -5.06 -34.06
CA LYS E 160 -8.95 -4.35 -32.96
C LYS E 160 -10.29 -5.00 -32.61
N ASP E 161 -10.64 -4.92 -31.32
CA ASP E 161 -11.94 -5.33 -30.80
C ASP E 161 -12.23 -6.81 -31.07
N TYR E 162 -11.42 -7.65 -30.42
CA TYR E 162 -11.63 -9.09 -30.44
C TYR E 162 -11.48 -9.67 -29.04
N PHE E 163 -12.14 -10.80 -28.82
CA PHE E 163 -12.10 -11.55 -27.58
C PHE E 163 -12.45 -12.99 -27.91
N PRO E 164 -11.76 -13.97 -27.33
CA PRO E 164 -10.59 -13.85 -26.45
C PRO E 164 -9.29 -14.01 -27.22
N GLU E 165 -8.18 -14.16 -26.50
CA GLU E 165 -6.91 -14.51 -27.13
C GLU E 165 -6.98 -15.93 -27.68
N PRO E 166 -6.13 -16.26 -28.67
CA PRO E 166 -5.16 -15.42 -29.37
C PRO E 166 -5.60 -15.03 -30.77
N VAL E 167 -4.74 -14.32 -31.50
CA VAL E 167 -4.94 -14.05 -32.91
C VAL E 167 -3.63 -14.35 -33.63
N THR E 168 -3.74 -14.57 -34.93
CA THR E 168 -2.59 -14.89 -35.77
C THR E 168 -2.56 -13.93 -36.96
N VAL E 169 -1.42 -13.29 -37.16
CA VAL E 169 -1.20 -12.38 -38.29
C VAL E 169 0.03 -12.85 -39.05
N SER E 170 -0.12 -13.05 -40.35
CA SER E 170 0.98 -13.34 -41.25
C SER E 170 0.93 -12.37 -42.42
N TRP E 171 2.08 -12.16 -43.05
CA TRP E 171 2.21 -11.24 -44.16
C TRP E 171 2.52 -12.00 -45.44
N ASN E 172 1.72 -11.76 -46.47
CA ASN E 172 1.86 -12.41 -47.78
C ASN E 172 1.88 -13.93 -47.64
N SER E 173 0.92 -14.44 -46.86
CA SER E 173 0.72 -15.88 -46.68
C SER E 173 1.98 -16.55 -46.15
N GLY E 174 2.70 -15.86 -45.26
CA GLY E 174 3.91 -16.40 -44.68
C GLY E 174 5.17 -16.21 -45.50
N ALA E 175 5.08 -15.60 -46.68
CA ALA E 175 6.27 -15.38 -47.49
C ALA E 175 7.18 -14.33 -46.86
N LEU E 176 6.60 -13.24 -46.35
CA LEU E 176 7.37 -12.13 -45.78
C LEU E 176 7.52 -12.37 -44.28
N THR E 177 8.72 -12.75 -43.86
CA THR E 177 9.00 -13.06 -42.45
C THR E 177 9.97 -12.08 -41.81
N SER E 178 11.09 -11.78 -42.47
CA SER E 178 12.06 -10.86 -41.91
C SER E 178 11.52 -9.43 -41.91
N GLY E 179 11.83 -8.70 -40.83
CA GLY E 179 11.35 -7.34 -40.68
C GLY E 179 9.94 -7.20 -40.16
N VAL E 180 9.32 -8.31 -39.76
CA VAL E 180 7.93 -8.31 -39.30
C VAL E 180 7.91 -8.23 -37.79
N HIS E 181 7.08 -7.34 -37.24
CA HIS E 181 6.87 -7.23 -35.81
C HIS E 181 5.39 -7.30 -35.51
N THR E 182 4.98 -8.30 -34.74
CA THR E 182 3.60 -8.46 -34.30
C THR E 182 3.58 -8.26 -32.79
N PHE E 183 2.99 -7.16 -32.35
CA PHE E 183 3.06 -6.74 -30.96
C PHE E 183 2.07 -7.54 -30.10
N PRO E 184 2.39 -7.75 -28.82
CA PRO E 184 1.45 -8.44 -27.93
C PRO E 184 0.16 -7.65 -27.77
N ALA E 185 -0.94 -8.39 -27.62
CA ALA E 185 -2.25 -7.76 -27.48
C ALA E 185 -2.35 -6.99 -26.18
N VAL E 186 -3.17 -5.95 -26.18
CA VAL E 186 -3.46 -5.14 -25.02
C VAL E 186 -4.97 -5.15 -24.78
N LEU E 187 -5.37 -5.19 -23.51
CA LEU E 187 -6.78 -5.26 -23.15
C LEU E 187 -7.32 -3.84 -23.00
N GLN E 188 -8.30 -3.50 -23.84
CA GLN E 188 -8.91 -2.18 -23.79
C GLN E 188 -9.96 -2.12 -22.67
N SER E 189 -10.35 -0.89 -22.33
CA SER E 189 -11.33 -0.68 -21.26
C SER E 189 -12.68 -1.29 -21.59
N SER E 190 -12.97 -1.52 -22.87
CA SER E 190 -14.22 -2.17 -23.29
C SER E 190 -14.24 -3.66 -23.01
N GLY E 191 -13.12 -4.23 -22.54
CA GLY E 191 -13.03 -5.66 -22.36
C GLY E 191 -12.61 -6.43 -23.59
N LEU E 192 -12.20 -5.74 -24.66
CA LEU E 192 -11.75 -6.37 -25.88
C LEU E 192 -10.26 -6.10 -26.10
N TYR E 193 -9.61 -7.03 -26.80
CA TYR E 193 -8.19 -6.93 -27.08
C TYR E 193 -7.94 -6.18 -28.40
N SER E 194 -6.76 -5.57 -28.49
CA SER E 194 -6.30 -4.92 -29.71
C SER E 194 -4.85 -5.28 -29.95
N LEU E 195 -4.49 -5.48 -31.21
CA LEU E 195 -3.16 -5.90 -31.60
C LEU E 195 -2.77 -5.19 -32.90
N SER E 196 -1.47 -5.00 -33.08
CA SER E 196 -0.92 -4.43 -34.31
C SER E 196 0.25 -5.28 -34.78
N SER E 197 0.29 -5.52 -36.10
CA SER E 197 1.42 -6.17 -36.75
C SER E 197 1.94 -5.24 -37.83
N VAL E 198 3.26 -5.10 -37.91
CA VAL E 198 3.91 -4.20 -38.86
C VAL E 198 5.11 -4.89 -39.49
N VAL E 199 5.53 -4.38 -40.64
CA VAL E 199 6.73 -4.85 -41.33
C VAL E 199 7.37 -3.67 -42.03
N THR E 200 8.70 -3.65 -42.05
CA THR E 200 9.46 -2.64 -42.78
C THR E 200 9.98 -3.25 -44.08
N VAL E 201 9.70 -2.58 -45.19
CA VAL E 201 10.15 -3.02 -46.51
C VAL E 201 10.80 -1.83 -47.21
N PRO E 202 11.70 -2.09 -48.16
CA PRO E 202 12.25 -0.98 -48.96
C PRO E 202 11.13 -0.25 -49.70
N SER E 203 11.25 1.08 -49.75
CA SER E 203 10.20 1.89 -50.34
C SER E 203 10.20 1.81 -51.86
N SER E 204 11.27 1.30 -52.47
CA SER E 204 11.30 1.16 -53.92
C SER E 204 10.36 0.05 -54.39
N SER E 205 10.07 -0.92 -53.52
CA SER E 205 9.20 -2.03 -53.86
C SER E 205 7.74 -1.79 -53.51
N LEU E 206 7.40 -0.58 -53.04
CA LEU E 206 6.01 -0.28 -52.71
C LEU E 206 5.09 -0.36 -53.92
N GLY E 207 5.61 -0.20 -55.12
CA GLY E 207 4.81 -0.33 -56.31
C GLY E 207 4.82 -1.72 -56.89
N THR E 208 6.02 -2.29 -57.07
CA THR E 208 6.14 -3.61 -57.67
C THR E 208 5.61 -4.70 -56.75
N GLN E 209 5.89 -4.61 -55.46
CA GLN E 209 5.53 -5.63 -54.49
C GLN E 209 4.25 -5.23 -53.76
N THR E 210 3.32 -6.17 -53.64
CA THR E 210 2.09 -5.98 -52.89
C THR E 210 2.18 -6.71 -51.56
N TYR E 211 1.55 -6.13 -50.53
CA TYR E 211 1.63 -6.65 -49.18
C TYR E 211 0.24 -6.86 -48.62
N ILE E 212 -0.02 -8.06 -48.11
CA ILE E 212 -1.30 -8.42 -47.50
C ILE E 212 -1.04 -9.03 -46.14
N CYS E 213 -1.86 -8.67 -45.16
CA CYS E 213 -1.78 -9.24 -43.82
C CYS E 213 -2.88 -10.28 -43.66
N ASN E 214 -2.51 -11.46 -43.17
CA ASN E 214 -3.43 -12.60 -43.06
C ASN E 214 -3.76 -12.78 -41.58
N VAL E 215 -4.90 -12.23 -41.17
CA VAL E 215 -5.34 -12.26 -39.78
C VAL E 215 -6.31 -13.42 -39.60
N ASN E 216 -5.99 -14.33 -38.69
CA ASN E 216 -6.83 -15.47 -38.37
C ASN E 216 -7.16 -15.44 -36.88
N HIS E 217 -8.44 -15.35 -36.56
CA HIS E 217 -8.93 -15.42 -35.18
C HIS E 217 -9.74 -16.70 -35.06
N LYS E 218 -9.07 -17.78 -34.68
CA LYS E 218 -9.71 -19.10 -34.63
C LYS E 218 -11.00 -19.15 -33.81
N PRO E 219 -11.10 -18.54 -32.62
CA PRO E 219 -12.35 -18.67 -31.85
C PRO E 219 -13.58 -18.10 -32.54
N SER E 220 -13.42 -17.19 -33.50
CA SER E 220 -14.54 -16.61 -34.22
C SER E 220 -14.57 -16.98 -35.69
N ASN E 221 -13.64 -17.82 -36.16
CA ASN E 221 -13.54 -18.18 -37.57
C ASN E 221 -13.45 -16.93 -38.45
N THR E 222 -12.68 -15.96 -37.99
CA THR E 222 -12.48 -14.71 -38.73
C THR E 222 -11.14 -14.77 -39.44
N LYS E 223 -11.17 -15.09 -40.72
CA LYS E 223 -10.00 -15.06 -41.60
C LYS E 223 -10.15 -13.85 -42.50
N VAL E 224 -9.37 -12.80 -42.22
CA VAL E 224 -9.42 -11.55 -42.98
C VAL E 224 -8.06 -11.33 -43.62
N ASP E 225 -8.06 -11.12 -44.93
CA ASP E 225 -6.86 -10.78 -45.68
C ASP E 225 -7.02 -9.36 -46.19
N LYS E 226 -6.22 -8.45 -45.66
CA LYS E 226 -6.30 -7.03 -45.99
C LYS E 226 -5.03 -6.62 -46.72
N ARG E 227 -5.19 -6.03 -47.90
CA ARG E 227 -4.05 -5.52 -48.65
C ARG E 227 -3.66 -4.14 -48.12
N VAL E 228 -2.36 -3.96 -47.86
CA VAL E 228 -1.84 -2.70 -47.33
C VAL E 228 -1.10 -2.00 -48.46
N GLU E 229 -1.70 -0.95 -48.99
CA GLU E 229 -1.12 -0.15 -50.06
C GLU E 229 -1.20 1.32 -49.68
N PRO E 230 -0.26 2.13 -50.16
CA PRO E 230 -0.30 3.56 -49.82
C PRO E 230 -1.57 4.23 -50.33
N LYS E 231 -2.08 5.16 -49.53
CA LYS E 231 -3.32 5.86 -49.86
C LYS E 231 -3.06 7.04 -50.79
N ALA F 1 4.91 -26.84 0.98
CA ALA F 1 5.74 -26.78 2.19
C ALA F 1 7.21 -26.70 1.82
N GLN F 2 7.46 -26.74 0.51
CA GLN F 2 8.80 -26.71 -0.08
C GLN F 2 8.86 -25.65 -1.19
N VAL F 3 9.71 -24.64 -1.00
CA VAL F 3 9.74 -23.51 -1.90
C VAL F 3 11.10 -23.43 -2.59
N LEU F 4 11.07 -23.16 -3.89
CA LEU F 4 12.26 -22.89 -4.68
C LEU F 4 12.37 -21.39 -4.91
N THR F 5 13.47 -20.79 -4.45
CA THR F 5 13.73 -19.37 -4.61
C THR F 5 14.70 -19.18 -5.77
N GLN F 6 14.22 -18.63 -6.87
CA GLN F 6 15.04 -18.40 -8.06
C GLN F 6 15.41 -16.92 -8.13
N THR F 7 16.70 -16.64 -8.08
CA THR F 7 17.22 -15.28 -8.13
C THR F 7 18.32 -15.18 -9.19
N PRO F 8 18.46 -14.02 -9.82
CA PRO F 8 17.58 -12.84 -9.75
C PRO F 8 16.49 -12.94 -10.80
N SER F 9 15.58 -11.98 -10.87
CA SER F 9 14.52 -12.03 -11.88
C SER F 9 15.04 -11.70 -13.27
N SER F 10 16.20 -11.07 -13.38
CA SER F 10 16.73 -10.68 -14.69
C SER F 10 18.25 -10.63 -14.63
N VAL F 11 18.90 -11.19 -15.65
CA VAL F 11 20.34 -11.12 -15.83
C VAL F 11 20.62 -10.64 -17.24
N SER F 12 21.78 -10.01 -17.43
CA SER F 12 22.16 -9.50 -18.73
C SER F 12 23.64 -9.74 -18.98
N ALA F 13 23.97 -9.97 -20.25
CA ALA F 13 25.36 -10.09 -20.68
C ALA F 13 25.41 -9.88 -22.18
N ALA F 14 26.57 -9.46 -22.67
CA ALA F 14 26.78 -9.32 -24.09
C ALA F 14 26.99 -10.70 -24.73
N VAL F 15 27.11 -10.71 -26.06
CA VAL F 15 27.39 -11.95 -26.76
C VAL F 15 28.75 -12.47 -26.32
N GLY F 16 28.77 -13.68 -25.78
CA GLY F 16 29.98 -14.28 -25.27
C GLY F 16 30.17 -14.15 -23.78
N GLY F 17 29.34 -13.37 -23.09
CA GLY F 17 29.42 -13.24 -21.65
C GLY F 17 28.84 -14.44 -20.92
N THR F 18 28.96 -14.40 -19.61
CA THR F 18 28.46 -15.46 -18.73
C THR F 18 27.40 -14.88 -17.80
N VAL F 19 26.23 -15.51 -17.77
CA VAL F 19 25.17 -15.17 -16.83
C VAL F 19 25.02 -16.33 -15.84
N SER F 20 24.78 -15.99 -14.59
CA SER F 20 24.60 -16.97 -13.53
C SER F 20 23.20 -16.82 -12.94
N ILE F 21 22.48 -17.95 -12.86
CA ILE F 21 21.12 -17.97 -12.34
C ILE F 21 21.09 -18.95 -11.16
N SER F 22 20.63 -18.46 -10.02
CA SER F 22 20.62 -19.24 -8.78
C SER F 22 19.23 -19.79 -8.49
N CYS F 23 19.21 -21.00 -7.93
CA CYS F 23 17.98 -21.65 -7.48
C CYS F 23 18.23 -22.23 -6.10
N GLN F 24 17.49 -21.73 -5.10
CA GLN F 24 17.65 -22.13 -3.72
C GLN F 24 16.41 -22.86 -3.24
N SER F 25 16.61 -23.99 -2.56
CA SER F 25 15.52 -24.82 -2.06
C SER F 25 15.48 -24.76 -0.54
N SER F 26 14.27 -24.67 0.01
CA SER F 26 14.10 -24.66 1.45
C SER F 26 14.47 -26.00 2.07
N GLN F 27 14.50 -27.06 1.29
CA GLN F 27 14.92 -28.36 1.77
C GLN F 27 15.70 -29.08 0.68
N SER F 28 16.49 -30.07 1.10
CA SER F 28 17.37 -30.76 0.16
C SER F 28 16.54 -31.41 -0.94
N VAL F 29 17.02 -31.28 -2.17
CA VAL F 29 16.34 -31.85 -3.33
C VAL F 29 16.66 -33.33 -3.41
N TYR F 30 15.64 -34.15 -3.57
CA TYR F 30 15.79 -35.60 -3.55
C TYR F 30 16.69 -36.07 -4.69
N SER F 31 17.78 -36.75 -4.34
CA SER F 31 18.77 -37.24 -5.30
C SER F 31 19.26 -36.14 -6.24
N ASN F 32 19.18 -34.89 -5.79
CA ASN F 32 19.52 -33.72 -6.59
C ASN F 32 18.73 -33.69 -7.89
N TYR F 33 17.44 -34.03 -7.81
CA TYR F 33 16.52 -33.95 -8.96
C TYR F 33 16.14 -32.48 -9.20
N LEU F 34 17.12 -31.71 -9.63
CA LEU F 34 16.93 -30.31 -10.00
C LEU F 34 17.07 -30.18 -11.51
N SER F 35 16.10 -29.55 -12.14
CA SER F 35 16.08 -29.42 -13.60
C SER F 35 15.88 -27.97 -14.00
N TRP F 36 16.41 -27.62 -15.16
CA TRP F 36 16.34 -26.27 -15.72
C TRP F 36 15.63 -26.32 -17.07
N TYR F 37 14.76 -25.33 -17.30
CA TYR F 37 13.97 -25.26 -18.52
C TYR F 37 14.09 -23.87 -19.14
N GLN F 38 14.10 -23.83 -20.46
CA GLN F 38 14.12 -22.59 -21.22
C GLN F 38 12.77 -22.39 -21.89
N GLN F 39 12.21 -21.18 -21.77
CA GLN F 39 10.94 -20.85 -22.41
C GLN F 39 11.10 -19.58 -23.23
N LYS F 40 10.99 -19.71 -24.54
CA LYS F 40 10.93 -18.59 -25.47
C LYS F 40 9.50 -18.14 -25.66
N PRO F 41 9.28 -16.90 -26.11
CA PRO F 41 7.92 -16.39 -26.25
C PRO F 41 7.06 -17.24 -27.17
N GLY F 42 5.83 -17.52 -26.73
CA GLY F 42 4.89 -18.30 -27.50
C GLY F 42 5.20 -19.78 -27.60
N GLN F 43 6.23 -20.26 -26.90
CA GLN F 43 6.64 -21.65 -27.01
C GLN F 43 6.51 -22.35 -25.65
N PRO F 44 6.34 -23.66 -25.65
CA PRO F 44 6.31 -24.40 -24.38
C PRO F 44 7.69 -24.43 -23.76
N PRO F 45 7.79 -24.71 -22.45
CA PRO F 45 9.11 -24.88 -21.84
C PRO F 45 9.90 -25.99 -22.51
N LYS F 46 11.21 -25.78 -22.58
CA LYS F 46 12.13 -26.72 -23.21
C LYS F 46 13.15 -27.17 -22.17
N LEU F 47 13.30 -28.49 -22.03
CA LEU F 47 14.22 -29.04 -21.03
C LEU F 47 15.66 -28.75 -21.43
N LEU F 48 16.43 -28.19 -20.49
CA LEU F 48 17.84 -27.91 -20.69
C LEU F 48 18.73 -28.88 -19.92
N ILE F 49 18.50 -29.02 -18.62
CA ILE F 49 19.34 -29.82 -17.74
C ILE F 49 18.46 -30.57 -16.76
N TYR F 50 18.79 -31.84 -16.50
CA TYR F 50 18.13 -32.63 -15.47
C TYR F 50 19.20 -33.26 -14.59
N ASP F 51 18.77 -33.74 -13.41
CA ASP F 51 19.65 -34.24 -12.37
C ASP F 51 20.71 -33.22 -11.96
N ALA F 52 20.40 -31.94 -12.18
CA ALA F 52 21.14 -30.77 -11.72
C ALA F 52 22.45 -30.54 -12.48
N SER F 53 22.90 -31.54 -13.25
CA SER F 53 24.08 -31.33 -14.09
C SER F 53 24.01 -31.99 -15.44
N THR F 54 23.07 -32.90 -15.71
CA THR F 54 23.09 -33.67 -16.95
C THR F 54 22.46 -32.85 -18.07
N LEU F 55 23.20 -32.67 -19.15
CA LEU F 55 22.73 -31.92 -20.30
C LEU F 55 21.73 -32.75 -21.10
N ALA F 56 20.60 -32.15 -21.45
CA ALA F 56 19.60 -32.84 -22.25
C ALA F 56 20.07 -32.99 -23.69
N SER F 57 19.44 -33.92 -24.40
CA SER F 57 19.81 -34.21 -25.79
C SER F 57 19.61 -32.96 -26.66
N GLY F 58 20.64 -32.62 -27.43
CA GLY F 58 20.59 -31.50 -28.35
C GLY F 58 20.85 -30.14 -27.74
N VAL F 59 21.00 -30.04 -26.43
CA VAL F 59 21.21 -28.75 -25.78
C VAL F 59 22.68 -28.37 -25.94
N PRO F 60 22.99 -27.12 -26.32
CA PRO F 60 24.40 -26.70 -26.41
C PRO F 60 25.09 -26.79 -25.05
N SER F 61 26.38 -27.15 -25.08
CA SER F 61 27.14 -27.34 -23.86
C SER F 61 27.46 -26.05 -23.14
N ARG F 62 27.20 -24.89 -23.75
CA ARG F 62 27.40 -23.62 -23.04
C ARG F 62 26.46 -23.51 -21.84
N PHE F 63 25.32 -24.20 -21.87
CA PHE F 63 24.48 -24.35 -20.70
C PHE F 63 25.09 -25.42 -19.80
N LYS F 64 25.37 -25.07 -18.56
CA LYS F 64 25.87 -26.04 -17.59
C LYS F 64 25.14 -25.87 -16.27
N GLY F 65 24.76 -26.99 -15.67
CA GLY F 65 24.11 -26.99 -14.37
C GLY F 65 25.07 -27.47 -13.29
N SER F 66 24.97 -26.86 -12.11
CA SER F 66 25.85 -27.21 -11.02
C SER F 66 25.11 -27.02 -9.70
N GLY F 67 25.67 -27.56 -8.64
CA GLY F 67 25.12 -27.46 -7.31
C GLY F 67 24.61 -28.78 -6.78
N SER F 68 24.31 -28.78 -5.50
CA SER F 68 23.80 -29.96 -4.81
C SER F 68 23.06 -29.52 -3.56
N GLY F 69 22.28 -30.44 -3.00
CA GLY F 69 21.57 -30.15 -1.78
C GLY F 69 20.49 -29.10 -1.96
N THR F 70 20.74 -27.89 -1.45
CA THR F 70 19.76 -26.81 -1.50
C THR F 70 20.20 -25.64 -2.37
N GLN F 71 21.39 -25.69 -2.97
CA GLN F 71 21.89 -24.60 -3.79
C GLN F 71 22.27 -25.12 -5.17
N PHE F 72 21.70 -24.51 -6.20
CA PHE F 72 21.93 -24.92 -7.58
C PHE F 72 22.12 -23.68 -8.43
N THR F 73 22.77 -23.87 -9.59
CA THR F 73 23.09 -22.76 -10.47
C THR F 73 23.03 -23.19 -11.92
N LEU F 74 22.49 -22.33 -12.77
CA LEU F 74 22.57 -22.47 -14.21
C LEU F 74 23.50 -21.39 -14.76
N THR F 75 24.48 -21.80 -15.56
CA THR F 75 25.46 -20.90 -16.15
C THR F 75 25.41 -21.01 -17.67
N ILE F 76 25.28 -19.89 -18.35
CA ILE F 76 25.33 -19.83 -19.81
C ILE F 76 26.68 -19.20 -20.13
N SER F 77 27.69 -20.06 -20.35
CA SER F 77 29.04 -19.61 -20.66
C SER F 77 29.13 -19.32 -22.15
N GLY F 78 29.12 -18.04 -22.52
CA GLY F 78 29.12 -17.69 -23.92
C GLY F 78 27.72 -17.44 -24.45
N VAL F 79 27.00 -16.50 -23.81
CA VAL F 79 25.64 -16.17 -24.20
C VAL F 79 25.60 -15.77 -25.66
N GLN F 80 24.58 -16.25 -26.37
CA GLN F 80 24.32 -15.91 -27.76
C GLN F 80 23.03 -15.11 -27.86
N CYS F 81 22.72 -14.65 -29.08
CA CYS F 81 21.55 -13.80 -29.28
C CYS F 81 20.25 -14.56 -29.02
N ASP F 82 20.17 -15.83 -29.42
CA ASP F 82 18.93 -16.58 -29.25
C ASP F 82 18.73 -17.09 -27.83
N ASP F 83 19.60 -16.73 -26.90
CA ASP F 83 19.43 -17.10 -25.50
C ASP F 83 18.53 -16.13 -24.74
N ALA F 84 18.03 -15.09 -25.40
CA ALA F 84 17.09 -14.16 -24.78
C ALA F 84 15.77 -14.88 -24.57
N ALA F 85 15.54 -15.35 -23.35
CA ALA F 85 14.35 -16.12 -23.02
C ALA F 85 14.20 -16.13 -21.50
N THR F 86 13.15 -16.83 -21.03
CA THR F 86 12.92 -17.03 -19.61
C THR F 86 13.35 -18.43 -19.23
N TYR F 87 13.95 -18.55 -18.04
CA TYR F 87 14.47 -19.82 -17.55
C TYR F 87 13.88 -20.14 -16.19
N TYR F 88 13.52 -21.40 -15.98
CA TYR F 88 12.92 -21.87 -14.74
C TYR F 88 13.67 -23.07 -14.20
N CYS F 89 13.80 -23.13 -12.88
CA CYS F 89 14.26 -24.34 -12.21
C CYS F 89 13.08 -25.08 -11.60
N GLN F 90 13.20 -26.40 -11.55
CA GLN F 90 12.17 -27.27 -10.99
C GLN F 90 12.84 -28.35 -10.16
N GLY F 91 12.34 -28.57 -8.95
CA GLY F 91 12.92 -29.52 -8.04
C GLY F 91 11.93 -30.63 -7.67
N SER F 92 12.48 -31.80 -7.36
CA SER F 92 11.70 -32.94 -6.92
C SER F 92 12.20 -33.40 -5.56
N TYR F 93 11.29 -33.89 -4.73
CA TYR F 93 11.59 -34.20 -3.34
C TYR F 93 11.02 -35.57 -3.00
N TYR F 94 11.26 -36.02 -1.77
CA TYR F 94 10.72 -37.31 -1.33
C TYR F 94 9.22 -37.15 -1.10
N SER F 95 8.48 -36.91 -2.18
CA SER F 95 7.06 -36.64 -2.14
C SER F 95 6.49 -36.93 -3.53
N SER F 96 5.22 -37.27 -3.57
CA SER F 96 4.57 -37.62 -4.82
C SER F 96 3.73 -36.49 -5.41
N ASP F 97 3.58 -35.38 -4.69
CA ASP F 97 2.61 -34.36 -5.11
C ASP F 97 3.15 -32.94 -4.93
N TRP F 98 4.46 -32.75 -4.98
CA TRP F 98 5.03 -31.41 -4.85
C TRP F 98 6.19 -31.27 -5.83
N TYR F 99 5.99 -30.47 -6.87
CA TYR F 99 7.00 -30.22 -7.90
C TYR F 99 7.05 -28.72 -8.17
N PRO F 100 7.67 -27.95 -7.29
CA PRO F 100 7.67 -26.50 -7.45
C PRO F 100 8.59 -26.05 -8.58
N PHE F 101 8.16 -25.01 -9.28
CA PHE F 101 9.01 -24.30 -10.23
C PHE F 101 9.55 -23.03 -9.59
N GLY F 102 10.74 -22.63 -10.01
CA GLY F 102 11.26 -21.35 -9.61
C GLY F 102 10.49 -20.20 -10.25
N GLY F 103 10.65 -19.01 -9.66
CA GLY F 103 9.91 -17.85 -10.12
C GLY F 103 10.22 -17.45 -11.55
N GLY F 104 11.39 -17.81 -12.05
CA GLY F 104 11.75 -17.49 -13.41
C GLY F 104 12.78 -16.37 -13.47
N THR F 105 13.60 -16.41 -14.51
CA THR F 105 14.67 -15.42 -14.71
C THR F 105 14.77 -15.11 -16.19
N GLU F 106 14.61 -13.84 -16.54
CA GLU F 106 14.77 -13.41 -17.92
C GLU F 106 16.24 -13.13 -18.21
N VAL F 107 16.68 -13.51 -19.41
CA VAL F 107 18.03 -13.23 -19.88
C VAL F 107 17.94 -12.15 -20.95
N VAL F 108 18.68 -11.07 -20.76
CA VAL F 108 18.73 -9.94 -21.68
C VAL F 108 20.10 -9.93 -22.34
N VAL F 109 20.11 -9.91 -23.67
CA VAL F 109 21.36 -9.87 -24.43
C VAL F 109 21.77 -8.42 -24.61
N LYS F 110 22.82 -8.01 -23.91
CA LYS F 110 23.29 -6.64 -24.02
C LYS F 110 23.89 -6.38 -25.40
N ARG F 111 23.65 -5.18 -25.92
CA ARG F 111 24.18 -4.77 -27.21
C ARG F 111 24.36 -3.26 -27.19
N THR F 112 24.87 -2.73 -28.31
CA THR F 112 25.07 -1.30 -28.43
C THR F 112 23.73 -0.58 -28.45
N VAL F 113 23.70 0.61 -27.84
CA VAL F 113 22.49 1.43 -27.83
C VAL F 113 22.05 1.70 -29.26
N ALA F 114 20.74 1.54 -29.51
CA ALA F 114 20.16 1.79 -30.82
C ALA F 114 18.92 2.67 -30.65
N ALA F 115 18.88 3.79 -31.34
CA ALA F 115 17.75 4.69 -31.29
C ALA F 115 16.60 4.16 -32.14
N PRO F 116 15.36 4.40 -31.74
CA PRO F 116 14.21 3.88 -32.49
C PRO F 116 13.92 4.68 -33.76
N SER F 117 13.49 3.97 -34.80
CA SER F 117 12.91 4.61 -35.97
C SER F 117 11.44 4.87 -35.69
N VAL F 118 10.99 6.10 -35.90
CA VAL F 118 9.67 6.55 -35.49
C VAL F 118 8.77 6.68 -36.71
N PHE F 119 7.60 6.04 -36.65
CA PHE F 119 6.58 6.15 -37.68
C PHE F 119 5.24 6.46 -37.01
N ILE F 120 4.31 7.01 -37.79
CA ILE F 120 2.99 7.36 -37.29
C ILE F 120 1.96 7.06 -38.36
N PHE F 121 0.82 6.50 -37.94
CA PHE F 121 -0.23 6.11 -38.87
C PHE F 121 -1.53 6.81 -38.49
N PRO F 122 -2.11 7.64 -39.37
CA PRO F 122 -3.41 8.22 -39.06
C PRO F 122 -4.50 7.16 -39.09
N PRO F 123 -5.61 7.37 -38.40
CA PRO F 123 -6.71 6.40 -38.47
C PRO F 123 -7.30 6.38 -39.88
N SER F 124 -7.71 5.18 -40.30
CA SER F 124 -8.19 4.98 -41.65
C SER F 124 -9.67 5.37 -41.76
N ASP F 125 -10.04 5.91 -42.93
CA ASP F 125 -11.43 6.26 -43.20
C ASP F 125 -12.34 5.05 -43.01
N GLU F 126 -11.80 3.85 -43.25
CA GLU F 126 -12.53 2.62 -43.03
C GLU F 126 -12.95 2.48 -41.57
N GLN F 127 -12.04 2.80 -40.65
CA GLN F 127 -12.37 2.82 -39.23
C GLN F 127 -13.19 4.05 -38.84
N LEU F 128 -12.94 5.19 -39.52
CA LEU F 128 -13.64 6.43 -39.16
C LEU F 128 -15.15 6.29 -39.33
N LYS F 129 -15.60 5.43 -40.24
CA LYS F 129 -17.02 5.18 -40.40
C LYS F 129 -17.61 4.55 -39.14
N SER F 130 -16.85 3.68 -38.48
CA SER F 130 -17.37 2.96 -37.31
C SER F 130 -17.72 3.90 -36.18
N GLY F 131 -16.86 4.87 -35.90
CA GLY F 131 -17.15 5.84 -34.86
C GLY F 131 -16.01 6.12 -33.90
N THR F 132 -14.87 5.47 -34.12
CA THR F 132 -13.70 5.64 -33.26
C THR F 132 -12.45 5.78 -34.14
N ALA F 133 -11.54 6.64 -33.70
CA ALA F 133 -10.28 6.89 -34.40
C ALA F 133 -9.12 6.33 -33.60
N SER F 134 -8.24 5.59 -34.26
CA SER F 134 -7.06 5.01 -33.64
C SER F 134 -5.82 5.49 -34.37
N VAL F 135 -4.91 6.15 -33.64
CA VAL F 135 -3.64 6.63 -34.19
C VAL F 135 -2.53 5.77 -33.60
N VAL F 136 -1.70 5.21 -34.47
CA VAL F 136 -0.66 4.27 -34.07
C VAL F 136 0.70 4.90 -34.33
N CYS F 137 1.57 4.86 -33.31
CA CYS F 137 2.95 5.32 -33.43
C CYS F 137 3.88 4.14 -33.24
N LEU F 138 4.84 3.98 -34.14
CA LEU F 138 5.74 2.84 -34.15
C LEU F 138 7.15 3.29 -33.80
N LEU F 139 7.75 2.62 -32.82
CA LEU F 139 9.16 2.74 -32.49
C LEU F 139 9.80 1.40 -32.83
N ASN F 140 10.79 1.42 -33.73
CA ASN F 140 11.25 0.20 -34.37
C ASN F 140 12.73 -0.03 -34.11
N ASN F 141 13.06 -1.24 -33.66
CA ASN F 141 14.43 -1.74 -33.57
C ASN F 141 15.32 -0.81 -32.74
N PHE F 142 14.97 -0.67 -31.46
CA PHE F 142 15.73 0.15 -30.54
C PHE F 142 16.22 -0.67 -29.36
N TYR F 143 17.35 -0.25 -28.80
CA TYR F 143 17.93 -0.81 -27.59
C TYR F 143 18.54 0.33 -26.79
N PRO F 144 18.41 0.32 -25.45
CA PRO F 144 17.69 -0.65 -24.61
C PRO F 144 16.17 -0.51 -24.62
N ARG F 145 15.49 -1.36 -23.84
CA ARG F 145 14.04 -1.46 -23.89
C ARG F 145 13.34 -0.19 -23.40
N GLU F 146 13.98 0.55 -22.49
CA GLU F 146 13.35 1.73 -21.91
C GLU F 146 13.07 2.78 -22.97
N ALA F 147 11.80 3.20 -23.06
CA ALA F 147 11.39 4.22 -24.01
C ALA F 147 10.10 4.86 -23.51
N LYS F 148 9.88 6.11 -23.93
CA LYS F 148 8.69 6.87 -23.54
C LYS F 148 8.06 7.46 -24.79
N VAL F 149 6.73 7.35 -24.89
CA VAL F 149 5.96 7.93 -25.98
C VAL F 149 4.94 8.89 -25.39
N GLN F 150 4.92 10.12 -25.91
CA GLN F 150 3.99 11.15 -25.48
C GLN F 150 3.13 11.56 -26.68
N TRP F 151 1.82 11.63 -26.47
CA TRP F 151 0.87 11.99 -27.51
C TRP F 151 0.47 13.45 -27.35
N LYS F 152 0.64 14.23 -28.42
CA LYS F 152 0.24 15.63 -28.45
C LYS F 152 -0.86 15.81 -29.49
N VAL F 153 -2.00 16.32 -29.06
CA VAL F 153 -3.12 16.61 -29.94
C VAL F 153 -3.32 18.12 -29.91
N ASP F 154 -3.03 18.78 -31.04
CA ASP F 154 -3.00 20.25 -31.11
C ASP F 154 -2.09 20.83 -30.04
N ASN F 155 -0.92 20.21 -29.87
CA ASN F 155 0.17 20.61 -28.98
C ASN F 155 -0.14 20.37 -27.51
N ALA F 156 -1.30 19.82 -27.17
CA ALA F 156 -1.65 19.50 -25.79
C ALA F 156 -1.40 18.02 -25.54
N LEU F 157 -0.67 17.72 -24.47
CA LEU F 157 -0.36 16.33 -24.16
C LEU F 157 -1.62 15.60 -23.69
N GLN F 158 -1.73 14.34 -24.10
CA GLN F 158 -2.82 13.47 -23.69
C GLN F 158 -2.37 12.51 -22.59
N SER F 159 -3.33 12.06 -21.80
CA SER F 159 -3.06 11.10 -20.74
C SER F 159 -4.29 10.26 -20.49
N GLY F 160 -4.08 8.97 -20.22
CA GLY F 160 -5.16 8.06 -19.89
C GLY F 160 -5.97 7.55 -21.06
N ASN F 161 -5.58 7.87 -22.30
CA ASN F 161 -6.32 7.41 -23.47
C ASN F 161 -5.37 6.80 -24.51
N SER F 162 -4.31 6.14 -24.06
CA SER F 162 -3.39 5.45 -24.94
C SER F 162 -2.85 4.21 -24.25
N GLN F 163 -2.48 3.22 -25.05
CA GLN F 163 -1.92 1.97 -24.55
C GLN F 163 -0.73 1.58 -25.43
N GLU F 164 0.29 1.01 -24.81
CA GLU F 164 1.48 0.61 -25.54
CA GLU F 164 1.52 0.63 -25.49
C GLU F 164 1.83 -0.84 -25.24
N SER F 165 2.51 -1.47 -26.18
CA SER F 165 2.98 -2.83 -26.05
C SER F 165 4.33 -2.95 -26.72
N VAL F 166 5.18 -3.81 -26.17
CA VAL F 166 6.56 -3.97 -26.64
C VAL F 166 6.78 -5.42 -27.02
N THR F 167 7.45 -5.65 -28.13
CA THR F 167 7.85 -7.00 -28.50
C THR F 167 8.96 -7.48 -27.58
N GLU F 168 9.22 -8.78 -27.64
CA GLU F 168 10.34 -9.35 -26.91
C GLU F 168 11.64 -9.06 -27.64
N GLN F 169 12.75 -9.25 -26.94
CA GLN F 169 14.05 -8.97 -27.52
C GLN F 169 14.32 -9.92 -28.69
N ASP F 170 14.74 -9.34 -29.81
CA ASP F 170 14.90 -10.11 -31.04
C ASP F 170 16.03 -11.12 -30.91
N SER F 171 15.79 -12.33 -31.42
CA SER F 171 16.82 -13.37 -31.42
C SER F 171 17.91 -13.11 -32.44
N LYS F 172 17.73 -12.10 -33.31
CA LYS F 172 18.74 -11.70 -34.27
C LYS F 172 19.31 -10.33 -33.95
N ASP F 173 18.45 -9.32 -33.83
CA ASP F 173 18.88 -7.94 -33.62
C ASP F 173 19.18 -7.62 -32.16
N SER F 174 18.61 -8.37 -31.22
CA SER F 174 18.62 -8.03 -29.80
C SER F 174 18.02 -6.65 -29.56
N THR F 175 17.04 -6.28 -30.38
CA THR F 175 16.38 -4.99 -30.28
C THR F 175 14.91 -5.19 -29.93
N TYR F 176 14.25 -4.09 -29.59
CA TYR F 176 12.85 -4.07 -29.25
C TYR F 176 12.09 -3.15 -30.20
N SER F 177 10.79 -3.38 -30.29
CA SER F 177 9.89 -2.49 -31.02
C SER F 177 8.68 -2.20 -30.14
N LEU F 178 8.17 -0.97 -30.26
CA LEU F 178 7.08 -0.51 -29.42
C LEU F 178 5.98 0.08 -30.30
N SER F 179 4.74 -0.32 -30.03
CA SER F 179 3.57 0.23 -30.71
C SER F 179 2.71 0.96 -29.68
N SER F 180 2.43 2.23 -29.94
CA SER F 180 1.56 3.04 -29.09
C SER F 180 0.30 3.39 -29.85
N THR F 181 -0.85 3.06 -29.28
CA THR F 181 -2.14 3.31 -29.91
C THR F 181 -2.89 4.39 -29.14
N LEU F 182 -3.30 5.44 -29.87
CA LEU F 182 -4.08 6.52 -29.31
C LEU F 182 -5.52 6.37 -29.78
N THR F 183 -6.45 6.27 -28.83
CA THR F 183 -7.86 6.08 -29.13
C THR F 183 -8.62 7.37 -28.86
N LEU F 184 -9.44 7.79 -29.81
CA LEU F 184 -10.20 9.03 -29.70
C LEU F 184 -11.61 8.82 -30.23
N SER F 185 -12.50 9.72 -29.82
CA SER F 185 -13.86 9.73 -30.34
C SER F 185 -13.86 10.20 -31.80
N LYS F 186 -14.99 10.00 -32.47
CA LYS F 186 -15.15 10.56 -33.80
C LYS F 186 -15.16 12.08 -33.74
N ALA F 187 -15.86 12.65 -32.76
CA ALA F 187 -15.91 14.11 -32.64
C ALA F 187 -14.58 14.69 -32.19
N ASP F 188 -13.94 14.06 -31.21
CA ASP F 188 -12.66 14.56 -30.72
C ASP F 188 -11.59 14.50 -31.79
N TYR F 189 -11.71 13.56 -32.73
CA TYR F 189 -10.77 13.51 -33.85
C TYR F 189 -11.12 14.53 -34.93
N GLU F 190 -12.38 14.94 -35.02
CA GLU F 190 -12.82 15.90 -36.03
C GLU F 190 -12.88 17.33 -35.50
N LYS F 191 -12.09 17.63 -34.47
CA LYS F 191 -11.90 19.00 -34.03
C LYS F 191 -10.43 19.29 -33.73
N HIS F 192 -9.51 18.43 -34.16
CA HIS F 192 -8.09 18.66 -34.02
C HIS F 192 -7.39 18.24 -35.31
N LYS F 193 -6.24 18.83 -35.55
CA LYS F 193 -5.61 18.72 -36.85
C LYS F 193 -4.19 18.20 -36.81
N VAL F 194 -3.40 18.59 -35.82
CA VAL F 194 -2.01 18.16 -35.69
C VAL F 194 -1.94 17.07 -34.64
N TYR F 195 -1.54 15.87 -35.06
CA TYR F 195 -1.40 14.72 -34.17
C TYR F 195 0.07 14.34 -34.12
N ALA F 196 0.66 14.43 -32.93
CA ALA F 196 2.10 14.28 -32.77
C ALA F 196 2.42 13.13 -31.83
N CYS F 197 3.52 12.44 -32.11
CA CYS F 197 4.05 11.36 -31.28
C CYS F 197 5.49 11.70 -30.92
N GLU F 198 5.71 12.08 -29.67
CA GLU F 198 7.04 12.45 -29.19
C GLU F 198 7.69 11.26 -28.50
N VAL F 199 8.93 10.96 -28.89
CA VAL F 199 9.64 9.76 -28.45
C VAL F 199 10.87 10.19 -27.66
N THR F 200 11.03 9.63 -26.47
CA THR F 200 12.20 9.83 -25.63
C THR F 200 12.93 8.49 -25.51
N HIS F 201 14.22 8.49 -25.86
CA HIS F 201 15.02 7.27 -25.79
C HIS F 201 16.47 7.65 -25.57
N GLN F 202 17.24 6.69 -25.06
CA GLN F 202 18.64 6.93 -24.74
C GLN F 202 19.44 7.27 -26.01
N GLY F 203 19.12 6.64 -27.13
CA GLY F 203 19.81 6.93 -28.37
C GLY F 203 19.41 8.23 -29.03
N LEU F 204 18.38 8.90 -28.52
CA LEU F 204 17.92 10.18 -29.03
C LEU F 204 18.35 11.26 -28.06
N SER F 205 19.41 12.01 -28.43
CA SER F 205 19.90 13.07 -27.56
C SER F 205 18.86 14.18 -27.37
N SER F 206 17.91 14.30 -28.29
CA SER F 206 16.77 15.19 -28.17
C SER F 206 15.50 14.43 -28.51
N PRO F 207 14.39 14.73 -27.84
CA PRO F 207 13.15 14.00 -28.13
C PRO F 207 12.69 14.21 -29.56
N VAL F 208 12.33 13.11 -30.23
CA VAL F 208 11.93 13.12 -31.62
C VAL F 208 10.41 13.07 -31.69
N THR F 209 9.82 14.03 -32.41
CA THR F 209 8.38 14.14 -32.55
C THR F 209 7.99 13.77 -33.98
N LYS F 210 7.11 12.78 -34.11
CA LYS F 210 6.53 12.41 -35.40
C LYS F 210 5.11 12.95 -35.45
N SER F 211 4.78 13.62 -36.55
CA SER F 211 3.53 14.37 -36.63
C SER F 211 2.93 14.24 -38.02
N PHE F 212 1.62 14.49 -38.09
CA PHE F 212 0.90 14.59 -39.35
C PHE F 212 -0.28 15.53 -39.15
N ASN F 213 -0.84 15.99 -40.27
CA ASN F 213 -2.04 16.81 -40.27
C ASN F 213 -3.21 16.01 -40.80
N ARG F 214 -4.37 16.16 -40.17
CA ARG F 214 -5.56 15.40 -40.55
C ARG F 214 -5.94 15.73 -41.99
N GLY F 215 -5.85 14.73 -42.87
CA GLY F 215 -6.12 14.93 -44.27
C GLY F 215 -5.11 15.83 -44.97
N GLU F 216 -3.83 15.72 -44.61
CA GLU F 216 -2.73 16.50 -45.17
C GLU F 216 -3.09 17.96 -45.45
N GLN G 1 -11.84 -16.66 5.36
CA GLN G 1 -12.40 -15.38 5.78
C GLN G 1 -13.34 -14.83 4.72
N SER G 2 -13.29 -15.41 3.52
CA SER G 2 -14.08 -14.95 2.39
C SER G 2 -14.72 -16.13 1.68
N LEU G 3 -15.96 -15.92 1.24
CA LEU G 3 -16.69 -16.89 0.42
C LEU G 3 -17.19 -16.18 -0.83
N GLU G 4 -17.04 -16.84 -1.97
CA GLU G 4 -17.45 -16.28 -3.25
C GLU G 4 -18.26 -17.32 -4.02
N GLU G 5 -19.53 -17.01 -4.27
CA GLU G 5 -20.37 -17.88 -5.10
C GLU G 5 -20.12 -17.61 -6.57
N SER G 6 -20.35 -18.63 -7.39
CA SER G 6 -20.23 -18.50 -8.83
C SER G 6 -21.10 -19.55 -9.50
N GLY G 7 -21.33 -19.34 -10.80
CA GLY G 7 -22.13 -20.26 -11.60
C GLY G 7 -23.56 -19.81 -11.84
N GLY G 8 -24.04 -18.80 -11.10
CA GLY G 8 -25.37 -18.27 -11.34
C GLY G 8 -25.51 -17.75 -12.76
N ASP G 9 -26.56 -18.17 -13.46
CA ASP G 9 -26.66 -17.93 -14.88
C ASP G 9 -28.13 -17.90 -15.29
N LEU G 10 -28.39 -17.41 -16.50
CA LEU G 10 -29.70 -17.51 -17.10
C LEU G 10 -29.87 -18.91 -17.71
N VAL G 11 -30.87 -19.65 -17.24
CA VAL G 11 -31.13 -21.00 -17.72
C VAL G 11 -32.60 -21.10 -18.11
N LYS G 12 -32.88 -22.03 -19.01
CA LYS G 12 -34.23 -22.27 -19.47
C LYS G 12 -34.97 -23.20 -18.51
N PRO G 13 -36.30 -23.13 -18.48
CA PRO G 13 -37.06 -24.02 -17.59
C PRO G 13 -36.78 -25.49 -17.91
N GLY G 14 -36.68 -26.29 -16.86
CA GLY G 14 -36.36 -27.69 -16.99
C GLY G 14 -34.89 -28.02 -16.98
N ALA G 15 -34.02 -27.02 -17.10
CA ALA G 15 -32.59 -27.26 -17.19
C ALA G 15 -32.00 -27.51 -15.79
N SER G 16 -30.73 -27.88 -15.79
CA SER G 16 -29.95 -28.05 -14.57
C SER G 16 -28.87 -26.99 -14.51
N LEU G 17 -28.42 -26.71 -13.28
CA LEU G 17 -27.35 -25.74 -13.06
C LEU G 17 -26.60 -26.16 -11.80
N THR G 18 -25.28 -26.00 -11.85
CA THR G 18 -24.42 -26.28 -10.69
C THR G 18 -23.76 -24.98 -10.26
N LEU G 19 -23.97 -24.61 -9.01
CA LEU G 19 -23.35 -23.42 -8.42
C LEU G 19 -22.13 -23.84 -7.61
N THR G 20 -21.19 -22.92 -7.49
CA THR G 20 -19.93 -23.18 -6.78
C THR G 20 -19.77 -22.17 -5.65
N CYS G 21 -19.29 -22.66 -4.50
CA CYS G 21 -18.89 -21.82 -3.37
C CYS G 21 -17.40 -22.01 -3.15
N THR G 22 -16.62 -20.97 -3.43
CA THR G 22 -15.17 -21.04 -3.35
C THR G 22 -14.69 -20.32 -2.10
N ALA G 23 -13.87 -21.02 -1.30
CA ALA G 23 -13.32 -20.47 -0.08
C ALA G 23 -12.00 -19.76 -0.38
N SER G 24 -11.85 -18.56 0.18
CA SER G 24 -10.65 -17.75 -0.02
C SER G 24 -10.06 -17.38 1.34
N GLY G 25 -8.75 -17.58 1.48
CA GLY G 25 -8.07 -17.29 2.73
C GLY G 25 -8.13 -18.38 3.76
N PHE G 26 -8.73 -19.52 3.45
CA PHE G 26 -8.78 -20.66 4.36
C PHE G 26 -9.10 -21.91 3.55
N SER G 27 -9.09 -23.06 4.23
CA SER G 27 -9.44 -24.33 3.61
C SER G 27 -10.33 -25.10 4.55
N PHE G 28 -11.16 -25.98 3.98
CA PHE G 28 -12.06 -26.81 4.78
C PHE G 28 -11.26 -27.83 5.57
N SER G 29 -11.52 -27.89 6.88
CA SER G 29 -10.79 -28.81 7.75
C SER G 29 -11.69 -29.47 8.81
N GLY G 30 -13.00 -29.44 8.62
CA GLY G 30 -13.91 -30.09 9.54
C GLY G 30 -14.47 -29.21 10.64
N SER G 31 -14.26 -27.90 10.57
CA SER G 31 -14.70 -27.01 11.64
C SER G 31 -16.09 -26.45 11.45
N TYR G 32 -16.67 -26.54 10.24
CA TYR G 32 -17.96 -25.94 9.96
C TYR G 32 -18.74 -26.82 8.99
N TYR G 33 -19.99 -26.43 8.77
CA TYR G 33 -20.80 -26.92 7.66
C TYR G 33 -20.98 -25.79 6.66
N MET G 34 -20.96 -26.13 5.38
CA MET G 34 -21.19 -25.16 4.33
C MET G 34 -22.64 -25.28 3.86
N CYS G 35 -23.34 -24.16 3.85
CA CYS G 35 -24.78 -24.15 3.64
C CYS G 35 -25.14 -23.19 2.52
N TRP G 36 -26.28 -23.47 1.87
CA TRP G 36 -26.82 -22.62 0.81
C TRP G 36 -28.16 -22.06 1.24
N VAL G 37 -28.32 -20.75 1.09
CA VAL G 37 -29.56 -20.04 1.39
C VAL G 37 -29.90 -19.17 0.19
N ARG G 38 -31.15 -19.23 -0.26
CA ARG G 38 -31.56 -18.50 -1.44
C ARG G 38 -32.58 -17.42 -1.08
N GLN G 39 -32.76 -16.48 -2.00
CA GLN G 39 -33.63 -15.33 -1.79
C GLN G 39 -34.19 -14.91 -3.14
N ALA G 40 -35.48 -15.16 -3.35
CA ALA G 40 -36.14 -14.68 -4.56
C ALA G 40 -36.15 -13.15 -4.56
N PRO G 41 -36.15 -12.54 -5.75
CA PRO G 41 -36.13 -11.06 -5.81
C PRO G 41 -37.28 -10.45 -5.04
N GLY G 42 -36.94 -9.63 -4.05
CA GLY G 42 -37.93 -8.95 -3.24
C GLY G 42 -38.56 -9.79 -2.16
N LYS G 43 -38.05 -10.99 -1.89
CA LYS G 43 -38.64 -11.90 -0.93
C LYS G 43 -37.66 -12.16 0.22
N GLY G 44 -38.02 -13.10 1.08
CA GLY G 44 -37.22 -13.45 2.23
C GLY G 44 -36.17 -14.50 1.93
N LEU G 45 -35.63 -15.09 3.00
CA LEU G 45 -34.55 -16.06 2.92
C LEU G 45 -35.09 -17.48 3.14
N GLU G 46 -34.61 -18.41 2.32
CA GLU G 46 -35.02 -19.81 2.40
C GLU G 46 -33.79 -20.70 2.45
N TRP G 47 -33.64 -21.46 3.53
CA TRP G 47 -32.53 -22.39 3.66
C TRP G 47 -32.72 -23.58 2.72
N ILE G 48 -31.62 -24.07 2.15
CA ILE G 48 -31.69 -25.15 1.17
C ILE G 48 -31.00 -26.41 1.70
N ALA G 49 -29.70 -26.31 2.00
CA ALA G 49 -28.93 -27.50 2.32
C ALA G 49 -27.67 -27.12 3.10
N CYS G 50 -27.06 -28.11 3.72
CA CYS G 50 -25.76 -27.99 4.39
C CYS G 50 -24.97 -29.26 4.17
N ILE G 51 -23.64 -29.16 4.31
CA ILE G 51 -22.77 -30.32 4.23
C ILE G 51 -21.57 -30.09 5.13
N TYR G 52 -21.12 -31.16 5.80
CA TYR G 52 -19.92 -31.12 6.62
C TYR G 52 -18.71 -30.85 5.72
N ASP G 53 -17.95 -29.80 6.03
CA ASP G 53 -16.85 -29.42 5.16
C ASP G 53 -15.61 -30.29 5.35
N GLY G 54 -15.64 -31.21 6.31
CA GLY G 54 -14.61 -32.21 6.46
C GLY G 54 -14.82 -33.46 5.64
N SER G 55 -15.83 -33.48 4.77
CA SER G 55 -16.14 -34.65 3.97
C SER G 55 -15.02 -34.93 2.97
N TYR G 56 -15.07 -36.13 2.40
CA TYR G 56 -14.13 -36.50 1.35
C TYR G 56 -14.38 -35.67 0.10
N ASP G 57 -13.32 -35.45 -0.68
CA ASP G 57 -13.46 -34.77 -1.96
C ASP G 57 -14.38 -35.58 -2.88
N GLY G 58 -15.36 -34.89 -3.47
CA GLY G 58 -16.30 -35.52 -4.36
C GLY G 58 -17.45 -36.25 -3.69
N SER G 59 -17.69 -36.00 -2.41
CA SER G 59 -18.70 -36.74 -1.65
C SER G 59 -19.93 -35.86 -1.41
N SER G 60 -21.10 -36.49 -1.41
CA SER G 60 -22.35 -35.86 -1.03
C SER G 60 -22.87 -36.36 0.31
N ASP G 61 -22.06 -37.10 1.06
CA ASP G 61 -22.45 -37.58 2.37
C ASP G 61 -22.42 -36.45 3.39
N ASN G 62 -22.95 -36.74 4.59
CA ASN G 62 -22.96 -35.78 5.70
C ASN G 62 -23.69 -34.51 5.31
N ALA G 63 -24.79 -34.66 4.58
CA ALA G 63 -25.53 -33.53 4.03
C ALA G 63 -26.97 -33.54 4.54
N TYR G 64 -27.53 -32.34 4.67
CA TYR G 64 -28.91 -32.17 5.09
C TYR G 64 -29.62 -31.27 4.09
N TYR G 65 -30.88 -31.57 3.82
CA TYR G 65 -31.67 -30.85 2.83
C TYR G 65 -33.02 -30.47 3.39
N ALA G 66 -33.52 -29.30 3.00
CA ALA G 66 -34.91 -28.97 3.24
C ALA G 66 -35.79 -29.97 2.50
N SER G 67 -36.96 -30.27 3.08
CA SER G 67 -37.82 -31.31 2.53
C SER G 67 -38.22 -30.99 1.09
N TRP G 68 -38.47 -29.71 0.79
CA TRP G 68 -38.85 -29.34 -0.56
C TRP G 68 -37.69 -29.53 -1.55
N ALA G 69 -36.46 -29.37 -1.08
CA ALA G 69 -35.29 -29.41 -1.95
C ALA G 69 -34.66 -30.79 -2.07
N LYS G 70 -35.02 -31.73 -1.20
CA LYS G 70 -34.38 -33.04 -1.18
C LYS G 70 -34.54 -33.74 -2.52
N GLY G 71 -33.44 -34.27 -3.04
CA GLY G 71 -33.41 -34.99 -4.30
C GLY G 71 -33.27 -34.12 -5.53
N ARG G 72 -33.98 -33.00 -5.58
CA ARG G 72 -33.83 -32.06 -6.69
C ARG G 72 -32.55 -31.24 -6.56
N PHE G 73 -32.07 -31.05 -5.33
CA PHE G 73 -30.83 -30.35 -5.06
C PHE G 73 -29.81 -31.31 -4.49
N THR G 74 -28.55 -31.16 -4.91
CA THR G 74 -27.45 -32.00 -4.44
C THR G 74 -26.29 -31.10 -4.04
N ILE G 75 -25.85 -31.21 -2.80
CA ILE G 75 -24.72 -30.45 -2.28
C ILE G 75 -23.54 -31.40 -2.15
N SER G 76 -22.35 -30.92 -2.53
CA SER G 76 -21.16 -31.76 -2.53
C SER G 76 -19.95 -30.91 -2.15
N LYS G 77 -18.97 -31.56 -1.53
CA LYS G 77 -17.64 -30.99 -1.36
C LYS G 77 -16.75 -31.58 -2.44
N THR G 78 -16.17 -30.71 -3.28
CA THR G 78 -15.34 -31.16 -4.39
C THR G 78 -13.85 -30.95 -4.14
N SER G 79 -13.48 -30.07 -3.22
CA SER G 79 -12.08 -29.86 -2.88
C SER G 79 -12.02 -29.18 -1.51
N SER G 80 -10.80 -28.90 -1.07
CA SER G 80 -10.60 -28.23 0.20
C SER G 80 -11.06 -26.78 0.18
N THR G 81 -11.39 -26.23 -1.00
CA THR G 81 -11.84 -24.85 -1.10
C THR G 81 -13.11 -24.69 -1.92
N THR G 82 -13.77 -25.78 -2.35
CA THR G 82 -14.94 -25.67 -3.20
C THR G 82 -16.06 -26.59 -2.72
N VAL G 83 -17.27 -26.04 -2.66
CA VAL G 83 -18.50 -26.79 -2.41
C VAL G 83 -19.50 -26.40 -3.49
N THR G 84 -20.20 -27.39 -4.05
CA THR G 84 -21.13 -27.15 -5.15
C THR G 84 -22.56 -27.49 -4.73
N LEU G 85 -23.50 -26.87 -5.45
CA LEU G 85 -24.93 -27.15 -5.30
C LEU G 85 -25.49 -27.38 -6.69
N GLN G 86 -25.93 -28.60 -6.97
CA GLN G 86 -26.52 -28.94 -8.26
C GLN G 86 -28.04 -28.89 -8.14
N MET G 87 -28.67 -28.10 -8.98
CA MET G 87 -30.13 -27.96 -9.00
C MET G 87 -30.66 -28.41 -10.36
N THR G 88 -31.68 -29.25 -10.34
CA THR G 88 -32.30 -29.79 -11.54
C THR G 88 -33.76 -29.38 -11.61
N SER G 89 -34.36 -29.62 -12.77
CA SER G 89 -35.80 -29.37 -12.99
C SER G 89 -36.19 -27.95 -12.60
N LEU G 90 -35.37 -26.99 -13.04
CA LEU G 90 -35.55 -25.61 -12.63
C LEU G 90 -36.80 -25.00 -13.24
N THR G 91 -37.53 -24.22 -12.45
CA THR G 91 -38.67 -23.43 -12.89
C THR G 91 -38.47 -21.99 -12.43
N ALA G 92 -39.44 -21.14 -12.79
CA ALA G 92 -39.36 -19.73 -12.43
C ALA G 92 -39.37 -19.52 -10.92
N ALA G 93 -39.95 -20.46 -10.17
CA ALA G 93 -39.93 -20.37 -8.71
C ALA G 93 -38.53 -20.53 -8.14
N ASP G 94 -37.58 -21.02 -8.93
CA ASP G 94 -36.19 -21.18 -8.49
C ASP G 94 -35.34 -19.95 -8.78
N THR G 95 -35.87 -18.96 -9.50
CA THR G 95 -35.16 -17.71 -9.71
C THR G 95 -34.89 -17.03 -8.38
N ALA G 96 -33.61 -16.83 -8.06
CA ALA G 96 -33.22 -16.28 -6.77
C ALA G 96 -31.73 -15.97 -6.79
N THR G 97 -31.32 -15.13 -5.85
CA THR G 97 -29.91 -15.03 -5.50
C THR G 97 -29.58 -16.14 -4.51
N TYR G 98 -28.52 -16.90 -4.79
CA TYR G 98 -28.14 -18.04 -3.97
C TYR G 98 -26.91 -17.69 -3.17
N PHE G 99 -27.01 -17.76 -1.84
CA PHE G 99 -25.93 -17.41 -0.94
C PHE G 99 -25.29 -18.67 -0.38
N CYS G 100 -23.97 -18.66 -0.29
CA CYS G 100 -23.21 -19.68 0.42
C CYS G 100 -22.86 -19.15 1.80
N ALA G 101 -23.03 -20.00 2.82
CA ALA G 101 -22.84 -19.56 4.19
C ALA G 101 -22.13 -20.62 5.02
N ARG G 102 -21.28 -20.16 5.93
CA ARG G 102 -20.68 -21.03 6.93
C ARG G 102 -21.71 -21.35 8.00
N GLY G 103 -21.89 -22.64 8.30
CA GLY G 103 -22.77 -23.08 9.34
C GLY G 103 -22.00 -23.50 10.57
N VAL G 104 -22.24 -22.81 11.67
CA VAL G 104 -21.71 -23.23 12.97
C VAL G 104 -22.62 -24.31 13.51
N TYR G 105 -22.09 -25.52 13.67
CA TYR G 105 -22.91 -26.68 13.99
C TYR G 105 -22.79 -27.07 15.45
N PHE G 106 -23.84 -27.74 15.94
CA PHE G 106 -23.86 -28.31 17.28
C PHE G 106 -24.17 -29.79 17.15
N TYR G 107 -23.29 -30.63 17.71
CA TYR G 107 -23.49 -32.06 17.67
C TYR G 107 -24.61 -32.47 18.62
N ALA G 108 -25.58 -33.23 18.11
CA ALA G 108 -26.75 -33.61 18.91
C ALA G 108 -27.01 -35.11 18.88
N GLY G 109 -25.98 -35.92 18.64
CA GLY G 109 -26.16 -37.37 18.61
C GLY G 109 -25.98 -37.95 17.22
N HIS G 110 -27.06 -38.48 16.64
CA HIS G 110 -26.98 -39.04 15.30
C HIS G 110 -27.09 -37.98 14.21
N PHE G 111 -27.06 -36.70 14.58
CA PHE G 111 -27.15 -35.60 13.64
C PHE G 111 -26.59 -34.35 14.30
N VAL G 112 -26.36 -33.32 13.48
CA VAL G 112 -25.90 -32.03 13.96
C VAL G 112 -26.98 -31.00 13.69
N ILE G 113 -26.98 -29.94 14.49
CA ILE G 113 -27.94 -28.84 14.37
C ILE G 113 -27.17 -27.57 14.06
N MET G 114 -27.58 -26.88 12.99
CA MET G 114 -26.97 -25.60 12.65
C MET G 114 -27.32 -24.57 13.71
N ARG G 115 -26.30 -23.98 14.33
CA ARG G 115 -26.52 -23.00 15.38
C ARG G 115 -26.82 -21.62 14.81
N TYR G 116 -26.06 -21.19 13.81
CA TYR G 116 -26.26 -19.92 13.12
C TYR G 116 -25.36 -19.91 11.89
N PHE G 117 -25.49 -18.86 11.08
CA PHE G 117 -24.70 -18.67 9.87
C PHE G 117 -23.86 -17.41 10.03
N VAL G 118 -22.54 -17.57 10.07
CA VAL G 118 -21.64 -16.46 10.38
C VAL G 118 -21.22 -15.72 9.11
N LEU G 119 -20.72 -16.45 8.11
CA LEU G 119 -20.04 -15.86 6.97
C LEU G 119 -20.88 -16.11 5.73
N TRP G 120 -21.29 -15.04 5.06
CA TRP G 120 -22.12 -15.11 3.87
C TRP G 120 -21.36 -14.56 2.68
N GLY G 121 -21.38 -15.27 1.57
CA GLY G 121 -20.83 -14.77 0.33
C GLY G 121 -21.76 -13.76 -0.29
N PRO G 122 -21.26 -13.00 -1.27
CA PRO G 122 -22.11 -11.97 -1.91
C PRO G 122 -23.32 -12.53 -2.64
N GLY G 123 -23.32 -13.82 -2.96
CA GLY G 123 -24.43 -14.43 -3.68
C GLY G 123 -24.19 -14.46 -5.19
N THR G 124 -24.91 -15.37 -5.84
CA THR G 124 -24.89 -15.47 -7.29
C THR G 124 -26.33 -15.64 -7.78
N LEU G 125 -26.66 -14.97 -8.88
CA LEU G 125 -28.04 -14.84 -9.32
C LEU G 125 -28.38 -15.91 -10.36
N VAL G 126 -29.45 -16.65 -10.09
CA VAL G 126 -29.97 -17.67 -11.00
C VAL G 126 -31.29 -17.15 -11.58
N THR G 127 -31.36 -17.07 -12.91
CA THR G 127 -32.55 -16.61 -13.61
C THR G 127 -33.05 -17.75 -14.48
N VAL G 128 -34.20 -18.31 -14.11
CA VAL G 128 -34.84 -19.38 -14.87
C VAL G 128 -35.87 -18.75 -15.78
N SER G 129 -35.58 -18.70 -17.07
CA SER G 129 -36.48 -18.08 -18.03
C SER G 129 -36.18 -18.61 -19.42
N SER G 130 -37.17 -18.48 -20.29
CA SER G 130 -37.02 -18.83 -21.70
C SER G 130 -36.48 -17.67 -22.54
N GLY G 131 -36.32 -16.48 -21.95
CA GLY G 131 -35.80 -15.37 -22.68
C GLY G 131 -34.32 -15.49 -22.97
N GLN G 132 -33.84 -14.64 -23.90
CA GLN G 132 -32.46 -14.66 -24.34
C GLN G 132 -31.69 -13.49 -23.76
N PRO G 133 -30.38 -13.64 -23.54
CA PRO G 133 -29.58 -12.50 -23.07
C PRO G 133 -29.57 -11.39 -24.11
N LYS G 134 -29.85 -10.17 -23.64
CA LYS G 134 -30.00 -9.01 -24.52
C LYS G 134 -29.16 -7.86 -23.98
N ALA G 135 -28.33 -7.28 -24.86
CA ALA G 135 -27.50 -6.17 -24.46
C ALA G 135 -28.34 -4.90 -24.29
N PRO G 136 -28.02 -4.06 -23.32
CA PRO G 136 -28.79 -2.83 -23.13
C PRO G 136 -28.39 -1.74 -24.12
N SER G 137 -29.16 -0.66 -24.10
CA SER G 137 -28.85 0.56 -24.82
C SER G 137 -28.79 1.71 -23.83
N VAL G 138 -27.67 2.43 -23.82
CA VAL G 138 -27.42 3.48 -22.85
C VAL G 138 -27.71 4.81 -23.53
N PHE G 139 -28.87 5.40 -23.22
CA PHE G 139 -29.29 6.69 -23.76
C PHE G 139 -29.08 7.78 -22.72
N PRO G 140 -28.53 8.93 -23.10
CA PRO G 140 -28.27 9.98 -22.11
C PRO G 140 -29.55 10.66 -21.67
N LEU G 141 -29.48 11.25 -20.47
CA LEU G 141 -30.52 12.12 -19.94
C LEU G 141 -29.89 13.50 -19.82
N ALA G 142 -30.06 14.31 -20.86
CA ALA G 142 -29.32 15.57 -20.98
C ALA G 142 -29.75 16.55 -19.90
N PRO G 143 -28.82 17.12 -19.14
CA PRO G 143 -29.19 18.11 -18.12
C PRO G 143 -29.71 19.39 -18.75
N SER G 144 -30.55 20.08 -17.99
CA SER G 144 -31.13 21.34 -18.44
C SER G 144 -30.35 22.53 -17.89
N THR G 152 -27.79 23.54 -8.49
CA THR G 152 -27.87 22.10 -8.70
C THR G 152 -28.42 21.77 -10.09
N ALA G 153 -27.73 20.87 -10.78
CA ALA G 153 -28.17 20.37 -12.07
C ALA G 153 -28.27 18.85 -12.01
N ALA G 154 -29.22 18.29 -12.76
CA ALA G 154 -29.46 16.86 -12.78
C ALA G 154 -29.16 16.29 -14.17
N LEU G 155 -28.32 15.26 -14.21
CA LEU G 155 -27.98 14.57 -15.44
C LEU G 155 -27.94 13.08 -15.15
N GLY G 156 -28.07 12.27 -16.19
CA GLY G 156 -28.08 10.84 -15.98
C GLY G 156 -28.06 10.05 -17.27
N CYS G 157 -28.17 8.73 -17.11
CA CYS G 157 -28.16 7.79 -18.23
C CYS G 157 -29.35 6.85 -18.11
N LEU G 158 -29.94 6.51 -19.26
CA LEU G 158 -31.07 5.59 -19.34
C LEU G 158 -30.57 4.28 -19.92
N VAL G 159 -30.55 3.24 -19.11
CA VAL G 159 -30.15 1.90 -19.53
C VAL G 159 -31.43 1.12 -19.82
N LYS G 160 -31.67 0.80 -21.09
CA LYS G 160 -32.95 0.30 -21.55
C LYS G 160 -32.77 -0.96 -22.39
N ASP G 161 -33.75 -1.85 -22.31
CA ASP G 161 -33.84 -3.05 -23.14
C ASP G 161 -32.64 -3.98 -22.93
N TYR G 162 -32.56 -4.53 -21.72
CA TYR G 162 -31.58 -5.54 -21.40
C TYR G 162 -32.23 -6.70 -20.65
N PHE G 163 -31.60 -7.88 -20.75
CA PHE G 163 -32.01 -9.07 -20.04
C PHE G 163 -30.80 -9.99 -19.99
N PRO G 164 -30.54 -10.66 -18.85
CA PRO G 164 -31.24 -10.57 -17.57
C PRO G 164 -30.57 -9.57 -16.62
N GLU G 165 -30.99 -9.55 -15.36
CA GLU G 165 -30.29 -8.79 -14.34
C GLU G 165 -28.91 -9.41 -14.09
N PRO G 166 -27.95 -8.61 -13.62
CA PRO G 166 -28.00 -7.20 -13.28
C PRO G 166 -27.26 -6.29 -14.25
N VAL G 167 -27.29 -4.99 -14.01
CA VAL G 167 -26.42 -4.03 -14.67
C VAL G 167 -25.71 -3.21 -13.60
N THR G 168 -24.52 -2.72 -13.94
CA THR G 168 -23.74 -1.88 -13.06
C THR G 168 -23.49 -0.54 -13.74
N VAL G 169 -23.85 0.54 -13.08
CA VAL G 169 -23.64 1.89 -13.59
C VAL G 169 -22.74 2.63 -12.61
N SER G 170 -21.62 3.14 -13.12
CA SER G 170 -20.73 4.01 -12.36
C SER G 170 -20.58 5.33 -13.11
N TRP G 171 -20.21 6.36 -12.37
CA TRP G 171 -20.01 7.69 -12.94
C TRP G 171 -18.54 8.09 -12.78
N ASN G 172 -17.93 8.48 -13.90
CA ASN G 172 -16.53 8.92 -13.95
C ASN G 172 -15.60 7.85 -13.36
N SER G 173 -15.84 6.60 -13.74
CA SER G 173 -15.00 5.46 -13.35
C SER G 173 -14.91 5.34 -11.84
N GLY G 174 -16.02 5.59 -11.15
CA GLY G 174 -16.09 5.48 -9.71
C GLY G 174 -15.64 6.71 -8.95
N ALA G 175 -15.17 7.75 -9.64
CA ALA G 175 -14.72 8.96 -8.94
C ALA G 175 -15.90 9.71 -8.34
N LEU G 176 -17.00 9.83 -9.07
CA LEU G 176 -18.17 10.58 -8.62
C LEU G 176 -19.11 9.63 -7.87
N THR G 177 -19.20 9.80 -6.56
CA THR G 177 -20.04 8.94 -5.72
C THR G 177 -21.12 9.68 -4.97
N SER G 178 -20.89 10.93 -4.56
CA SER G 178 -21.89 11.69 -3.83
C SER G 178 -22.95 12.24 -4.78
N GLY G 179 -24.20 12.22 -4.33
CA GLY G 179 -25.30 12.72 -5.12
C GLY G 179 -25.73 11.83 -6.26
N VAL G 180 -25.35 10.55 -6.23
CA VAL G 180 -25.67 9.61 -7.30
C VAL G 180 -26.81 8.71 -6.86
N HIS G 181 -27.77 8.50 -7.75
CA HIS G 181 -28.89 7.61 -7.49
C HIS G 181 -29.07 6.68 -8.69
N THR G 182 -28.90 5.38 -8.46
CA THR G 182 -29.14 4.35 -9.47
C THR G 182 -30.41 3.61 -9.07
N PHE G 183 -31.47 3.81 -9.83
CA PHE G 183 -32.78 3.29 -9.47
C PHE G 183 -32.87 1.78 -9.75
N PRO G 184 -33.66 1.06 -8.96
CA PRO G 184 -33.86 -0.37 -9.24
C PRO G 184 -34.52 -0.57 -10.60
N ALA G 185 -34.16 -1.66 -11.24
CA ALA G 185 -34.66 -1.95 -12.58
C ALA G 185 -36.17 -2.23 -12.54
N VAL G 186 -36.82 -1.93 -13.66
CA VAL G 186 -38.24 -2.23 -13.85
C VAL G 186 -38.36 -3.09 -15.11
N LEU G 187 -39.27 -4.06 -15.07
CA LEU G 187 -39.46 -4.98 -16.17
C LEU G 187 -40.56 -4.45 -17.08
N GLN G 188 -40.20 -4.15 -18.32
CA GLN G 188 -41.16 -3.63 -19.30
C GLN G 188 -42.01 -4.76 -19.85
N SER G 189 -43.09 -4.38 -20.54
CA SER G 189 -43.99 -5.36 -21.14
C SER G 189 -43.31 -6.18 -22.23
N SER G 190 -42.18 -5.70 -22.76
CA SER G 190 -41.43 -6.42 -23.78
C SER G 190 -40.60 -7.56 -23.20
N GLY G 191 -40.68 -7.80 -21.90
CA GLY G 191 -39.81 -8.78 -21.27
C GLY G 191 -38.39 -8.33 -21.08
N LEU G 192 -38.14 -7.01 -21.12
CA LEU G 192 -36.82 -6.45 -20.95
C LEU G 192 -36.83 -5.43 -19.82
N TYR G 193 -35.69 -5.30 -19.15
CA TYR G 193 -35.56 -4.41 -18.02
C TYR G 193 -35.12 -3.01 -18.47
N SER G 194 -35.53 -2.00 -17.69
CA SER G 194 -35.10 -0.63 -17.89
C SER G 194 -34.62 -0.06 -16.56
N LEU G 195 -33.50 0.66 -16.61
CA LEU G 195 -32.90 1.24 -15.42
C LEU G 195 -32.44 2.65 -15.74
N SER G 196 -32.48 3.51 -14.73
CA SER G 196 -31.99 4.88 -14.85
C SER G 196 -31.01 5.16 -13.72
N SER G 197 -29.91 5.84 -14.07
CA SER G 197 -28.96 6.35 -13.08
C SER G 197 -28.84 7.85 -13.29
N VAL G 198 -28.87 8.61 -12.19
CA VAL G 198 -28.79 10.06 -12.25
C VAL G 198 -27.81 10.54 -11.18
N VAL G 199 -27.35 11.77 -11.35
CA VAL G 199 -26.49 12.42 -10.38
C VAL G 199 -26.78 13.92 -10.40
N THR G 200 -26.76 14.53 -9.22
CA THR G 200 -26.90 15.98 -9.09
C THR G 200 -25.53 16.61 -8.87
N VAL G 201 -25.19 17.57 -9.71
CA VAL G 201 -23.90 18.24 -9.65
C VAL G 201 -24.12 19.74 -9.70
N PRO G 202 -23.19 20.52 -9.16
CA PRO G 202 -23.28 21.98 -9.33
C PRO G 202 -23.25 22.35 -10.81
N SER G 203 -24.08 23.33 -11.16
CA SER G 203 -24.18 23.74 -12.56
C SER G 203 -22.98 24.55 -13.02
N SER G 204 -22.20 25.10 -12.09
CA SER G 204 -20.98 25.81 -12.46
C SER G 204 -19.92 24.86 -12.99
N SER G 205 -19.97 23.59 -12.62
CA SER G 205 -19.01 22.59 -13.07
C SER G 205 -19.44 21.90 -14.36
N LEU G 206 -20.57 22.29 -14.94
CA LEU G 206 -21.01 21.67 -16.19
C LEU G 206 -20.04 21.94 -17.34
N GLY G 207 -19.27 23.02 -17.26
CA GLY G 207 -18.28 23.31 -18.28
C GLY G 207 -16.92 22.72 -17.94
N THR G 208 -16.45 22.97 -16.72
CA THR G 208 -15.12 22.51 -16.34
C THR G 208 -15.08 20.99 -16.17
N GLN G 209 -16.06 20.42 -15.49
CA GLN G 209 -16.08 18.99 -15.22
C GLN G 209 -16.88 18.25 -16.28
N THR G 210 -16.39 17.07 -16.66
CA THR G 210 -17.06 16.19 -17.59
C THR G 210 -17.60 14.98 -16.85
N TYR G 211 -18.77 14.51 -17.27
CA TYR G 211 -19.47 13.41 -16.60
C TYR G 211 -19.75 12.30 -17.59
N ILE G 212 -19.32 11.09 -17.25
CA ILE G 212 -19.54 9.91 -18.07
C ILE G 212 -20.11 8.80 -17.19
N CYS G 213 -21.09 8.07 -17.71
CA CYS G 213 -21.67 6.94 -17.00
C CYS G 213 -21.08 5.65 -17.57
N ASN G 214 -20.64 4.78 -16.67
CA ASN G 214 -19.97 3.53 -17.04
C ASN G 214 -20.95 2.38 -16.77
N VAL G 215 -21.66 1.97 -17.82
CA VAL G 215 -22.67 0.92 -17.72
C VAL G 215 -22.03 -0.39 -18.14
N ASN G 216 -22.08 -1.38 -17.24
CA ASN G 216 -21.53 -2.71 -17.51
C ASN G 216 -22.63 -3.73 -17.32
N HIS G 217 -22.98 -4.43 -18.40
CA HIS G 217 -23.93 -5.54 -18.37
C HIS G 217 -23.13 -6.81 -18.65
N LYS G 218 -22.67 -7.44 -17.57
CA LYS G 218 -21.80 -8.60 -17.70
C LYS G 218 -22.37 -9.77 -18.50
N PRO G 219 -23.65 -10.14 -18.37
CA PRO G 219 -24.16 -11.29 -19.15
C PRO G 219 -24.02 -11.11 -20.66
N SER G 220 -23.95 -9.88 -21.16
CA SER G 220 -23.80 -9.62 -22.58
C SER G 220 -22.45 -9.04 -22.95
N ASN G 221 -21.55 -8.85 -21.98
CA ASN G 221 -20.25 -8.23 -22.22
C ASN G 221 -20.40 -6.87 -22.89
N THR G 222 -21.39 -6.11 -22.43
CA THR G 222 -21.67 -4.78 -22.98
C THR G 222 -21.15 -3.74 -22.00
N LYS G 223 -20.03 -3.12 -22.35
CA LYS G 223 -19.46 -2.00 -21.60
C LYS G 223 -19.65 -0.75 -22.44
N VAL G 224 -20.61 0.08 -22.06
CA VAL G 224 -20.93 1.32 -22.77
C VAL G 224 -20.66 2.48 -21.83
N ASP G 225 -19.79 3.38 -22.25
CA ASP G 225 -19.50 4.62 -21.52
C ASP G 225 -19.97 5.78 -22.38
N LYS G 226 -20.99 6.49 -21.92
CA LYS G 226 -21.56 7.61 -22.64
C LYS G 226 -21.32 8.90 -21.88
N ARG G 227 -20.75 9.89 -22.56
CA ARG G 227 -20.52 11.19 -21.96
C ARG G 227 -21.84 11.96 -21.88
N VAL G 228 -22.14 12.52 -20.71
CA VAL G 228 -23.36 13.26 -20.48
C VAL G 228 -23.00 14.73 -20.37
N GLU G 229 -23.40 15.52 -21.36
CA GLU G 229 -23.19 16.95 -21.39
C GLU G 229 -24.46 17.61 -21.88
N PRO G 230 -24.71 18.86 -21.49
CA PRO G 230 -25.92 19.54 -21.95
C PRO G 230 -25.94 19.69 -23.47
N LYS G 231 -27.13 19.56 -24.04
CA LYS G 231 -27.29 19.62 -25.49
C LYS G 231 -27.38 21.08 -25.96
N ALA H 1 -43.21 -27.80 9.82
CA ALA H 1 -44.06 -27.94 11.00
C ALA H 1 -43.71 -26.89 12.05
N GLN H 2 -42.66 -26.13 11.80
CA GLN H 2 -42.11 -25.17 12.76
C GLN H 2 -41.97 -23.83 12.05
N VAL H 3 -42.81 -22.87 12.45
CA VAL H 3 -42.96 -21.61 11.72
C VAL H 3 -42.57 -20.45 12.63
N LEU H 4 -41.81 -19.50 12.07
CA LEU H 4 -41.43 -18.28 12.76
C LEU H 4 -42.29 -17.12 12.24
N THR H 5 -43.01 -16.46 13.13
CA THR H 5 -43.83 -15.31 12.78
C THR H 5 -43.11 -14.05 13.22
N GLN H 6 -42.71 -13.23 12.25
CA GLN H 6 -41.98 -12.00 12.52
C GLN H 6 -42.91 -10.82 12.29
N THR H 7 -43.22 -10.09 13.36
CA THR H 7 -44.07 -8.91 13.31
C THR H 7 -43.34 -7.71 13.91
N PRO H 8 -43.60 -6.50 13.41
CA PRO H 8 -44.43 -6.18 12.25
C PRO H 8 -43.58 -6.16 10.99
N SER H 9 -44.18 -5.96 9.81
CA SER H 9 -43.41 -5.91 8.58
C SER H 9 -42.58 -4.64 8.46
N SER H 10 -42.91 -3.60 9.23
CA SER H 10 -42.20 -2.34 9.15
C SER H 10 -42.25 -1.62 10.49
N VAL H 11 -41.12 -1.08 10.91
CA VAL H 11 -41.02 -0.24 12.10
C VAL H 11 -40.31 1.05 11.71
N SER H 12 -40.54 2.09 12.52
CA SER H 12 -39.92 3.38 12.27
C SER H 12 -39.56 4.04 13.60
N ALA H 13 -38.49 4.82 13.56
CA ALA H 13 -38.10 5.65 14.69
C ALA H 13 -37.15 6.73 14.18
N ALA H 14 -37.08 7.83 14.94
CA ALA H 14 -36.11 8.87 14.64
C ALA H 14 -34.73 8.44 15.14
N VAL H 15 -33.73 9.25 14.82
CA VAL H 15 -32.37 8.97 15.28
C VAL H 15 -32.35 9.03 16.81
N GLY H 16 -31.94 7.92 17.43
CA GLY H 16 -31.94 7.79 18.86
C GLY H 16 -33.15 7.09 19.45
N GLY H 17 -34.15 6.77 18.62
CA GLY H 17 -35.31 6.04 19.10
C GLY H 17 -35.03 4.56 19.26
N THR H 18 -36.03 3.86 19.77
CA THR H 18 -35.98 2.42 19.99
C THR H 18 -37.04 1.75 19.14
N VAL H 19 -36.63 0.82 18.29
CA VAL H 19 -37.55 -0.02 17.53
C VAL H 19 -37.50 -1.42 18.10
N SER H 20 -38.66 -2.07 18.17
CA SER H 20 -38.78 -3.42 18.71
C SER H 20 -39.34 -4.32 17.61
N ILE H 21 -38.64 -5.44 17.36
CA ILE H 21 -39.04 -6.40 16.34
C ILE H 21 -39.26 -7.74 17.02
N SER H 22 -40.45 -8.32 16.82
CA SER H 22 -40.84 -9.55 17.48
C SER H 22 -40.71 -10.75 16.54
N CYS H 23 -40.30 -11.88 17.11
CA CYS H 23 -40.19 -13.15 16.40
C CYS H 23 -40.85 -14.21 17.27
N GLN H 24 -41.93 -14.81 16.78
CA GLN H 24 -42.70 -15.80 17.53
C GLN H 24 -42.61 -17.16 16.83
N SER H 25 -42.30 -18.19 17.60
CA SER H 25 -42.17 -19.54 17.09
C SER H 25 -43.33 -20.39 17.58
N SER H 26 -43.92 -21.18 16.67
CA SER H 26 -44.98 -22.10 17.07
C SER H 26 -44.50 -23.20 18.00
N GLN H 27 -43.18 -23.38 18.11
CA GLN H 27 -42.59 -24.39 18.97
C GLN H 27 -41.34 -23.83 19.62
N SER H 28 -41.02 -24.33 20.80
CA SER H 28 -39.86 -23.85 21.54
C SER H 28 -38.58 -24.03 20.72
N VAL H 29 -37.72 -23.01 20.75
CA VAL H 29 -36.49 -23.02 19.97
C VAL H 29 -35.42 -23.78 20.74
N TYR H 30 -34.76 -24.72 20.06
CA TYR H 30 -33.79 -25.60 20.69
C TYR H 30 -32.63 -24.80 21.27
N SER H 31 -32.44 -24.92 22.60
CA SER H 31 -31.38 -24.22 23.33
C SER H 31 -31.42 -22.71 23.08
N ASN H 32 -32.58 -22.18 22.70
CA ASN H 32 -32.73 -20.78 22.33
C ASN H 32 -31.78 -20.38 21.22
N TYR H 33 -31.68 -21.24 20.19
CA TYR H 33 -30.87 -20.95 19.00
C TYR H 33 -31.68 -20.06 18.06
N LEU H 34 -31.90 -18.82 18.49
CA LEU H 34 -32.56 -17.81 17.68
C LEU H 34 -31.54 -16.75 17.30
N SER H 35 -31.43 -16.46 16.01
CA SER H 35 -30.44 -15.52 15.52
C SER H 35 -31.12 -14.42 14.70
N TRP H 36 -30.50 -13.25 14.68
CA TRP H 36 -31.00 -12.10 13.95
C TRP H 36 -29.98 -11.68 12.91
N TYR H 37 -30.46 -11.32 11.71
CA TYR H 37 -29.61 -10.95 10.60
C TYR H 37 -30.06 -9.61 10.03
N GLN H 38 -29.09 -8.81 9.58
CA GLN H 38 -29.36 -7.54 8.91
C GLN H 38 -29.00 -7.68 7.45
N GLN H 39 -29.88 -7.21 6.56
CA GLN H 39 -29.61 -7.22 5.13
C GLN H 39 -29.89 -5.83 4.57
N LYS H 40 -28.86 -5.14 4.18
CA LYS H 40 -28.88 -3.89 3.46
C LYS H 40 -28.99 -4.16 1.96
N PRO H 41 -29.54 -3.21 1.19
CA PRO H 41 -29.81 -3.48 -0.23
C PRO H 41 -28.55 -3.85 -0.99
N GLY H 42 -28.67 -4.89 -1.82
CA GLY H 42 -27.57 -5.37 -2.63
C GLY H 42 -26.52 -6.17 -1.89
N GLN H 43 -26.70 -6.41 -0.60
CA GLN H 43 -25.70 -7.06 0.24
C GLN H 43 -26.24 -8.39 0.77
N PRO H 44 -25.35 -9.32 1.10
CA PRO H 44 -25.78 -10.57 1.72
C PRO H 44 -26.24 -10.32 3.15
N PRO H 45 -26.99 -11.26 3.73
CA PRO H 45 -27.34 -11.13 5.15
C PRO H 45 -26.09 -11.08 6.02
N LYS H 46 -26.17 -10.26 7.07
CA LYS H 46 -25.08 -10.08 8.02
C LYS H 46 -25.58 -10.44 9.42
N LEU H 47 -24.85 -11.34 10.07
CA LEU H 47 -25.27 -11.81 11.40
C LEU H 47 -25.11 -10.69 12.42
N LEU H 48 -26.17 -10.47 13.21
CA LEU H 48 -26.17 -9.50 14.29
C LEU H 48 -26.09 -10.16 15.67
N ILE H 49 -26.95 -11.14 15.91
CA ILE H 49 -27.06 -11.79 17.22
C ILE H 49 -27.26 -13.28 17.01
N TYR H 50 -26.60 -14.09 17.82
CA TYR H 50 -26.84 -15.53 17.87
C TYR H 50 -27.11 -15.94 19.31
N ASP H 51 -27.68 -17.15 19.46
CA ASP H 51 -28.09 -17.67 20.77
C ASP H 51 -29.07 -16.73 21.47
N ALA H 52 -29.77 -15.93 20.66
CA ALA H 52 -30.90 -15.08 21.04
C ALA H 52 -30.49 -13.86 21.86
N SER H 53 -29.26 -13.83 22.36
CA SER H 53 -28.79 -12.65 23.08
C SER H 53 -27.32 -12.31 22.82
N THR H 54 -26.53 -13.19 22.24
CA THR H 54 -25.09 -12.95 22.11
C THR H 54 -24.81 -12.07 20.90
N LEU H 55 -24.06 -11.00 21.12
CA LEU H 55 -23.73 -10.06 20.08
C LEU H 55 -22.56 -10.58 19.23
N ALA H 56 -22.74 -10.56 17.91
CA ALA H 56 -21.67 -11.01 17.02
C ALA H 56 -20.52 -10.00 17.01
N SER H 57 -19.35 -10.49 16.63
CA SER H 57 -18.14 -9.66 16.64
C SER H 57 -18.30 -8.47 15.70
N GLY H 58 -18.00 -7.29 16.22
CA GLY H 58 -18.08 -6.06 15.44
C GLY H 58 -19.46 -5.46 15.32
N VAL H 59 -20.48 -6.09 15.88
CA VAL H 59 -21.84 -5.54 15.81
C VAL H 59 -22.01 -4.50 16.91
N PRO H 60 -22.58 -3.34 16.62
CA PRO H 60 -22.78 -2.32 17.67
C PRO H 60 -23.68 -2.82 18.78
N SER H 61 -23.38 -2.38 20.00
CA SER H 61 -24.13 -2.82 21.17
C SER H 61 -25.55 -2.27 21.20
N ARG H 62 -25.89 -1.28 20.37
CA ARG H 62 -27.26 -0.80 20.30
C ARG H 62 -28.21 -1.87 19.80
N PHE H 63 -27.71 -2.87 19.09
CA PHE H 63 -28.50 -4.04 18.71
C PHE H 63 -28.52 -5.01 19.89
N LYS H 64 -29.71 -5.36 20.35
CA LYS H 64 -29.87 -6.21 21.52
C LYS H 64 -30.91 -7.28 21.25
N GLY H 65 -30.61 -8.50 21.65
CA GLY H 65 -31.52 -9.63 21.51
C GLY H 65 -31.99 -10.10 22.89
N SER H 66 -33.26 -10.50 22.95
CA SER H 66 -33.84 -10.93 24.21
C SER H 66 -34.96 -11.93 23.92
N GLY H 67 -35.38 -12.63 24.97
CA GLY H 67 -36.44 -13.61 24.88
C GLY H 67 -35.94 -15.03 25.04
N SER H 68 -36.90 -15.93 25.20
CA SER H 68 -36.60 -17.35 25.35
C SER H 68 -37.82 -18.14 24.93
N GLY H 69 -37.62 -19.44 24.72
CA GLY H 69 -38.71 -20.32 24.37
C GLY H 69 -39.30 -20.04 23.00
N THR H 70 -40.49 -19.45 22.96
CA THR H 70 -41.20 -19.19 21.73
C THR H 70 -41.33 -17.70 21.40
N GLN H 71 -40.85 -16.81 22.27
CA GLN H 71 -40.97 -15.37 22.06
C GLN H 71 -39.61 -14.72 22.14
N PHE H 72 -39.24 -13.99 21.10
CA PHE H 72 -37.93 -13.32 21.02
C PHE H 72 -38.12 -11.92 20.48
N THR H 73 -37.14 -11.07 20.73
CA THR H 73 -37.23 -9.67 20.35
C THR H 73 -35.86 -9.14 19.96
N LEU H 74 -35.82 -8.36 18.88
CA LEU H 74 -34.65 -7.57 18.50
C LEU H 74 -34.94 -6.11 18.80
N THR H 75 -34.03 -5.46 19.51
CA THR H 75 -34.18 -4.06 19.90
C THR H 75 -32.99 -3.25 19.41
N ILE H 76 -33.27 -2.16 18.71
CA ILE H 76 -32.23 -1.23 18.30
C ILE H 76 -32.35 0.04 19.14
N SER H 77 -31.64 0.09 20.26
CA SER H 77 -31.70 1.22 21.19
C SER H 77 -30.77 2.31 20.68
N GLY H 78 -31.34 3.38 20.12
CA GLY H 78 -30.52 4.40 19.49
C GLY H 78 -30.35 4.21 18.00
N VAL H 79 -31.48 4.10 17.29
CA VAL H 79 -31.46 3.90 15.84
C VAL H 79 -30.62 4.99 15.17
N GLN H 80 -29.81 4.57 14.22
CA GLN H 80 -28.99 5.45 13.42
C GLN H 80 -29.45 5.45 11.97
N CYS H 81 -28.90 6.36 11.18
CA CYS H 81 -29.33 6.50 9.79
C CYS H 81 -29.04 5.24 8.98
N ASP H 82 -27.89 4.62 9.20
CA ASP H 82 -27.51 3.44 8.43
C ASP H 82 -28.21 2.17 8.90
N ASP H 83 -29.13 2.26 9.86
CA ASP H 83 -29.92 1.12 10.28
C ASP H 83 -31.12 0.87 9.39
N ALA H 84 -31.34 1.70 8.37
CA ALA H 84 -32.41 1.49 7.41
C ALA H 84 -32.09 0.27 6.57
N ALA H 85 -32.75 -0.84 6.86
CA ALA H 85 -32.48 -2.13 6.21
C ALA H 85 -33.59 -3.09 6.60
N THR H 86 -33.49 -4.31 6.07
CA THR H 86 -34.40 -5.39 6.40
C THR H 86 -33.72 -6.34 7.38
N TYR H 87 -34.48 -6.81 8.37
CA TYR H 87 -33.96 -7.68 9.42
C TYR H 87 -34.76 -8.97 9.45
N TYR H 88 -34.06 -10.08 9.72
CA TYR H 88 -34.67 -11.41 9.76
C TYR H 88 -34.26 -12.14 11.03
N CYS H 89 -35.21 -12.88 11.60
CA CYS H 89 -34.88 -13.86 12.62
C CYS H 89 -34.81 -15.25 11.99
N GLN H 90 -34.01 -16.12 12.62
CA GLN H 90 -33.85 -17.50 12.16
C GLN H 90 -33.76 -18.40 13.37
N GLY H 91 -34.51 -19.49 13.35
CA GLY H 91 -34.59 -20.40 14.48
C GLY H 91 -34.07 -21.77 14.13
N SER H 92 -33.49 -22.44 15.12
CA SER H 92 -33.02 -23.81 14.99
C SER H 92 -33.69 -24.67 16.05
N TYR H 93 -33.98 -25.92 15.69
CA TYR H 93 -34.78 -26.79 16.53
C TYR H 93 -34.10 -28.16 16.64
N TYR H 94 -34.75 -29.06 17.39
CA TYR H 94 -34.23 -30.42 17.50
C TYR H 94 -34.52 -31.17 16.20
N SER H 95 -33.89 -30.71 15.12
CA SER H 95 -34.12 -31.23 13.79
C SER H 95 -32.89 -30.90 12.95
N SER H 96 -32.63 -31.74 11.97
CA SER H 96 -31.46 -31.59 11.11
C SER H 96 -31.78 -30.90 9.79
N ASP H 97 -33.05 -30.64 9.49
CA ASP H 97 -33.40 -30.19 8.15
C ASP H 97 -34.47 -29.09 8.14
N TRP H 98 -34.59 -28.31 9.20
CA TRP H 98 -35.56 -27.21 9.21
C TRP H 98 -34.96 -26.01 9.93
N TYR H 99 -34.68 -24.95 9.18
CA TYR H 99 -34.11 -23.71 9.70
C TYR H 99 -34.89 -22.54 9.12
N PRO H 100 -36.10 -22.29 9.64
CA PRO H 100 -36.94 -21.25 9.04
C PRO H 100 -36.42 -19.85 9.33
N PHE H 101 -36.60 -18.96 8.36
CA PHE H 101 -36.37 -17.54 8.54
C PHE H 101 -37.70 -16.83 8.74
N GLY H 102 -37.65 -15.72 9.48
CA GLY H 102 -38.82 -14.88 9.60
C GLY H 102 -39.13 -14.15 8.31
N GLY H 103 -40.36 -13.63 8.22
CA GLY H 103 -40.79 -12.94 7.02
C GLY H 103 -40.02 -11.67 6.73
N GLY H 104 -39.35 -11.10 7.72
CA GLY H 104 -38.58 -9.90 7.54
C GLY H 104 -39.29 -8.67 8.07
N THR H 105 -38.49 -7.66 8.41
CA THR H 105 -39.01 -6.39 8.92
C THR H 105 -38.13 -5.26 8.42
N GLU H 106 -38.76 -4.26 7.81
CA GLU H 106 -38.07 -3.07 7.35
C GLU H 106 -37.98 -2.05 8.47
N VAL H 107 -36.82 -1.40 8.58
CA VAL H 107 -36.61 -0.32 9.53
C VAL H 107 -36.52 0.98 8.74
N VAL H 108 -37.42 1.91 9.06
CA VAL H 108 -37.48 3.20 8.38
C VAL H 108 -37.03 4.27 9.37
N VAL H 109 -36.03 5.05 8.98
CA VAL H 109 -35.50 6.12 9.82
C VAL H 109 -36.36 7.35 9.59
N LYS H 110 -37.12 7.75 10.61
CA LYS H 110 -37.96 8.94 10.51
C LYS H 110 -37.10 10.19 10.47
N ARG H 111 -37.52 11.16 9.67
CA ARG H 111 -36.86 12.45 9.57
C ARG H 111 -37.92 13.49 9.24
N THR H 112 -37.48 14.75 9.13
CA THR H 112 -38.40 15.82 8.77
C THR H 112 -38.90 15.65 7.34
N VAL H 113 -40.11 16.17 7.08
CA VAL H 113 -40.67 16.12 5.74
C VAL H 113 -39.76 16.87 4.77
N ALA H 114 -39.56 16.28 3.60
CA ALA H 114 -38.74 16.89 2.55
C ALA H 114 -39.48 16.77 1.22
N ALA H 115 -39.76 17.92 0.61
CA ALA H 115 -40.41 17.92 -0.69
C ALA H 115 -39.41 17.52 -1.78
N PRO H 116 -39.86 16.83 -2.82
CA PRO H 116 -38.94 16.38 -3.87
C PRO H 116 -38.56 17.49 -4.83
N SER H 117 -37.30 17.46 -5.27
CA SER H 117 -36.87 18.27 -6.41
C SER H 117 -37.26 17.55 -7.69
N VAL H 118 -37.90 18.26 -8.60
CA VAL H 118 -38.49 17.66 -9.79
C VAL H 118 -37.69 18.06 -11.01
N PHE H 119 -37.27 17.06 -11.79
CA PHE H 119 -36.55 17.27 -13.03
C PHE H 119 -37.23 16.44 -14.12
N ILE H 120 -37.03 16.86 -15.37
CA ILE H 120 -37.63 16.18 -16.52
C ILE H 120 -36.60 16.12 -17.65
N PHE H 121 -36.54 14.97 -18.33
CA PHE H 121 -35.59 14.76 -19.41
C PHE H 121 -36.36 14.33 -20.66
N PRO H 122 -36.26 15.06 -21.76
CA PRO H 122 -36.89 14.61 -23.01
C PRO H 122 -36.15 13.43 -23.59
N PRO H 123 -36.81 12.61 -24.41
CA PRO H 123 -36.10 11.51 -25.07
C PRO H 123 -35.02 12.03 -26.01
N SER H 124 -33.94 11.28 -26.11
CA SER H 124 -32.78 11.72 -26.88
C SER H 124 -32.96 11.43 -28.37
N ASP H 125 -32.35 12.29 -29.19
CA ASP H 125 -32.37 12.07 -30.64
C ASP H 125 -31.72 10.75 -31.01
N GLU H 126 -30.75 10.30 -30.22
CA GLU H 126 -30.13 8.99 -30.45
C GLU H 126 -31.17 7.89 -30.32
N GLN H 127 -32.08 8.01 -29.33
CA GLN H 127 -33.14 7.03 -29.19
C GLN H 127 -34.23 7.22 -30.24
N LEU H 128 -34.52 8.47 -30.59
CA LEU H 128 -35.61 8.76 -31.52
C LEU H 128 -35.40 8.10 -32.87
N LYS H 129 -34.14 7.84 -33.24
CA LYS H 129 -33.86 7.10 -34.47
C LYS H 129 -34.42 5.68 -34.40
N SER H 130 -34.32 5.04 -33.24
CA SER H 130 -34.74 3.65 -33.11
C SER H 130 -36.23 3.48 -33.37
N GLY H 131 -37.06 4.35 -32.82
CA GLY H 131 -38.49 4.28 -33.07
C GLY H 131 -39.36 4.37 -31.84
N THR H 132 -38.75 4.61 -30.68
CA THR H 132 -39.48 4.75 -29.42
C THR H 132 -38.97 5.98 -28.67
N ALA H 133 -39.83 6.52 -27.81
CA ALA H 133 -39.53 7.71 -27.03
C ALA H 133 -39.72 7.41 -25.55
N SER H 134 -38.74 7.79 -24.73
CA SER H 134 -38.80 7.60 -23.29
C SER H 134 -38.62 8.96 -22.62
N VAL H 135 -39.60 9.33 -21.79
CA VAL H 135 -39.56 10.58 -21.04
C VAL H 135 -39.41 10.21 -19.56
N VAL H 136 -38.42 10.81 -18.90
CA VAL H 136 -38.06 10.47 -17.53
C VAL H 136 -38.30 11.69 -16.64
N CYS H 137 -39.02 11.47 -15.54
CA CYS H 137 -39.22 12.48 -14.52
C CYS H 137 -38.53 12.04 -13.24
N LEU H 138 -37.71 12.93 -12.67
CA LEU H 138 -36.91 12.63 -11.49
C LEU H 138 -37.48 13.37 -10.29
N LEU H 139 -37.75 12.64 -9.22
CA LEU H 139 -38.08 13.19 -7.92
C LEU H 139 -36.96 12.81 -6.97
N ASN H 140 -36.31 13.80 -6.38
CA ASN H 140 -35.03 13.59 -5.71
C ASN H 140 -35.08 14.01 -4.26
N ASN H 141 -34.56 13.14 -3.38
CA ASN H 141 -34.29 13.45 -1.98
C ASN H 141 -35.53 14.00 -1.26
N PHE H 142 -36.56 13.15 -1.20
CA PHE H 142 -37.81 13.51 -0.56
C PHE H 142 -38.15 12.50 0.52
N TYR H 143 -38.87 12.97 1.54
CA TYR H 143 -39.39 12.17 2.63
C TYR H 143 -40.76 12.74 3.01
N PRO H 144 -41.75 11.88 3.27
CA PRO H 144 -41.72 10.40 3.29
C PRO H 144 -41.77 9.77 1.90
N ARG H 145 -41.70 8.44 1.87
CA ARG H 145 -41.57 7.71 0.61
C ARG H 145 -42.79 7.89 -0.30
N GLU H 146 -43.98 8.07 0.29
CA GLU H 146 -45.20 8.11 -0.50
C GLU H 146 -45.23 9.37 -1.37
N ALA H 147 -45.46 9.18 -2.68
CA ALA H 147 -45.55 10.27 -3.62
C ALA H 147 -46.31 9.80 -4.85
N LYS H 148 -46.83 10.76 -5.62
CA LYS H 148 -47.60 10.48 -6.82
C LYS H 148 -47.04 11.28 -7.98
N VAL H 149 -46.85 10.62 -9.11
CA VAL H 149 -46.43 11.27 -10.36
C VAL H 149 -47.55 11.09 -11.37
N GLN H 150 -48.01 12.21 -11.94
CA GLN H 150 -49.02 12.20 -12.98
C GLN H 150 -48.39 12.71 -14.28
N TRP H 151 -48.59 11.98 -15.36
CA TRP H 151 -48.05 12.34 -16.66
C TRP H 151 -49.13 13.00 -17.51
N LYS H 152 -48.80 14.16 -18.08
CA LYS H 152 -49.74 14.92 -18.90
C LYS H 152 -49.08 15.22 -20.24
N VAL H 153 -49.73 14.77 -21.32
CA VAL H 153 -49.28 15.05 -22.68
C VAL H 153 -50.33 15.92 -23.34
N ASP H 154 -49.96 17.15 -23.69
CA ASP H 154 -50.89 18.16 -24.20
C ASP H 154 -52.07 18.33 -23.26
N ASN H 155 -51.76 18.40 -21.96
CA ASN H 155 -52.69 18.59 -20.85
C ASN H 155 -53.61 17.39 -20.62
N ALA H 156 -53.39 16.29 -21.33
CA ALA H 156 -54.21 15.09 -21.19
C ALA H 156 -53.51 14.10 -20.26
N LEU H 157 -54.22 13.64 -19.24
CA LEU H 157 -53.65 12.70 -18.28
C LEU H 157 -53.43 11.35 -18.94
N GLN H 158 -52.25 10.76 -18.70
CA GLN H 158 -51.88 9.48 -19.28
C GLN H 158 -52.17 8.36 -18.30
N SER H 159 -52.31 7.14 -18.86
CA SER H 159 -52.56 5.96 -18.06
C SER H 159 -52.06 4.73 -18.79
N GLY H 160 -51.39 3.84 -18.05
CA GLY H 160 -50.96 2.57 -18.58
C GLY H 160 -49.71 2.61 -19.43
N ASN H 161 -49.02 3.75 -19.50
CA ASN H 161 -47.80 3.86 -20.31
C ASN H 161 -46.64 4.41 -19.50
N SER H 162 -46.65 4.25 -18.17
CA SER H 162 -45.58 4.73 -17.32
C SER H 162 -45.26 3.70 -16.26
N GLN H 163 -43.97 3.57 -15.94
CA GLN H 163 -43.48 2.73 -14.86
C GLN H 163 -42.55 3.55 -13.99
N GLU H 164 -42.55 3.25 -12.69
CA GLU H 164 -41.73 4.01 -11.74
CA GLU H 164 -41.76 4.01 -11.72
C GLU H 164 -41.02 3.07 -10.80
N SER H 165 -39.87 3.54 -10.29
CA SER H 165 -39.10 2.82 -9.29
C SER H 165 -38.53 3.83 -8.31
N VAL H 166 -38.37 3.39 -7.07
CA VAL H 166 -37.93 4.24 -5.97
C VAL H 166 -36.66 3.64 -5.37
N THR H 167 -35.69 4.51 -5.06
CA THR H 167 -34.49 4.05 -4.38
C THR H 167 -34.81 3.68 -2.93
N GLU H 168 -33.88 2.95 -2.32
CA GLU H 168 -33.97 2.66 -0.90
C GLU H 168 -33.73 3.93 -0.09
N GLN H 169 -34.14 3.90 1.17
CA GLN H 169 -33.91 5.05 2.04
C GLN H 169 -32.42 5.26 2.24
N ASP H 170 -31.97 6.49 2.04
CA ASP H 170 -30.55 6.80 2.08
C ASP H 170 -29.98 6.58 3.47
N SER H 171 -28.80 5.96 3.52
CA SER H 171 -28.11 5.75 4.78
C SER H 171 -27.45 7.01 5.31
N LYS H 172 -27.48 8.10 4.55
CA LYS H 172 -27.01 9.40 5.01
C LYS H 172 -28.16 10.40 5.17
N ASP H 173 -28.94 10.61 4.12
CA ASP H 173 -30.01 11.61 4.13
C ASP H 173 -31.33 11.08 4.68
N SER H 174 -31.52 9.77 4.71
CA SER H 174 -32.81 9.16 5.06
C SER H 174 -33.90 9.60 4.10
N THR H 175 -33.54 9.92 2.86
CA THR H 175 -34.47 10.37 1.84
C THR H 175 -34.56 9.34 0.71
N TYR H 176 -35.64 9.45 -0.06
CA TYR H 176 -35.87 8.59 -1.21
C TYR H 176 -35.78 9.41 -2.49
N SER H 177 -35.62 8.70 -3.60
CA SER H 177 -35.68 9.30 -4.92
C SER H 177 -36.50 8.40 -5.83
N LEU H 178 -37.25 9.02 -6.75
CA LEU H 178 -38.17 8.30 -7.62
C LEU H 178 -37.91 8.69 -9.05
N SER H 179 -37.90 7.69 -9.94
CA SER H 179 -37.80 7.89 -11.37
C SER H 179 -39.03 7.32 -12.04
N SER H 180 -39.72 8.15 -12.82
CA SER H 180 -40.89 7.75 -13.58
C SER H 180 -40.58 7.86 -15.07
N THR H 181 -40.80 6.77 -15.80
CA THR H 181 -40.50 6.72 -17.22
C THR H 181 -41.80 6.61 -18.02
N LEU H 182 -42.03 7.57 -18.91
CA LEU H 182 -43.16 7.55 -19.81
C LEU H 182 -42.68 7.05 -21.17
N THR H 183 -43.28 5.96 -21.65
CA THR H 183 -42.91 5.33 -22.91
C THR H 183 -44.00 5.62 -23.94
N LEU H 184 -43.58 6.09 -25.11
CA LEU H 184 -44.50 6.43 -26.19
C LEU H 184 -43.94 5.92 -27.51
N SER H 185 -44.83 5.80 -28.50
CA SER H 185 -44.37 5.54 -29.86
C SER H 185 -43.70 6.78 -30.42
N LYS H 186 -42.94 6.58 -31.49
CA LYS H 186 -42.30 7.71 -32.16
C LYS H 186 -43.36 8.66 -32.72
N ALA H 187 -44.40 8.12 -33.33
CA ALA H 187 -45.44 8.96 -33.92
C ALA H 187 -46.19 9.76 -32.86
N ASP H 188 -46.54 9.12 -31.74
CA ASP H 188 -47.24 9.83 -30.67
C ASP H 188 -46.37 10.93 -30.07
N TYR H 189 -45.06 10.76 -30.08
CA TYR H 189 -44.17 11.83 -29.64
C TYR H 189 -44.08 12.94 -30.66
N GLU H 190 -44.27 12.63 -31.95
CA GLU H 190 -44.16 13.61 -33.02
C GLU H 190 -45.49 14.26 -33.38
N LYS H 191 -46.49 14.18 -32.49
CA LYS H 191 -47.74 14.89 -32.71
C LYS H 191 -48.21 15.63 -31.45
N HIS H 192 -47.31 15.86 -30.49
CA HIS H 192 -47.61 16.62 -29.29
C HIS H 192 -46.39 17.47 -28.94
N LYS H 193 -46.63 18.54 -28.20
CA LYS H 193 -45.57 19.50 -27.88
C LYS H 193 -45.25 19.53 -26.39
N VAL H 194 -46.22 19.78 -25.52
CA VAL H 194 -45.97 19.98 -24.11
C VAL H 194 -46.10 18.63 -23.38
N TYR H 195 -45.05 18.25 -22.68
CA TYR H 195 -45.03 17.02 -21.88
C TYR H 195 -44.78 17.40 -20.44
N ALA H 196 -45.74 17.07 -19.57
CA ALA H 196 -45.74 17.55 -18.20
C ALA H 196 -45.65 16.39 -17.21
N CYS H 197 -44.95 16.64 -16.11
CA CYS H 197 -44.84 15.70 -15.00
C CYS H 197 -45.32 16.42 -13.74
N GLU H 198 -46.45 15.98 -13.21
CA GLU H 198 -47.05 16.60 -12.03
C GLU H 198 -46.78 15.73 -10.81
N VAL H 199 -46.29 16.36 -9.74
CA VAL H 199 -45.83 15.66 -8.56
C VAL H 199 -46.68 16.06 -7.36
N THR H 200 -47.20 15.06 -6.65
CA THR H 200 -47.95 15.27 -5.42
C THR H 200 -47.15 14.67 -4.26
N HIS H 201 -46.88 15.48 -3.25
CA HIS H 201 -46.10 15.02 -2.11
C HIS H 201 -46.50 15.86 -0.89
N GLN H 202 -46.24 15.30 0.30
CA GLN H 202 -46.65 15.96 1.53
C GLN H 202 -45.98 17.32 1.68
N GLY H 203 -44.71 17.42 1.26
CA GLY H 203 -44.00 18.68 1.32
C GLY H 203 -44.36 19.69 0.26
N LEU H 204 -45.24 19.33 -0.67
CA LEU H 204 -45.71 20.22 -1.72
C LEU H 204 -47.14 20.61 -1.40
N SER H 205 -47.33 21.81 -0.85
CA SER H 205 -48.66 22.27 -0.49
C SER H 205 -49.57 22.39 -1.72
N SER H 206 -48.98 22.62 -2.89
CA SER H 206 -49.69 22.58 -4.15
C SER H 206 -48.90 21.72 -5.13
N PRO H 207 -49.58 20.92 -5.95
CA PRO H 207 -48.86 19.99 -6.85
C PRO H 207 -47.95 20.74 -7.81
N VAL H 208 -46.73 20.23 -7.95
CA VAL H 208 -45.71 20.83 -8.81
C VAL H 208 -45.72 20.12 -10.15
N THR H 209 -45.85 20.88 -11.23
CA THR H 209 -45.87 20.34 -12.58
C THR H 209 -44.59 20.76 -13.31
N LYS H 210 -43.82 19.79 -13.77
CA LYS H 210 -42.59 20.03 -14.51
C LYS H 210 -42.84 19.68 -15.98
N SER H 211 -42.47 20.59 -16.87
CA SER H 211 -42.89 20.48 -18.26
C SER H 211 -41.77 20.94 -19.19
N PHE H 212 -41.86 20.50 -20.44
CA PHE H 212 -41.03 20.99 -21.53
C PHE H 212 -41.83 20.92 -22.82
N ASN H 213 -41.33 21.61 -23.84
CA ASN H 213 -41.92 21.57 -25.17
C ASN H 213 -40.96 20.88 -26.14
N ARG H 214 -41.49 19.98 -26.96
CA ARG H 214 -40.66 19.27 -27.92
C ARG H 214 -40.08 20.23 -28.94
N GLY H 215 -38.79 20.06 -29.23
CA GLY H 215 -38.11 21.00 -30.08
C GLY H 215 -37.89 22.37 -29.47
N GLU H 216 -37.93 22.45 -28.14
CA GLU H 216 -37.82 23.69 -27.38
C GLU H 216 -38.65 24.83 -27.97
N GLN I 1 42.62 23.91 -1.91
CA GLN I 1 43.32 22.65 -1.69
C GLN I 1 42.55 21.72 -0.76
N SER I 2 42.13 22.24 0.39
CA SER I 2 41.39 21.45 1.36
C SER I 2 40.23 22.24 1.93
N LEU I 3 39.12 21.55 2.17
CA LEU I 3 37.96 22.13 2.82
C LEU I 3 37.57 21.25 4.00
N GLU I 4 37.12 21.88 5.08
CA GLU I 4 36.76 21.17 6.30
C GLU I 4 35.47 21.76 6.86
N GLU I 5 34.43 20.94 6.99
CA GLU I 5 33.18 21.36 7.59
C GLU I 5 33.22 21.13 9.09
N SER I 6 32.46 21.96 9.82
CA SER I 6 32.35 21.82 11.26
C SER I 6 31.01 22.40 11.70
N GLY I 7 30.65 22.13 12.95
CA GLY I 7 29.42 22.60 13.53
C GLY I 7 28.28 21.60 13.49
N GLY I 8 28.42 20.51 12.73
CA GLY I 8 27.40 19.47 12.72
C GLY I 8 27.20 18.89 14.10
N ASP I 9 25.96 18.83 14.55
CA ASP I 9 25.66 18.58 15.95
C ASP I 9 24.30 17.92 16.08
N LEU I 10 24.04 17.37 17.26
CA LEU I 10 22.71 16.89 17.61
C LEU I 10 21.89 18.07 18.13
N VAL I 11 20.77 18.35 17.47
CA VAL I 11 19.89 19.45 17.84
C VAL I 11 18.47 18.93 17.95
N LYS I 12 17.67 19.60 18.74
CA LYS I 12 16.27 19.24 18.91
C LYS I 12 15.41 19.88 17.83
N PRO I 13 14.24 19.30 17.54
CA PRO I 13 13.39 19.86 16.48
C PRO I 13 13.01 21.30 16.77
N GLY I 14 13.01 22.11 15.70
CA GLY I 14 12.70 23.53 15.81
C GLY I 14 13.89 24.41 16.09
N ALA I 15 15.04 23.83 16.42
CA ALA I 15 16.22 24.62 16.77
C ALA I 15 16.91 25.17 15.52
N SER I 16 17.88 26.02 15.74
CA SER I 16 18.73 26.55 14.68
C SER I 16 20.15 26.00 14.84
N LEU I 17 20.90 26.08 13.74
CA LEU I 17 22.26 25.58 13.72
C LEU I 17 23.02 26.29 12.62
N THR I 18 24.27 26.66 12.91
CA THR I 18 25.15 27.28 11.93
C THR I 18 26.31 26.34 11.67
N LEU I 19 26.49 25.95 10.40
CA LEU I 19 27.62 25.13 9.99
C LEU I 19 28.72 26.01 9.42
N THR I 20 29.95 25.56 9.57
CA THR I 20 31.11 26.31 9.11
C THR I 20 31.90 25.48 8.10
N CYS I 21 32.35 26.14 7.04
CA CYS I 21 33.27 25.56 6.06
C CYS I 21 34.56 26.36 6.11
N THR I 22 35.64 25.72 6.57
CA THR I 22 36.92 26.38 6.72
C THR I 22 37.85 25.97 5.59
N ALA I 23 38.42 26.96 4.90
CA ALA I 23 39.37 26.72 3.83
C ALA I 23 40.77 26.60 4.41
N SER I 24 41.52 25.61 3.93
CA SER I 24 42.89 25.37 4.35
C SER I 24 43.79 25.27 3.14
N GLY I 25 44.96 25.92 3.22
CA GLY I 25 45.89 25.93 2.11
C GLY I 25 45.65 27.02 1.08
N PHE I 26 44.64 27.86 1.27
CA PHE I 26 44.34 28.96 0.36
C PHE I 26 43.39 29.92 1.06
N SER I 27 43.08 31.02 0.39
CA SER I 27 42.10 31.99 0.87
C SER I 27 41.18 32.38 -0.28
N PHE I 28 40.00 32.84 0.07
CA PHE I 28 39.01 33.24 -0.94
C PHE I 28 39.46 34.52 -1.64
N SER I 29 39.44 34.49 -2.98
CA SER I 29 39.86 35.64 -3.76
C SER I 29 38.96 35.93 -4.95
N GLY I 30 37.72 35.43 -4.93
CA GLY I 30 36.79 35.69 -6.02
C GLY I 30 36.88 34.76 -7.20
N SER I 31 37.62 33.66 -7.08
CA SER I 31 37.77 32.73 -8.20
C SER I 31 36.74 31.61 -8.19
N TYR I 32 35.93 31.47 -7.14
CA TYR I 32 34.99 30.36 -7.05
C TYR I 32 33.74 30.81 -6.30
N TYR I 33 32.75 29.93 -6.29
CA TYR I 33 31.60 30.03 -5.41
C TYR I 33 31.66 28.91 -4.39
N MET I 34 31.34 29.21 -3.14
CA MET I 34 31.28 28.20 -2.09
C MET I 34 29.85 27.70 -1.98
N CYS I 35 29.69 26.38 -2.04
CA CYS I 35 28.37 25.76 -2.13
C CYS I 35 28.23 24.69 -1.05
N TRP I 36 26.98 24.44 -0.67
CA TRP I 36 26.64 23.43 0.32
C TRP I 36 25.75 22.38 -0.32
N VAL I 37 26.08 21.12 -0.10
CA VAL I 37 25.31 19.98 -0.58
C VAL I 37 25.10 19.02 0.59
N ARG I 38 23.88 18.52 0.74
CA ARG I 38 23.56 17.64 1.84
C ARG I 38 23.14 16.27 1.33
N GLN I 39 23.17 15.29 2.25
CA GLN I 39 22.91 13.90 1.90
C GLN I 39 22.33 13.22 3.13
N ALA I 40 21.04 12.92 3.10
CA ALA I 40 20.41 12.19 4.17
C ALA I 40 20.99 10.77 4.23
N PRO I 41 21.02 10.15 5.41
CA PRO I 41 21.66 8.83 5.53
C PRO I 41 21.04 7.81 4.59
N GLY I 42 21.88 7.22 3.75
CA GLY I 42 21.43 6.24 2.79
C GLY I 42 20.75 6.80 1.56
N LYS I 43 20.78 8.11 1.37
CA LYS I 43 20.06 8.76 0.29
C LYS I 43 21.03 9.45 -0.66
N GLY I 44 20.48 10.20 -1.62
CA GLY I 44 21.25 10.88 -2.63
C GLY I 44 21.73 12.25 -2.18
N LEU I 45 22.16 13.05 -3.15
CA LEU I 45 22.72 14.37 -2.91
C LEU I 45 21.71 15.44 -3.29
N GLU I 46 21.63 16.49 -2.47
CA GLU I 46 20.70 17.59 -2.67
C GLU I 46 21.46 18.90 -2.50
N TRP I 47 21.49 19.71 -3.56
CA TRP I 47 22.15 21.01 -3.49
C TRP I 47 21.32 21.99 -2.67
N ILE I 48 22.00 22.87 -1.95
CA ILE I 48 21.32 23.79 -1.04
C ILE I 48 21.54 25.25 -1.47
N ALA I 49 22.79 25.70 -1.49
CA ALA I 49 23.06 27.11 -1.73
C ALA I 49 24.50 27.29 -2.21
N CYS I 50 24.74 28.43 -2.85
CA CYS I 50 26.07 28.87 -3.25
C CYS I 50 26.23 30.35 -2.94
N ILE I 51 27.47 30.78 -2.75
CA ILE I 51 27.77 32.20 -2.56
C ILE I 51 29.12 32.51 -3.20
N TYR I 52 29.22 33.69 -3.80
CA TYR I 52 30.47 34.17 -4.36
C TYR I 52 31.50 34.36 -3.23
N ASP I 53 32.67 33.72 -3.38
CA ASP I 53 33.64 33.77 -2.29
C ASP I 53 34.46 35.06 -2.29
N GLY I 54 34.25 35.92 -3.28
CA GLY I 54 34.80 37.27 -3.27
C GLY I 54 33.93 38.29 -2.58
N SER I 55 32.85 37.85 -1.93
CA SER I 55 31.94 38.75 -1.24
C SER I 55 32.65 39.43 -0.06
N TYR I 56 32.02 40.49 0.44
CA TYR I 56 32.50 41.14 1.64
C TYR I 56 32.37 40.22 2.84
N ASP I 57 33.25 40.41 3.82
CA ASP I 57 33.15 39.66 5.08
C ASP I 57 31.82 39.98 5.76
N GLY I 58 31.12 38.93 6.19
CA GLY I 58 29.84 39.10 6.84
C GLY I 58 28.67 39.37 5.93
N SER I 59 28.83 39.19 4.62
CA SER I 59 27.78 39.48 3.66
C SER I 59 27.08 38.20 3.21
N SER I 60 25.77 38.31 3.00
CA SER I 60 24.97 37.24 2.43
C SER I 60 24.58 37.52 0.99
N ASP I 61 25.14 38.56 0.38
CA ASP I 61 24.84 38.89 -1.00
C ASP I 61 25.50 37.89 -1.95
N ASN I 62 25.15 38.01 -3.23
CA ASN I 62 25.73 37.19 -4.29
C ASN I 62 25.52 35.70 -4.00
N ALA I 63 24.32 35.35 -3.54
CA ALA I 63 24.02 34.00 -3.09
C ALA I 63 22.80 33.47 -3.83
N TYR I 64 22.77 32.14 -3.98
CA TYR I 64 21.66 31.46 -4.63
C TYR I 64 21.21 30.31 -3.73
N TYR I 65 19.91 30.03 -3.76
CA TYR I 65 19.31 29.05 -2.88
C TYR I 65 18.39 28.12 -3.67
N ALA I 66 18.36 26.86 -3.26
CA ALA I 66 17.32 25.96 -3.72
C ALA I 66 15.96 26.47 -3.23
N SER I 67 14.94 26.25 -4.05
CA SER I 67 13.62 26.84 -3.77
C SER I 67 13.10 26.39 -2.41
N TRP I 68 13.36 25.15 -2.02
CA TRP I 68 12.91 24.68 -0.72
C TRP I 68 13.72 25.29 0.42
N ALA I 69 14.99 25.62 0.17
CA ALA I 69 15.88 26.10 1.21
C ALA I 69 15.84 27.61 1.40
N LYS I 70 15.29 28.36 0.44
CA LYS I 70 15.34 29.81 0.51
C LYS I 70 14.59 30.33 1.73
N GLY I 71 15.19 31.31 2.39
CA GLY I 71 14.62 31.89 3.61
C GLY I 71 14.92 31.12 4.88
N ARG I 72 14.72 29.80 4.85
CA ARG I 72 15.05 28.97 6.01
C ARG I 72 16.55 28.75 6.14
N PHE I 73 17.30 28.90 5.05
CA PHE I 73 18.74 28.73 5.03
C PHE I 73 19.40 30.03 4.62
N THR I 74 20.49 30.39 5.29
CA THR I 74 21.24 31.59 4.97
C THR I 74 22.71 31.23 4.85
N ILE I 75 23.31 31.51 3.70
CA ILE I 75 24.73 31.27 3.46
C ILE I 75 25.44 32.63 3.52
N SER I 76 26.64 32.64 4.12
CA SER I 76 27.37 33.88 4.29
C SER I 76 28.86 33.61 4.22
N LYS I 77 29.61 34.61 3.77
CA LYS I 77 31.06 34.62 3.88
C LYS I 77 31.44 35.48 5.09
N THR I 78 32.16 34.88 6.03
CA THR I 78 32.55 35.58 7.24
C THR I 78 34.02 35.94 7.32
N SER I 79 34.88 35.29 6.52
CA SER I 79 36.29 35.67 6.46
C SER I 79 36.86 35.15 5.15
N SER I 80 38.16 35.39 4.95
CA SER I 80 38.84 34.91 3.75
C SER I 80 38.99 33.39 3.73
N THR I 81 38.66 32.70 4.82
CA THR I 81 38.75 31.26 4.87
C THR I 81 37.51 30.57 5.42
N THR I 82 36.45 31.30 5.76
CA THR I 82 35.26 30.68 6.37
C THR I 82 33.99 31.13 5.65
N VAL I 83 33.12 30.16 5.37
CA VAL I 83 31.77 30.39 4.88
C VAL I 83 30.82 29.62 5.80
N THR I 84 29.70 30.24 6.15
CA THR I 84 28.74 29.64 7.07
C THR I 84 27.42 29.36 6.38
N LEU I 85 26.70 28.37 6.90
CA LEU I 85 25.34 28.06 6.48
C LEU I 85 24.48 27.97 7.74
N GLN I 86 23.58 28.94 7.91
CA GLN I 86 22.66 28.96 9.05
C GLN I 86 21.34 28.34 8.64
N MET I 87 20.88 27.35 9.40
CA MET I 87 19.63 26.66 9.14
C MET I 87 18.72 26.77 10.35
N THR I 88 17.46 27.11 10.12
CA THR I 88 16.47 27.31 11.16
C THR I 88 15.32 26.34 10.97
N SER I 89 14.46 26.26 11.98
CA SER I 89 13.24 25.45 11.93
C SER I 89 13.54 24.02 11.52
N LEU I 90 14.58 23.45 12.11
CA LEU I 90 15.04 22.13 11.73
C LEU I 90 14.04 21.05 12.14
N THR I 91 13.85 20.09 11.25
CA THR I 91 13.03 18.90 11.50
C THR I 91 13.87 17.67 11.17
N ALA I 92 13.29 16.49 11.43
CA ALA I 92 13.99 15.24 11.15
C ALA I 92 14.37 15.12 9.68
N ALA I 93 13.59 15.75 8.79
CA ALA I 93 13.92 15.74 7.37
C ALA I 93 15.22 16.47 7.07
N ASP I 94 15.72 17.27 8.00
CA ASP I 94 16.99 17.97 7.81
C ASP I 94 18.19 17.18 8.30
N THR I 95 17.98 16.02 8.93
CA THR I 95 19.08 15.17 9.34
C THR I 95 19.84 14.68 8.12
N ALA I 96 21.12 15.04 8.03
CA ALA I 96 21.93 14.70 6.88
C ALA I 96 23.38 15.03 7.17
N THR I 97 24.28 14.45 6.38
CA THR I 97 25.65 14.93 6.30
C THR I 97 25.67 16.12 5.34
N TYR I 98 26.31 17.20 5.76
CA TYR I 98 26.35 18.43 4.98
C TYR I 98 27.76 18.65 4.44
N PHE I 99 27.88 18.72 3.12
CA PHE I 99 29.16 18.87 2.46
C PHE I 99 29.34 20.31 2.00
N CYS I 100 30.55 20.84 2.17
CA CYS I 100 30.96 22.10 1.58
C CYS I 100 31.73 21.82 0.29
N ALA I 101 31.42 22.59 -0.75
CA ALA I 101 32.00 22.33 -2.06
C ALA I 101 32.44 23.63 -2.72
N ARG I 102 33.51 23.51 -3.50
CA ARG I 102 33.99 24.60 -4.35
C ARG I 102 33.25 24.55 -5.68
N GLY I 103 32.63 25.67 -6.06
CA GLY I 103 31.85 25.75 -7.25
C GLY I 103 32.56 26.53 -8.33
N VAL I 104 32.85 25.84 -9.44
CA VAL I 104 33.38 26.50 -10.63
C VAL I 104 32.19 27.11 -11.37
N TYR I 105 32.21 28.43 -11.55
CA TYR I 105 31.05 29.15 -12.05
C TYR I 105 31.30 29.65 -13.46
N PHE I 106 30.19 29.89 -14.16
CA PHE I 106 30.20 30.46 -15.51
C PHE I 106 29.30 31.69 -15.50
N TYR I 107 29.86 32.83 -15.92
CA TYR I 107 29.09 34.06 -15.99
C TYR I 107 28.10 33.99 -17.15
N ALA I 108 26.83 34.28 -16.86
CA ALA I 108 25.77 34.14 -17.86
C ALA I 108 24.94 35.41 -17.99
N GLY I 109 25.50 36.56 -17.62
CA GLY I 109 24.78 37.81 -17.73
C GLY I 109 24.42 38.41 -16.40
N HIS I 110 23.14 38.39 -16.05
CA HIS I 110 22.68 38.91 -14.77
C HIS I 110 22.78 37.88 -13.65
N PHE I 111 23.32 36.69 -13.94
CA PHE I 111 23.52 35.66 -12.93
C PHE I 111 24.62 34.74 -13.41
N VAL I 112 25.11 33.90 -12.50
CA VAL I 112 26.14 32.92 -12.82
C VAL I 112 25.56 31.52 -12.66
N ILE I 113 26.10 30.58 -13.43
CA ILE I 113 25.66 29.20 -13.44
C ILE I 113 26.81 28.33 -12.94
N MET I 114 26.53 27.49 -11.95
CA MET I 114 27.55 26.58 -11.44
C MET I 114 27.85 25.51 -12.48
N ARG I 115 29.12 25.41 -12.87
CA ARG I 115 29.50 24.48 -13.92
C ARG I 115 29.68 23.07 -13.37
N TYR I 116 30.34 22.94 -12.21
CA TYR I 116 30.53 21.67 -11.52
C TYR I 116 31.12 21.97 -10.15
N PHE I 117 31.29 20.92 -9.35
CA PHE I 117 31.84 21.03 -8.00
C PHE I 117 33.14 20.24 -7.95
N VAL I 118 34.25 20.95 -7.77
CA VAL I 118 35.59 20.34 -7.84
C VAL I 118 36.01 19.75 -6.50
N LEU I 119 35.91 20.54 -5.44
CA LEU I 119 36.55 20.24 -4.16
C LEU I 119 35.47 20.04 -3.11
N TRP I 120 35.45 18.86 -2.49
CA TRP I 120 34.46 18.50 -1.48
C TRP I 120 35.15 18.26 -0.15
N GLY I 121 34.58 18.84 0.91
CA GLY I 121 35.03 18.55 2.25
C GLY I 121 34.49 17.23 2.74
N PRO I 122 35.08 16.72 3.83
CA PRO I 122 34.64 15.42 4.37
C PRO I 122 33.21 15.40 4.87
N GLY I 123 32.62 16.55 5.15
CA GLY I 123 31.24 16.60 5.59
C GLY I 123 31.12 16.65 7.10
N THR I 124 30.01 17.22 7.57
CA THR I 124 29.68 17.28 8.99
C THR I 124 28.25 16.82 9.18
N LEU I 125 28.02 16.04 10.23
CA LEU I 125 26.75 15.35 10.44
C LEU I 125 25.83 16.17 11.33
N VAL I 126 24.62 16.41 10.84
CA VAL I 126 23.59 17.13 11.60
C VAL I 126 22.49 16.14 11.93
N THR I 127 22.20 15.97 13.22
CA THR I 127 21.16 15.07 13.69
C THR I 127 20.08 15.90 14.37
N VAL I 128 18.89 15.94 13.78
CA VAL I 128 17.75 16.66 14.33
C VAL I 128 16.88 15.63 15.04
N SER I 129 16.94 15.61 16.36
CA SER I 129 16.20 14.63 17.14
C SER I 129 16.01 15.16 18.55
N SER I 130 15.01 14.60 19.23
CA SER I 130 14.78 14.89 20.65
C SER I 130 15.60 13.97 21.55
N GLY I 131 16.42 13.08 20.98
CA GLY I 131 17.25 12.20 21.76
C GLY I 131 18.46 12.90 22.36
N GLN I 132 19.12 12.19 23.27
CA GLN I 132 20.18 12.76 24.09
C GLN I 132 21.52 12.07 23.81
N PRO I 133 22.63 12.81 23.91
CA PRO I 133 23.95 12.20 23.69
C PRO I 133 24.28 11.22 24.79
N LYS I 134 24.51 9.96 24.42
CA LYS I 134 24.79 8.90 25.38
C LYS I 134 26.09 8.19 25.03
N ALA I 135 26.89 7.91 26.06
CA ALA I 135 28.14 7.19 25.85
C ALA I 135 27.86 5.73 25.52
N PRO I 136 28.67 5.11 24.68
CA PRO I 136 28.49 3.68 24.37
C PRO I 136 29.10 2.79 25.44
N SER I 137 28.91 1.49 25.27
CA SER I 137 29.57 0.46 26.07
C SER I 137 30.32 -0.46 25.13
N VAL I 138 31.62 -0.65 25.40
CA VAL I 138 32.50 -1.42 24.53
C VAL I 138 32.68 -2.79 25.17
N PHE I 139 31.87 -3.76 24.73
CA PHE I 139 31.92 -5.15 25.16
C PHE I 139 32.78 -5.97 24.21
N PRO I 140 33.63 -6.86 24.74
CA PRO I 140 34.47 -7.67 23.87
C PRO I 140 33.69 -8.82 23.24
N LEU I 141 34.21 -9.28 22.10
CA LEU I 141 33.71 -10.48 21.42
C LEU I 141 34.85 -11.49 21.44
N ALA I 142 34.80 -12.41 22.39
CA ALA I 142 35.96 -13.23 22.70
C ALA I 142 36.33 -14.14 21.52
N PRO I 143 37.61 -14.18 21.14
CA PRO I 143 38.01 -15.08 20.05
C PRO I 143 37.88 -16.54 20.45
N SER I 144 37.69 -17.38 19.44
CA SER I 144 37.48 -18.81 19.67
C SER I 144 38.78 -19.59 19.49
N THR I 152 42.89 -19.44 11.39
CA THR I 152 42.17 -18.17 11.46
C THR I 152 41.28 -18.10 12.71
N ALA I 153 41.46 -17.05 13.48
CA ALA I 153 40.63 -16.76 14.64
C ALA I 153 39.96 -15.40 14.44
N ALA I 154 38.73 -15.28 14.92
CA ALA I 154 37.94 -14.06 14.79
C ALA I 154 37.70 -13.46 16.16
N LEU I 155 38.01 -12.17 16.30
CA LEU I 155 37.80 -11.43 17.54
C LEU I 155 37.30 -10.04 17.20
N GLY I 156 36.66 -9.40 18.16
CA GLY I 156 36.13 -8.07 17.91
C GLY I 156 35.58 -7.43 19.15
N CYS I 157 35.02 -6.23 18.95
CA CYS I 157 34.41 -5.45 20.02
C CYS I 157 32.97 -5.09 19.63
N LEU I 158 32.10 -5.07 20.63
CA LEU I 158 30.69 -4.70 20.45
C LEU I 158 30.48 -3.34 21.09
N VAL I 159 30.19 -2.34 20.27
CA VAL I 159 29.92 -0.98 20.73
C VAL I 159 28.41 -0.81 20.78
N LYS I 160 27.86 -0.66 21.98
CA LYS I 160 26.42 -0.77 22.21
C LYS I 160 25.91 0.46 22.95
N ASP I 161 24.68 0.86 22.61
CA ASP I 161 23.92 1.88 23.32
C ASP I 161 24.64 3.23 23.32
N TYR I 162 24.75 3.80 22.12
CA TYR I 162 25.26 5.15 21.96
C TYR I 162 24.35 5.94 21.03
N PHE I 163 24.35 7.26 21.24
CA PHE I 163 23.61 8.21 20.42
C PHE I 163 24.33 9.54 20.53
N PRO I 164 24.48 10.28 19.43
CA PRO I 164 24.12 9.93 18.07
C PRO I 164 25.30 9.38 17.28
N GLU I 165 25.17 9.26 15.97
CA GLU I 165 26.28 8.89 15.12
C GLU I 165 27.31 10.01 15.11
N PRO I 166 28.58 9.70 14.78
CA PRO I 166 29.16 8.40 14.49
C PRO I 166 30.06 7.89 15.61
N VAL I 167 30.66 6.72 15.43
CA VAL I 167 31.69 6.21 16.32
C VAL I 167 32.86 5.75 15.46
N THR I 168 34.05 5.74 16.08
CA THR I 168 35.27 5.32 15.41
C THR I 168 35.89 4.18 16.20
N VAL I 169 36.18 3.07 15.50
CA VAL I 169 36.84 1.91 16.08
C VAL I 169 38.11 1.63 15.30
N SER I 170 39.23 1.57 16.01
CA SER I 170 40.51 1.18 15.44
C SER I 170 41.07 0.01 16.23
N TRP I 171 41.95 -0.75 15.59
CA TRP I 171 42.57 -1.91 16.20
C TRP I 171 44.06 -1.67 16.36
N ASN I 172 44.56 -1.83 17.59
CA ASN I 172 45.96 -1.63 17.92
C ASN I 172 46.46 -0.25 17.49
N SER I 173 45.66 0.78 17.80
CA SER I 173 46.01 2.17 17.51
C SER I 173 46.28 2.40 16.04
N GLY I 174 45.53 1.70 15.19
CA GLY I 174 45.66 1.83 13.75
C GLY I 174 46.72 0.95 13.12
N ALA I 175 47.42 0.13 13.91
CA ALA I 175 48.44 -0.75 13.33
C ALA I 175 47.81 -1.87 12.53
N LEU I 176 46.75 -2.48 13.05
CA LEU I 176 46.10 -3.61 12.42
C LEU I 176 44.99 -3.10 11.50
N THR I 177 45.22 -3.18 10.19
CA THR I 177 44.27 -2.68 9.19
C THR I 177 43.67 -3.79 8.35
N SER I 178 44.50 -4.66 7.77
CA SER I 178 43.99 -5.74 6.94
C SER I 178 43.21 -6.75 7.78
N GLY I 179 42.12 -7.25 7.22
CA GLY I 179 41.28 -8.20 7.92
C GLY I 179 40.30 -7.60 8.89
N VAL I 180 40.14 -6.28 8.90
CA VAL I 180 39.27 -5.58 9.84
C VAL I 180 37.96 -5.23 9.14
N HIS I 181 36.84 -5.57 9.78
CA HIS I 181 35.51 -5.20 9.30
C HIS I 181 34.79 -4.43 10.40
N THR I 182 34.37 -3.20 10.09
CA THR I 182 33.60 -2.37 11.00
C THR I 182 32.21 -2.20 10.40
N PHE I 183 31.21 -2.79 11.05
CA PHE I 183 29.88 -2.87 10.48
C PHE I 183 29.11 -1.57 10.66
N PRO I 184 28.23 -1.23 9.73
CA PRO I 184 27.38 -0.05 9.91
C PRO I 184 26.48 -0.19 11.13
N ALA I 185 26.25 0.93 11.80
CA ALA I 185 25.42 0.93 13.00
C ALA I 185 23.97 0.63 12.65
N VAL I 186 23.28 -0.03 13.58
CA VAL I 186 21.86 -0.35 13.46
C VAL I 186 21.14 0.30 14.63
N LEU I 187 19.94 0.83 14.36
CA LEU I 187 19.18 1.54 15.37
C LEU I 187 18.26 0.56 16.11
N GLN I 188 18.46 0.42 17.41
CA GLN I 188 17.66 -0.47 18.23
C GLN I 188 16.32 0.18 18.57
N SER I 189 15.42 -0.64 19.11
CA SER I 189 14.11 -0.13 19.53
C SER I 189 14.21 0.87 20.66
N SER I 190 15.33 0.89 21.39
CA SER I 190 15.54 1.84 22.47
C SER I 190 15.93 3.22 21.98
N GLY I 191 16.01 3.43 20.66
CA GLY I 191 16.49 4.68 20.11
C GLY I 191 17.98 4.86 20.16
N LEU I 192 18.74 3.80 20.40
CA LEU I 192 20.19 3.85 20.50
C LEU I 192 20.82 2.96 19.44
N TYR I 193 22.02 3.34 19.00
CA TYR I 193 22.74 2.61 17.97
C TYR I 193 23.66 1.55 18.57
N SER I 194 23.86 0.48 17.82
CA SER I 194 24.85 -0.54 18.13
C SER I 194 25.72 -0.78 16.92
N LEU I 195 27.02 -0.94 17.15
CA LEU I 195 27.99 -1.17 16.09
C LEU I 195 28.89 -2.33 16.48
N SER I 196 29.37 -3.05 15.47
CA SER I 196 30.27 -4.18 15.69
C SER I 196 31.51 -4.01 14.82
N SER I 197 32.67 -4.23 15.41
CA SER I 197 33.94 -4.26 14.67
C SER I 197 34.63 -5.56 14.99
N VAL I 198 35.11 -6.25 13.95
CA VAL I 198 35.76 -7.55 14.09
C VAL I 198 37.02 -7.58 13.25
N VAL I 199 37.91 -8.50 13.58
CA VAL I 199 39.13 -8.73 12.81
C VAL I 199 39.48 -10.20 12.91
N THR I 200 39.98 -10.75 11.80
CA THR I 200 40.46 -12.13 11.77
C THR I 200 41.98 -12.13 11.75
N VAL I 201 42.57 -12.90 12.66
CA VAL I 201 44.02 -13.00 12.78
C VAL I 201 44.39 -14.48 12.84
N PRO I 202 45.62 -14.83 12.47
CA PRO I 202 46.07 -16.21 12.66
C PRO I 202 46.01 -16.60 14.13
N SER I 203 45.56 -17.83 14.38
CA SER I 203 45.36 -18.28 15.75
C SER I 203 46.66 -18.58 16.47
N SER I 204 47.75 -18.78 15.72
CA SER I 204 49.05 -18.98 16.34
C SER I 204 49.55 -17.72 17.03
N SER I 205 49.04 -16.55 16.64
CA SER I 205 49.45 -15.28 17.21
C SER I 205 48.56 -14.83 18.36
N LEU I 206 47.59 -15.65 18.77
CA LEU I 206 46.69 -15.26 19.85
C LEU I 206 47.44 -15.11 21.18
N GLY I 207 48.54 -15.84 21.36
CA GLY I 207 49.32 -15.72 22.57
C GLY I 207 50.41 -14.68 22.48
N THR I 208 51.12 -14.66 21.34
CA THR I 208 52.25 -13.75 21.19
C THR I 208 51.81 -12.30 20.99
N GLN I 209 50.77 -12.09 20.18
CA GLN I 209 50.32 -10.75 19.85
C GLN I 209 49.03 -10.42 20.61
N THR I 210 48.94 -9.18 21.09
CA THR I 210 47.78 -8.70 21.83
C THR I 210 46.99 -7.74 20.95
N TYR I 211 45.66 -7.74 21.13
CA TYR I 211 44.76 -6.97 20.29
C TYR I 211 43.88 -6.09 21.16
N ILE I 212 43.83 -4.80 20.84
CA ILE I 212 43.01 -3.83 21.56
C ILE I 212 42.17 -3.06 20.55
N CYS I 213 40.90 -2.83 20.88
CA CYS I 213 40.02 -2.01 20.05
C CYS I 213 39.95 -0.61 20.65
N ASN I 214 40.16 0.39 19.81
CA ASN I 214 40.20 1.78 20.23
C ASN I 214 38.91 2.45 19.76
N VAL I 215 37.91 2.47 20.63
CA VAL I 215 36.60 3.03 20.32
C VAL I 215 36.57 4.49 20.76
N ASN I 216 36.24 5.38 19.84
CA ASN I 216 36.14 6.81 20.12
C ASN I 216 34.76 7.30 19.70
N HIS I 217 33.99 7.78 20.66
CA HIS I 217 32.68 8.39 20.41
C HIS I 217 32.82 9.88 20.76
N LYS I 218 33.18 10.67 19.75
CA LYS I 218 33.43 12.09 19.97
C LYS I 218 32.27 12.85 20.58
N PRO I 219 31.00 12.64 20.21
CA PRO I 219 29.92 13.43 20.83
C PRO I 219 29.82 13.27 22.34
N SER I 220 30.35 12.18 22.91
CA SER I 220 30.26 11.93 24.35
C SER I 220 31.62 11.91 25.03
N ASN I 221 32.71 12.19 24.29
CA ASN I 221 34.08 12.13 24.82
C ASN I 221 34.36 10.75 25.44
N THR I 222 33.93 9.71 24.74
CA THR I 222 34.11 8.34 25.21
C THR I 222 35.23 7.69 24.40
N LYS I 223 36.42 7.65 24.97
CA LYS I 223 37.56 6.93 24.41
C LYS I 223 37.80 5.70 25.27
N VAL I 224 37.41 4.54 24.76
CA VAL I 224 37.53 3.28 25.49
C VAL I 224 38.46 2.36 24.71
N ASP I 225 39.51 1.90 25.38
CA ASP I 225 40.44 0.92 24.83
C ASP I 225 40.31 -0.36 25.65
N LYS I 226 39.81 -1.42 25.03
CA LYS I 226 39.63 -2.71 25.69
C LYS I 226 40.43 -3.77 24.97
N ARG I 227 41.19 -4.56 25.72
CA ARG I 227 41.96 -5.66 25.15
C ARG I 227 41.05 -6.85 24.88
N VAL I 228 41.13 -7.40 23.68
CA VAL I 228 40.36 -8.57 23.30
C VAL I 228 41.27 -9.78 23.38
N GLU I 229 41.08 -10.59 24.42
CA GLU I 229 41.86 -11.79 24.65
C GLU I 229 40.93 -12.97 24.92
N PRO I 230 41.34 -14.18 24.57
CA PRO I 230 40.47 -15.34 24.79
C PRO I 230 40.18 -15.54 26.27
N LYS I 231 38.96 -15.96 26.57
CA LYS I 231 38.53 -16.16 27.95
C LYS I 231 38.98 -17.53 28.47
N ALA J 1 11.72 21.78 -11.23
CA ALA J 1 10.96 21.79 -12.48
C ALA J 1 11.74 21.08 -13.59
N GLN J 2 12.96 20.67 -13.28
CA GLN J 2 13.83 19.97 -14.22
C GLN J 2 14.44 18.78 -13.50
N VAL J 3 14.20 17.58 -14.02
CA VAL J 3 14.50 16.35 -13.31
C VAL J 3 15.54 15.55 -14.09
N LEU J 4 16.52 15.00 -13.38
CA LEU J 4 17.48 14.07 -13.93
C LEU J 4 17.10 12.65 -13.53
N THR J 5 16.92 11.79 -14.52
CA THR J 5 16.56 10.39 -14.28
C THR J 5 17.81 9.54 -14.53
N GLN J 6 18.35 8.96 -13.46
CA GLN J 6 19.54 8.12 -13.55
C GLN J 6 19.14 6.66 -13.47
N THR J 7 19.44 5.90 -14.51
CA THR J 7 19.13 4.49 -14.58
C THR J 7 20.39 3.71 -14.95
N PRO J 8 20.51 2.47 -14.47
CA PRO J 8 19.65 1.82 -13.48
C PRO J 8 20.17 2.09 -12.07
N SER J 9 19.53 1.58 -11.03
CA SER J 9 20.01 1.80 -9.68
C SER J 9 21.23 0.96 -9.33
N SER J 10 21.52 -0.07 -10.12
CA SER J 10 22.66 -0.94 -9.84
C SER J 10 23.13 -1.58 -11.13
N VAL J 11 24.45 -1.62 -11.31
CA VAL J 11 25.09 -2.31 -12.42
C VAL J 11 26.19 -3.20 -11.85
N SER J 12 26.51 -4.26 -12.57
CA SER J 12 27.56 -5.19 -12.14
C SER J 12 28.38 -5.63 -13.33
N ALA J 13 29.64 -5.95 -13.07
CA ALA J 13 30.55 -6.49 -14.07
C ALA J 13 31.74 -7.11 -13.36
N ALA J 14 32.35 -8.09 -14.02
CA ALA J 14 33.61 -8.65 -13.54
C ALA J 14 34.74 -7.66 -13.80
N VAL J 15 35.93 -7.98 -13.30
CA VAL J 15 37.09 -7.12 -13.51
C VAL J 15 37.40 -7.08 -15.00
N GLY J 16 37.60 -5.89 -15.54
CA GLY J 16 37.79 -5.70 -16.95
C GLY J 16 36.53 -5.61 -17.77
N GLY J 17 35.36 -5.70 -17.15
CA GLY J 17 34.12 -5.53 -17.86
C GLY J 17 33.77 -4.06 -18.05
N THR J 18 32.63 -3.83 -18.71
CA THR J 18 32.14 -2.48 -18.98
C THR J 18 30.75 -2.33 -18.38
N VAL J 19 30.57 -1.28 -17.59
CA VAL J 19 29.26 -0.91 -17.05
C VAL J 19 28.86 0.42 -17.68
N SER J 20 27.58 0.53 -18.00
CA SER J 20 27.02 1.73 -18.63
C SER J 20 25.96 2.32 -17.71
N ILE J 21 26.10 3.60 -17.40
CA ILE J 21 25.16 4.30 -16.51
C ILE J 21 24.55 5.46 -17.29
N SER J 22 23.23 5.51 -17.31
CA SER J 22 22.50 6.49 -18.10
C SER J 22 21.97 7.62 -17.22
N CYS J 23 21.96 8.83 -17.77
CA CYS J 23 21.43 10.01 -17.10
C CYS J 23 20.59 10.78 -18.13
N GLN J 24 19.30 10.93 -17.86
CA GLN J 24 18.36 11.56 -18.77
C GLN J 24 17.77 12.80 -18.14
N SER J 25 17.74 13.89 -18.89
CA SER J 25 17.26 15.18 -18.40
C SER J 25 15.93 15.54 -19.06
N SER J 26 15.03 16.14 -18.27
CA SER J 26 13.74 16.55 -18.80
C SER J 26 13.85 17.71 -19.78
N GLN J 27 14.96 18.46 -19.74
CA GLN J 27 15.21 19.53 -20.69
C GLN J 27 16.70 19.53 -21.03
N SER J 28 17.03 20.21 -22.13
CA SER J 28 18.40 20.26 -22.59
C SER J 28 19.30 20.88 -21.52
N VAL J 29 20.45 20.25 -21.28
CA VAL J 29 21.40 20.73 -20.29
C VAL J 29 22.18 21.89 -20.88
N TYR J 30 22.29 22.97 -20.12
CA TYR J 30 22.94 24.19 -20.60
C TYR J 30 24.41 23.93 -20.89
N SER J 31 24.81 24.18 -22.14
CA SER J 31 26.19 23.99 -22.61
C SER J 31 26.72 22.59 -22.30
N ASN J 32 25.80 21.63 -22.18
CA ASN J 32 26.15 20.25 -21.81
C ASN J 32 26.93 20.21 -20.49
N TYR J 33 26.47 21.00 -19.52
CA TYR J 33 27.07 21.01 -18.18
C TYR J 33 26.53 19.83 -17.38
N LEU J 34 26.94 18.64 -17.79
CA LEU J 34 26.61 17.40 -17.10
C LEU J 34 27.89 16.85 -16.49
N SER J 35 27.87 16.56 -15.20
CA SER J 35 29.05 16.08 -14.49
C SER J 35 28.73 14.79 -13.76
N TRP J 36 29.76 13.95 -13.62
CA TRP J 36 29.64 12.66 -12.95
C TRP J 36 30.51 12.64 -11.71
N TYR J 37 30.00 12.04 -10.63
CA TYR J 37 30.68 11.98 -9.35
C TYR J 37 30.71 10.55 -8.84
N GLN J 38 31.80 10.21 -8.16
CA GLN J 38 31.95 8.92 -7.49
C GLN J 38 31.96 9.15 -5.98
N GLN J 39 31.27 8.28 -5.24
CA GLN J 39 31.24 8.36 -3.79
C GLN J 39 31.54 6.98 -3.20
N LYS J 40 32.72 6.84 -2.61
CA LYS J 40 33.05 5.69 -1.80
C LYS J 40 32.33 5.78 -0.46
N PRO J 41 32.11 4.66 0.22
CA PRO J 41 31.43 4.71 1.52
C PRO J 41 32.19 5.55 2.53
N GLY J 42 31.46 6.38 3.25
CA GLY J 42 32.05 7.25 4.25
C GLY J 42 32.91 8.37 3.71
N GLN J 43 32.88 8.61 2.40
CA GLN J 43 33.73 9.61 1.77
C GLN J 43 32.87 10.65 1.05
N PRO J 44 33.39 11.86 0.86
CA PRO J 44 32.67 12.87 0.08
C PRO J 44 32.64 12.48 -1.39
N PRO J 45 31.70 13.02 -2.16
CA PRO J 45 31.71 12.77 -3.61
C PRO J 45 33.01 13.27 -4.24
N LYS J 46 33.50 12.53 -5.23
CA LYS J 46 34.67 12.89 -5.99
C LYS J 46 34.28 13.10 -7.44
N LEU J 47 34.65 14.25 -7.99
CA LEU J 47 34.29 14.57 -9.37
C LEU J 47 35.07 13.68 -10.32
N LEU J 48 34.36 13.04 -11.25
CA LEU J 48 34.95 12.20 -12.27
C LEU J 48 35.05 12.90 -13.62
N ILE J 49 33.92 13.44 -14.10
CA ILE J 49 33.84 14.07 -15.41
C ILE J 49 33.05 15.36 -15.28
N TYR J 50 33.49 16.40 -15.97
CA TYR J 50 32.75 17.64 -16.08
C TYR J 50 32.62 18.01 -17.56
N ASP J 51 31.64 18.86 -17.85
CA ASP J 51 31.29 19.23 -19.23
C ASP J 51 30.90 18.02 -20.08
N ALA J 52 30.48 16.95 -19.40
CA ALA J 52 29.88 15.74 -19.97
C ALA J 52 30.87 14.84 -20.69
N SER J 53 32.07 15.33 -20.97
CA SER J 53 33.12 14.47 -21.54
C SER J 53 34.51 14.73 -21.01
N THR J 54 34.75 15.84 -20.32
CA THR J 54 36.10 16.19 -19.91
C THR J 54 36.49 15.42 -18.65
N LEU J 55 37.65 14.78 -18.69
CA LEU J 55 38.13 13.99 -17.57
C LEU J 55 38.76 14.88 -16.52
N ALA J 56 38.33 14.73 -15.28
CA ALA J 56 38.89 15.52 -14.18
C ALA J 56 40.33 15.07 -13.91
N SER J 57 41.09 15.98 -13.29
CA SER J 57 42.50 15.73 -13.05
C SER J 57 42.70 14.50 -12.17
N GLY J 58 43.60 13.61 -12.60
CA GLY J 58 43.93 12.42 -11.85
C GLY J 58 42.99 11.25 -12.01
N VAL J 59 41.85 11.44 -12.68
CA VAL J 59 40.88 10.37 -12.87
C VAL J 59 41.40 9.39 -13.92
N PRO J 60 41.30 8.09 -13.71
CA PRO J 60 41.70 7.13 -14.74
C PRO J 60 40.84 7.26 -15.99
N SER J 61 41.47 7.02 -17.14
CA SER J 61 40.81 7.21 -18.43
C SER J 61 39.77 6.13 -18.73
N ARG J 62 39.71 5.06 -17.94
CA ARG J 62 38.66 4.06 -18.16
C ARG J 62 37.28 4.64 -17.89
N PHE J 63 37.19 5.68 -17.06
CA PHE J 63 35.95 6.44 -16.93
C PHE J 63 35.80 7.35 -18.15
N LYS J 64 34.69 7.21 -18.86
CA LYS J 64 34.46 7.97 -20.08
C LYS J 64 33.07 8.59 -20.01
N GLY J 65 32.97 9.87 -20.35
CA GLY J 65 31.70 10.57 -20.39
C GLY J 65 31.29 10.84 -21.83
N SER J 66 29.99 10.69 -22.10
CA SER J 66 29.48 10.90 -23.45
C SER J 66 28.03 11.36 -23.37
N GLY J 67 27.55 11.91 -24.48
CA GLY J 67 26.17 12.35 -24.58
C GLY J 67 26.08 13.86 -24.79
N SER J 68 24.88 14.27 -25.18
CA SER J 68 24.58 15.68 -25.42
C SER J 68 23.10 15.91 -25.22
N GLY J 69 22.72 17.18 -25.08
CA GLY J 69 21.33 17.53 -24.94
C GLY J 69 20.69 17.00 -23.68
N THR J 70 19.83 15.99 -23.83
CA THR J 70 19.08 15.42 -22.72
C THR J 70 19.52 14.00 -22.36
N GLN J 71 20.47 13.42 -23.08
CA GLN J 71 20.90 12.05 -22.84
C GLN J 71 22.40 12.01 -22.63
N PHE J 72 22.83 11.42 -21.51
CA PHE J 72 24.24 11.33 -21.16
C PHE J 72 24.52 9.95 -20.59
N THR J 73 25.80 9.56 -20.64
CA THR J 73 26.19 8.22 -20.24
C THR J 73 27.55 8.25 -19.57
N LEU J 74 27.69 7.48 -18.49
CA LEU J 74 28.97 7.18 -17.88
C LEU J 74 29.33 5.73 -18.17
N THR J 75 30.55 5.52 -18.67
CA THR J 75 31.04 4.19 -19.01
C THR J 75 32.35 3.92 -18.28
N ILE J 76 32.43 2.76 -17.63
CA ILE J 76 33.67 2.32 -17.01
C ILE J 76 34.20 1.13 -17.80
N SER J 77 35.08 1.40 -18.76
CA SER J 77 35.64 0.37 -19.62
C SER J 77 36.82 -0.27 -18.91
N GLY J 78 36.62 -1.49 -18.40
CA GLY J 78 37.66 -2.15 -17.63
C GLY J 78 37.50 -1.94 -16.14
N VAL J 79 36.31 -2.31 -15.62
CA VAL J 79 36.01 -2.13 -14.21
C VAL J 79 37.07 -2.79 -13.34
N GLN J 80 37.45 -2.11 -12.27
CA GLN J 80 38.41 -2.63 -11.30
C GLN J 80 37.72 -2.84 -9.96
N CYS J 81 38.44 -3.49 -9.04
CA CYS J 81 37.85 -3.86 -7.76
C CYS J 81 37.46 -2.63 -6.95
N ASP J 82 38.30 -1.59 -6.95
CA ASP J 82 38.01 -0.40 -6.16
C ASP J 82 36.96 0.51 -6.79
N ASP J 83 36.35 0.09 -7.90
CA ASP J 83 35.27 0.86 -8.51
C ASP J 83 33.92 0.59 -7.86
N ALA J 84 33.87 -0.29 -6.85
CA ALA J 84 32.64 -0.56 -6.12
C ALA J 84 32.29 0.68 -5.31
N ALA J 85 31.32 1.45 -5.81
CA ALA J 85 30.93 2.71 -5.19
C ALA J 85 29.60 3.14 -5.80
N THR J 86 29.10 4.28 -5.34
CA THR J 86 27.90 4.90 -5.88
C THR J 86 28.30 6.06 -6.78
N TYR J 87 27.58 6.21 -7.89
CA TYR J 87 27.89 7.22 -8.89
C TYR J 87 26.67 8.10 -9.14
N TYR J 88 26.90 9.40 -9.27
CA TYR J 88 25.84 10.39 -9.46
C TYR J 88 26.14 11.27 -10.66
N CYS J 89 25.10 11.61 -11.41
CA CYS J 89 25.18 12.67 -12.41
C CYS J 89 24.56 13.95 -11.85
N GLN J 90 25.09 15.08 -12.30
CA GLN J 90 24.58 16.39 -11.90
C GLN J 90 24.55 17.29 -13.12
N GLY J 91 23.45 18.01 -13.30
CA GLY J 91 23.25 18.84 -14.47
C GLY J 91 23.07 20.30 -14.08
N SER J 92 23.43 21.19 -15.00
CA SER J 92 23.23 22.61 -14.85
C SER J 92 22.45 23.15 -16.04
N TYR J 93 21.63 24.16 -15.79
CA TYR J 93 20.71 24.68 -16.79
C TYR J 93 20.78 26.20 -16.82
N TYR J 94 20.01 26.81 -17.71
CA TYR J 94 19.95 28.26 -17.75
C TYR J 94 19.15 28.77 -16.56
N SER J 95 19.72 28.57 -15.37
CA SER J 95 19.05 28.87 -14.11
C SER J 95 20.13 29.02 -13.04
N SER J 96 19.87 29.90 -12.08
CA SER J 96 20.82 30.16 -11.02
C SER J 96 20.55 29.36 -9.75
N ASP J 97 19.45 28.61 -9.69
CA ASP J 97 19.08 27.96 -8.44
C ASP J 97 18.55 26.54 -8.63
N TRP J 98 18.91 25.86 -9.71
CA TRP J 98 18.49 24.47 -9.91
C TRP J 98 19.69 23.65 -10.36
N TYR J 99 20.16 22.77 -9.48
CA TYR J 99 21.28 21.88 -9.77
C TYR J 99 20.93 20.49 -9.28
N PRO J 100 20.09 19.77 -10.02
CA PRO J 100 19.65 18.44 -9.57
C PRO J 100 20.76 17.41 -9.70
N PHE J 101 20.76 16.47 -8.77
CA PHE J 101 21.59 15.27 -8.85
C PHE J 101 20.74 14.08 -9.28
N GLY J 102 21.37 13.14 -9.97
CA GLY J 102 20.70 11.89 -10.27
C GLY J 102 20.46 11.05 -9.03
N GLY J 103 19.55 10.09 -9.16
CA GLY J 103 19.21 9.25 -8.03
C GLY J 103 20.36 8.39 -7.53
N GLY J 104 21.35 8.15 -8.37
CA GLY J 104 22.50 7.36 -7.98
C GLY J 104 22.46 5.95 -8.56
N THR J 105 23.64 5.37 -8.75
CA THR J 105 23.77 4.04 -9.30
C THR J 105 24.93 3.34 -8.61
N GLU J 106 24.65 2.17 -8.04
CA GLU J 106 25.67 1.36 -7.39
C GLU J 106 26.37 0.48 -8.41
N VAL J 107 27.68 0.34 -8.27
CA VAL J 107 28.48 -0.56 -9.10
C VAL J 107 28.91 -1.72 -8.24
N VAL J 108 28.59 -2.94 -8.70
CA VAL J 108 28.93 -4.17 -8.00
C VAL J 108 29.98 -4.91 -8.81
N VAL J 109 31.08 -5.27 -8.17
CA VAL J 109 32.16 -6.00 -8.85
C VAL J 109 31.85 -7.48 -8.74
N LYS J 110 31.54 -8.11 -9.87
CA LYS J 110 31.27 -9.54 -9.89
C LYS J 110 32.55 -10.32 -9.68
N ARG J 111 32.43 -11.42 -8.93
CA ARG J 111 33.54 -12.34 -8.72
C ARG J 111 32.96 -13.74 -8.52
N THR J 112 33.84 -14.70 -8.29
CA THR J 112 33.40 -16.07 -8.05
C THR J 112 32.63 -16.15 -6.73
N VAL J 113 31.73 -17.13 -6.67
CA VAL J 113 30.94 -17.33 -5.45
C VAL J 113 31.87 -17.63 -4.28
N ALA J 114 31.56 -17.06 -3.13
CA ALA J 114 32.36 -17.24 -1.91
C ALA J 114 31.43 -17.51 -0.74
N ALA J 115 31.61 -18.65 -0.09
CA ALA J 115 30.85 -19.00 1.09
C ALA J 115 31.39 -18.24 2.31
N PRO J 116 30.51 -17.76 3.19
CA PRO J 116 30.98 -17.07 4.39
C PRO J 116 31.61 -18.02 5.40
N SER J 117 32.58 -17.48 6.14
CA SER J 117 33.07 -18.13 7.35
C SER J 117 32.18 -17.71 8.51
N VAL J 118 31.74 -18.68 9.31
CA VAL J 118 30.73 -18.46 10.33
C VAL J 118 31.37 -18.52 11.71
N PHE J 119 31.14 -17.47 12.50
CA PHE J 119 31.62 -17.39 13.87
C PHE J 119 30.46 -16.92 14.76
N ILE J 120 30.55 -17.27 16.03
CA ILE J 120 29.52 -16.91 17.01
C ILE J 120 30.20 -16.45 18.29
N PHE J 121 29.64 -15.43 18.92
CA PHE J 121 30.20 -14.85 20.14
C PHE J 121 29.14 -14.84 21.24
N PRO J 122 29.39 -15.47 22.38
CA PRO J 122 28.43 -15.41 23.49
C PRO J 122 28.46 -14.04 24.14
N PRO J 123 27.46 -13.71 24.97
CA PRO J 123 27.49 -12.42 25.67
C PRO J 123 28.73 -12.30 26.54
N SER J 124 29.27 -11.08 26.61
CA SER J 124 30.50 -10.85 27.35
C SER J 124 30.27 -10.98 28.85
N ASP J 125 31.36 -11.17 29.59
CA ASP J 125 31.28 -11.40 31.02
C ASP J 125 30.66 -10.20 31.74
N GLU J 126 31.06 -8.97 31.37
CA GLU J 126 30.43 -7.80 31.95
C GLU J 126 28.96 -7.72 31.55
N GLN J 127 28.70 -7.60 30.24
CA GLN J 127 27.38 -7.20 29.72
C GLN J 127 26.23 -7.90 30.44
N LEU J 128 26.46 -9.13 30.92
CA LEU J 128 25.46 -9.80 31.74
C LEU J 128 25.18 -9.03 33.02
N LYS J 129 26.18 -8.34 33.56
CA LYS J 129 25.98 -7.53 34.76
C LYS J 129 24.99 -6.40 34.50
N SER J 130 25.03 -5.81 33.30
CA SER J 130 24.14 -4.71 32.99
C SER J 130 22.67 -5.15 33.03
N GLY J 131 22.37 -6.32 32.47
CA GLY J 131 21.01 -6.81 32.45
C GLY J 131 20.55 -7.24 31.07
N THR J 132 21.39 -7.00 30.06
CA THR J 132 21.08 -7.35 28.69
C THR J 132 22.06 -8.41 28.19
N ALA J 133 21.61 -9.20 27.22
CA ALA J 133 22.43 -10.24 26.62
C ALA J 133 22.43 -10.06 25.11
N SER J 134 23.62 -9.99 24.52
CA SER J 134 23.78 -9.84 23.08
C SER J 134 24.65 -10.97 22.56
N VAL J 135 24.09 -11.79 21.66
CA VAL J 135 24.82 -12.84 20.98
C VAL J 135 25.03 -12.40 19.54
N VAL J 136 26.28 -12.45 19.08
CA VAL J 136 26.65 -11.95 17.77
C VAL J 136 27.09 -13.12 16.90
N CYS J 137 26.56 -13.17 15.68
CA CYS J 137 26.95 -14.16 14.68
C CYS J 137 27.64 -13.44 13.53
N LEU J 138 28.82 -13.92 13.14
CA LEU J 138 29.66 -13.26 12.16
C LEU J 138 29.74 -14.10 10.89
N LEU J 139 29.42 -13.48 9.76
CA LEU J 139 29.59 -14.07 8.43
C LEU J 139 30.63 -13.24 7.70
N ASN J 140 31.71 -13.89 7.27
CA ASN J 140 32.91 -13.17 6.82
C ASN J 140 33.25 -13.50 5.37
N ASN J 141 33.52 -12.46 4.59
CA ASN J 141 34.13 -12.55 3.27
C ASN J 141 33.37 -13.52 2.36
N PHE J 142 32.12 -13.18 2.08
CA PHE J 142 31.27 -13.98 1.22
C PHE J 142 30.78 -13.16 0.02
N TYR J 143 30.48 -13.87 -1.07
CA TYR J 143 29.90 -13.30 -2.27
C TYR J 143 28.97 -14.34 -2.86
N PRO J 144 27.78 -13.94 -3.34
CA PRO J 144 27.24 -12.58 -3.43
C PRO J 144 26.70 -12.04 -2.11
N ARG J 145 26.12 -10.85 -2.15
CA ARG J 145 25.70 -10.17 -0.93
C ARG J 145 24.55 -10.90 -0.22
N GLU J 146 23.70 -11.58 -0.98
CA GLU J 146 22.49 -12.16 -0.39
C GLU J 146 22.86 -13.29 0.58
N ALA J 147 22.32 -13.21 1.79
CA ALA J 147 22.55 -14.21 2.82
C ALA J 147 21.40 -14.15 3.82
N LYS J 148 21.22 -15.26 4.54
CA LYS J 148 20.16 -15.39 5.53
C LYS J 148 20.73 -15.97 6.82
N VAL J 149 20.33 -15.41 7.95
CA VAL J 149 20.73 -15.87 9.27
C VAL J 149 19.48 -16.11 10.11
N GLN J 150 19.38 -17.32 10.67
CA GLN J 150 18.29 -17.69 11.56
C GLN J 150 18.83 -18.03 12.94
N TRP J 151 18.21 -17.46 13.97
CA TRP J 151 18.62 -17.67 15.35
C TRP J 151 17.73 -18.73 15.99
N LYS J 152 18.35 -19.72 16.62
CA LYS J 152 17.64 -20.81 17.29
C LYS J 152 18.11 -20.89 18.74
N VAL J 153 17.17 -20.72 19.66
CA VAL J 153 17.44 -20.79 21.09
C VAL J 153 16.76 -22.04 21.62
N ASP J 154 17.56 -23.00 22.07
CA ASP J 154 17.07 -24.33 22.45
C ASP J 154 16.24 -24.94 21.32
N ASN J 155 16.75 -24.81 20.09
CA ASN J 155 16.21 -25.34 18.85
C ASN J 155 14.94 -24.62 18.38
N ALA J 156 14.50 -23.59 19.09
CA ALA J 156 13.32 -22.82 18.69
C ALA J 156 13.78 -21.58 17.95
N LEU J 157 13.28 -21.41 16.72
CA LEU J 157 13.69 -20.26 15.91
C LEU J 157 13.17 -18.96 16.52
N GLN J 158 14.02 -17.94 16.48
CA GLN J 158 13.69 -16.63 17.01
C GLN J 158 13.10 -15.75 15.92
N SER J 159 12.38 -14.71 16.33
CA SER J 159 11.78 -13.77 15.39
C SER J 159 11.57 -12.44 16.09
N GLY J 160 11.96 -11.36 15.44
CA GLY J 160 11.73 -10.02 15.94
C GLY J 160 12.68 -9.55 17.03
N ASN J 161 13.72 -10.32 17.33
CA ASN J 161 14.66 -9.97 18.39
C ASN J 161 16.10 -9.97 17.87
N SER J 162 16.28 -9.78 16.56
CA SER J 162 17.61 -9.74 15.97
C SER J 162 17.66 -8.65 14.91
N GLN J 163 18.87 -8.09 14.73
CA GLN J 163 19.13 -7.10 13.71
C GLN J 163 20.48 -7.43 13.06
N GLU J 164 20.60 -7.11 11.77
CA GLU J 164 21.82 -7.39 11.04
CA GLU J 164 21.79 -7.42 10.99
C GLU J 164 22.25 -6.19 10.21
N SER J 165 23.55 -6.11 9.97
CA SER J 165 24.15 -5.10 9.12
C SER J 165 25.24 -5.74 8.28
N VAL J 166 25.41 -5.22 7.07
CA VAL J 166 26.34 -5.77 6.10
C VAL J 166 27.34 -4.70 5.70
N THR J 167 28.61 -5.07 5.61
CA THR J 167 29.62 -4.15 5.12
C THR J 167 29.44 -3.90 3.63
N GLU J 168 30.06 -2.83 3.16
CA GLU J 168 30.10 -2.56 1.73
C GLU J 168 31.02 -3.57 1.04
N GLN J 169 30.88 -3.67 -0.29
CA GLN J 169 31.71 -4.61 -1.03
C GLN J 169 33.18 -4.18 -0.94
N ASP J 170 34.04 -5.14 -0.61
CA ASP J 170 35.44 -4.82 -0.35
C ASP J 170 36.13 -4.33 -1.63
N SER J 171 36.93 -3.28 -1.48
CA SER J 171 37.69 -2.76 -2.61
C SER J 171 38.86 -3.66 -2.99
N LYS J 172 39.16 -4.67 -2.18
CA LYS J 172 40.20 -5.65 -2.45
C LYS J 172 39.63 -7.03 -2.75
N ASP J 173 38.80 -7.56 -1.84
CA ASP J 173 38.25 -8.91 -1.97
C ASP J 173 37.00 -8.97 -2.83
N SER J 174 36.27 -7.86 -2.98
CA SER J 174 34.95 -7.84 -3.59
C SER J 174 33.98 -8.75 -2.85
N THR J 175 34.16 -8.88 -1.53
CA THR J 175 33.34 -9.73 -0.69
C THR J 175 32.67 -8.89 0.39
N TYR J 176 31.62 -9.45 0.97
CA TYR J 176 30.85 -8.80 2.02
C TYR J 176 31.03 -9.54 3.34
N SER J 177 30.69 -8.85 4.42
CA SER J 177 30.63 -9.45 5.75
C SER J 177 29.35 -9.00 6.44
N LEU J 178 28.79 -9.90 7.26
CA LEU J 178 27.53 -9.65 7.93
C LEU J 178 27.67 -9.94 9.42
N SER J 179 27.09 -9.06 10.23
CA SER J 179 27.03 -9.24 11.67
C SER J 179 25.56 -9.30 12.08
N SER J 180 25.18 -10.37 12.77
CA SER J 180 23.82 -10.55 13.28
C SER J 180 23.87 -10.54 14.80
N THR J 181 23.08 -9.66 15.41
CA THR J 181 23.06 -9.50 16.86
C THR J 181 21.71 -9.96 17.38
N LEU J 182 21.72 -10.91 18.30
CA LEU J 182 20.52 -11.40 18.97
C LEU J 182 20.49 -10.82 20.38
N THR J 183 19.46 -10.05 20.68
CA THR J 183 19.33 -9.36 21.95
C THR J 183 18.27 -10.07 22.80
N LEU J 184 18.65 -10.39 24.04
CA LEU J 184 17.75 -11.09 24.95
C LEU J 184 17.85 -10.48 26.35
N SER J 185 16.83 -10.77 27.15
CA SER J 185 16.83 -10.37 28.55
C SER J 185 17.82 -11.23 29.34
N LYS J 186 18.11 -10.79 30.57
CA LYS J 186 18.93 -11.60 31.45
C LYS J 186 18.23 -12.90 31.80
N ALA J 187 16.93 -12.84 32.10
CA ALA J 187 16.18 -14.04 32.45
C ALA J 187 16.03 -14.98 31.26
N ASP J 188 15.70 -14.44 30.09
CA ASP J 188 15.53 -15.28 28.91
C ASP J 188 16.84 -15.94 28.50
N TYR J 189 17.98 -15.26 28.76
CA TYR J 189 19.27 -15.88 28.49
C TYR J 189 19.64 -16.92 29.54
N GLU J 190 19.16 -16.76 30.78
CA GLU J 190 19.48 -17.67 31.86
C GLU J 190 18.44 -18.78 32.03
N LYS J 191 17.75 -19.15 30.95
CA LYS J 191 16.88 -20.31 30.95
C LYS J 191 17.06 -21.16 29.71
N HIS J 192 18.20 -21.03 29.02
CA HIS J 192 18.49 -21.79 27.82
C HIS J 192 19.98 -22.09 27.77
N LYS J 193 20.33 -23.17 27.08
CA LYS J 193 21.72 -23.64 27.03
C LYS J 193 22.34 -23.49 25.65
N VAL J 194 21.72 -24.03 24.61
CA VAL J 194 22.29 -24.07 23.26
C VAL J 194 21.80 -22.87 22.48
N TYR J 195 22.72 -22.08 21.94
CA TYR J 195 22.42 -20.93 21.11
C TYR J 195 23.05 -21.14 19.75
N ALA J 196 22.22 -21.18 18.71
CA ALA J 196 22.64 -21.57 17.38
C ALA J 196 22.39 -20.45 16.38
N CYS J 197 23.30 -20.34 15.41
CA CYS J 197 23.18 -19.40 14.30
C CYS J 197 23.28 -20.19 13.00
N GLU J 198 22.17 -20.28 12.27
CA GLU J 198 22.12 -21.00 11.01
C GLU J 198 22.25 -20.03 9.85
N VAL J 199 23.13 -20.36 8.90
CA VAL J 199 23.48 -19.48 7.79
C VAL J 199 23.04 -20.13 6.49
N THR J 200 22.31 -19.39 5.68
CA THR J 200 21.93 -19.79 4.33
C THR J 200 22.62 -18.88 3.33
N HIS J 201 23.36 -19.48 2.40
CA HIS J 201 24.09 -18.72 1.39
C HIS J 201 24.27 -19.58 0.16
N GLN J 202 24.50 -18.91 -0.97
CA GLN J 202 24.63 -19.62 -2.24
C GLN J 202 25.80 -20.59 -2.23
N GLY J 203 26.90 -20.20 -1.59
CA GLY J 203 28.07 -21.07 -1.51
C GLY J 203 27.95 -22.22 -0.54
N LEU J 204 26.88 -22.25 0.27
CA LEU J 204 26.64 -23.33 1.21
C LEU J 204 25.61 -24.27 0.60
N SER J 205 26.06 -25.42 0.10
CA SER J 205 25.13 -26.41 -0.45
C SER J 205 24.15 -26.90 0.61
N SER J 206 24.55 -26.86 1.87
CA SER J 206 23.67 -27.14 3.00
C SER J 206 23.85 -26.04 4.04
N PRO J 207 22.78 -25.66 4.73
CA PRO J 207 22.89 -24.58 5.73
C PRO J 207 23.81 -24.99 6.87
N VAL J 208 24.72 -24.07 7.22
CA VAL J 208 25.72 -24.30 8.27
C VAL J 208 25.25 -23.62 9.54
N THR J 209 25.23 -24.38 10.63
CA THR J 209 24.76 -23.91 11.93
C THR J 209 25.95 -23.79 12.88
N LYS J 210 26.17 -22.60 13.39
CA LYS J 210 27.19 -22.35 14.40
C LYS J 210 26.52 -22.25 15.76
N SER J 211 27.04 -22.99 16.74
CA SER J 211 26.37 -23.13 18.03
C SER J 211 27.38 -23.11 19.16
N PHE J 212 26.89 -22.78 20.35
CA PHE J 212 27.65 -22.92 21.59
C PHE J 212 26.67 -23.23 22.71
N ASN J 213 27.22 -23.68 23.83
CA ASN J 213 26.43 -23.95 25.02
C ASN J 213 26.77 -22.93 26.10
N ARG J 214 25.74 -22.48 26.83
CA ARG J 214 25.90 -21.46 27.85
C ARG J 214 26.83 -21.95 28.96
N GLY J 215 27.97 -21.29 29.11
CA GLY J 215 28.97 -21.73 30.07
C GLY J 215 29.61 -23.06 29.75
N GLU J 216 29.85 -23.32 28.46
CA GLU J 216 30.47 -24.56 27.96
C GLU J 216 30.03 -25.81 28.70
N GLN K 1 -2.29 20.89 3.43
CA GLN K 1 -3.27 19.94 3.93
C GLN K 1 -2.86 19.45 5.31
N SER K 2 -1.62 19.75 5.69
CA SER K 2 -1.09 19.34 6.98
C SER K 2 -0.24 20.47 7.55
N LEU K 3 -0.39 20.70 8.85
CA LEU K 3 0.43 21.62 9.60
C LEU K 3 1.08 20.88 10.76
N GLU K 4 2.32 21.22 11.07
CA GLU K 4 3.04 20.56 12.16
C GLU K 4 3.80 21.62 12.95
N GLU K 5 3.44 21.79 14.22
CA GLU K 5 4.19 22.68 15.10
C GLU K 5 5.40 21.96 15.67
N SER K 6 6.42 22.74 16.00
CA SER K 6 7.62 22.20 16.63
C SER K 6 8.30 23.32 17.40
N GLY K 7 9.25 22.93 18.25
CA GLY K 7 9.99 23.87 19.06
C GLY K 7 9.50 23.99 20.49
N GLY K 8 8.34 23.43 20.82
CA GLY K 8 7.88 23.42 22.19
C GLY K 8 8.84 22.70 23.11
N ASP K 9 9.16 23.30 24.24
CA ASP K 9 10.25 22.82 25.07
C ASP K 9 10.02 23.25 26.51
N LEU K 10 10.77 22.61 27.41
CA LEU K 10 10.84 23.07 28.79
C LEU K 10 11.87 24.20 28.89
N VAL K 11 11.43 25.36 29.35
CA VAL K 11 12.31 26.53 29.48
C VAL K 11 12.14 27.11 30.88
N LYS K 12 13.17 27.79 31.34
CA LYS K 12 13.15 28.44 32.63
C LYS K 12 12.48 29.81 32.54
N PRO K 13 11.93 30.32 33.65
CA PRO K 13 11.28 31.63 33.61
C PRO K 13 12.24 32.71 33.15
N GLY K 14 11.72 33.65 32.35
CA GLY K 14 12.50 34.73 31.80
C GLY K 14 13.17 34.43 30.47
N ALA K 15 13.16 33.18 30.03
CA ALA K 15 13.85 32.81 28.80
C ALA K 15 12.99 33.12 27.59
N SER K 16 13.58 32.95 26.41
CA SER K 16 12.89 33.10 25.14
C SER K 16 12.79 31.77 24.44
N LEU K 17 11.83 31.67 23.52
CA LEU K 17 11.59 30.45 22.77
C LEU K 17 10.92 30.81 21.46
N THR K 18 11.38 30.18 20.38
CA THR K 18 10.80 30.37 19.06
C THR K 18 10.18 29.06 18.60
N LEU K 19 8.89 29.10 18.30
CA LEU K 19 8.15 27.94 17.81
C LEU K 19 8.05 28.01 16.29
N THR K 20 7.95 26.83 15.67
CA THR K 20 7.90 26.70 14.23
C THR K 20 6.60 26.04 13.81
N CYS K 21 5.98 26.57 12.75
CA CYS K 21 4.84 25.94 12.09
C CYS K 21 5.26 25.58 10.67
N THR K 22 5.36 24.28 10.40
CA THR K 22 5.84 23.79 9.11
C THR K 22 4.66 23.28 8.29
N ALA K 23 4.57 23.74 7.05
CA ALA K 23 3.50 23.34 6.14
C ALA K 23 3.92 22.12 5.35
N SER K 24 3.03 21.12 5.29
CA SER K 24 3.27 19.88 4.58
C SER K 24 2.20 19.68 3.52
N GLY K 25 2.63 19.34 2.31
CA GLY K 25 1.71 19.11 1.21
C GLY K 25 1.31 20.35 0.43
N PHE K 26 1.80 21.52 0.82
CA PHE K 26 1.51 22.76 0.11
C PHE K 26 2.57 23.80 0.47
N SER K 27 2.43 24.98 -0.12
CA SER K 27 3.32 26.10 0.17
C SER K 27 2.48 27.37 0.30
N PHE K 28 3.03 28.33 1.02
CA PHE K 28 2.34 29.61 1.20
C PHE K 28 2.35 30.40 -0.10
N SER K 29 1.17 30.88 -0.51
CA SER K 29 1.05 31.61 -1.76
C SER K 29 0.10 32.81 -1.67
N GLY K 30 -0.22 33.27 -0.46
CA GLY K 30 -1.08 34.42 -0.30
C GLY K 30 -2.56 34.13 -0.11
N SER K 31 -2.94 32.86 0.00
CA SER K 31 -4.35 32.49 0.11
C SER K 31 -4.87 32.48 1.55
N TYR K 32 -3.99 32.57 2.54
CA TYR K 32 -4.42 32.46 3.93
C TYR K 32 -3.55 33.34 4.82
N TYR K 33 -3.96 33.44 6.08
CA TYR K 33 -3.12 33.95 7.15
C TYR K 33 -2.78 32.80 8.08
N MET K 34 -1.54 32.77 8.56
CA MET K 34 -1.10 31.77 9.52
C MET K 34 -1.24 32.36 10.92
N CYS K 35 -1.93 31.63 11.79
CA CYS K 35 -2.31 32.14 13.10
C CYS K 35 -1.90 31.17 14.18
N TRP K 36 -1.64 31.70 15.38
CA TRP K 36 -1.26 30.91 16.54
C TRP K 36 -2.33 31.04 17.62
N VAL K 37 -2.74 29.91 18.17
CA VAL K 37 -3.71 29.84 19.26
C VAL K 37 -3.13 28.93 20.33
N ARG K 38 -3.19 29.36 21.59
CA ARG K 38 -2.62 28.59 22.68
C ARG K 38 -3.71 28.14 23.66
N GLN K 39 -3.37 27.15 24.46
CA GLN K 39 -4.32 26.54 25.39
C GLN K 39 -3.54 26.03 26.61
N ALA K 40 -3.74 26.69 27.75
CA ALA K 40 -3.14 26.22 28.98
C ALA K 40 -3.75 24.89 29.39
N PRO K 41 -3.02 24.05 30.12
CA PRO K 41 -3.55 22.72 30.49
C PRO K 41 -4.87 22.84 31.23
N GLY K 42 -5.91 22.20 30.68
CA GLY K 42 -7.23 22.21 31.27
C GLY K 42 -8.02 23.48 31.07
N LYS K 43 -7.57 24.38 30.19
CA LYS K 43 -8.18 25.68 30.03
C LYS K 43 -8.74 25.83 28.62
N GLY K 44 -9.20 27.05 28.31
CA GLY K 44 -9.77 27.35 27.02
C GLY K 44 -8.73 27.80 26.00
N LEU K 45 -9.21 28.33 24.90
CA LEU K 45 -8.37 28.73 23.78
C LEU K 45 -8.18 30.24 23.77
N GLU K 46 -6.96 30.67 23.48
CA GLU K 46 -6.60 32.09 23.46
C GLU K 46 -5.83 32.38 22.18
N TRP K 47 -6.38 33.26 21.34
CA TRP K 47 -5.71 33.64 20.09
C TRP K 47 -4.52 34.55 20.38
N ILE K 48 -3.46 34.41 19.58
CA ILE K 48 -2.22 35.13 19.82
C ILE K 48 -1.90 36.11 18.70
N ALA K 49 -1.74 35.60 17.48
CA ALA K 49 -1.28 36.43 16.38
C ALA K 49 -1.61 35.78 15.05
N CYS K 50 -1.59 36.60 13.99
CA CYS K 50 -1.74 36.13 12.62
C CYS K 50 -0.77 36.88 11.72
N ILE K 51 -0.45 36.29 10.58
CA ILE K 51 0.41 36.93 9.58
C ILE K 51 0.00 36.46 8.20
N TYR K 52 0.02 37.38 7.24
CA TYR K 52 -0.26 37.05 5.85
C TYR K 52 0.81 36.11 5.31
N ASP K 53 0.40 34.94 4.82
CA ASP K 53 1.38 33.94 4.42
C ASP K 53 2.03 34.24 3.08
N GLY K 54 1.57 35.27 2.38
CA GLY K 54 2.23 35.75 1.17
C GLY K 54 3.32 36.76 1.42
N SER K 55 3.67 37.00 2.68
CA SER K 55 4.71 37.97 3.02
C SER K 55 6.06 37.54 2.47
N TYR K 56 7.01 38.46 2.52
CA TYR K 56 8.38 38.14 2.14
C TYR K 56 9.01 37.20 3.16
N ASP K 57 9.95 36.38 2.68
CA ASP K 57 10.71 35.52 3.57
C ASP K 57 11.48 36.36 4.58
N GLY K 58 11.35 36.01 5.87
CA GLY K 58 12.03 36.75 6.91
C GLY K 58 11.39 38.05 7.31
N SER K 59 10.12 38.25 6.99
CA SER K 59 9.42 39.50 7.28
C SER K 59 8.40 39.30 8.40
N SER K 60 8.30 40.29 9.27
CA SER K 60 7.28 40.33 10.32
C SER K 60 6.15 41.29 9.99
N ASP K 61 6.09 41.77 8.75
CA ASP K 61 5.04 42.69 8.33
C ASP K 61 3.72 41.94 8.13
N ASN K 62 2.65 42.71 7.92
CA ASN K 62 1.32 42.17 7.66
C ASN K 62 0.86 41.25 8.79
N ALA K 63 1.13 41.67 10.02
CA ALA K 63 0.88 40.83 11.20
C ALA K 63 -0.06 41.54 12.16
N TYR K 64 -0.85 40.74 12.87
CA TYR K 64 -1.77 41.24 13.88
C TYR K 64 -1.52 40.51 15.18
N TYR K 65 -1.63 41.22 16.30
CA TYR K 65 -1.32 40.66 17.61
C TYR K 65 -2.44 40.97 18.59
N ALA K 66 -2.71 40.03 19.49
CA ALA K 66 -3.56 40.33 20.64
C ALA K 66 -2.87 41.38 21.51
N SER K 67 -3.69 42.19 22.18
CA SER K 67 -3.16 43.31 22.95
C SER K 67 -2.19 42.84 24.03
N TRP K 68 -2.51 41.72 24.68
CA TRP K 68 -1.62 41.21 25.73
C TRP K 68 -0.30 40.69 25.16
N ALA K 69 -0.32 40.23 23.91
CA ALA K 69 0.85 39.57 23.31
C ALA K 69 1.73 40.53 22.51
N LYS K 70 1.25 41.73 22.20
CA LYS K 70 1.98 42.63 21.32
C LYS K 70 3.35 42.96 21.91
N GLY K 71 4.38 42.86 21.07
CA GLY K 71 5.73 43.21 21.49
C GLY K 71 6.47 42.06 22.15
N ARG K 72 5.80 41.33 23.05
CA ARG K 72 6.42 40.17 23.67
C ARG K 72 6.39 38.94 22.77
N PHE K 73 5.49 38.93 21.78
CA PHE K 73 5.41 37.85 20.80
C PHE K 73 5.66 38.44 19.42
N THR K 74 6.43 37.72 18.61
CA THR K 74 6.74 38.13 17.25
C THR K 74 6.43 36.98 16.30
N ILE K 75 5.63 37.24 15.28
CA ILE K 75 5.28 36.25 14.27
C ILE K 75 5.96 36.65 12.97
N SER K 76 6.52 35.66 12.28
CA SER K 76 7.28 35.92 11.06
C SER K 76 7.06 34.78 10.07
N LYS K 77 7.16 35.12 8.78
CA LYS K 77 7.25 34.13 7.72
C LYS K 77 8.71 33.99 7.32
N THR K 78 9.28 32.81 7.51
CA THR K 78 10.68 32.58 7.23
C THR K 78 10.92 31.87 5.90
N SER K 79 9.93 31.15 5.38
CA SER K 79 10.06 30.50 4.09
C SER K 79 8.66 30.22 3.55
N SER K 80 8.62 29.60 2.36
CA SER K 80 7.34 29.23 1.75
C SER K 80 6.61 28.14 2.51
N THR K 81 7.27 27.49 3.48
CA THR K 81 6.64 26.43 4.26
C THR K 81 6.77 26.62 5.77
N THR K 82 7.37 27.70 6.26
CA THR K 82 7.59 27.87 7.69
C THR K 82 7.17 29.25 8.16
N VAL K 83 6.50 29.27 9.31
CA VAL K 83 6.16 30.49 10.03
C VAL K 83 6.56 30.29 11.49
N THR K 84 7.21 31.30 12.08
CA THR K 84 7.71 31.20 13.45
C THR K 84 6.98 32.15 14.37
N LEU K 85 6.94 31.78 15.65
CA LEU K 85 6.42 32.64 16.72
C LEU K 85 7.48 32.71 17.81
N GLN K 86 8.08 33.89 18.00
CA GLN K 86 9.11 34.08 19.00
C GLN K 86 8.48 34.65 20.27
N MET K 87 8.70 33.97 21.39
CA MET K 87 8.13 34.36 22.67
C MET K 87 9.25 34.71 23.63
N THR K 88 9.16 35.87 24.28
CA THR K 88 10.16 36.33 25.23
C THR K 88 9.51 36.55 26.60
N SER K 89 10.36 36.75 27.60
CA SER K 89 9.93 37.07 28.97
C SER K 89 8.90 36.06 29.48
N LEU K 90 9.19 34.79 29.24
CA LEU K 90 8.24 33.73 29.54
C LEU K 90 8.06 33.53 31.04
N THR K 91 6.82 33.32 31.47
CA THR K 91 6.47 32.97 32.84
C THR K 91 5.58 31.74 32.81
N ALA K 92 5.20 31.27 34.01
CA ALA K 92 4.35 30.09 34.13
C ALA K 92 2.99 30.31 33.47
N ALA K 93 2.54 31.56 33.38
CA ALA K 93 1.29 31.86 32.70
C ALA K 93 1.38 31.60 31.20
N ASP K 94 2.57 31.42 30.65
CA ASP K 94 2.74 31.10 29.24
C ASP K 94 2.81 29.61 28.97
N THR K 95 2.81 28.78 30.02
CA THR K 95 2.78 27.34 29.83
C THR K 95 1.49 26.93 29.15
N ALA K 96 1.60 26.36 27.95
CA ALA K 96 0.43 26.00 27.17
C ALA K 96 0.85 25.15 25.99
N THR K 97 -0.12 24.47 25.40
CA THR K 97 0.04 23.90 24.07
C THR K 97 -0.26 24.98 23.05
N TYR K 98 0.66 25.16 22.10
CA TYR K 98 0.55 26.22 21.11
C TYR K 98 0.17 25.60 19.77
N PHE K 99 -0.97 26.03 19.22
CA PHE K 99 -1.48 25.52 17.96
C PHE K 99 -1.22 26.51 16.84
N CYS K 100 -0.86 25.97 15.67
CA CYS K 100 -0.77 26.76 14.45
C CYS K 100 -2.03 26.51 13.62
N ALA K 101 -2.62 27.59 13.13
CA ALA K 101 -3.89 27.49 12.42
C ALA K 101 -3.89 28.30 11.13
N ARG K 102 -4.55 27.76 10.13
CA ARG K 102 -4.81 28.49 8.88
C ARG K 102 -5.97 29.44 9.12
N GLY K 103 -5.76 30.73 8.85
CA GLY K 103 -6.78 31.73 9.01
C GLY K 103 -7.37 32.14 7.68
N VAL K 104 -8.65 31.86 7.50
CA VAL K 104 -9.39 32.36 6.35
C VAL K 104 -9.76 33.82 6.62
N TYR K 105 -9.28 34.72 5.75
CA TYR K 105 -9.38 36.14 6.02
C TYR K 105 -10.40 36.81 5.11
N PHE K 106 -10.94 37.93 5.61
CA PHE K 106 -11.86 38.77 4.86
C PHE K 106 -11.29 40.18 4.82
N TYR K 107 -11.11 40.71 3.61
CA TYR K 107 -10.56 42.05 3.44
C TYR K 107 -11.60 43.10 3.80
N ALA K 108 -11.22 44.02 4.69
CA ALA K 108 -12.15 45.01 5.22
C ALA K 108 -11.62 46.43 5.06
N GLY K 109 -10.80 46.67 4.05
CA GLY K 109 -10.28 48.01 3.82
C GLY K 109 -8.81 48.17 4.14
N HIS K 110 -8.52 48.88 5.23
CA HIS K 110 -7.13 49.06 5.66
C HIS K 110 -6.62 47.90 6.51
N PHE K 111 -7.43 46.86 6.69
CA PHE K 111 -7.05 45.71 7.49
C PHE K 111 -7.91 44.52 7.07
N VAL K 112 -7.52 43.34 7.52
CA VAL K 112 -8.28 42.12 7.24
C VAL K 112 -8.81 41.57 8.55
N ILE K 113 -9.91 40.83 8.45
CA ILE K 113 -10.59 40.22 9.59
C ILE K 113 -10.55 38.71 9.40
N MET K 114 -10.09 38.00 10.42
CA MET K 114 -10.07 36.54 10.35
C MET K 114 -11.49 36.01 10.43
N ARG K 115 -11.90 35.25 9.41
CA ARG K 115 -13.26 34.74 9.37
C ARG K 115 -13.43 33.51 10.24
N TYR K 116 -12.47 32.59 10.19
CA TYR K 116 -12.45 31.38 11.03
C TYR K 116 -11.10 30.71 10.83
N PHE K 117 -10.91 29.58 11.52
CA PHE K 117 -9.67 28.82 11.46
C PHE K 117 -9.99 27.41 10.97
N VAL K 118 -9.52 27.09 9.75
CA VAL K 118 -9.90 25.84 9.12
C VAL K 118 -9.00 24.69 9.58
N LEU K 119 -7.69 24.86 9.47
CA LEU K 119 -6.73 23.78 9.60
C LEU K 119 -5.89 24.01 10.86
N TRP K 120 -5.89 23.02 11.75
CA TRP K 120 -5.17 23.11 13.02
C TRP K 120 -4.13 22.01 13.08
N GLY K 121 -2.90 22.37 13.47
CA GLY K 121 -1.88 21.39 13.73
C GLY K 121 -2.04 20.76 15.09
N PRO K 122 -1.32 19.66 15.31
CA PRO K 122 -1.45 18.93 16.58
C PRO K 122 -1.02 19.73 17.80
N GLY K 123 -0.24 20.78 17.62
CA GLY K 123 0.21 21.60 18.74
C GLY K 123 1.57 21.15 19.26
N THR K 124 2.25 22.08 19.91
CA THR K 124 3.53 21.82 20.55
C THR K 124 3.49 22.38 21.96
N LEU K 125 4.02 21.62 22.92
CA LEU K 125 3.87 21.93 24.33
C LEU K 125 5.03 22.77 24.83
N VAL K 126 4.71 23.90 25.44
CA VAL K 126 5.69 24.79 26.05
C VAL K 126 5.50 24.73 27.57
N THR K 127 6.56 24.34 28.28
CA THR K 127 6.54 24.27 29.74
C THR K 127 7.52 25.28 30.29
N VAL K 128 7.02 26.31 30.96
CA VAL K 128 7.84 27.34 31.58
C VAL K 128 7.96 26.98 33.06
N SER K 129 9.13 26.47 33.44
CA SER K 129 9.35 26.03 34.81
C SER K 129 10.83 26.05 35.12
N SER K 130 11.15 26.08 36.41
CA SER K 130 12.53 26.00 36.87
C SER K 130 13.01 24.57 37.07
N GLY K 131 12.11 23.59 36.96
CA GLY K 131 12.50 22.21 37.13
C GLY K 131 13.30 21.67 35.96
N GLN K 132 13.99 20.54 36.22
CA GLN K 132 14.85 19.86 35.26
C GLN K 132 14.14 18.69 34.60
N PRO K 133 14.49 18.34 33.36
CA PRO K 133 13.94 17.13 32.75
C PRO K 133 14.43 15.89 33.50
N LYS K 134 13.49 15.00 33.82
CA LYS K 134 13.78 13.81 34.61
C LYS K 134 13.14 12.59 33.96
N ALA K 135 13.92 11.54 33.79
CA ALA K 135 13.41 10.30 33.22
C ALA K 135 12.45 9.62 34.21
N PRO K 136 11.42 8.95 33.71
CA PRO K 136 10.49 8.24 34.59
C PRO K 136 11.04 6.88 35.00
N SER K 137 10.29 6.23 35.90
CA SER K 137 10.53 4.85 36.30
C SER K 137 9.25 4.06 36.05
N VAL K 138 9.36 3.01 35.26
CA VAL K 138 8.20 2.22 34.83
C VAL K 138 8.14 0.99 35.71
N PHE K 139 7.24 1.00 36.70
CA PHE K 139 6.99 -0.12 37.60
C PHE K 139 5.74 -0.87 37.17
N PRO K 140 5.75 -2.20 37.26
CA PRO K 140 4.59 -2.97 36.80
C PRO K 140 3.46 -3.00 37.81
N LEU K 141 2.26 -3.25 37.29
CA LEU K 141 1.06 -3.45 38.10
C LEU K 141 0.59 -4.89 37.85
N ALA K 142 0.98 -5.79 38.75
CA ALA K 142 0.78 -7.21 38.54
C ALA K 142 -0.68 -7.60 38.75
N PRO K 143 -1.28 -8.35 37.83
CA PRO K 143 -2.66 -8.81 38.04
C PRO K 143 -2.75 -9.82 39.16
N SER K 144 -3.96 -9.96 39.69
CA SER K 144 -4.22 -10.90 40.79
C SER K 144 -5.05 -12.09 40.31
N THR K 152 -12.14 -11.88 33.46
CA THR K 152 -11.43 -10.63 33.17
C THR K 152 -10.31 -10.40 34.17
N ALA K 153 -9.12 -10.07 33.65
CA ALA K 153 -7.96 -9.73 34.46
C ALA K 153 -7.52 -8.32 34.14
N ALA K 154 -6.90 -7.66 35.11
CA ALA K 154 -6.44 -6.28 34.98
C ALA K 154 -4.95 -6.20 35.28
N LEU K 155 -4.19 -5.64 34.35
CA LEU K 155 -2.75 -5.46 34.49
C LEU K 155 -2.39 -4.07 33.99
N GLY K 156 -1.23 -3.58 34.42
CA GLY K 156 -0.85 -2.24 34.02
C GLY K 156 0.60 -1.93 34.36
N CYS K 157 0.96 -0.68 34.08
CA CYS K 157 2.28 -0.14 34.36
C CYS K 157 2.16 1.20 35.08
N LEU K 158 3.06 1.44 36.02
CA LEU K 158 3.09 2.67 36.79
C LEU K 158 4.31 3.48 36.35
N VAL K 159 4.05 4.62 35.70
CA VAL K 159 5.10 5.52 35.23
C VAL K 159 5.22 6.64 36.25
N LYS K 160 6.37 6.71 36.93
CA LYS K 160 6.53 7.55 38.10
C LYS K 160 7.77 8.42 37.97
N ASP K 161 7.69 9.61 38.57
CA ASP K 161 8.83 10.52 38.73
C ASP K 161 9.40 10.96 37.38
N TYR K 162 8.57 11.64 36.59
CA TYR K 162 9.03 12.22 35.33
C TYR K 162 8.59 13.67 35.23
N PHE K 163 9.42 14.47 34.54
CA PHE K 163 9.14 15.86 34.26
C PHE K 163 9.89 16.19 32.98
N PRO K 164 9.28 16.94 32.05
CA PRO K 164 7.91 17.46 32.09
C PRO K 164 6.95 16.55 31.34
N GLU K 165 5.73 17.03 31.09
CA GLU K 165 4.80 16.33 30.23
C GLU K 165 5.32 16.35 28.79
N PRO K 166 4.89 15.39 27.96
CA PRO K 166 4.03 14.25 28.23
C PRO K 166 4.77 12.92 28.25
N VAL K 167 4.05 11.83 28.46
CA VAL K 167 4.59 10.49 28.24
C VAL K 167 3.63 9.74 27.33
N THR K 168 4.17 8.75 26.61
CA THR K 168 3.39 7.90 25.72
C THR K 168 3.52 6.46 26.20
N VAL K 169 2.38 5.80 26.40
CA VAL K 169 2.35 4.41 26.82
C VAL K 169 1.57 3.61 25.77
N SER K 170 2.19 2.56 25.26
CA SER K 170 1.55 1.63 24.35
C SER K 170 1.71 0.22 24.89
N TRP K 171 0.78 -0.65 24.50
CA TRP K 171 0.79 -2.04 24.95
C TRP K 171 1.04 -2.96 23.75
N ASN K 172 2.03 -3.84 23.90
CA ASN K 172 2.40 -4.79 22.86
C ASN K 172 2.67 -4.09 21.52
N SER K 173 3.42 -2.98 21.59
CA SER K 173 3.84 -2.24 20.41
C SER K 173 2.65 -1.78 19.58
N GLY K 174 1.57 -1.37 20.25
CA GLY K 174 0.37 -0.92 19.59
C GLY K 174 -0.58 -2.01 19.16
N ALA K 175 -0.27 -3.28 19.43
CA ALA K 175 -1.18 -4.35 19.05
C ALA K 175 -2.44 -4.36 19.92
N LEU K 176 -2.27 -4.17 21.23
CA LEU K 176 -3.39 -4.21 22.16
C LEU K 176 -3.96 -2.81 22.31
N THR K 177 -5.15 -2.58 21.74
CA THR K 177 -5.78 -1.27 21.77
C THR K 177 -7.16 -1.26 22.41
N SER K 178 -7.86 -2.39 22.47
CA SER K 178 -9.16 -2.45 23.12
C SER K 178 -8.99 -2.78 24.60
N GLY K 179 -9.73 -2.06 25.44
CA GLY K 179 -9.71 -2.30 26.86
C GLY K 179 -8.58 -1.66 27.63
N VAL K 180 -7.83 -0.75 27.02
CA VAL K 180 -6.70 -0.09 27.66
C VAL K 180 -7.11 1.31 28.07
N HIS K 181 -6.77 1.71 29.29
CA HIS K 181 -6.99 3.06 29.79
C HIS K 181 -5.68 3.63 30.28
N THR K 182 -5.27 4.77 29.71
CA THR K 182 -4.08 5.49 30.12
C THR K 182 -4.53 6.74 30.85
N PHE K 183 -4.37 6.76 32.17
CA PHE K 183 -4.93 7.83 32.98
C PHE K 183 -4.12 9.11 32.79
N PRO K 184 -4.76 10.27 32.94
CA PRO K 184 -4.01 11.53 32.88
C PRO K 184 -3.00 11.61 34.02
N ALA K 185 -1.88 12.30 33.75
CA ALA K 185 -0.83 12.44 34.73
C ALA K 185 -1.29 13.30 35.91
N VAL K 186 -0.72 13.03 37.07
CA VAL K 186 -0.97 13.81 38.27
C VAL K 186 0.37 14.34 38.78
N LEU K 187 0.37 15.57 39.27
CA LEU K 187 1.58 16.22 39.75
C LEU K 187 1.77 15.90 41.23
N GLN K 188 2.86 15.19 41.55
CA GLN K 188 3.16 14.85 42.92
C GLN K 188 3.75 16.06 43.65
N SER K 189 3.76 15.96 44.99
CA SER K 189 4.30 17.04 45.82
C SER K 189 5.78 17.28 45.56
N SER K 190 6.49 16.30 45.01
CA SER K 190 7.90 16.45 44.66
C SER K 190 8.11 17.27 43.40
N GLY K 191 7.06 17.80 42.80
CA GLY K 191 7.19 18.51 41.54
C GLY K 191 7.34 17.61 40.34
N LEU K 192 7.03 16.32 40.48
CA LEU K 192 7.15 15.35 39.40
C LEU K 192 5.81 14.70 39.13
N TYR K 193 5.63 14.24 37.89
CA TYR K 193 4.36 13.65 37.47
C TYR K 193 4.38 12.14 37.65
N SER K 194 3.18 11.58 37.87
CA SER K 194 2.97 10.14 37.90
C SER K 194 1.79 9.79 37.02
N LEU K 195 1.94 8.72 36.24
CA LEU K 195 0.91 8.28 35.31
C LEU K 195 0.76 6.78 35.41
N SER K 196 -0.47 6.29 35.19
CA SER K 196 -0.76 4.87 35.19
C SER K 196 -1.50 4.51 33.91
N SER K 197 -1.12 3.37 33.33
CA SER K 197 -1.82 2.79 32.19
C SER K 197 -2.19 1.36 32.55
N VAL K 198 -3.43 0.98 32.26
CA VAL K 198 -3.93 -0.36 32.56
C VAL K 198 -4.70 -0.89 31.35
N VAL K 199 -4.86 -2.21 31.32
CA VAL K 199 -5.66 -2.86 30.30
C VAL K 199 -6.31 -4.09 30.91
N THR K 200 -7.51 -4.41 30.46
CA THR K 200 -8.24 -5.59 30.90
C THR K 200 -8.16 -6.67 29.83
N VAL K 201 -7.72 -7.86 30.22
CA VAL K 201 -7.60 -8.97 29.28
C VAL K 201 -8.28 -10.20 29.88
N PRO K 202 -8.72 -11.15 29.07
CA PRO K 202 -9.20 -12.43 29.62
C PRO K 202 -8.10 -13.12 30.41
N SER K 203 -8.47 -13.72 31.53
CA SER K 203 -7.50 -14.37 32.40
C SER K 203 -7.02 -15.70 31.85
N SER K 204 -7.75 -16.29 30.90
CA SER K 204 -7.30 -17.53 30.28
C SER K 204 -6.07 -17.31 29.40
N SER K 205 -5.87 -16.09 28.91
CA SER K 205 -4.73 -15.77 28.04
C SER K 205 -3.52 -15.28 28.82
N LEU K 206 -3.57 -15.26 30.15
CA LEU K 206 -2.44 -14.79 30.94
C LEU K 206 -1.20 -15.65 30.74
N GLY K 207 -1.36 -16.91 30.35
CA GLY K 207 -0.22 -17.77 30.07
C GLY K 207 0.24 -17.71 28.64
N THR K 208 -0.69 -17.89 27.70
CA THR K 208 -0.33 -17.92 26.29
C THR K 208 0.07 -16.54 25.78
N GLN K 209 -0.67 -15.50 26.17
CA GLN K 209 -0.43 -14.15 25.68
C GLN K 209 0.43 -13.36 26.65
N THR K 210 1.48 -12.74 26.13
CA THR K 210 2.37 -11.89 26.91
C THR K 210 2.02 -10.42 26.67
N TYR K 211 2.18 -9.61 27.73
CA TYR K 211 1.79 -8.21 27.68
C TYR K 211 2.98 -7.35 28.08
N ILE K 212 3.34 -6.41 27.21
CA ILE K 212 4.43 -5.47 27.46
C ILE K 212 3.91 -4.05 27.27
N CYS K 213 4.30 -3.17 28.19
CA CYS K 213 3.96 -1.75 28.09
C CYS K 213 5.18 -0.99 27.57
N ASN K 214 4.97 -0.15 26.56
CA ASN K 214 6.03 0.61 25.91
C ASN K 214 5.87 2.07 26.32
N VAL K 215 6.63 2.49 27.33
CA VAL K 215 6.58 3.86 27.85
C VAL K 215 7.67 4.67 27.16
N ASN K 216 7.28 5.73 26.48
CA ASN K 216 8.21 6.62 25.79
C ASN K 216 8.09 8.01 26.38
N HIS K 217 9.20 8.54 26.89
CA HIS K 217 9.28 9.89 27.43
C HIS K 217 10.29 10.65 26.57
N LYS K 218 9.79 11.27 25.50
CA LYS K 218 10.65 11.98 24.56
C LYS K 218 11.55 13.04 25.21
N PRO K 219 11.09 13.87 26.16
CA PRO K 219 12.00 14.89 26.70
C PRO K 219 13.26 14.34 27.33
N SER K 220 13.24 13.10 27.81
CA SER K 220 14.40 12.49 28.44
C SER K 220 14.97 11.33 27.62
N ASN K 221 14.43 11.07 26.43
CA ASN K 221 14.85 9.95 25.58
C ASN K 221 14.78 8.64 26.35
N THR K 222 13.69 8.44 27.08
CA THR K 222 13.49 7.25 27.90
C THR K 222 12.48 6.35 27.21
N LYS K 223 12.96 5.25 26.64
CA LYS K 223 12.12 4.22 26.05
C LYS K 223 12.25 2.97 26.91
N VAL K 224 11.22 2.69 27.71
CA VAL K 224 11.22 1.55 28.61
C VAL K 224 10.11 0.59 28.18
N ASP K 225 10.47 -0.66 27.97
CA ASP K 225 9.51 -1.73 27.68
C ASP K 225 9.59 -2.74 28.82
N LYS K 226 8.47 -2.96 29.50
CA LYS K 226 8.40 -3.90 30.61
C LYS K 226 7.29 -4.91 30.35
N ARG K 227 7.62 -6.19 30.50
CA ARG K 227 6.63 -7.24 30.40
C ARG K 227 5.86 -7.35 31.71
N VAL K 228 4.54 -7.31 31.61
CA VAL K 228 3.66 -7.40 32.78
C VAL K 228 3.14 -8.83 32.85
N GLU K 229 3.70 -9.61 33.78
CA GLU K 229 3.33 -10.99 33.99
C GLU K 229 3.03 -11.23 35.47
N PRO K 230 2.17 -12.20 35.78
CA PRO K 230 1.83 -12.44 37.18
C PRO K 230 3.06 -12.87 37.99
N LYS K 231 3.10 -12.42 39.24
CA LYS K 231 4.21 -12.74 40.13
C LYS K 231 3.99 -14.09 40.82
N ALA L 1 -12.29 44.05 24.86
CA ALA L 1 -13.40 44.99 24.99
C ALA L 1 -14.70 44.34 24.53
N GLN L 2 -14.60 43.12 24.01
CA GLN L 2 -15.74 42.38 23.48
C GLN L 2 -15.65 40.95 24.00
N VAL L 3 -16.67 40.51 24.73
CA VAL L 3 -16.63 39.26 25.48
C VAL L 3 -17.68 38.30 24.94
N LEU L 4 -17.31 37.04 24.80
CA LEU L 4 -18.22 35.96 24.44
C LEU L 4 -18.55 35.15 25.68
N THR L 5 -19.83 35.05 26.01
CA THR L 5 -20.30 34.27 27.15
C THR L 5 -20.92 32.98 26.64
N GLN L 6 -20.26 31.86 26.92
CA GLN L 6 -20.71 30.55 26.48
C GLN L 6 -21.34 29.81 27.66
N THR L 7 -22.63 29.51 27.55
CA THR L 7 -23.36 28.83 28.60
C THR L 7 -24.11 27.63 28.03
N PRO L 8 -24.28 26.56 28.82
CA PRO L 8 -23.70 26.35 30.16
C PRO L 8 -22.34 25.70 30.05
N SER L 9 -21.64 25.49 31.17
CA SER L 9 -20.33 24.84 31.10
C SER L 9 -20.42 23.37 30.74
N SER L 10 -21.59 22.75 30.91
CA SER L 10 -21.75 21.33 30.59
C SER L 10 -23.20 21.05 30.22
N VAL L 11 -23.37 20.21 29.21
CA VAL L 11 -24.68 19.71 28.80
C VAL L 11 -24.60 18.19 28.70
N SER L 12 -25.76 17.55 28.84
CA SER L 12 -25.83 16.09 28.77
C SER L 12 -27.11 15.66 28.07
N ALA L 13 -27.01 14.54 27.35
CA ALA L 13 -28.17 13.92 26.73
C ALA L 13 -27.82 12.47 26.41
N ALA L 14 -28.85 11.64 26.34
CA ALA L 14 -28.67 10.25 25.94
C ALA L 14 -28.41 10.17 24.44
N VAL L 15 -28.11 8.97 23.96
CA VAL L 15 -27.87 8.77 22.54
C VAL L 15 -29.16 9.08 21.79
N GLY L 16 -29.09 10.04 20.86
CA GLY L 16 -30.24 10.50 20.12
C GLY L 16 -30.89 11.75 20.68
N GLY L 17 -30.46 12.22 21.84
CA GLY L 17 -30.98 13.44 22.40
C GLY L 17 -30.44 14.68 21.69
N THR L 18 -30.95 15.84 22.11
CA THR L 18 -30.56 17.12 21.56
C THR L 18 -29.96 17.97 22.68
N VAL L 19 -28.72 18.42 22.49
CA VAL L 19 -28.06 19.34 23.40
C VAL L 19 -27.97 20.70 22.74
N SER L 20 -28.20 21.75 23.52
CA SER L 20 -28.16 23.12 23.03
C SER L 20 -27.10 23.89 23.80
N ILE L 21 -26.23 24.57 23.07
CA ILE L 21 -25.13 25.35 23.66
C ILE L 21 -25.27 26.79 23.18
N SER L 22 -25.31 27.73 24.12
CA SER L 22 -25.52 29.14 23.82
C SER L 22 -24.22 29.92 23.87
N CYS L 23 -24.08 30.87 22.95
CA CYS L 23 -22.94 31.77 22.89
C CYS L 23 -23.48 33.19 22.72
N GLN L 24 -23.18 34.06 23.68
CA GLN L 24 -23.68 35.42 23.69
C GLN L 24 -22.52 36.40 23.61
N SER L 25 -22.66 37.41 22.76
CA SER L 25 -21.65 38.43 22.54
C SER L 25 -22.12 39.76 23.08
N SER L 26 -21.21 40.48 23.76
CA SER L 26 -21.55 41.80 24.28
C SER L 26 -21.76 42.83 23.18
N GLN L 27 -21.26 42.56 21.98
CA GLN L 27 -21.48 43.42 20.82
C GLN L 27 -21.78 42.54 19.61
N SER L 28 -22.45 43.14 18.62
CA SER L 28 -22.85 42.39 17.44
C SER L 28 -21.63 41.82 16.72
N VAL L 29 -21.76 40.59 16.24
CA VAL L 29 -20.66 39.90 15.58
C VAL L 29 -20.64 40.31 14.11
N TYR L 30 -19.47 40.72 13.63
CA TYR L 30 -19.32 41.26 12.29
C TYR L 30 -19.71 40.22 11.24
N SER L 31 -20.73 40.54 10.45
CA SER L 31 -21.23 39.67 9.37
C SER L 31 -21.62 38.29 9.88
N ASN L 32 -21.94 38.18 11.17
CA ASN L 32 -22.26 36.92 11.81
C ASN L 32 -21.11 35.92 11.66
N TYR L 33 -19.87 36.39 11.85
CA TYR L 33 -18.68 35.55 11.80
C TYR L 33 -18.51 34.85 13.15
N LEU L 34 -19.45 33.96 13.45
CA LEU L 34 -19.43 33.13 14.64
C LEU L 34 -19.16 31.69 14.21
N SER L 35 -18.17 31.06 14.83
CA SER L 35 -17.76 29.72 14.45
C SER L 35 -17.73 28.82 15.68
N TRP L 36 -18.00 27.53 15.45
CA TRP L 36 -18.01 26.53 16.51
C TRP L 36 -16.93 25.49 16.25
N TYR L 37 -16.25 25.07 17.32
CA TYR L 37 -15.14 24.13 17.22
C TYR L 37 -15.36 23.00 18.21
N GLN L 38 -14.96 21.79 17.81
CA GLN L 38 -15.01 20.61 18.66
C GLN L 38 -13.59 20.20 19.01
N GLN L 39 -13.35 19.93 20.29
CA GLN L 39 -12.03 19.48 20.74
C GLN L 39 -12.20 18.23 21.59
N LYS L 40 -11.67 17.12 21.10
CA LYS L 40 -11.58 15.86 21.81
C LYS L 40 -10.26 15.78 22.57
N PRO L 41 -10.17 14.95 23.59
CA PRO L 41 -8.95 14.90 24.42
C PRO L 41 -7.71 14.60 23.59
N GLY L 42 -6.65 15.36 23.83
CA GLY L 42 -5.39 15.17 23.16
C GLY L 42 -5.35 15.60 21.71
N GLN L 43 -6.40 16.24 21.22
CA GLN L 43 -6.52 16.62 19.81
C GLN L 43 -6.64 18.13 19.67
N PRO L 44 -6.22 18.68 18.53
CA PRO L 44 -6.44 20.10 18.27
C PRO L 44 -7.91 20.39 18.05
N PRO L 45 -8.33 21.64 18.18
CA PRO L 45 -9.72 21.99 17.84
C PRO L 45 -10.02 21.68 16.38
N LYS L 46 -11.24 21.22 16.14
CA LYS L 46 -11.70 20.89 14.80
C LYS L 46 -12.90 21.77 14.46
N LEU L 47 -12.83 22.45 13.31
CA LEU L 47 -13.90 23.35 12.91
C LEU L 47 -15.16 22.56 12.60
N LEU L 48 -16.28 23.00 13.17
CA LEU L 48 -17.59 22.41 12.90
C LEU L 48 -18.46 23.31 12.03
N ILE L 49 -18.58 24.59 12.40
CA ILE L 49 -19.48 25.52 11.73
C ILE L 49 -18.78 26.87 11.64
N TYR L 50 -18.95 27.54 10.48
CA TYR L 50 -18.49 28.90 10.29
C TYR L 50 -19.61 29.73 9.69
N ASP L 51 -19.47 31.05 9.78
CA ASP L 51 -20.51 31.99 9.40
C ASP L 51 -21.82 31.76 10.15
N ALA L 52 -21.71 31.11 11.32
CA ALA L 52 -22.75 30.91 12.31
C ALA L 52 -23.80 29.89 11.88
N SER L 53 -23.80 29.48 10.62
CA SER L 53 -24.69 28.41 10.20
C SER L 53 -24.10 27.45 9.16
N THR L 54 -22.98 27.78 8.52
CA THR L 54 -22.47 26.96 7.44
C THR L 54 -21.70 25.76 8.01
N LEU L 55 -22.09 24.57 7.55
CA LEU L 55 -21.44 23.34 8.00
C LEU L 55 -20.10 23.16 7.30
N ALA L 56 -19.06 22.88 8.09
CA ALA L 56 -17.75 22.64 7.52
C ALA L 56 -17.71 21.29 6.81
N SER L 57 -16.75 21.16 5.89
CA SER L 57 -16.65 19.95 5.08
C SER L 57 -16.41 18.72 5.95
N GLY L 58 -17.21 17.68 5.70
CA GLY L 58 -17.08 16.43 6.42
C GLY L 58 -17.74 16.39 7.78
N VAL L 59 -18.31 17.48 8.25
CA VAL L 59 -18.95 17.52 9.56
C VAL L 59 -20.36 16.94 9.43
N PRO L 60 -20.78 16.06 10.34
CA PRO L 60 -22.14 15.50 10.27
C PRO L 60 -23.20 16.59 10.39
N SER L 61 -24.33 16.37 9.73
CA SER L 61 -25.40 17.36 9.70
C SER L 61 -26.15 17.46 11.02
N ARG L 62 -25.92 16.54 11.97
CA ARG L 62 -26.54 16.68 13.28
C ARG L 62 -26.06 17.92 14.00
N PHE L 63 -24.90 18.44 13.63
CA PHE L 63 -24.43 19.72 14.15
C PHE L 63 -25.01 20.84 13.29
N LYS L 64 -25.83 21.70 13.89
CA LYS L 64 -26.36 22.86 13.20
C LYS L 64 -26.06 24.10 14.03
N GLY L 65 -25.72 25.18 13.34
CA GLY L 65 -25.49 26.48 13.96
C GLY L 65 -26.64 27.42 13.62
N SER L 66 -27.05 28.22 14.61
CA SER L 66 -28.18 29.12 14.42
C SER L 66 -27.94 30.38 15.24
N GLY L 67 -28.67 31.43 14.88
CA GLY L 67 -28.60 32.69 15.57
C GLY L 67 -27.97 33.78 14.72
N SER L 68 -28.14 35.02 15.19
CA SER L 68 -27.60 36.19 14.52
C SER L 68 -27.36 37.27 15.56
N GLY L 69 -26.60 38.28 15.16
CA GLY L 69 -26.34 39.41 16.04
C GLY L 69 -25.49 39.05 17.23
N THR L 70 -26.11 39.00 18.41
CA THR L 70 -25.41 38.74 19.65
C THR L 70 -25.78 37.43 20.32
N GLN L 71 -26.64 36.61 19.70
CA GLN L 71 -27.06 35.34 20.28
C GLN L 71 -26.90 34.24 19.24
N PHE L 72 -26.19 33.17 19.60
CA PHE L 72 -25.94 32.06 18.71
C PHE L 72 -26.09 30.75 19.47
N THR L 73 -26.30 29.67 18.74
CA THR L 73 -26.56 28.37 19.36
C THR L 73 -25.95 27.25 18.52
N LEU L 74 -25.33 26.30 19.20
CA LEU L 74 -24.90 25.04 18.61
C LEU L 74 -25.86 23.95 19.07
N THR L 75 -26.45 23.24 18.12
CA THR L 75 -27.40 22.17 18.41
C THR L 75 -26.88 20.87 17.84
N ILE L 76 -26.84 19.82 18.67
CA ILE L 76 -26.50 18.49 18.21
C ILE L 76 -27.74 17.62 18.24
N SER L 77 -28.46 17.54 17.12
CA SER L 77 -29.71 16.78 17.06
C SER L 77 -29.38 15.32 16.81
N GLY L 78 -29.52 14.48 17.83
CA GLY L 78 -29.15 13.09 17.70
C GLY L 78 -27.74 12.78 18.15
N VAL L 79 -27.42 13.15 19.40
CA VAL L 79 -26.10 12.92 19.95
C VAL L 79 -25.73 11.44 19.91
N GLN L 80 -24.50 11.16 19.48
CA GLN L 80 -23.92 9.82 19.57
C GLN L 80 -22.79 9.81 20.60
N CYS L 81 -22.20 8.63 20.80
CA CYS L 81 -21.24 8.44 21.87
C CYS L 81 -19.98 9.27 21.65
N ASP L 82 -19.49 9.37 20.41
CA ASP L 82 -18.24 10.07 20.15
C ASP L 82 -18.39 11.59 20.19
N ASP L 83 -19.57 12.10 20.50
CA ASP L 83 -19.78 13.54 20.66
C ASP L 83 -19.36 14.05 22.03
N ALA L 84 -18.93 13.15 22.93
CA ALA L 84 -18.43 13.56 24.24
C ALA L 84 -17.11 14.28 24.05
N ALA L 85 -17.15 15.60 24.13
CA ALA L 85 -15.98 16.44 23.90
C ALA L 85 -16.29 17.85 24.40
N THR L 86 -15.31 18.73 24.26
CA THR L 86 -15.48 20.14 24.61
C THR L 86 -15.70 20.96 23.35
N TYR L 87 -16.65 21.89 23.42
CA TYR L 87 -17.03 22.71 22.28
C TYR L 87 -16.80 24.18 22.61
N TYR L 88 -16.33 24.94 21.62
CA TYR L 88 -16.02 26.35 21.79
C TYR L 88 -16.68 27.17 20.68
N CYS L 89 -17.11 28.38 21.02
CA CYS L 89 -17.50 29.37 20.04
C CYS L 89 -16.42 30.44 19.94
N GLN L 90 -16.28 31.00 18.74
CA GLN L 90 -15.29 32.04 18.47
C GLN L 90 -15.94 33.10 17.58
N GLY L 91 -15.75 34.36 17.95
CA GLY L 91 -16.39 35.46 17.25
C GLY L 91 -15.37 36.37 16.59
N SER L 92 -15.79 37.00 15.49
CA SER L 92 -14.97 37.97 14.78
C SER L 92 -15.77 39.27 14.65
N TYR L 93 -15.08 40.40 14.73
CA TYR L 93 -15.71 41.70 14.82
C TYR L 93 -15.01 42.67 13.87
N TYR L 94 -15.51 43.90 13.83
CA TYR L 94 -14.88 44.93 13.01
C TYR L 94 -13.58 45.36 13.69
N SER L 95 -12.63 44.45 13.75
CA SER L 95 -11.37 44.64 14.45
C SER L 95 -10.38 43.61 13.91
N SER L 96 -9.12 44.01 13.86
CA SER L 96 -8.07 43.15 13.32
C SER L 96 -7.32 42.38 14.39
N ASP L 97 -7.60 42.61 15.68
CA ASP L 97 -6.78 42.03 16.73
C ASP L 97 -7.60 41.54 17.92
N TRP L 98 -8.84 41.13 17.70
CA TRP L 98 -9.66 40.59 18.79
C TRP L 98 -10.50 39.44 18.27
N TYR L 99 -10.15 38.22 18.68
CA TYR L 99 -10.85 37.00 18.28
C TYR L 99 -11.09 36.16 19.52
N PRO L 100 -12.07 36.53 20.35
CA PRO L 100 -12.29 35.80 21.59
C PRO L 100 -12.89 34.43 21.35
N PHE L 101 -12.54 33.49 22.21
CA PHE L 101 -13.16 32.18 22.27
C PHE L 101 -14.08 32.11 23.47
N GLY L 102 -15.17 31.34 23.33
CA GLY L 102 -16.03 31.07 24.46
C GLY L 102 -15.34 30.19 25.48
N GLY L 103 -15.86 30.25 26.71
CA GLY L 103 -15.25 29.50 27.81
C GLY L 103 -15.30 28.01 27.64
N GLY L 104 -16.12 27.51 26.73
CA GLY L 104 -16.18 26.09 26.46
C GLY L 104 -17.34 25.41 27.15
N THR L 105 -17.81 24.32 26.55
CA THR L 105 -18.91 23.53 27.09
C THR L 105 -18.60 22.05 26.88
N GLU L 106 -18.72 21.27 27.95
CA GLU L 106 -18.52 19.83 27.88
C GLU L 106 -19.85 19.15 27.57
N VAL L 107 -19.78 18.09 26.76
CA VAL L 107 -20.94 17.29 26.42
C VAL L 107 -20.76 15.93 27.07
N VAL L 108 -21.73 15.53 27.88
CA VAL L 108 -21.72 14.25 28.57
C VAL L 108 -22.81 13.38 27.94
N VAL L 109 -22.42 12.20 27.45
CA VAL L 109 -23.37 11.26 26.86
C VAL L 109 -24.01 10.46 27.99
N LYS L 110 -25.30 10.70 28.22
CA LYS L 110 -26.00 9.97 29.26
C LYS L 110 -26.19 8.51 28.85
N ARG L 111 -26.03 7.62 29.83
CA ARG L 111 -26.21 6.19 29.62
C ARG L 111 -26.73 5.59 30.93
N THR L 112 -26.95 4.28 30.93
CA THR L 112 -27.40 3.62 32.14
C THR L 112 -26.30 3.61 33.18
N VAL L 113 -26.72 3.55 34.46
CA VAL L 113 -25.76 3.51 35.56
C VAL L 113 -24.93 2.24 35.46
N ALA L 114 -23.63 2.37 35.71
CA ALA L 114 -22.71 1.24 35.66
C ALA L 114 -21.77 1.31 36.85
N ALA L 115 -21.75 0.25 37.66
CA ALA L 115 -20.88 0.18 38.82
C ALA L 115 -19.45 -0.15 38.41
N PRO L 116 -18.46 0.35 39.15
CA PRO L 116 -17.06 0.13 38.77
C PRO L 116 -16.54 -1.24 39.21
N SER L 117 -15.71 -1.82 38.34
CA SER L 117 -14.91 -2.98 38.73
C SER L 117 -13.69 -2.50 39.49
N VAL L 118 -13.40 -3.12 40.62
CA VAL L 118 -12.38 -2.65 41.56
C VAL L 118 -11.20 -3.60 41.53
N PHE L 119 -10.00 -3.04 41.34
CA PHE L 119 -8.75 -3.80 41.34
C PHE L 119 -7.75 -3.07 42.22
N ILE L 120 -6.75 -3.82 42.69
CA ILE L 120 -5.72 -3.27 43.56
C ILE L 120 -4.38 -3.92 43.20
N PHE L 121 -3.32 -3.12 43.26
CA PHE L 121 -1.97 -3.58 42.94
C PHE L 121 -1.04 -3.20 44.08
N PRO L 122 -0.38 -4.16 44.73
CA PRO L 122 0.62 -3.82 45.73
C PRO L 122 1.84 -3.20 45.08
N PRO L 123 2.60 -2.38 45.80
CA PRO L 123 3.86 -1.87 45.24
C PRO L 123 4.82 -3.02 44.96
N SER L 124 5.61 -2.87 43.90
CA SER L 124 6.46 -3.96 43.40
C SER L 124 7.86 -3.90 43.98
N ASP L 125 8.34 -5.06 44.49
CA ASP L 125 9.67 -5.14 45.09
C ASP L 125 10.73 -4.37 44.28
N GLU L 126 10.53 -4.28 42.97
CA GLU L 126 11.41 -3.48 42.13
C GLU L 126 11.42 -2.02 42.57
N GLN L 127 10.24 -1.47 42.88
CA GLN L 127 10.15 -0.13 43.43
C GLN L 127 10.52 -0.10 44.92
N LEU L 128 10.21 -1.17 45.64
CA LEU L 128 10.45 -1.20 47.09
C LEU L 128 11.92 -1.01 47.41
N LYS L 129 12.81 -1.37 46.48
CA LYS L 129 14.24 -1.10 46.66
C LYS L 129 14.54 0.39 46.69
N SER L 130 13.83 1.17 45.87
CA SER L 130 14.14 2.59 45.72
C SER L 130 13.96 3.34 47.05
N GLY L 131 12.86 3.08 47.74
CA GLY L 131 12.64 3.74 49.01
C GLY L 131 11.22 4.21 49.28
N THR L 132 10.32 3.99 48.32
CA THR L 132 8.93 4.39 48.48
C THR L 132 8.03 3.28 47.97
N ALA L 133 6.80 3.25 48.49
CA ALA L 133 5.80 2.26 48.13
C ALA L 133 4.58 2.97 47.55
N SER L 134 4.12 2.48 46.40
CA SER L 134 2.94 3.03 45.74
C SER L 134 1.90 1.94 45.59
N VAL L 135 0.72 2.15 46.18
CA VAL L 135 -0.40 1.23 46.07
C VAL L 135 -1.46 1.88 45.18
N VAL L 136 -1.88 1.17 44.13
CA VAL L 136 -2.77 1.70 43.12
C VAL L 136 -4.08 0.93 43.15
N CYS L 137 -5.19 1.65 43.22
CA CYS L 137 -6.52 1.08 43.17
C CYS L 137 -7.20 1.52 41.87
N LEU L 138 -7.78 0.56 41.15
CA LEU L 138 -8.38 0.81 39.86
C LEU L 138 -9.90 0.66 39.93
N LEU L 139 -10.60 1.70 39.48
CA LEU L 139 -12.05 1.67 39.28
C LEU L 139 -12.28 1.76 37.78
N ASN L 140 -13.00 0.80 37.23
CA ASN L 140 -13.00 0.57 35.78
C ASN L 140 -14.40 0.61 35.20
N ASN L 141 -14.57 1.38 34.13
CA ASN L 141 -15.75 1.36 33.28
C ASN L 141 -17.04 1.56 34.10
N PHE L 142 -17.13 2.72 34.73
CA PHE L 142 -18.28 3.07 35.55
C PHE L 142 -18.93 4.35 35.05
N TYR L 143 -20.23 4.48 35.34
CA TYR L 143 -21.01 5.66 35.03
C TYR L 143 -22.08 5.79 36.11
N PRO L 144 -22.36 7.01 36.60
CA PRO L 144 -21.80 8.31 36.22
C PRO L 144 -20.39 8.57 36.75
N ARG L 145 -19.84 9.73 36.42
CA ARG L 145 -18.44 10.02 36.70
C ARG L 145 -18.15 10.10 38.20
N GLU L 146 -19.11 10.57 38.99
CA GLU L 146 -18.88 10.79 40.40
C GLU L 146 -18.61 9.47 41.12
N ALA L 147 -17.54 9.45 41.91
CA ALA L 147 -17.17 8.27 42.69
C ALA L 147 -16.25 8.71 43.83
N LYS L 148 -16.12 7.85 44.82
CA LYS L 148 -15.28 8.10 46.00
C LYS L 148 -14.42 6.89 46.28
N VAL L 149 -13.17 7.15 46.67
CA VAL L 149 -12.22 6.10 47.05
C VAL L 149 -11.66 6.43 48.43
N GLN L 150 -11.71 5.47 49.34
CA GLN L 150 -11.18 5.61 50.68
C GLN L 150 -10.08 4.58 50.90
N TRP L 151 -8.92 5.04 51.36
CA TRP L 151 -7.78 4.18 51.62
C TRP L 151 -7.71 3.84 53.09
N LYS L 152 -7.62 2.54 53.39
CA LYS L 152 -7.57 2.04 54.76
C LYS L 152 -6.32 1.20 54.93
N VAL L 153 -5.47 1.60 55.88
CA VAL L 153 -4.25 0.86 56.21
C VAL L 153 -4.40 0.36 57.64
N ASP L 154 -4.46 -0.96 57.79
CA ASP L 154 -4.74 -1.60 59.09
C ASP L 154 -6.01 -1.04 59.70
N ASN L 155 -7.05 -0.92 58.86
CA ASN L 155 -8.40 -0.46 59.19
C ASN L 155 -8.46 1.03 59.50
N ALA L 156 -7.35 1.76 59.43
CA ALA L 156 -7.33 3.19 59.68
C ALA L 156 -7.42 3.92 58.35
N LEU L 157 -8.42 4.79 58.22
CA LEU L 157 -8.60 5.53 56.98
C LEU L 157 -7.46 6.52 56.77
N GLN L 158 -7.02 6.65 55.53
CA GLN L 158 -5.91 7.52 55.17
C GLN L 158 -6.43 8.91 54.78
N SER L 159 -5.52 9.88 54.80
CA SER L 159 -5.84 11.24 54.39
C SER L 159 -4.57 11.98 54.01
N GLY L 160 -4.61 12.72 52.91
CA GLY L 160 -3.53 13.59 52.51
C GLY L 160 -2.36 12.92 51.83
N ASN L 161 -2.43 11.61 51.58
CA ASN L 161 -1.32 10.90 50.95
C ASN L 161 -1.78 10.08 49.75
N SER L 162 -2.82 10.54 49.06
CA SER L 162 -3.31 9.86 47.88
C SER L 162 -3.74 10.87 46.84
N GLN L 163 -3.55 10.51 45.57
CA GLN L 163 -3.98 11.31 44.43
C GLN L 163 -4.75 10.41 43.47
N GLU L 164 -5.69 11.01 42.75
CA GLU L 164 -6.52 10.26 41.82
CA GLU L 164 -6.56 10.28 41.84
C GLU L 164 -6.68 11.03 40.52
N SER L 165 -6.90 10.27 39.44
CA SER L 165 -7.15 10.82 38.12
C SER L 165 -8.20 9.97 37.42
N VAL L 166 -8.99 10.60 36.56
CA VAL L 166 -10.10 9.96 35.88
C VAL L 166 -9.92 10.14 34.37
N THR L 167 -10.18 9.08 33.63
CA THR L 167 -10.15 9.18 32.18
C THR L 167 -11.34 9.97 31.68
N GLU L 168 -11.24 10.44 30.44
CA GLU L 168 -12.36 11.10 29.80
C GLU L 168 -13.42 10.07 29.43
N GLN L 169 -14.65 10.55 29.24
CA GLN L 169 -15.75 9.65 28.93
C GLN L 169 -15.47 8.92 27.62
N ASP L 170 -15.65 7.60 27.65
CA ASP L 170 -15.29 6.76 26.51
C ASP L 170 -16.18 7.06 25.32
N SER L 171 -15.58 7.04 24.13
CA SER L 171 -16.33 7.28 22.90
C SER L 171 -17.13 6.06 22.45
N LYS L 172 -16.95 4.92 23.10
CA LYS L 172 -17.79 3.75 22.82
C LYS L 172 -18.64 3.36 24.02
N ASP L 173 -18.01 3.12 25.18
CA ASP L 173 -18.73 2.65 26.36
C ASP L 173 -19.49 3.77 27.06
N SER L 174 -19.08 5.02 26.87
CA SER L 174 -19.59 6.17 27.62
C SER L 174 -19.36 6.00 29.12
N THR L 175 -18.25 5.36 29.48
CA THR L 175 -17.90 5.09 30.86
C THR L 175 -16.58 5.75 31.21
N TYR L 176 -16.33 5.87 32.52
CA TYR L 176 -15.09 6.44 33.04
C TYR L 176 -14.30 5.37 33.77
N SER L 177 -13.01 5.64 33.95
CA SER L 177 -12.14 4.82 34.78
C SER L 177 -11.33 5.72 35.69
N LEU L 178 -11.09 5.25 36.91
CA LEU L 178 -10.41 6.03 37.93
C LEU L 178 -9.23 5.23 38.49
N SER L 179 -8.10 5.90 38.65
CA SER L 179 -6.92 5.32 39.28
C SER L 179 -6.57 6.15 40.51
N SER L 180 -6.48 5.49 41.65
CA SER L 180 -6.11 6.13 42.91
C SER L 180 -4.80 5.54 43.39
N THR L 181 -3.81 6.41 43.62
CA THR L 181 -2.47 5.98 44.01
C THR L 181 -2.22 6.39 45.46
N LEU L 182 -1.92 5.41 46.31
CA LEU L 182 -1.59 5.65 47.70
C LEU L 182 -0.08 5.55 47.84
N THR L 183 0.56 6.67 48.18
CA THR L 183 2.02 6.73 48.28
C THR L 183 2.41 6.74 49.76
N LEU L 184 3.39 5.91 50.11
CA LEU L 184 3.85 5.81 51.48
C LEU L 184 5.33 5.47 51.51
N SER L 185 5.94 5.70 52.67
CA SER L 185 7.35 5.39 52.86
C SER L 185 7.57 3.88 52.91
N LYS L 186 8.85 3.49 52.93
CA LYS L 186 9.18 2.09 53.12
C LYS L 186 8.73 1.59 54.48
N ALA L 187 8.94 2.41 55.53
CA ALA L 187 8.59 2.00 56.88
C ALA L 187 7.10 1.71 57.01
N ASP L 188 6.26 2.55 56.40
CA ASP L 188 4.82 2.34 56.48
C ASP L 188 4.39 1.07 55.77
N TYR L 189 5.07 0.70 54.69
CA TYR L 189 4.81 -0.61 54.10
C TYR L 189 5.52 -1.73 54.85
N GLU L 190 6.38 -1.40 55.82
CA GLU L 190 7.05 -2.38 56.65
C GLU L 190 6.46 -2.46 58.06
N LYS L 191 5.30 -1.84 58.30
CA LYS L 191 4.66 -1.93 59.61
C LYS L 191 3.15 -2.12 59.50
N HIS L 192 2.64 -2.57 58.36
CA HIS L 192 1.22 -2.81 58.19
C HIS L 192 1.01 -3.99 57.25
N LYS L 193 -0.16 -4.62 57.37
CA LYS L 193 -0.48 -5.84 56.62
C LYS L 193 -1.64 -5.66 55.66
N VAL L 194 -2.79 -5.20 56.13
CA VAL L 194 -3.99 -5.16 55.31
C VAL L 194 -4.11 -3.78 54.67
N TYR L 195 -4.17 -3.75 53.34
CA TYR L 195 -4.30 -2.52 52.56
C TYR L 195 -5.57 -2.62 51.73
N ALA L 196 -6.51 -1.71 51.99
CA ALA L 196 -7.84 -1.80 51.42
C ALA L 196 -8.19 -0.52 50.67
N CYS L 197 -9.05 -0.69 49.66
CA CYS L 197 -9.54 0.41 48.83
C CYS L 197 -11.06 0.30 48.76
N GLU L 198 -11.75 1.25 49.37
CA GLU L 198 -13.21 1.23 49.45
C GLU L 198 -13.81 2.17 48.42
N VAL L 199 -14.76 1.65 47.65
CA VAL L 199 -15.34 2.38 46.52
C VAL L 199 -16.81 2.65 46.82
N THR L 200 -17.21 3.90 46.67
CA THR L 200 -18.61 4.31 46.80
C THR L 200 -19.08 4.84 45.45
N HIS L 201 -20.17 4.28 44.94
CA HIS L 201 -20.69 4.65 43.64
C HIS L 201 -22.18 4.37 43.61
N GLN L 202 -22.87 5.03 42.66
CA GLN L 202 -24.32 4.89 42.57
C GLN L 202 -24.72 3.45 42.27
N GLY L 203 -23.96 2.77 41.41
CA GLY L 203 -24.27 1.38 41.10
C GLY L 203 -23.96 0.40 42.21
N LEU L 204 -23.23 0.82 43.24
CA LEU L 204 -22.89 -0.02 44.38
C LEU L 204 -23.86 0.29 45.51
N SER L 205 -24.83 -0.60 45.73
CA SER L 205 -25.80 -0.40 46.80
C SER L 205 -25.13 -0.36 48.17
N SER L 206 -24.03 -1.08 48.33
CA SER L 206 -23.20 -1.05 49.52
C SER L 206 -21.75 -0.82 49.11
N PRO L 207 -20.97 -0.12 49.92
CA PRO L 207 -19.58 0.17 49.54
C PRO L 207 -18.78 -1.12 49.38
N VAL L 208 -18.05 -1.19 48.27
CA VAL L 208 -17.23 -2.35 47.93
C VAL L 208 -15.79 -2.05 48.32
N THR L 209 -15.22 -2.93 49.13
CA THR L 209 -13.86 -2.78 49.62
C THR L 209 -12.98 -3.87 49.01
N LYS L 210 -11.89 -3.45 48.39
CA LYS L 210 -10.92 -4.35 47.77
C LYS L 210 -9.62 -4.29 48.56
N SER L 211 -9.13 -5.45 48.99
CA SER L 211 -8.05 -5.49 49.97
C SER L 211 -7.04 -6.59 49.60
N PHE L 212 -5.82 -6.40 50.10
CA PHE L 212 -4.80 -7.45 50.08
C PHE L 212 -3.99 -7.35 51.37
N ASN L 213 -3.35 -8.46 51.71
CA ASN L 213 -2.35 -8.49 52.77
C ASN L 213 -0.96 -8.40 52.15
N ARG L 214 0.00 -7.90 52.94
CA ARG L 214 1.28 -7.48 52.39
C ARG L 214 1.98 -8.63 51.66
N GLY L 215 1.70 -9.87 52.03
CA GLY L 215 2.28 -11.01 51.36
C GLY L 215 1.20 -12.03 51.02
N GLU L 216 1.53 -12.89 50.06
CA GLU L 216 0.64 -13.96 49.65
C GLU L 216 1.42 -15.26 49.43
C1 NAG M . -4.63 -34.75 35.19
C2 NAG M . -4.15 -35.68 34.05
C3 NAG M . -3.34 -36.85 34.60
C4 NAG M . -2.26 -36.39 35.55
C5 NAG M . -2.96 -35.61 36.67
C6 NAG M . -2.05 -35.07 37.75
C7 NAG M . -5.35 -36.12 31.93
C8 NAG M . -4.17 -35.52 31.20
N2 NAG M . -5.26 -36.14 33.27
O3 NAG M . -2.83 -37.56 33.50
O4 NAG M . -1.58 -37.53 36.06
O5 NAG M . -3.57 -34.48 36.08
O6 NAG M . -1.07 -34.23 37.19
O7 NAG M . -6.33 -36.53 31.31
C1 NAG M . -0.29 -37.66 35.41
C2 NAG M . 0.83 -37.72 36.46
C3 NAG M . 2.17 -37.88 35.77
C4 NAG M . 2.15 -39.11 34.87
C5 NAG M . 0.96 -39.01 33.91
C6 NAG M . 0.82 -40.23 33.02
C7 NAG M . 0.74 -36.56 38.65
C8 NAG M . 0.56 -37.93 39.28
N2 NAG M . 0.86 -36.55 37.31
O3 NAG M . 3.17 -37.96 36.75
O4 NAG M . 3.38 -39.14 34.17
O5 NAG M . -0.24 -38.84 34.64
O6 NAG M . -0.27 -40.05 32.14
O7 NAG M . 0.76 -35.55 39.33
C1 NAG N . 24.96 -66.17 -15.56
C2 NAG N . 23.51 -66.66 -15.65
C3 NAG N . 23.41 -68.15 -15.31
C4 NAG N . 24.43 -68.98 -16.10
C5 NAG N . 25.81 -68.36 -15.89
C6 NAG N . 26.92 -69.08 -16.63
C7 NAG N . 21.48 -65.34 -15.11
C8 NAG N . 21.06 -65.52 -16.56
N2 NAG N . 22.65 -65.91 -14.77
O3 NAG N . 22.09 -68.54 -15.57
O4 NAG N . 24.37 -70.29 -15.60
O5 NAG N . 25.79 -67.02 -16.31
O6 NAG N . 26.72 -68.98 -18.01
O7 NAG N . 20.78 -64.72 -14.32
C1 NAG N . 23.66 -71.15 -16.52
C2 NAG N . 24.30 -72.54 -16.46
C3 NAG N . 23.50 -73.53 -17.31
C4 NAG N . 22.03 -73.49 -16.91
C5 NAG N . 21.52 -72.05 -17.01
C6 NAG N . 20.07 -71.89 -16.61
C7 NAG N . 26.72 -72.60 -16.03
C8 NAG N . 28.07 -72.55 -16.69
N2 NAG N . 25.68 -72.51 -16.87
O3 NAG N . 24.06 -74.80 -17.15
O4 NAG N . 21.33 -74.35 -17.78
O5 NAG N . 22.30 -71.22 -16.17
O6 NAG N . 19.91 -72.30 -15.27
O7 NAG N . 26.60 -72.72 -14.82
C1 NAG O . 48.80 44.35 -29.97
C2 NAG O . 48.54 45.36 -28.84
C3 NAG O . 48.68 46.78 -29.39
C4 NAG O . 50.03 46.96 -30.06
C5 NAG O . 50.20 45.88 -31.13
C6 NAG O . 51.53 45.91 -31.86
C7 NAG O . 47.03 44.98 -26.93
C8 NAG O . 48.27 44.98 -26.05
N2 NAG O . 47.25 45.17 -28.25
O3 NAG O . 48.49 47.67 -28.32
O4 NAG O . 50.05 48.26 -30.60
O5 NAG O . 50.07 44.60 -30.53
O6 NAG O . 52.58 45.72 -30.93
O7 NAG O . 45.92 44.82 -26.44
C1 NAG O . 51.21 48.96 -30.11
C2 NAG O . 51.54 50.10 -31.07
C3 NAG O . 52.78 50.83 -30.58
C4 NAG O . 52.60 51.29 -29.14
C5 NAG O . 52.16 50.10 -28.27
C6 NAG O . 51.87 50.46 -26.83
C7 NAG O . 50.82 49.68 -33.39
C8 NAG O . 51.23 49.06 -34.72
N2 NAG O . 51.73 49.58 -32.41
O3 NAG O . 53.02 51.91 -31.44
O4 NAG O . 53.84 51.81 -28.70
O5 NAG O . 51.00 49.52 -28.82
O6 NAG O . 50.74 51.30 -26.76
O7 NAG O . 49.73 50.21 -33.25
C1 NAG P . -17.88 40.43 -21.74
C2 NAG P . -16.38 40.80 -21.75
C3 NAG P . -16.08 41.74 -22.92
C4 NAG P . -16.58 41.14 -24.23
C5 NAG P . -18.07 40.82 -24.08
C6 NAG P . -18.70 40.19 -25.30
C7 NAG P . -14.98 40.96 -19.74
C8 NAG P . -14.74 41.76 -18.48
N2 NAG P . -15.99 41.41 -20.51
O3 NAG P . -14.70 41.98 -22.92
O4 NAG P . -16.35 42.08 -25.27
O5 NAG P . -18.24 39.93 -23.00
O6 NAG P . -18.12 38.93 -25.53
O7 NAG P . -14.32 39.97 -20.00
C1 NAG P . -15.19 41.70 -26.03
C2 NAG P . -15.46 41.98 -27.51
C3 NAG P . -14.19 41.67 -28.33
C4 NAG P . -13.01 42.46 -27.77
C5 NAG P . -12.86 42.13 -26.29
C6 NAG P . -11.73 42.89 -25.62
C7 NAG P . -17.79 41.74 -28.29
C8 NAG P . -18.80 40.75 -28.82
N2 NAG P . -16.57 41.22 -28.03
O3 NAG P . -14.46 41.99 -29.67
O4 NAG P . -11.87 42.05 -28.50
O5 NAG P . -14.07 42.45 -25.61
O6 NAG P . -11.95 44.27 -25.73
O7 NAG P . -18.08 42.91 -28.12
S SO4 Q . -33.20 -34.56 41.86
O1 SO4 Q . -33.77 -33.72 42.97
O2 SO4 Q . -32.48 -35.74 42.46
O3 SO4 Q . -34.32 -35.05 40.99
O4 SO4 Q . -32.25 -33.75 41.04
S SO4 R . 24.25 33.34 -41.51
O1 SO4 R . 22.81 33.62 -41.21
O2 SO4 R . 25.03 33.31 -40.23
O3 SO4 R . 24.37 32.01 -42.20
O4 SO4 R . 24.79 34.42 -42.39
S SO4 S . -33.57 54.08 -0.68
O1 SO4 S . -34.87 53.38 -0.43
O2 SO4 S . -32.51 53.07 -1.00
O3 SO4 S . -33.72 55.02 -1.83
O4 SO4 S . -33.17 54.85 0.55
S SO4 T . 22.25 -22.47 -30.89
O1 SO4 T . 21.68 -23.12 -29.65
O2 SO4 T . 23.51 -23.16 -31.29
O3 SO4 T . 21.25 -22.57 -32.00
O4 SO4 T . 22.53 -21.03 -30.60
S SO4 U . -22.40 1.95 13.34
O1 SO4 U . -22.44 1.90 14.84
O2 SO4 U . -21.90 0.64 12.81
O3 SO4 U . -23.79 2.20 12.82
O4 SO4 U . -21.49 3.06 12.90
S SO4 V . 43.13 3.19 -9.87
O1 SO4 V . 43.42 2.89 -8.43
O2 SO4 V . 44.31 2.76 -10.71
O3 SO4 V . 41.91 2.42 -10.29
O4 SO4 V . 42.89 4.66 -10.04
S SO4 W . -19.64 10.58 12.91
O1 SO4 W . -19.90 10.79 14.36
O2 SO4 W . -19.00 9.23 12.71
O3 SO4 W . -20.94 10.63 12.15
O4 SO4 W . -18.72 11.64 12.40
#